data_2KN4
#
_entry.id   2KN4
#
_cell.length_a   1.000
_cell.length_b   1.000
_cell.length_c   1.000
_cell.angle_alpha   90.00
_cell.angle_beta   90.00
_cell.angle_gamma   90.00
#
_symmetry.space_group_name_H-M   'P 1'
#
_entity_poly.entity_id   1
_entity_poly.type   'polypeptide(L)'
_entity_poly.pdbx_seq_one_letter_code
;MQYKLILNGKTLKGETTTEAVDAATAEKVFKQYANDNGVDGEWTYDDATKTFTVTEGSHHHHHHMDVEGMTSLKVDNLTY
RTSPDTLRRVFEKYGRVGDVYIPRDRYTKESRGFAFVRFHDKRDAEDAMDAMDGAVLDGRELRVQMARYGRPPDSHHS
;
_entity_poly.pdbx_strand_id   A
#
# COMPACT_ATOMS: atom_id res chain seq x y z
N MET A 1 -36.67 -2.82 30.86
CA MET A 1 -35.86 -2.38 29.71
C MET A 1 -34.86 -3.46 29.34
N GLN A 2 -34.97 -3.96 28.11
CA GLN A 2 -34.12 -5.05 27.65
C GLN A 2 -32.86 -4.49 27.02
N TYR A 3 -31.79 -4.44 27.80
CA TYR A 3 -30.54 -3.83 27.38
C TYR A 3 -29.68 -4.80 26.58
N LYS A 4 -29.12 -4.32 25.47
CA LYS A 4 -28.18 -5.08 24.68
C LYS A 4 -26.75 -4.83 25.12
N LEU A 5 -26.04 -5.91 25.39
CA LEU A 5 -24.62 -5.85 25.69
C LEU A 5 -23.83 -6.19 24.43
N ILE A 6 -22.98 -5.28 24.01
CA ILE A 6 -22.12 -5.51 22.86
C ILE A 6 -20.77 -6.04 23.31
N LEU A 7 -20.57 -7.33 23.13
CA LEU A 7 -19.33 -7.95 23.50
C LEU A 7 -18.32 -7.76 22.40
N ASN A 8 -17.45 -6.79 22.57
CA ASN A 8 -16.43 -6.47 21.59
C ASN A 8 -15.08 -6.89 22.15
N GLY A 9 -15.10 -8.04 22.79
CA GLY A 9 -13.96 -8.49 23.57
C GLY A 9 -12.90 -9.16 22.74
N LYS A 10 -11.77 -9.49 23.37
CA LYS A 10 -10.71 -10.24 22.72
C LYS A 10 -11.07 -11.72 22.76
N THR A 11 -11.82 -12.09 23.79
CA THR A 11 -12.23 -13.46 23.99
C THR A 11 -13.46 -13.80 23.16
N LEU A 12 -14.40 -12.86 23.12
CA LEU A 12 -15.67 -13.07 22.43
C LEU A 12 -16.08 -11.85 21.61
N LYS A 13 -17.04 -12.05 20.74
CA LYS A 13 -17.67 -10.95 20.04
C LYS A 13 -19.12 -11.33 19.75
N GLY A 14 -20.02 -10.94 20.62
CA GLY A 14 -21.39 -11.35 20.50
C GLY A 14 -22.35 -10.32 21.04
N GLU A 15 -23.63 -10.66 21.05
CA GLU A 15 -24.66 -9.77 21.55
C GLU A 15 -25.57 -10.52 22.53
N THR A 16 -26.00 -9.83 23.57
CA THR A 16 -26.93 -10.41 24.52
C THR A 16 -27.78 -9.34 25.17
N THR A 17 -28.94 -9.73 25.68
CA THR A 17 -29.86 -8.80 26.32
C THR A 17 -30.36 -9.34 27.65
N THR A 18 -30.70 -8.43 28.55
CA THR A 18 -31.34 -8.80 29.79
C THR A 18 -32.48 -7.83 30.08
N GLU A 19 -33.58 -8.36 30.58
CA GLU A 19 -34.70 -7.52 30.98
C GLU A 19 -34.34 -6.85 32.29
N ALA A 20 -33.86 -5.62 32.20
CA ALA A 20 -33.36 -4.90 33.36
C ALA A 20 -34.32 -3.78 33.76
N VAL A 21 -34.47 -3.61 35.06
CA VAL A 21 -35.32 -2.56 35.60
C VAL A 21 -34.61 -1.21 35.56
N ASP A 22 -33.28 -1.24 35.55
CA ASP A 22 -32.48 -0.02 35.49
C ASP A 22 -31.17 -0.29 34.76
N ALA A 23 -30.56 0.76 34.23
CA ALA A 23 -29.28 0.66 33.54
C ALA A 23 -28.20 0.14 34.48
N ALA A 24 -28.27 0.56 35.74
CA ALA A 24 -27.30 0.14 36.75
C ALA A 24 -27.50 -1.34 37.06
N THR A 25 -28.73 -1.80 36.92
CA THR A 25 -29.04 -3.20 37.11
C THR A 25 -28.56 -4.01 35.91
N ALA A 26 -28.76 -3.44 34.72
CA ALA A 26 -28.36 -4.09 33.48
C ALA A 26 -26.84 -4.25 33.41
N GLU A 27 -26.12 -3.19 33.75
CA GLU A 27 -24.67 -3.20 33.65
C GLU A 27 -24.07 -4.25 34.57
N LYS A 28 -24.74 -4.54 35.68
CA LYS A 28 -24.29 -5.55 36.62
C LYS A 28 -24.33 -6.93 36.00
N VAL A 29 -25.45 -7.24 35.37
CA VAL A 29 -25.64 -8.53 34.71
C VAL A 29 -24.68 -8.66 33.54
N PHE A 30 -24.47 -7.56 32.85
CA PHE A 30 -23.52 -7.52 31.76
C PHE A 30 -22.11 -7.71 32.29
N LYS A 31 -21.85 -7.16 33.48
CA LYS A 31 -20.55 -7.30 34.11
C LYS A 31 -20.31 -8.74 34.53
N GLN A 32 -21.37 -9.40 35.00
CA GLN A 32 -21.30 -10.82 35.33
C GLN A 32 -20.97 -11.63 34.07
N TYR A 33 -21.70 -11.34 33.00
CA TYR A 33 -21.52 -12.04 31.73
C TYR A 33 -20.11 -11.82 31.20
N ALA A 34 -19.68 -10.57 31.19
CA ALA A 34 -18.36 -10.21 30.70
C ALA A 34 -17.25 -10.82 31.54
N ASN A 35 -17.38 -10.71 32.85
CA ASN A 35 -16.36 -11.18 33.78
C ASN A 35 -16.25 -12.70 33.75
N ASP A 36 -17.38 -13.37 33.60
CA ASP A 36 -17.42 -14.83 33.54
C ASP A 36 -16.75 -15.33 32.26
N ASN A 37 -17.03 -14.64 31.17
CA ASN A 37 -16.47 -15.02 29.87
C ASN A 37 -14.99 -14.67 29.78
N GLY A 38 -14.61 -13.53 30.35
CA GLY A 38 -13.20 -13.16 30.39
C GLY A 38 -12.87 -11.93 29.56
N VAL A 39 -13.87 -11.09 29.32
CA VAL A 39 -13.65 -9.86 28.59
C VAL A 39 -13.67 -8.65 29.52
N ASP A 40 -12.60 -7.88 29.49
CA ASP A 40 -12.52 -6.64 30.26
C ASP A 40 -12.32 -5.49 29.29
N GLY A 41 -13.42 -4.99 28.77
CA GLY A 41 -13.34 -3.94 27.78
C GLY A 41 -13.73 -2.60 28.35
N GLU A 42 -13.52 -1.56 27.56
CA GLU A 42 -13.90 -0.22 27.95
C GLU A 42 -15.42 -0.10 27.95
N TRP A 43 -16.00 0.01 29.14
CA TRP A 43 -17.43 0.10 29.30
C TRP A 43 -17.96 1.43 28.76
N THR A 44 -18.70 1.37 27.68
CA THR A 44 -19.32 2.54 27.10
C THR A 44 -20.80 2.28 26.84
N TYR A 45 -21.66 3.05 27.49
CA TYR A 45 -23.09 2.89 27.35
C TYR A 45 -23.65 3.90 26.37
N ASP A 46 -24.44 3.41 25.43
CA ASP A 46 -25.09 4.27 24.46
C ASP A 46 -26.59 4.33 24.74
N ASP A 47 -27.08 5.51 25.05
CA ASP A 47 -28.50 5.69 25.40
C ASP A 47 -29.39 5.57 24.18
N ALA A 48 -28.87 5.99 23.03
CA ALA A 48 -29.63 5.98 21.78
C ALA A 48 -30.14 4.58 21.46
N THR A 49 -29.26 3.58 21.55
CA THR A 49 -29.63 2.20 21.26
C THR A 49 -29.80 1.39 22.54
N LYS A 50 -29.54 2.03 23.69
CA LYS A 50 -29.63 1.37 25.00
C LYS A 50 -28.65 0.21 25.11
N THR A 51 -27.47 0.38 24.53
CA THR A 51 -26.50 -0.69 24.48
C THR A 51 -25.29 -0.41 25.39
N PHE A 52 -24.79 -1.46 26.02
CA PHE A 52 -23.52 -1.39 26.76
C PHE A 52 -22.42 -2.04 25.93
N THR A 53 -21.48 -1.24 25.48
CA THR A 53 -20.40 -1.75 24.65
C THR A 53 -19.12 -1.91 25.45
N VAL A 54 -18.60 -3.13 25.49
CA VAL A 54 -17.29 -3.36 26.05
C VAL A 54 -16.27 -3.59 24.94
N THR A 55 -15.48 -2.56 24.68
CA THR A 55 -14.48 -2.65 23.63
C THR A 55 -13.16 -3.15 24.21
N GLU A 56 -12.76 -4.33 23.78
CA GLU A 56 -11.51 -4.93 24.23
C GLU A 56 -10.72 -5.44 23.03
N GLY A 57 -9.76 -4.64 22.58
CA GLY A 57 -8.94 -5.03 21.46
C GLY A 57 -7.69 -5.75 21.91
N SER A 58 -7.11 -5.24 23.01
CA SER A 58 -5.92 -5.82 23.62
C SER A 58 -4.76 -5.89 22.63
N HIS A 59 -4.04 -4.79 22.51
CA HIS A 59 -2.89 -4.72 21.62
C HIS A 59 -1.62 -4.42 22.41
N HIS A 60 -1.79 -3.65 23.49
CA HIS A 60 -0.69 -3.25 24.35
C HIS A 60 0.27 -2.32 23.59
N HIS A 61 1.41 -2.03 24.19
CA HIS A 61 2.41 -1.17 23.56
C HIS A 61 3.81 -1.61 23.95
N HIS A 62 3.95 -2.90 24.24
CA HIS A 62 5.24 -3.47 24.58
C HIS A 62 5.87 -4.09 23.34
N HIS A 63 5.02 -4.56 22.44
CA HIS A 63 5.48 -5.20 21.23
C HIS A 63 5.49 -4.22 20.06
N HIS A 64 6.68 -3.78 19.68
CA HIS A 64 6.84 -2.91 18.52
C HIS A 64 8.32 -2.69 18.21
N MET A 65 8.81 -3.43 17.22
CA MET A 65 10.16 -3.25 16.72
C MET A 65 10.08 -3.04 15.21
N ASP A 66 8.87 -2.77 14.77
CA ASP A 66 8.55 -2.59 13.37
C ASP A 66 9.12 -1.27 12.86
N VAL A 67 9.34 -1.18 11.55
CA VAL A 67 9.95 0.01 10.98
C VAL A 67 9.10 0.57 9.84
N GLU A 68 9.09 -0.12 8.71
CA GLU A 68 8.43 0.37 7.51
C GLU A 68 7.16 -0.42 7.21
N GLY A 69 6.17 0.26 6.66
CA GLY A 69 4.92 -0.38 6.30
C GLY A 69 4.55 -0.17 4.84
N MET A 70 3.26 -0.22 4.54
CA MET A 70 2.75 -0.06 3.18
C MET A 70 3.42 -1.01 2.20
N THR A 71 3.74 -2.20 2.69
CA THR A 71 4.38 -3.22 1.88
C THR A 71 3.42 -3.78 0.82
N SER A 72 3.89 -3.88 -0.41
CA SER A 72 3.10 -4.47 -1.47
C SER A 72 3.42 -5.97 -1.58
N LEU A 73 2.43 -6.74 -1.98
CA LEU A 73 2.62 -8.16 -2.21
C LEU A 73 2.53 -8.46 -3.70
N LYS A 74 3.25 -9.48 -4.12
CA LYS A 74 3.20 -9.91 -5.50
C LYS A 74 2.53 -11.26 -5.59
N VAL A 75 1.40 -11.30 -6.28
CA VAL A 75 0.74 -12.56 -6.55
C VAL A 75 0.94 -12.88 -8.03
N ASP A 76 1.43 -14.08 -8.31
CA ASP A 76 1.73 -14.47 -9.69
C ASP A 76 1.04 -15.78 -10.02
N ASN A 77 1.16 -16.19 -11.29
CA ASN A 77 0.41 -17.32 -11.82
C ASN A 77 -1.08 -17.01 -11.79
N LEU A 78 -1.36 -15.72 -11.65
CA LEU A 78 -2.71 -15.23 -11.43
C LEU A 78 -3.61 -15.54 -12.62
N THR A 79 -4.79 -16.05 -12.32
CA THR A 79 -5.78 -16.32 -13.34
C THR A 79 -6.36 -15.01 -13.89
N TYR A 80 -6.60 -14.97 -15.19
CA TYR A 80 -7.10 -13.75 -15.82
C TYR A 80 -8.58 -13.51 -15.51
N ARG A 81 -9.20 -14.48 -14.84
CA ARG A 81 -10.59 -14.35 -14.43
C ARG A 81 -10.68 -13.66 -13.08
N THR A 82 -9.53 -13.33 -12.51
CA THR A 82 -9.47 -12.70 -11.20
C THR A 82 -9.85 -11.22 -11.28
N SER A 83 -10.74 -10.78 -10.41
CA SER A 83 -11.08 -9.36 -10.31
C SER A 83 -10.37 -8.76 -9.10
N PRO A 84 -10.03 -7.45 -9.15
CA PRO A 84 -9.37 -6.76 -8.04
C PRO A 84 -10.04 -6.99 -6.68
N ASP A 85 -11.36 -6.86 -6.66
CA ASP A 85 -12.17 -7.11 -5.47
C ASP A 85 -11.90 -8.50 -4.90
N THR A 86 -11.63 -9.44 -5.79
CA THR A 86 -11.37 -10.83 -5.42
C THR A 86 -10.19 -10.95 -4.46
N LEU A 87 -9.01 -10.45 -4.85
CA LEU A 87 -7.83 -10.57 -4.02
C LEU A 87 -7.98 -9.74 -2.76
N ARG A 88 -8.60 -8.56 -2.92
CA ARG A 88 -8.79 -7.65 -1.80
C ARG A 88 -9.59 -8.32 -0.69
N ARG A 89 -10.65 -9.03 -1.09
CA ARG A 89 -11.51 -9.73 -0.15
C ARG A 89 -10.77 -10.83 0.59
N VAL A 90 -9.87 -11.51 -0.12
CA VAL A 90 -9.11 -12.61 0.47
C VAL A 90 -8.02 -12.08 1.41
N PHE A 91 -7.17 -11.21 0.88
CA PHE A 91 -5.99 -10.73 1.59
C PHE A 91 -6.34 -9.98 2.88
N GLU A 92 -7.48 -9.29 2.89
CA GLU A 92 -7.89 -8.52 4.07
C GLU A 92 -8.16 -9.42 5.29
N LYS A 93 -8.25 -10.71 5.05
CA LYS A 93 -8.44 -11.67 6.14
C LYS A 93 -7.11 -11.92 6.85
N TYR A 94 -6.03 -11.88 6.09
CA TYR A 94 -4.70 -12.20 6.61
C TYR A 94 -4.08 -10.98 7.28
N GLY A 95 -4.39 -9.80 6.75
CA GLY A 95 -3.88 -8.58 7.32
C GLY A 95 -4.65 -7.38 6.83
N ARG A 96 -4.38 -6.22 7.39
CA ARG A 96 -5.07 -5.01 7.00
C ARG A 96 -4.53 -4.51 5.66
N VAL A 97 -5.25 -4.82 4.59
CA VAL A 97 -4.86 -4.38 3.26
C VAL A 97 -5.51 -3.03 2.95
N GLY A 98 -4.77 -2.16 2.29
CA GLY A 98 -5.29 -0.85 1.96
C GLY A 98 -5.98 -0.82 0.61
N ASP A 99 -5.30 -1.34 -0.40
CA ASP A 99 -5.85 -1.39 -1.75
C ASP A 99 -5.15 -2.48 -2.54
N VAL A 100 -5.71 -2.85 -3.67
CA VAL A 100 -5.14 -3.89 -4.51
C VAL A 100 -5.05 -3.44 -5.96
N TYR A 101 -3.99 -3.85 -6.63
CA TYR A 101 -3.81 -3.53 -8.02
C TYR A 101 -3.69 -4.81 -8.85
N ILE A 102 -4.80 -5.26 -9.38
CA ILE A 102 -4.80 -6.38 -10.31
C ILE A 102 -4.84 -5.81 -11.72
N PRO A 103 -3.69 -5.79 -12.41
CA PRO A 103 -3.57 -5.15 -13.72
C PRO A 103 -4.45 -5.81 -14.77
N ARG A 104 -5.04 -5.00 -15.61
CA ARG A 104 -5.91 -5.48 -16.67
C ARG A 104 -5.22 -5.28 -18.01
N ASP A 105 -4.27 -6.15 -18.30
CA ASP A 105 -3.48 -6.04 -19.52
C ASP A 105 -4.20 -6.70 -20.68
N ARG A 106 -4.51 -5.91 -21.69
CA ARG A 106 -5.22 -6.40 -22.86
C ARG A 106 -4.27 -6.59 -24.04
N TYR A 107 -2.99 -6.40 -23.78
CA TYR A 107 -1.97 -6.57 -24.82
C TYR A 107 -1.49 -8.01 -24.82
N THR A 108 -1.32 -8.55 -23.63
CA THR A 108 -1.00 -9.95 -23.46
C THR A 108 -2.10 -10.63 -22.65
N LYS A 109 -3.11 -11.13 -23.36
CA LYS A 109 -4.28 -11.75 -22.72
C LYS A 109 -3.92 -13.07 -22.07
N GLU A 110 -2.76 -13.61 -22.43
CA GLU A 110 -2.25 -14.82 -21.83
C GLU A 110 -0.74 -14.86 -21.93
N SER A 111 -0.08 -14.26 -20.95
CA SER A 111 1.37 -14.24 -20.89
C SER A 111 1.83 -14.05 -19.44
N ARG A 112 1.65 -12.85 -18.92
CA ARG A 112 2.04 -12.55 -17.55
C ARG A 112 0.80 -12.47 -16.67
N GLY A 113 0.74 -13.31 -15.66
CA GLY A 113 -0.38 -13.29 -14.74
C GLY A 113 0.04 -12.90 -13.35
N PHE A 114 0.00 -11.61 -13.07
CA PHE A 114 0.45 -11.10 -11.77
C PHE A 114 -0.48 -10.02 -11.26
N ALA A 115 -0.48 -9.83 -9.95
CA ALA A 115 -1.23 -8.75 -9.32
C ALA A 115 -0.51 -8.27 -8.07
N PHE A 116 -0.84 -7.08 -7.63
CA PHE A 116 -0.24 -6.52 -6.43
C PHE A 116 -1.30 -6.19 -5.41
N VAL A 117 -0.95 -6.36 -4.16
CA VAL A 117 -1.83 -6.01 -3.08
C VAL A 117 -1.06 -5.21 -2.04
N ARG A 118 -1.60 -4.07 -1.60
CA ARG A 118 -0.86 -3.17 -0.74
C ARG A 118 -1.42 -3.20 0.68
N PHE A 119 -0.58 -3.62 1.61
CA PHE A 119 -1.00 -3.80 2.99
C PHE A 119 -0.61 -2.65 3.89
N HIS A 120 -1.17 -2.65 5.09
CA HIS A 120 -0.89 -1.67 6.13
C HIS A 120 0.60 -1.64 6.46
N ASP A 121 1.11 -2.76 6.91
CA ASP A 121 2.49 -2.85 7.35
C ASP A 121 3.05 -4.22 6.97
N LYS A 122 4.36 -4.39 7.11
CA LYS A 122 4.98 -5.67 6.81
C LYS A 122 4.36 -6.76 7.68
N ARG A 123 3.98 -6.38 8.90
CA ARG A 123 3.37 -7.31 9.85
C ARG A 123 2.15 -8.01 9.23
N ASP A 124 1.39 -7.26 8.45
CA ASP A 124 0.19 -7.79 7.81
C ASP A 124 0.57 -8.62 6.60
N ALA A 125 1.62 -8.19 5.91
CA ALA A 125 2.04 -8.82 4.67
C ALA A 125 2.68 -10.18 4.93
N GLU A 126 3.35 -10.31 6.07
CA GLU A 126 4.05 -11.53 6.42
C GLU A 126 3.10 -12.72 6.45
N ASP A 127 1.99 -12.55 7.14
CA ASP A 127 0.98 -13.59 7.21
C ASP A 127 0.41 -13.88 5.83
N ALA A 128 0.24 -12.84 5.03
CA ALA A 128 -0.40 -12.98 3.73
C ALA A 128 0.50 -13.68 2.72
N MET A 129 1.71 -13.16 2.55
CA MET A 129 2.66 -13.68 1.57
C MET A 129 3.02 -15.13 1.88
N ASP A 130 3.16 -15.45 3.17
CA ASP A 130 3.51 -16.79 3.58
C ASP A 130 2.35 -17.75 3.36
N ALA A 131 1.15 -17.28 3.70
CA ALA A 131 -0.03 -18.12 3.66
C ALA A 131 -0.50 -18.39 2.24
N MET A 132 -0.67 -17.32 1.48
CA MET A 132 -1.37 -17.39 0.21
C MET A 132 -0.45 -17.82 -0.93
N ASP A 133 0.81 -18.08 -0.61
CA ASP A 133 1.67 -18.79 -1.55
C ASP A 133 1.19 -20.24 -1.59
N GLY A 134 0.22 -20.48 -2.45
CA GLY A 134 -0.47 -21.75 -2.45
C GLY A 134 -1.94 -21.60 -2.10
N ALA A 135 -2.47 -20.39 -2.33
CA ALA A 135 -3.87 -20.10 -2.07
C ALA A 135 -4.68 -20.17 -3.34
N VAL A 136 -5.78 -20.87 -3.32
CA VAL A 136 -6.60 -21.00 -4.51
C VAL A 136 -7.72 -19.97 -4.53
N LEU A 137 -7.67 -19.03 -5.46
CA LEU A 137 -8.72 -18.01 -5.56
C LEU A 137 -9.89 -18.52 -6.39
N ASP A 138 -9.63 -19.60 -7.13
CA ASP A 138 -10.65 -20.25 -7.96
C ASP A 138 -10.18 -21.63 -8.39
N GLY A 139 -9.19 -21.66 -9.26
CA GLY A 139 -8.61 -22.90 -9.70
C GLY A 139 -7.11 -22.77 -9.88
N ARG A 140 -6.52 -21.97 -9.01
CA ARG A 140 -5.11 -21.67 -9.07
C ARG A 140 -4.61 -21.24 -7.69
N GLU A 141 -3.55 -21.88 -7.23
CA GLU A 141 -2.84 -21.40 -6.06
C GLU A 141 -1.96 -20.24 -6.47
N LEU A 142 -2.28 -19.05 -6.00
CA LEU A 142 -1.52 -17.85 -6.32
C LEU A 142 -0.10 -17.95 -5.80
N ARG A 143 0.83 -17.40 -6.54
CA ARG A 143 2.21 -17.31 -6.10
C ARG A 143 2.42 -15.98 -5.40
N VAL A 144 2.13 -15.93 -4.11
CA VAL A 144 2.19 -14.69 -3.37
C VAL A 144 3.52 -14.54 -2.65
N GLN A 145 4.26 -13.52 -3.02
CA GLN A 145 5.54 -13.21 -2.40
C GLN A 145 5.54 -11.74 -1.96
N MET A 146 6.47 -11.36 -1.11
CA MET A 146 6.55 -9.98 -0.67
C MET A 146 7.23 -9.13 -1.73
N ALA A 147 6.50 -8.16 -2.25
CA ALA A 147 7.02 -7.29 -3.29
C ALA A 147 7.40 -5.94 -2.71
N ARG A 148 8.61 -5.85 -2.21
CA ARG A 148 9.09 -4.63 -1.56
C ARG A 148 9.79 -3.72 -2.56
N TYR A 149 9.34 -3.77 -3.81
CA TYR A 149 9.93 -2.95 -4.85
C TYR A 149 9.76 -1.47 -4.54
N GLY A 150 10.81 -0.71 -4.78
CA GLY A 150 10.77 0.71 -4.54
C GLY A 150 10.40 1.47 -5.79
N ARG A 151 9.30 2.21 -5.74
CA ARG A 151 8.82 2.99 -6.87
C ARG A 151 8.35 2.11 -8.02
N PRO A 152 7.03 2.00 -8.20
CA PRO A 152 6.46 1.33 -9.36
C PRO A 152 6.59 2.20 -10.62
N PRO A 153 7.43 1.77 -11.57
CA PRO A 153 7.65 2.51 -12.82
C PRO A 153 6.42 2.49 -13.71
N ASP A 154 5.69 1.37 -13.64
CA ASP A 154 4.46 1.17 -14.41
C ASP A 154 4.75 1.27 -15.91
N SER A 155 5.99 0.99 -16.27
CA SER A 155 6.43 1.13 -17.67
C SER A 155 6.12 -0.13 -18.46
N HIS A 156 5.29 -0.98 -17.89
CA HIS A 156 4.87 -2.22 -18.53
C HIS A 156 3.71 -1.98 -19.49
N HIS A 157 3.75 -0.86 -20.20
CA HIS A 157 2.73 -0.53 -21.19
C HIS A 157 3.22 -0.93 -22.58
N SER A 158 2.66 -2.00 -23.12
CA SER A 158 3.04 -2.49 -24.42
C SER A 158 2.58 -1.53 -25.52
N MET A 1 48.89 13.90 20.86
CA MET A 1 48.19 12.61 20.76
C MET A 1 46.77 12.85 20.25
N GLN A 2 46.27 11.91 19.44
CA GLN A 2 44.95 12.03 18.87
C GLN A 2 43.88 11.56 19.84
N TYR A 3 43.24 12.52 20.49
CA TYR A 3 42.15 12.22 21.41
C TYR A 3 40.82 12.29 20.68
N LYS A 4 39.93 11.34 20.94
CA LYS A 4 38.65 11.32 20.28
C LYS A 4 37.51 11.63 21.25
N LEU A 5 36.56 12.43 20.79
CA LEU A 5 35.37 12.73 21.54
C LEU A 5 34.22 11.86 21.04
N ILE A 6 33.64 11.08 21.94
CA ILE A 6 32.49 10.27 21.59
C ILE A 6 31.22 11.00 21.97
N LEU A 7 30.57 11.56 20.97
CA LEU A 7 29.36 12.31 21.16
C LEU A 7 28.18 11.37 21.27
N ASN A 8 27.52 11.39 22.41
CA ASN A 8 26.34 10.59 22.65
C ASN A 8 25.24 11.50 23.15
N GLY A 9 24.89 12.49 22.34
CA GLY A 9 24.02 13.53 22.81
C GLY A 9 22.56 13.25 22.52
N LYS A 10 21.79 14.34 22.40
CA LYS A 10 20.35 14.25 22.17
C LYS A 10 20.07 13.63 20.82
N THR A 11 20.50 14.32 19.77
CA THR A 11 20.36 13.82 18.42
C THR A 11 21.72 13.54 17.80
N LEU A 12 22.70 14.39 18.11
CA LEU A 12 24.03 14.23 17.55
C LEU A 12 24.82 13.15 18.30
N LYS A 13 25.36 12.24 17.53
CA LYS A 13 26.08 11.08 18.07
C LYS A 13 27.14 10.65 17.06
N GLY A 14 28.34 11.18 17.23
CA GLY A 14 29.40 10.94 16.28
C GLY A 14 30.76 10.94 16.94
N GLU A 15 31.81 10.85 16.13
CA GLU A 15 33.18 10.84 16.65
C GLU A 15 33.99 11.97 16.00
N THR A 16 34.91 12.53 16.77
CA THR A 16 35.84 13.52 16.25
C THR A 16 37.09 13.54 17.12
N THR A 17 38.22 13.95 16.57
CA THR A 17 39.46 13.92 17.30
C THR A 17 40.16 15.28 17.29
N THR A 18 41.14 15.44 18.16
CA THR A 18 41.94 16.65 18.20
C THR A 18 43.37 16.30 18.60
N GLU A 19 44.32 17.12 18.17
CA GLU A 19 45.71 16.95 18.53
C GLU A 19 45.93 17.54 19.92
N ALA A 20 45.95 16.67 20.92
CA ALA A 20 46.09 17.11 22.30
C ALA A 20 47.29 16.45 22.97
N VAL A 21 48.07 17.25 23.67
CA VAL A 21 49.23 16.75 24.38
C VAL A 21 48.85 15.99 25.64
N ASP A 22 47.64 16.21 26.13
CA ASP A 22 47.17 15.53 27.33
C ASP A 22 45.65 15.54 27.41
N ALA A 23 45.11 14.80 28.38
CA ALA A 23 43.67 14.64 28.55
C ALA A 23 42.99 15.96 28.86
N ALA A 24 43.56 16.74 29.79
CA ALA A 24 42.97 18.01 30.18
C ALA A 24 42.93 18.98 28.99
N THR A 25 43.95 18.93 28.16
CA THR A 25 43.96 19.72 26.94
C THR A 25 42.87 19.26 25.98
N ALA A 26 42.73 17.95 25.87
CA ALA A 26 41.74 17.35 24.97
C ALA A 26 40.32 17.65 25.43
N GLU A 27 40.06 17.43 26.72
CA GLU A 27 38.72 17.57 27.25
C GLU A 27 38.19 18.99 27.05
N LYS A 28 39.06 19.98 27.21
CA LYS A 28 38.68 21.38 27.05
C LYS A 28 38.18 21.66 25.64
N VAL A 29 38.83 21.05 24.66
CA VAL A 29 38.44 21.22 23.27
C VAL A 29 37.15 20.46 22.99
N PHE A 30 37.04 19.30 23.58
CA PHE A 30 35.83 18.50 23.47
C PHE A 30 34.66 19.21 24.14
N LYS A 31 34.96 19.97 25.19
CA LYS A 31 33.93 20.74 25.88
C LYS A 31 33.43 21.85 24.99
N GLN A 32 34.32 22.40 24.17
CA GLN A 32 33.93 23.43 23.22
C GLN A 32 32.95 22.84 22.21
N TYR A 33 33.26 21.65 21.71
CA TYR A 33 32.40 20.97 20.76
C TYR A 33 31.05 20.68 21.40
N ALA A 34 31.08 20.06 22.58
CA ALA A 34 29.88 19.67 23.29
C ALA A 34 29.01 20.87 23.63
N ASN A 35 29.63 21.91 24.16
CA ASN A 35 28.91 23.12 24.57
C ASN A 35 28.34 23.84 23.35
N ASP A 36 29.09 23.84 22.26
CA ASP A 36 28.68 24.51 21.03
C ASP A 36 27.52 23.76 20.37
N ASN A 37 27.47 22.46 20.62
CA ASN A 37 26.38 21.64 20.12
C ASN A 37 25.18 21.69 21.08
N GLY A 38 25.48 21.71 22.37
CA GLY A 38 24.43 21.75 23.37
C GLY A 38 24.36 20.46 24.16
N VAL A 39 25.22 19.53 23.83
CA VAL A 39 25.24 18.22 24.47
C VAL A 39 26.08 18.23 25.75
N ASP A 40 25.41 18.14 26.88
CA ASP A 40 26.08 17.96 28.16
C ASP A 40 25.83 16.57 28.67
N GLY A 41 26.81 15.70 28.52
CA GLY A 41 26.66 14.34 28.94
C GLY A 41 27.66 13.96 30.00
N GLU A 42 27.55 12.75 30.50
CA GLU A 42 28.48 12.25 31.51
C GLU A 42 29.86 12.08 30.89
N TRP A 43 30.79 12.96 31.27
CA TRP A 43 32.15 12.93 30.76
C TRP A 43 32.88 11.69 31.25
N THR A 44 33.01 10.71 30.37
CA THR A 44 33.72 9.49 30.70
C THR A 44 34.86 9.25 29.72
N TYR A 45 36.08 9.26 30.22
CA TYR A 45 37.25 9.06 29.38
C TYR A 45 37.74 7.62 29.45
N ASP A 46 37.74 6.95 28.32
CA ASP A 46 38.26 5.60 28.22
C ASP A 46 39.71 5.65 27.77
N ASP A 47 40.60 5.12 28.60
CA ASP A 47 42.02 5.15 28.31
C ASP A 47 42.37 4.11 27.25
N ALA A 48 43.58 4.21 26.70
CA ALA A 48 44.06 3.33 25.63
C ALA A 48 43.46 3.73 24.28
N THR A 49 42.17 4.02 24.27
CA THR A 49 41.52 4.48 23.06
C THR A 49 41.58 6.00 22.96
N LYS A 50 41.88 6.64 24.09
CA LYS A 50 41.97 8.10 24.16
C LYS A 50 40.62 8.73 23.80
N THR A 51 39.54 8.15 24.30
CA THR A 51 38.21 8.61 23.95
C THR A 51 37.48 9.23 25.14
N PHE A 52 37.03 10.46 24.96
CA PHE A 52 36.16 11.11 25.92
C PHE A 52 34.72 10.94 25.48
N THR A 53 33.96 10.18 26.22
CA THR A 53 32.57 9.94 25.88
C THR A 53 31.65 10.82 26.71
N VAL A 54 30.81 11.59 26.06
CA VAL A 54 29.77 12.32 26.76
C VAL A 54 28.45 11.61 26.58
N THR A 55 28.04 10.90 27.62
CA THR A 55 26.82 10.13 27.56
C THR A 55 25.65 10.96 28.08
N GLU A 56 24.87 11.51 27.17
CA GLU A 56 23.68 12.25 27.53
C GLU A 56 22.55 11.27 27.79
N GLY A 57 22.26 11.04 29.06
CA GLY A 57 21.23 10.09 29.42
C GLY A 57 20.26 10.68 30.42
N SER A 58 20.08 11.99 30.36
CA SER A 58 19.17 12.68 31.25
C SER A 58 17.75 12.49 30.76
N HIS A 59 17.60 12.40 29.44
CA HIS A 59 16.30 12.13 28.84
C HIS A 59 16.43 11.04 27.79
N HIS A 60 15.42 10.20 27.67
CA HIS A 60 15.45 9.10 26.72
C HIS A 60 15.26 9.64 25.30
N HIS A 61 16.02 9.09 24.38
CA HIS A 61 16.11 9.65 23.04
C HIS A 61 15.08 9.03 22.09
N HIS A 62 15.15 9.43 20.84
CA HIS A 62 14.22 8.97 19.82
C HIS A 62 14.53 7.53 19.41
N HIS A 63 13.62 6.62 19.72
CA HIS A 63 13.79 5.22 19.36
C HIS A 63 12.47 4.60 18.93
N HIS A 64 11.45 5.43 18.79
CA HIS A 64 10.13 4.97 18.37
C HIS A 64 10.05 4.91 16.85
N MET A 65 9.91 3.71 16.31
CA MET A 65 9.75 3.52 14.88
C MET A 65 8.63 2.52 14.58
N ASP A 66 7.44 3.04 14.32
CA ASP A 66 6.33 2.20 13.92
C ASP A 66 5.94 2.50 12.47
N VAL A 67 6.64 3.46 11.87
CA VAL A 67 6.40 3.84 10.49
C VAL A 67 7.68 3.79 9.67
N GLU A 68 7.60 3.16 8.51
CA GLU A 68 8.70 3.10 7.57
C GLU A 68 8.17 3.09 6.14
N GLY A 69 7.07 2.37 5.94
CA GLY A 69 6.45 2.31 4.64
C GLY A 69 5.42 1.21 4.56
N MET A 70 4.54 1.30 3.58
CA MET A 70 3.52 0.29 3.39
C MET A 70 4.03 -0.81 2.46
N THR A 71 3.59 -2.04 2.69
CA THR A 71 4.10 -3.18 1.95
C THR A 71 3.26 -3.45 0.70
N SER A 72 3.80 -4.28 -0.17
CA SER A 72 3.08 -4.72 -1.35
C SER A 72 3.37 -6.19 -1.60
N LEU A 73 2.32 -6.95 -1.83
CA LEU A 73 2.44 -8.36 -2.15
C LEU A 73 2.18 -8.55 -3.63
N LYS A 74 2.76 -9.58 -4.21
CA LYS A 74 2.53 -9.87 -5.61
C LYS A 74 2.13 -11.33 -5.75
N VAL A 75 0.86 -11.53 -6.08
CA VAL A 75 0.36 -12.86 -6.34
C VAL A 75 0.65 -13.20 -7.79
N ASP A 76 1.23 -14.37 -8.04
CA ASP A 76 1.66 -14.73 -9.39
C ASP A 76 1.03 -16.05 -9.81
N ASN A 77 1.15 -16.37 -11.10
CA ASN A 77 0.41 -17.47 -11.71
C ASN A 77 -1.08 -17.18 -11.62
N LEU A 78 -1.39 -15.89 -11.66
CA LEU A 78 -2.75 -15.42 -11.47
C LEU A 78 -3.57 -15.58 -12.74
N THR A 79 -4.83 -15.94 -12.56
CA THR A 79 -5.73 -16.14 -13.67
C THR A 79 -6.38 -14.82 -14.07
N TYR A 80 -6.56 -14.61 -15.37
CA TYR A 80 -7.19 -13.39 -15.87
C TYR A 80 -8.71 -13.48 -15.76
N ARG A 81 -9.16 -13.66 -14.53
CA ARG A 81 -10.57 -13.66 -14.19
C ARG A 81 -10.71 -13.10 -12.78
N THR A 82 -9.63 -12.46 -12.35
CA THR A 82 -9.50 -12.00 -10.99
C THR A 82 -9.74 -10.49 -10.89
N SER A 83 -10.76 -10.10 -10.14
CA SER A 83 -11.10 -8.70 -9.95
C SER A 83 -10.44 -8.14 -8.70
N PRO A 84 -10.26 -6.81 -8.62
CA PRO A 84 -9.67 -6.15 -7.44
C PRO A 84 -10.35 -6.56 -6.14
N ASP A 85 -11.68 -6.49 -6.10
CA ASP A 85 -12.45 -6.86 -4.91
C ASP A 85 -12.19 -8.32 -4.54
N THR A 86 -11.99 -9.14 -5.56
CA THR A 86 -11.70 -10.56 -5.39
C THR A 86 -10.51 -10.78 -4.44
N LEU A 87 -9.36 -10.19 -4.76
CA LEU A 87 -8.17 -10.39 -3.95
C LEU A 87 -8.26 -9.63 -2.64
N ARG A 88 -8.85 -8.43 -2.70
CA ARG A 88 -9.03 -7.62 -1.51
C ARG A 88 -9.76 -8.42 -0.44
N ARG A 89 -10.88 -9.01 -0.83
CA ARG A 89 -11.74 -9.77 0.07
C ARG A 89 -10.96 -10.87 0.78
N VAL A 90 -10.09 -11.55 0.05
CA VAL A 90 -9.31 -12.64 0.62
C VAL A 90 -8.20 -12.11 1.52
N PHE A 91 -7.36 -11.24 0.96
CA PHE A 91 -6.15 -10.77 1.63
C PHE A 91 -6.44 -9.99 2.91
N GLU A 92 -7.52 -9.21 2.90
CA GLU A 92 -7.87 -8.37 4.06
C GLU A 92 -8.17 -9.20 5.30
N LYS A 93 -8.34 -10.50 5.13
CA LYS A 93 -8.57 -11.39 6.26
C LYS A 93 -7.27 -11.57 7.05
N TYR A 94 -6.15 -11.63 6.35
CA TYR A 94 -4.87 -11.94 6.95
C TYR A 94 -4.23 -10.71 7.57
N GLY A 95 -4.45 -9.56 6.94
CA GLY A 95 -3.90 -8.32 7.44
C GLY A 95 -4.67 -7.14 6.90
N ARG A 96 -4.27 -5.94 7.29
CA ARG A 96 -4.96 -4.75 6.81
C ARG A 96 -4.43 -4.34 5.44
N VAL A 97 -5.16 -4.73 4.40
CA VAL A 97 -4.82 -4.33 3.04
C VAL A 97 -5.58 -3.04 2.68
N GLY A 98 -4.82 -2.02 2.32
CA GLY A 98 -5.43 -0.74 2.01
C GLY A 98 -5.92 -0.68 0.59
N ASP A 99 -5.10 -1.15 -0.33
CA ASP A 99 -5.43 -1.10 -1.75
C ASP A 99 -5.08 -2.41 -2.43
N VAL A 100 -5.75 -2.70 -3.52
CA VAL A 100 -5.40 -3.84 -4.36
C VAL A 100 -5.22 -3.37 -5.80
N TYR A 101 -4.07 -3.67 -6.37
CA TYR A 101 -3.69 -3.12 -7.65
C TYR A 101 -4.25 -3.94 -8.79
N ILE A 102 -3.85 -5.21 -8.82
CA ILE A 102 -4.17 -6.13 -9.92
C ILE A 102 -4.02 -5.40 -11.27
N PRO A 103 -2.76 -5.18 -11.70
CA PRO A 103 -2.45 -4.32 -12.85
C PRO A 103 -2.54 -5.05 -14.19
N ARG A 104 -2.60 -4.26 -15.25
CA ARG A 104 -2.68 -4.80 -16.60
C ARG A 104 -1.60 -4.17 -17.51
N ASP A 105 -1.28 -2.91 -17.27
CA ASP A 105 -0.30 -2.19 -18.09
C ASP A 105 0.70 -1.47 -17.20
N ARG A 106 1.97 -1.43 -17.63
CA ARG A 106 3.00 -0.72 -16.90
C ARG A 106 4.15 -0.33 -17.81
N TYR A 107 5.02 -1.28 -18.15
CA TYR A 107 6.17 -0.96 -19.00
C TYR A 107 6.53 -2.10 -19.95
N THR A 108 7.20 -3.13 -19.44
CA THR A 108 7.69 -4.21 -20.28
C THR A 108 7.11 -5.56 -19.85
N LYS A 109 7.12 -6.53 -20.77
CA LYS A 109 6.60 -7.86 -20.46
C LYS A 109 7.60 -8.64 -19.61
N GLU A 110 7.60 -8.35 -18.32
CA GLU A 110 8.50 -9.00 -17.37
C GLU A 110 7.98 -10.39 -16.99
N SER A 111 6.67 -10.56 -17.02
CA SER A 111 6.03 -11.81 -16.64
C SER A 111 4.73 -11.99 -17.40
N ARG A 112 3.82 -12.82 -16.89
CA ARG A 112 2.54 -13.03 -17.56
C ARG A 112 1.40 -12.42 -16.77
N GLY A 113 0.92 -13.15 -15.77
CA GLY A 113 -0.25 -12.71 -15.03
C GLY A 113 -0.03 -12.73 -13.53
N PHE A 114 -0.09 -11.55 -12.94
CA PHE A 114 0.08 -11.42 -11.50
C PHE A 114 -0.64 -10.17 -11.00
N ALA A 115 -0.75 -10.05 -9.69
CA ALA A 115 -1.45 -8.92 -9.09
C ALA A 115 -0.75 -8.43 -7.84
N PHE A 116 -0.78 -7.11 -7.64
CA PHE A 116 -0.22 -6.53 -6.43
C PHE A 116 -1.31 -6.24 -5.43
N VAL A 117 -1.00 -6.46 -4.18
CA VAL A 117 -1.90 -6.12 -3.09
C VAL A 117 -1.15 -5.27 -2.06
N ARG A 118 -1.77 -4.20 -1.61
CA ARG A 118 -1.08 -3.20 -0.80
C ARG A 118 -1.52 -3.29 0.66
N PHE A 119 -0.62 -3.74 1.51
CA PHE A 119 -0.93 -3.88 2.94
C PHE A 119 -0.33 -2.74 3.74
N HIS A 120 -0.79 -2.61 4.98
CA HIS A 120 -0.33 -1.55 5.88
C HIS A 120 1.17 -1.68 6.16
N ASP A 121 1.55 -2.73 6.87
CA ASP A 121 2.95 -2.92 7.20
C ASP A 121 3.40 -4.32 6.84
N LYS A 122 4.63 -4.66 7.17
CA LYS A 122 5.17 -5.96 6.83
C LYS A 122 4.48 -7.04 7.64
N ARG A 123 4.08 -6.69 8.86
CA ARG A 123 3.32 -7.60 9.72
C ARG A 123 2.07 -8.10 9.01
N ASP A 124 1.44 -7.21 8.23
CA ASP A 124 0.24 -7.55 7.49
C ASP A 124 0.59 -8.37 6.26
N ALA A 125 1.71 -8.03 5.64
CA ALA A 125 2.13 -8.64 4.40
C ALA A 125 2.63 -10.06 4.61
N GLU A 126 3.39 -10.25 5.67
CA GLU A 126 4.00 -11.54 5.95
C GLU A 126 2.93 -12.56 6.30
N ASP A 127 1.92 -12.12 7.05
CA ASP A 127 0.79 -12.97 7.39
C ASP A 127 0.14 -13.48 6.11
N ALA A 128 0.00 -12.57 5.17
CA ALA A 128 -0.76 -12.82 3.96
C ALA A 128 0.03 -13.63 2.92
N MET A 129 1.23 -13.16 2.60
CA MET A 129 2.04 -13.80 1.56
C MET A 129 2.48 -15.19 1.99
N ASP A 130 2.72 -15.37 3.29
CA ASP A 130 3.11 -16.67 3.82
C ASP A 130 1.95 -17.63 3.71
N ALA A 131 0.75 -17.12 3.95
CA ALA A 131 -0.44 -17.93 3.94
C ALA A 131 -0.85 -18.32 2.53
N MET A 132 -1.04 -17.30 1.70
CA MET A 132 -1.65 -17.47 0.39
C MET A 132 -0.65 -17.89 -0.67
N ASP A 133 0.61 -18.04 -0.29
CA ASP A 133 1.56 -18.72 -1.14
C ASP A 133 1.15 -20.19 -1.22
N GLY A 134 0.37 -20.50 -2.23
CA GLY A 134 -0.29 -21.78 -2.29
C GLY A 134 -1.77 -21.66 -1.97
N ALA A 135 -2.40 -20.60 -2.46
CA ALA A 135 -3.83 -20.38 -2.27
C ALA A 135 -4.57 -20.53 -3.59
N VAL A 136 -5.50 -21.47 -3.66
CA VAL A 136 -6.21 -21.70 -4.91
C VAL A 136 -7.42 -20.80 -5.03
N LEU A 137 -7.38 -19.97 -6.05
CA LEU A 137 -8.38 -18.96 -6.29
C LEU A 137 -9.27 -19.35 -7.48
N ASP A 138 -8.75 -20.21 -8.35
CA ASP A 138 -9.46 -20.64 -9.55
C ASP A 138 -9.27 -22.13 -9.77
N GLY A 139 -8.04 -22.47 -10.07
CA GLY A 139 -7.61 -23.84 -10.25
C GLY A 139 -6.11 -23.86 -10.14
N ARG A 140 -5.66 -22.89 -9.36
CA ARG A 140 -4.27 -22.55 -9.24
C ARG A 140 -4.04 -21.96 -7.87
N GLU A 141 -3.06 -22.47 -7.15
CA GLU A 141 -2.64 -21.86 -5.91
C GLU A 141 -1.64 -20.74 -6.22
N LEU A 142 -2.07 -19.52 -5.98
CA LEU A 142 -1.29 -18.33 -6.31
C LEU A 142 0.07 -18.35 -5.66
N ARG A 143 1.06 -17.84 -6.38
CA ARG A 143 2.38 -17.64 -5.85
C ARG A 143 2.45 -16.24 -5.25
N VAL A 144 1.99 -16.11 -4.01
CA VAL A 144 1.92 -14.82 -3.35
C VAL A 144 3.25 -14.48 -2.71
N GLN A 145 3.93 -13.51 -3.29
CA GLN A 145 5.27 -13.14 -2.88
C GLN A 145 5.30 -11.68 -2.44
N MET A 146 6.47 -11.21 -2.02
CA MET A 146 6.67 -9.79 -1.80
C MET A 146 6.77 -9.12 -3.17
N ALA A 147 6.20 -7.93 -3.31
CA ALA A 147 6.11 -7.29 -4.61
C ALA A 147 7.17 -6.21 -4.78
N ARG A 148 7.26 -5.72 -6.01
CA ARG A 148 8.17 -4.66 -6.37
C ARG A 148 7.56 -3.88 -7.54
N TYR A 149 8.36 -3.10 -8.26
CA TYR A 149 7.81 -2.27 -9.33
C TYR A 149 8.07 -2.90 -10.69
N GLY A 150 7.10 -3.66 -11.16
CA GLY A 150 7.20 -4.29 -12.46
C GLY A 150 5.90 -4.91 -12.89
N ARG A 151 5.51 -4.67 -14.14
CA ARG A 151 4.28 -5.24 -14.67
C ARG A 151 4.27 -5.17 -16.19
N PRO A 152 4.04 -6.32 -16.83
CA PRO A 152 3.86 -6.40 -18.28
C PRO A 152 2.54 -5.79 -18.74
N PRO A 153 2.56 -5.03 -19.83
CA PRO A 153 1.35 -4.53 -20.46
C PRO A 153 0.65 -5.62 -21.26
N ASP A 154 -0.35 -6.23 -20.65
CA ASP A 154 -1.10 -7.30 -21.28
C ASP A 154 -2.45 -6.76 -21.76
N SER A 155 -2.48 -5.45 -21.96
CA SER A 155 -3.66 -4.76 -22.46
C SER A 155 -3.93 -5.12 -23.91
N HIS A 156 -4.82 -6.08 -24.10
CA HIS A 156 -5.11 -6.68 -25.39
C HIS A 156 -6.13 -7.79 -25.14
N HIS A 157 -6.45 -8.56 -26.17
CA HIS A 157 -7.19 -9.80 -26.01
C HIS A 157 -7.18 -10.60 -27.29
N SER A 158 -6.40 -11.67 -27.30
CA SER A 158 -6.26 -12.51 -28.48
C SER A 158 -6.38 -13.97 -28.08
N MET A 1 -5.39 25.03 13.50
CA MET A 1 -4.47 23.88 13.55
C MET A 1 -5.25 22.58 13.71
N GLN A 2 -5.35 21.80 12.65
CA GLN A 2 -6.02 20.51 12.72
C GLN A 2 -4.99 19.39 12.70
N TYR A 3 -5.06 18.53 13.70
CA TYR A 3 -4.14 17.40 13.80
C TYR A 3 -4.89 16.09 13.56
N LYS A 4 -4.24 15.16 12.89
CA LYS A 4 -4.85 13.88 12.58
C LYS A 4 -4.16 12.74 13.32
N LEU A 5 -4.95 11.94 14.02
CA LEU A 5 -4.45 10.77 14.71
C LEU A 5 -4.61 9.54 13.85
N ILE A 6 -3.50 8.87 13.61
CA ILE A 6 -3.50 7.61 12.89
C ILE A 6 -3.47 6.46 13.87
N LEU A 7 -4.60 5.82 14.06
CA LEU A 7 -4.69 4.70 14.97
C LEU A 7 -4.21 3.43 14.29
N ASN A 8 -2.97 3.09 14.56
CA ASN A 8 -2.36 1.88 14.00
C ASN A 8 -2.37 0.81 15.07
N GLY A 9 -3.56 0.50 15.55
CA GLY A 9 -3.67 -0.41 16.67
C GLY A 9 -3.85 -1.84 16.24
N LYS A 10 -4.74 -2.54 16.93
CA LYS A 10 -5.01 -3.93 16.66
C LYS A 10 -6.48 -4.12 16.30
N THR A 11 -7.33 -3.74 17.22
CA THR A 11 -8.76 -3.79 17.04
C THR A 11 -9.24 -2.47 16.45
N LEU A 12 -8.51 -1.41 16.78
CA LEU A 12 -8.85 -0.07 16.33
C LEU A 12 -7.85 0.42 15.30
N LYS A 13 -8.32 0.66 14.09
CA LYS A 13 -7.51 1.28 13.05
C LYS A 13 -8.35 2.33 12.34
N GLY A 14 -8.18 3.58 12.75
CA GLY A 14 -9.00 4.64 12.22
C GLY A 14 -8.26 5.96 12.21
N GLU A 15 -8.85 6.95 11.56
CA GLU A 15 -8.25 8.27 11.49
C GLU A 15 -9.21 9.30 12.06
N THR A 16 -8.72 10.09 13.01
CA THR A 16 -9.55 11.12 13.63
C THR A 16 -8.77 12.43 13.72
N THR A 17 -9.49 13.53 13.83
CA THR A 17 -8.86 14.84 13.91
C THR A 17 -9.36 15.63 15.11
N THR A 18 -8.54 16.55 15.58
CA THR A 18 -8.97 17.50 16.57
C THR A 18 -8.45 18.89 16.20
N GLU A 19 -9.26 19.90 16.45
CA GLU A 19 -8.85 21.27 16.20
C GLU A 19 -8.08 21.78 17.41
N ALA A 20 -6.85 21.31 17.53
CA ALA A 20 -6.03 21.58 18.70
C ALA A 20 -5.27 22.88 18.55
N VAL A 21 -5.24 23.65 19.61
CA VAL A 21 -4.52 24.92 19.61
C VAL A 21 -3.00 24.68 19.56
N ASP A 22 -2.55 23.57 20.14
CA ASP A 22 -1.13 23.24 20.15
C ASP A 22 -0.94 21.75 19.89
N ALA A 23 0.29 21.37 19.53
CA ALA A 23 0.61 19.98 19.25
C ALA A 23 0.53 19.15 20.51
N ALA A 24 1.07 19.68 21.60
CA ALA A 24 1.01 19.02 22.90
C ALA A 24 -0.44 18.87 23.37
N THR A 25 -1.27 19.82 22.96
CA THR A 25 -2.69 19.77 23.27
C THR A 25 -3.37 18.70 22.42
N ALA A 26 -2.90 18.56 21.18
CA ALA A 26 -3.44 17.57 20.25
C ALA A 26 -3.11 16.17 20.72
N GLU A 27 -1.84 15.91 21.02
CA GLU A 27 -1.42 14.57 21.42
C GLU A 27 -2.14 14.17 22.70
N LYS A 28 -2.34 15.14 23.59
CA LYS A 28 -3.06 14.94 24.84
C LYS A 28 -4.42 14.29 24.57
N VAL A 29 -5.15 14.84 23.61
CA VAL A 29 -6.49 14.38 23.29
C VAL A 29 -6.44 13.08 22.50
N PHE A 30 -5.48 12.96 21.60
CA PHE A 30 -5.28 11.72 20.85
C PHE A 30 -4.97 10.58 21.81
N LYS A 31 -4.22 10.89 22.85
CA LYS A 31 -3.83 9.91 23.84
C LYS A 31 -5.03 9.50 24.67
N GLN A 32 -5.89 10.47 24.98
CA GLN A 32 -7.15 10.18 25.65
C GLN A 32 -8.00 9.25 24.79
N TYR A 33 -8.10 9.58 23.50
CA TYR A 33 -8.89 8.80 22.56
C TYR A 33 -8.36 7.37 22.45
N ALA A 34 -7.05 7.26 22.24
CA ALA A 34 -6.41 5.96 22.06
C ALA A 34 -6.51 5.12 23.33
N ASN A 35 -6.16 5.72 24.47
CA ASN A 35 -6.20 5.02 25.75
C ASN A 35 -7.61 4.56 26.07
N ASP A 36 -8.59 5.40 25.75
CA ASP A 36 -10.00 5.11 26.01
C ASP A 36 -10.49 3.96 25.13
N ASN A 37 -9.89 3.83 23.96
CA ASN A 37 -10.27 2.78 23.02
C ASN A 37 -9.45 1.51 23.23
N GLY A 38 -8.41 1.62 24.06
CA GLY A 38 -7.67 0.44 24.46
C GLY A 38 -6.38 0.21 23.69
N VAL A 39 -6.08 1.10 22.75
CA VAL A 39 -4.88 0.96 21.95
C VAL A 39 -3.78 1.90 22.44
N ASP A 40 -2.70 1.32 22.93
CA ASP A 40 -1.57 2.09 23.41
C ASP A 40 -0.30 1.62 22.73
N GLY A 41 0.22 2.43 21.82
CA GLY A 41 1.37 2.02 21.03
C GLY A 41 2.45 3.08 21.00
N GLU A 42 3.36 2.92 20.06
CA GLU A 42 4.49 3.84 19.90
C GLU A 42 4.01 5.13 19.26
N TRP A 43 3.94 6.20 20.05
CA TRP A 43 3.43 7.48 19.61
C TRP A 43 4.46 8.23 18.76
N THR A 44 4.11 8.44 17.49
CA THR A 44 4.99 9.15 16.59
C THR A 44 4.26 10.31 15.92
N TYR A 45 4.81 11.50 16.03
CA TYR A 45 4.24 12.67 15.36
C TYR A 45 4.98 12.95 14.08
N ASP A 46 4.24 12.96 12.98
CA ASP A 46 4.81 13.23 11.68
C ASP A 46 4.69 14.71 11.39
N ASP A 47 5.83 15.37 11.26
CA ASP A 47 5.88 16.83 11.14
C ASP A 47 5.17 17.30 9.88
N ALA A 48 5.55 16.74 8.74
CA ALA A 48 5.05 17.19 7.45
C ALA A 48 3.52 17.10 7.35
N THR A 49 2.97 15.99 7.80
CA THR A 49 1.54 15.74 7.66
C THR A 49 0.74 16.27 8.86
N LYS A 50 1.45 16.66 9.92
CA LYS A 50 0.83 17.17 11.16
C LYS A 50 0.00 16.06 11.81
N THR A 51 0.46 14.83 11.66
CA THR A 51 -0.27 13.69 12.12
C THR A 51 0.40 13.02 13.31
N PHE A 52 -0.41 12.44 14.19
CA PHE A 52 0.09 11.62 15.27
C PHE A 52 -0.25 10.16 14.98
N THR A 53 0.76 9.36 14.71
CA THR A 53 0.56 7.96 14.43
C THR A 53 0.92 7.13 15.65
N VAL A 54 -0.06 6.41 16.18
CA VAL A 54 0.17 5.54 17.32
C VAL A 54 0.36 4.11 16.85
N THR A 55 1.60 3.66 16.87
CA THR A 55 1.99 2.40 16.25
C THR A 55 1.94 1.23 17.23
N GLU A 56 0.95 0.36 17.06
CA GLU A 56 0.86 -0.86 17.87
C GLU A 56 1.28 -2.06 17.03
N GLY A 57 2.00 -1.79 15.95
CA GLY A 57 2.52 -2.85 15.12
C GLY A 57 3.74 -3.50 15.75
N SER A 58 3.52 -4.15 16.89
CA SER A 58 4.59 -4.77 17.64
C SER A 58 5.09 -6.03 16.94
N HIS A 59 6.37 -6.03 16.60
CA HIS A 59 7.02 -7.16 15.94
C HIS A 59 8.53 -6.99 16.05
N HIS A 60 9.06 -6.01 15.33
CA HIS A 60 10.48 -5.67 15.37
C HIS A 60 10.67 -4.19 15.04
N HIS A 61 9.77 -3.37 15.59
CA HIS A 61 9.76 -1.93 15.33
C HIS A 61 11.08 -1.29 15.73
N HIS A 62 11.40 -1.33 17.03
CA HIS A 62 12.66 -0.81 17.58
C HIS A 62 12.73 0.71 17.50
N HIS A 63 12.81 1.22 16.27
CA HIS A 63 12.94 2.65 16.04
C HIS A 63 11.98 3.08 14.94
N HIS A 64 11.78 4.38 14.81
CA HIS A 64 10.85 4.90 13.83
C HIS A 64 11.56 5.77 12.78
N MET A 65 11.79 5.20 11.61
CA MET A 65 12.35 5.94 10.50
C MET A 65 11.41 5.88 9.30
N ASP A 66 10.25 5.26 9.53
CA ASP A 66 9.27 5.06 8.47
C ASP A 66 7.88 5.03 9.10
N VAL A 67 6.96 5.79 8.53
CA VAL A 67 5.61 5.90 9.08
C VAL A 67 4.65 5.00 8.30
N GLU A 68 3.78 4.30 9.05
CA GLU A 68 2.85 3.32 8.48
C GLU A 68 3.62 2.13 7.91
N GLY A 69 4.23 2.31 6.76
CA GLY A 69 5.05 1.28 6.18
C GLY A 69 4.25 0.31 5.31
N MET A 70 3.53 0.86 4.34
CA MET A 70 2.73 0.05 3.43
C MET A 70 3.61 -0.98 2.71
N THR A 71 3.21 -2.23 2.80
CA THR A 71 3.94 -3.30 2.14
C THR A 71 3.21 -3.73 0.87
N SER A 72 3.96 -4.18 -0.12
CA SER A 72 3.38 -4.63 -1.36
C SER A 72 3.63 -6.12 -1.56
N LEU A 73 2.62 -6.82 -2.06
CA LEU A 73 2.74 -8.24 -2.32
C LEU A 73 2.60 -8.52 -3.80
N LYS A 74 3.42 -9.42 -4.29
CA LYS A 74 3.32 -9.88 -5.65
C LYS A 74 2.58 -11.19 -5.71
N VAL A 75 1.37 -11.15 -6.23
CA VAL A 75 0.62 -12.37 -6.50
C VAL A 75 0.79 -12.67 -7.99
N ASP A 76 1.26 -13.85 -8.30
CA ASP A 76 1.70 -14.14 -9.64
C ASP A 76 1.19 -15.51 -10.08
N ASN A 77 1.36 -15.82 -11.37
CA ASN A 77 0.77 -17.00 -11.98
C ASN A 77 -0.73 -16.93 -11.84
N LEU A 78 -1.24 -15.71 -11.75
CA LEU A 78 -2.62 -15.44 -11.47
C LEU A 78 -3.48 -15.62 -12.72
N THR A 79 -4.75 -15.98 -12.51
CA THR A 79 -5.67 -16.25 -13.60
C THR A 79 -6.30 -14.97 -14.15
N TYR A 80 -6.97 -15.08 -15.28
CA TYR A 80 -7.58 -13.92 -15.93
C TYR A 80 -9.05 -13.81 -15.54
N ARG A 81 -9.47 -14.64 -14.58
CA ARG A 81 -10.82 -14.57 -14.04
C ARG A 81 -10.82 -13.91 -12.67
N THR A 82 -9.62 -13.59 -12.20
CA THR A 82 -9.46 -12.96 -10.89
C THR A 82 -9.90 -11.49 -10.92
N SER A 83 -10.85 -11.15 -10.06
CA SER A 83 -11.39 -9.80 -9.99
C SER A 83 -10.60 -8.96 -8.98
N PRO A 84 -10.53 -7.62 -9.17
CA PRO A 84 -9.91 -6.71 -8.19
C PRO A 84 -10.47 -6.93 -6.79
N ASP A 85 -11.79 -7.07 -6.71
CA ASP A 85 -12.48 -7.33 -5.44
C ASP A 85 -11.96 -8.63 -4.81
N THR A 86 -11.56 -9.56 -5.67
CA THR A 86 -11.08 -10.86 -5.24
C THR A 86 -9.85 -10.73 -4.33
N LEU A 87 -8.78 -10.12 -4.81
CA LEU A 87 -7.57 -9.97 -4.02
C LEU A 87 -7.82 -9.15 -2.77
N ARG A 88 -8.61 -8.10 -2.91
CA ARG A 88 -8.96 -7.25 -1.79
C ARG A 88 -9.61 -8.08 -0.68
N ARG A 89 -10.54 -8.94 -1.08
CA ARG A 89 -11.28 -9.77 -0.16
C ARG A 89 -10.41 -10.85 0.48
N VAL A 90 -9.58 -11.52 -0.31
CA VAL A 90 -8.82 -12.67 0.19
C VAL A 90 -7.68 -12.22 1.11
N PHE A 91 -6.94 -11.20 0.71
CA PHE A 91 -5.74 -10.78 1.45
C PHE A 91 -6.09 -10.08 2.76
N GLU A 92 -7.24 -9.38 2.78
CA GLU A 92 -7.65 -8.65 3.98
C GLU A 92 -7.95 -9.59 5.15
N LYS A 93 -8.07 -10.88 4.85
CA LYS A 93 -8.26 -11.88 5.89
C LYS A 93 -7.02 -11.97 6.77
N TYR A 94 -5.86 -12.02 6.13
CA TYR A 94 -4.61 -12.21 6.83
C TYR A 94 -4.06 -10.90 7.36
N GLY A 95 -4.22 -9.84 6.58
CA GLY A 95 -3.71 -8.55 6.99
C GLY A 95 -4.58 -7.41 6.56
N ARG A 96 -4.33 -6.24 7.13
CA ARG A 96 -5.08 -5.04 6.77
C ARG A 96 -4.59 -4.47 5.45
N VAL A 97 -5.20 -4.91 4.36
CA VAL A 97 -4.86 -4.41 3.04
C VAL A 97 -5.66 -3.15 2.73
N GLY A 98 -4.97 -2.13 2.23
CA GLY A 98 -5.61 -0.88 1.93
C GLY A 98 -6.27 -0.90 0.56
N ASP A 99 -5.53 -1.35 -0.44
CA ASP A 99 -6.06 -1.42 -1.80
C ASP A 99 -5.27 -2.44 -2.60
N VAL A 100 -5.76 -2.75 -3.80
CA VAL A 100 -5.15 -3.77 -4.64
C VAL A 100 -5.08 -3.30 -6.09
N TYR A 101 -4.15 -3.86 -6.84
CA TYR A 101 -4.02 -3.53 -8.25
C TYR A 101 -3.87 -4.80 -9.08
N ILE A 102 -4.89 -5.12 -9.85
CA ILE A 102 -4.87 -6.29 -10.70
C ILE A 102 -4.91 -5.87 -12.18
N PRO A 103 -3.76 -5.94 -12.86
CA PRO A 103 -3.61 -5.52 -14.27
C PRO A 103 -4.28 -6.48 -15.24
N ARG A 104 -5.38 -7.05 -14.80
CA ARG A 104 -6.13 -8.01 -15.60
C ARG A 104 -6.94 -7.30 -16.68
N ASP A 105 -6.25 -6.68 -17.62
CA ASP A 105 -6.92 -5.97 -18.69
C ASP A 105 -6.02 -5.78 -19.89
N ARG A 106 -6.07 -6.75 -20.80
CA ARG A 106 -5.41 -6.69 -22.12
C ARG A 106 -3.88 -6.80 -22.02
N TYR A 107 -3.27 -5.94 -21.23
CA TYR A 107 -1.81 -5.89 -21.11
C TYR A 107 -1.25 -7.21 -20.58
N THR A 108 -2.01 -7.86 -19.73
CA THR A 108 -1.65 -9.18 -19.25
C THR A 108 -2.11 -10.23 -20.25
N LYS A 109 -3.42 -10.45 -20.30
CA LYS A 109 -4.05 -11.37 -21.28
C LYS A 109 -3.61 -12.82 -21.05
N GLU A 110 -2.42 -13.15 -21.53
CA GLU A 110 -1.90 -14.50 -21.45
C GLU A 110 -0.40 -14.46 -21.66
N SER A 111 0.32 -14.17 -20.59
CA SER A 111 1.77 -14.06 -20.63
C SER A 111 2.30 -13.94 -19.21
N ARG A 112 1.93 -12.84 -18.56
CA ARG A 112 2.33 -12.59 -17.19
C ARG A 112 1.11 -12.27 -16.36
N GLY A 113 0.69 -13.23 -15.56
CA GLY A 113 -0.47 -13.04 -14.70
C GLY A 113 -0.05 -12.63 -13.32
N PHE A 114 0.11 -11.34 -13.11
CA PHE A 114 0.56 -10.84 -11.83
C PHE A 114 -0.33 -9.71 -11.35
N ALA A 115 -0.51 -9.64 -10.04
CA ALA A 115 -1.25 -8.57 -9.41
C ALA A 115 -0.56 -8.16 -8.11
N PHE A 116 -0.96 -7.02 -7.56
CA PHE A 116 -0.33 -6.51 -6.36
C PHE A 116 -1.36 -6.11 -5.33
N VAL A 117 -0.97 -6.22 -4.07
CA VAL A 117 -1.81 -5.83 -2.97
C VAL A 117 -1.00 -4.96 -2.00
N ARG A 118 -1.63 -3.92 -1.48
CA ARG A 118 -0.93 -2.95 -0.64
C ARG A 118 -1.43 -3.06 0.81
N PHE A 119 -0.58 -3.57 1.68
CA PHE A 119 -0.94 -3.77 3.08
C PHE A 119 -0.55 -2.57 3.92
N HIS A 120 -1.03 -2.57 5.16
CA HIS A 120 -0.76 -1.48 6.09
C HIS A 120 0.66 -1.56 6.62
N ASP A 121 1.00 -2.70 7.21
CA ASP A 121 2.30 -2.89 7.84
C ASP A 121 2.91 -4.20 7.33
N LYS A 122 4.15 -4.48 7.72
CA LYS A 122 4.81 -5.72 7.33
C LYS A 122 4.10 -6.91 7.97
N ARG A 123 3.51 -6.67 9.14
CA ARG A 123 2.76 -7.72 9.84
C ARG A 123 1.69 -8.34 8.94
N ASP A 124 1.06 -7.51 8.14
CA ASP A 124 -0.01 -7.96 7.26
C ASP A 124 0.57 -8.71 6.08
N ALA A 125 1.70 -8.22 5.59
CA ALA A 125 2.35 -8.81 4.44
C ALA A 125 2.87 -10.20 4.76
N GLU A 126 3.48 -10.35 5.93
CA GLU A 126 4.13 -11.60 6.31
C GLU A 126 3.09 -12.68 6.56
N ASP A 127 1.93 -12.26 7.04
CA ASP A 127 0.83 -13.18 7.24
C ASP A 127 0.34 -13.70 5.90
N ALA A 128 0.21 -12.79 4.96
CA ALA A 128 -0.40 -13.09 3.67
C ALA A 128 0.57 -13.79 2.72
N MET A 129 1.77 -13.23 2.60
CA MET A 129 2.79 -13.73 1.67
C MET A 129 3.13 -15.19 1.96
N ASP A 130 3.16 -15.54 3.24
CA ASP A 130 3.49 -16.90 3.64
C ASP A 130 2.32 -17.83 3.42
N ALA A 131 1.13 -17.38 3.81
CA ALA A 131 -0.04 -18.22 3.82
C ALA A 131 -0.59 -18.49 2.41
N MET A 132 -0.67 -17.44 1.60
CA MET A 132 -1.40 -17.53 0.34
C MET A 132 -0.54 -18.08 -0.80
N ASP A 133 0.74 -18.28 -0.57
CA ASP A 133 1.54 -18.96 -1.57
C ASP A 133 1.15 -20.44 -1.55
N GLY A 134 0.05 -20.74 -2.23
CA GLY A 134 -0.57 -22.04 -2.16
C GLY A 134 -2.06 -21.96 -1.84
N ALA A 135 -2.62 -20.75 -1.90
CA ALA A 135 -4.04 -20.52 -1.65
C ALA A 135 -4.82 -20.46 -2.95
N VAL A 136 -6.01 -21.05 -2.99
CA VAL A 136 -6.77 -21.09 -4.22
C VAL A 136 -7.80 -19.96 -4.27
N LEU A 137 -7.69 -19.08 -5.27
CA LEU A 137 -8.64 -17.98 -5.41
C LEU A 137 -9.60 -18.21 -6.58
N ASP A 138 -9.12 -18.88 -7.62
CA ASP A 138 -9.90 -19.07 -8.84
C ASP A 138 -9.45 -20.33 -9.56
N GLY A 139 -9.39 -21.43 -8.82
CA GLY A 139 -8.85 -22.67 -9.38
C GLY A 139 -7.35 -22.59 -9.56
N ARG A 140 -6.72 -21.77 -8.74
CA ARG A 140 -5.29 -21.52 -8.78
C ARG A 140 -4.77 -21.21 -7.40
N GLU A 141 -3.71 -21.89 -6.98
CA GLU A 141 -3.01 -21.51 -5.77
C GLU A 141 -2.12 -20.32 -6.08
N LEU A 142 -2.44 -19.19 -5.48
CA LEU A 142 -1.67 -17.97 -5.68
C LEU A 142 -0.19 -18.20 -5.47
N ARG A 143 0.60 -17.71 -6.40
CA ARG A 143 2.03 -17.61 -6.18
C ARG A 143 2.30 -16.24 -5.60
N VAL A 144 2.47 -16.19 -4.29
CA VAL A 144 2.54 -14.91 -3.62
C VAL A 144 3.94 -14.67 -3.09
N GLN A 145 4.50 -13.54 -3.47
CA GLN A 145 5.88 -13.20 -3.15
C GLN A 145 5.93 -11.84 -2.49
N MET A 146 6.77 -11.71 -1.48
CA MET A 146 6.91 -10.44 -0.80
C MET A 146 7.66 -9.46 -1.67
N ALA A 147 7.00 -8.37 -2.04
CA ALA A 147 7.59 -7.40 -2.94
C ALA A 147 7.68 -6.03 -2.28
N ARG A 148 8.73 -5.83 -1.50
CA ARG A 148 8.95 -4.56 -0.84
C ARG A 148 9.57 -3.57 -1.81
N TYR A 149 8.71 -2.90 -2.57
CA TYR A 149 9.14 -1.93 -3.56
C TYR A 149 9.73 -0.71 -2.87
N GLY A 150 9.08 -0.28 -1.80
CA GLY A 150 9.52 0.88 -1.07
C GLY A 150 9.08 2.17 -1.74
N ARG A 151 9.29 3.29 -1.07
CA ARG A 151 8.96 4.60 -1.61
C ARG A 151 7.46 4.76 -1.84
N PRO A 152 6.75 5.29 -0.83
CA PRO A 152 5.29 5.41 -0.88
C PRO A 152 4.81 6.50 -1.84
N PRO A 153 4.04 6.11 -2.87
CA PRO A 153 3.39 7.05 -3.77
C PRO A 153 2.25 7.78 -3.06
N ASP A 154 2.47 9.07 -2.80
CA ASP A 154 1.54 9.86 -1.99
C ASP A 154 1.42 9.26 -0.58
N SER A 155 0.37 8.47 -0.38
CA SER A 155 0.15 7.75 0.86
C SER A 155 -1.21 7.04 0.80
N HIS A 156 -2.19 7.73 0.25
CA HIS A 156 -3.56 7.26 0.29
C HIS A 156 -4.19 7.11 -1.10
N HIS A 157 -3.75 7.91 -2.07
CA HIS A 157 -4.25 7.78 -3.45
C HIS A 157 -3.42 8.59 -4.44
N SER A 158 -3.57 8.29 -5.72
CA SER A 158 -2.89 9.03 -6.77
C SER A 158 -3.73 9.04 -8.05
N MET A 1 -14.02 41.36 1.13
CA MET A 1 -14.13 40.84 2.52
C MET A 1 -12.77 40.37 3.01
N GLN A 2 -12.28 40.98 4.07
CA GLN A 2 -10.97 40.62 4.60
C GLN A 2 -11.08 39.37 5.47
N TYR A 3 -10.51 38.28 4.98
CA TYR A 3 -10.49 37.03 5.72
C TYR A 3 -9.09 36.76 6.27
N LYS A 4 -9.01 36.36 7.53
CA LYS A 4 -7.74 36.05 8.15
C LYS A 4 -7.58 34.55 8.37
N LEU A 5 -6.40 34.04 8.03
CA LEU A 5 -6.05 32.66 8.26
C LEU A 5 -5.18 32.55 9.50
N ILE A 6 -5.60 31.72 10.43
CA ILE A 6 -4.82 31.43 11.62
C ILE A 6 -4.17 30.06 11.47
N LEU A 7 -2.90 30.06 11.10
CA LEU A 7 -2.19 28.81 10.91
C LEU A 7 -1.64 28.34 12.23
N ASN A 8 -2.29 27.36 12.82
CA ASN A 8 -1.88 26.81 14.10
C ASN A 8 -1.00 25.60 13.85
N GLY A 9 0.01 25.78 13.02
CA GLY A 9 0.86 24.68 12.65
C GLY A 9 2.02 24.50 13.62
N LYS A 10 2.67 23.36 13.53
CA LYS A 10 3.82 23.07 14.39
C LYS A 10 5.06 23.74 13.84
N THR A 11 5.16 23.77 12.51
CA THR A 11 6.29 24.40 11.86
C THR A 11 5.92 25.82 11.43
N LEU A 12 4.77 25.96 10.78
CA LEU A 12 4.33 27.26 10.30
C LEU A 12 3.11 27.72 11.11
N LYS A 13 3.36 28.65 12.02
CA LYS A 13 2.30 29.27 12.78
C LYS A 13 2.24 30.75 12.42
N GLY A 14 1.16 31.17 11.77
CA GLY A 14 1.10 32.54 11.30
C GLY A 14 -0.31 33.09 11.27
N GLU A 15 -0.39 34.38 10.99
CA GLU A 15 -1.67 35.08 10.85
C GLU A 15 -1.63 35.96 9.62
N THR A 16 -2.39 35.60 8.59
CA THR A 16 -2.37 36.35 7.34
C THR A 16 -3.78 36.55 6.81
N THR A 17 -3.96 37.57 6.00
CA THR A 17 -5.28 37.90 5.49
C THR A 17 -5.30 37.91 3.97
N THR A 18 -6.49 37.92 3.40
CA THR A 18 -6.66 38.11 1.98
C THR A 18 -8.02 38.76 1.72
N GLU A 19 -8.07 39.64 0.74
CA GLU A 19 -9.33 40.28 0.35
C GLU A 19 -10.12 39.33 -0.53
N ALA A 20 -10.99 38.58 0.09
CA ALA A 20 -11.76 37.56 -0.61
C ALA A 20 -13.19 38.02 -0.84
N VAL A 21 -13.81 37.53 -1.90
CA VAL A 21 -15.20 37.87 -2.18
C VAL A 21 -16.15 36.94 -1.45
N ASP A 22 -15.67 35.73 -1.18
CA ASP A 22 -16.46 34.74 -0.42
C ASP A 22 -15.53 33.94 0.47
N ALA A 23 -16.11 33.23 1.44
CA ALA A 23 -15.34 32.37 2.32
C ALA A 23 -14.68 31.23 1.53
N ALA A 24 -15.42 30.71 0.55
CA ALA A 24 -14.89 29.66 -0.32
C ALA A 24 -13.68 30.17 -1.10
N THR A 25 -13.70 31.45 -1.45
CA THR A 25 -12.59 32.10 -2.12
C THR A 25 -11.40 32.21 -1.17
N ALA A 26 -11.70 32.57 0.08
CA ALA A 26 -10.68 32.76 1.10
C ALA A 26 -10.04 31.45 1.49
N GLU A 27 -10.86 30.44 1.79
CA GLU A 27 -10.36 29.14 2.22
C GLU A 27 -9.43 28.56 1.17
N LYS A 28 -9.73 28.83 -0.09
CA LYS A 28 -8.94 28.34 -1.21
C LYS A 28 -7.51 28.87 -1.13
N VAL A 29 -7.37 30.16 -0.86
CA VAL A 29 -6.07 30.79 -0.75
C VAL A 29 -5.37 30.36 0.52
N PHE A 30 -6.16 30.24 1.58
CA PHE A 30 -5.63 29.79 2.85
C PHE A 30 -5.13 28.36 2.74
N LYS A 31 -5.82 27.56 1.93
CA LYS A 31 -5.43 26.18 1.71
C LYS A 31 -4.10 26.11 0.98
N GLN A 32 -3.93 26.98 -0.02
CA GLN A 32 -2.68 27.02 -0.76
C GLN A 32 -1.54 27.47 0.16
N TYR A 33 -1.80 28.48 0.99
CA TYR A 33 -0.81 28.99 1.90
C TYR A 33 -0.39 27.92 2.89
N ALA A 34 -1.38 27.30 3.53
CA ALA A 34 -1.13 26.28 4.53
C ALA A 34 -0.43 25.06 3.94
N ASN A 35 -0.96 24.55 2.82
CA ASN A 35 -0.43 23.34 2.21
C ASN A 35 0.97 23.56 1.65
N ASP A 36 1.22 24.76 1.14
CA ASP A 36 2.53 25.10 0.58
C ASP A 36 3.57 25.13 1.70
N ASN A 37 3.18 25.69 2.83
CA ASN A 37 4.06 25.75 3.99
C ASN A 37 4.22 24.38 4.64
N GLY A 38 3.17 23.58 4.61
CA GLY A 38 3.25 22.21 5.10
C GLY A 38 2.18 21.87 6.11
N VAL A 39 1.58 22.89 6.71
CA VAL A 39 0.57 22.68 7.74
C VAL A 39 -0.77 22.27 7.13
N ASP A 40 -1.19 21.05 7.44
CA ASP A 40 -2.49 20.56 7.00
C ASP A 40 -3.28 20.08 8.22
N GLY A 41 -4.31 20.83 8.56
CA GLY A 41 -5.04 20.54 9.78
C GLY A 41 -6.53 20.72 9.62
N GLU A 42 -7.24 20.71 10.75
CA GLU A 42 -8.67 20.91 10.76
C GLU A 42 -9.00 22.37 10.44
N TRP A 43 -9.83 22.57 9.42
CA TRP A 43 -10.20 23.91 9.01
C TRP A 43 -11.45 24.37 9.75
N THR A 44 -11.24 25.15 10.80
CA THR A 44 -12.35 25.69 11.57
C THR A 44 -12.51 27.18 11.29
N TYR A 45 -13.59 27.52 10.62
CA TYR A 45 -13.85 28.90 10.24
C TYR A 45 -14.87 29.55 11.18
N ASP A 46 -14.60 30.79 11.55
CA ASP A 46 -15.50 31.56 12.39
C ASP A 46 -15.98 32.79 11.64
N ASP A 47 -17.30 32.96 11.53
CA ASP A 47 -17.86 34.08 10.80
C ASP A 47 -17.88 35.31 11.69
N ALA A 48 -18.31 36.45 11.14
CA ALA A 48 -18.29 37.75 11.81
C ALA A 48 -16.85 38.26 11.95
N THR A 49 -15.95 37.37 12.34
CA THR A 49 -14.53 37.69 12.41
C THR A 49 -13.87 37.37 11.08
N LYS A 50 -14.47 36.42 10.35
CA LYS A 50 -13.97 36.00 9.05
C LYS A 50 -12.59 35.37 9.18
N THR A 51 -12.45 34.49 10.16
CA THR A 51 -11.18 33.87 10.45
C THR A 51 -11.22 32.36 10.20
N PHE A 52 -10.24 31.86 9.47
CA PHE A 52 -10.07 30.43 9.28
C PHE A 52 -8.94 29.92 10.16
N THR A 53 -9.28 29.10 11.14
CA THR A 53 -8.28 28.53 12.03
C THR A 53 -7.97 27.10 11.59
N VAL A 54 -6.76 26.89 11.12
CA VAL A 54 -6.32 25.57 10.73
C VAL A 54 -5.34 25.02 11.78
N THR A 55 -5.83 24.08 12.57
CA THR A 55 -5.03 23.52 13.65
C THR A 55 -4.32 22.25 13.18
N GLU A 56 -3.00 22.24 13.28
CA GLU A 56 -2.20 21.12 12.78
C GLU A 56 -2.19 19.97 13.78
N GLY A 57 -3.38 19.50 14.12
CA GLY A 57 -3.48 18.34 14.99
C GLY A 57 -4.28 17.24 14.35
N SER A 58 -4.64 17.46 13.10
CA SER A 58 -5.47 16.52 12.36
C SER A 58 -4.66 15.76 11.33
N HIS A 59 -4.28 14.54 11.68
CA HIS A 59 -3.61 13.64 10.76
C HIS A 59 -4.60 12.60 10.26
N HIS A 60 -5.20 12.90 9.11
CA HIS A 60 -6.31 12.10 8.59
C HIS A 60 -5.86 10.69 8.20
N HIS A 61 -4.74 10.60 7.48
CA HIS A 61 -4.23 9.30 7.07
C HIS A 61 -3.22 8.77 8.09
N HIS A 62 -1.95 8.77 7.73
CA HIS A 62 -0.90 8.32 8.63
C HIS A 62 0.31 9.24 8.50
N HIS A 63 1.22 9.16 9.46
CA HIS A 63 2.41 10.01 9.45
C HIS A 63 3.28 9.71 8.22
N HIS A 64 3.31 10.66 7.29
CA HIS A 64 4.06 10.52 6.04
C HIS A 64 3.53 9.36 5.21
N MET A 65 2.28 8.99 5.46
CA MET A 65 1.62 7.94 4.71
C MET A 65 0.25 8.44 4.26
N ASP A 66 0.25 9.28 3.23
CA ASP A 66 -0.98 9.84 2.70
C ASP A 66 -1.73 8.79 1.90
N VAL A 67 -0.98 7.85 1.34
CA VAL A 67 -1.57 6.71 0.66
C VAL A 67 -1.43 5.47 1.52
N GLU A 68 -2.55 4.81 1.81
CA GLU A 68 -2.52 3.64 2.66
C GLU A 68 -2.21 2.39 1.84
N GLY A 69 -1.04 1.84 2.10
CA GLY A 69 -0.58 0.68 1.36
C GLY A 69 0.92 0.69 1.22
N MET A 70 1.60 0.20 2.24
CA MET A 70 3.05 0.26 2.30
C MET A 70 3.69 -0.97 1.68
N THR A 71 3.49 -2.11 2.34
CA THR A 71 4.07 -3.35 1.89
C THR A 71 3.33 -3.91 0.68
N SER A 72 4.05 -4.09 -0.41
CA SER A 72 3.47 -4.58 -1.64
C SER A 72 3.75 -6.07 -1.80
N LEU A 73 2.71 -6.82 -2.12
CA LEU A 73 2.86 -8.25 -2.35
C LEU A 73 2.69 -8.54 -3.83
N LYS A 74 3.43 -9.51 -4.31
CA LYS A 74 3.33 -9.93 -5.69
C LYS A 74 2.61 -11.25 -5.78
N VAL A 75 1.44 -11.24 -6.38
CA VAL A 75 0.70 -12.45 -6.62
C VAL A 75 0.82 -12.81 -8.10
N ASP A 76 1.35 -13.99 -8.38
CA ASP A 76 1.54 -14.42 -9.76
C ASP A 76 0.85 -15.74 -10.00
N ASN A 77 0.97 -16.28 -11.21
CA ASN A 77 0.22 -17.45 -11.62
C ASN A 77 -1.26 -17.19 -11.41
N LEU A 78 -1.64 -15.94 -11.64
CA LEU A 78 -2.97 -15.46 -11.32
C LEU A 78 -3.91 -15.67 -12.52
N THR A 79 -5.20 -15.76 -12.23
CA THR A 79 -6.18 -16.02 -13.26
C THR A 79 -6.65 -14.73 -13.93
N TYR A 80 -7.12 -14.85 -15.15
CA TYR A 80 -7.66 -13.70 -15.89
C TYR A 80 -8.99 -13.27 -15.29
N ARG A 81 -9.58 -14.17 -14.51
CA ARG A 81 -10.91 -13.94 -13.92
C ARG A 81 -10.79 -13.37 -12.51
N THR A 82 -9.60 -12.92 -12.15
CA THR A 82 -9.39 -12.29 -10.86
C THR A 82 -9.79 -10.81 -10.91
N SER A 83 -10.74 -10.43 -10.07
CA SER A 83 -11.19 -9.04 -10.00
C SER A 83 -10.48 -8.31 -8.85
N PRO A 84 -10.33 -6.98 -8.94
CA PRO A 84 -9.68 -6.20 -7.88
C PRO A 84 -10.28 -6.45 -6.50
N ASP A 85 -11.61 -6.50 -6.41
CA ASP A 85 -12.29 -6.78 -5.15
C ASP A 85 -12.00 -8.20 -4.68
N THR A 86 -11.70 -9.08 -5.63
CA THR A 86 -11.33 -10.45 -5.34
C THR A 86 -10.16 -10.52 -4.37
N LEU A 87 -9.05 -9.88 -4.73
CA LEU A 87 -7.85 -9.94 -3.91
C LEU A 87 -8.01 -9.17 -2.61
N ARG A 88 -8.82 -8.11 -2.64
CA ARG A 88 -9.14 -7.36 -1.43
C ARG A 88 -9.71 -8.30 -0.39
N ARG A 89 -10.74 -9.03 -0.80
CA ARG A 89 -11.52 -9.90 0.09
C ARG A 89 -10.67 -10.99 0.72
N VAL A 90 -9.83 -11.63 -0.08
CA VAL A 90 -9.05 -12.77 0.39
C VAL A 90 -7.91 -12.32 1.30
N PHE A 91 -7.17 -11.31 0.86
CA PHE A 91 -5.97 -10.86 1.56
C PHE A 91 -6.30 -10.14 2.87
N GLU A 92 -7.40 -9.38 2.86
CA GLU A 92 -7.81 -8.62 4.04
C GLU A 92 -8.06 -9.50 5.27
N LYS A 93 -8.27 -10.78 5.04
CA LYS A 93 -8.54 -11.71 6.13
C LYS A 93 -7.29 -11.88 6.98
N TYR A 94 -6.16 -12.00 6.32
CA TYR A 94 -4.89 -12.27 6.98
C TYR A 94 -4.26 -10.98 7.52
N GLY A 95 -4.37 -9.91 6.75
CA GLY A 95 -3.81 -8.65 7.18
C GLY A 95 -4.66 -7.49 6.75
N ARG A 96 -4.40 -6.32 7.31
CA ARG A 96 -5.18 -5.13 6.98
C ARG A 96 -4.69 -4.52 5.67
N VAL A 97 -5.24 -5.02 4.57
CA VAL A 97 -4.89 -4.53 3.24
C VAL A 97 -5.59 -3.19 2.97
N GLY A 98 -4.88 -2.29 2.30
CA GLY A 98 -5.42 -0.96 2.07
C GLY A 98 -5.66 -0.67 0.61
N ASP A 99 -4.80 -1.18 -0.25
CA ASP A 99 -4.90 -0.90 -1.69
C ASP A 99 -4.36 -2.06 -2.51
N VAL A 100 -5.22 -2.65 -3.33
CA VAL A 100 -4.79 -3.72 -4.23
C VAL A 100 -4.53 -3.16 -5.63
N TYR A 101 -3.72 -3.85 -6.39
CA TYR A 101 -3.39 -3.43 -7.75
C TYR A 101 -3.42 -4.63 -8.69
N ILE A 102 -4.56 -4.83 -9.33
CA ILE A 102 -4.70 -5.88 -10.32
C ILE A 102 -4.71 -5.26 -11.71
N PRO A 103 -3.55 -5.27 -12.40
CA PRO A 103 -3.37 -4.57 -13.67
C PRO A 103 -3.88 -5.36 -14.87
N ARG A 104 -3.68 -4.78 -16.05
CA ARG A 104 -4.10 -5.36 -17.33
C ARG A 104 -5.61 -5.56 -17.36
N ASP A 105 -6.29 -4.55 -17.90
CA ASP A 105 -7.73 -4.52 -17.94
C ASP A 105 -8.27 -5.53 -18.94
N ARG A 106 -9.59 -5.69 -18.97
CA ARG A 106 -10.21 -6.64 -19.90
C ARG A 106 -10.19 -6.10 -21.32
N TYR A 107 -9.72 -4.86 -21.46
CA TYR A 107 -9.63 -4.20 -22.75
C TYR A 107 -8.35 -4.58 -23.49
N THR A 108 -7.30 -4.84 -22.72
CA THR A 108 -5.97 -5.01 -23.29
C THR A 108 -5.29 -6.29 -22.78
N LYS A 109 -4.34 -6.79 -23.56
CA LYS A 109 -3.53 -7.95 -23.15
C LYS A 109 -4.40 -9.17 -22.85
N GLU A 110 -3.98 -9.96 -21.87
CA GLU A 110 -4.69 -11.17 -21.50
C GLU A 110 -5.54 -10.92 -20.27
N SER A 111 -5.42 -9.71 -19.72
CA SER A 111 -6.13 -9.31 -18.51
C SER A 111 -5.56 -10.00 -17.27
N ARG A 112 -5.06 -9.19 -16.35
CA ARG A 112 -4.50 -9.67 -15.09
C ARG A 112 -3.18 -10.40 -15.30
N GLY A 113 -3.21 -11.73 -15.17
CA GLY A 113 -1.97 -12.50 -15.26
C GLY A 113 -1.19 -12.48 -13.95
N PHE A 114 -0.98 -11.27 -13.43
CA PHE A 114 -0.31 -11.09 -12.15
C PHE A 114 -0.90 -9.85 -11.49
N ALA A 115 -0.69 -9.71 -10.18
CA ALA A 115 -1.24 -8.58 -9.46
C ALA A 115 -0.44 -8.27 -8.21
N PHE A 116 -0.70 -7.11 -7.62
CA PHE A 116 -0.06 -6.69 -6.39
C PHE A 116 -1.10 -6.32 -5.37
N VAL A 117 -0.74 -6.46 -4.10
CA VAL A 117 -1.61 -6.06 -3.02
C VAL A 117 -0.80 -5.34 -1.96
N ARG A 118 -1.33 -4.25 -1.42
CA ARG A 118 -0.60 -3.45 -0.45
C ARG A 118 -1.30 -3.39 0.89
N PHE A 119 -0.54 -3.70 1.94
CA PHE A 119 -1.05 -3.76 3.30
C PHE A 119 -0.56 -2.59 4.13
N HIS A 120 -1.15 -2.46 5.31
CA HIS A 120 -0.72 -1.48 6.30
C HIS A 120 0.77 -1.62 6.62
N ASP A 121 1.12 -2.74 7.20
CA ASP A 121 2.50 -2.97 7.63
C ASP A 121 2.98 -4.34 7.13
N LYS A 122 4.28 -4.60 7.26
CA LYS A 122 4.83 -5.88 6.84
C LYS A 122 4.23 -7.02 7.65
N ARG A 123 3.77 -6.71 8.86
CA ARG A 123 3.09 -7.69 9.70
C ARG A 123 1.85 -8.23 9.00
N ASP A 124 1.19 -7.36 8.25
CA ASP A 124 -0.01 -7.74 7.52
C ASP A 124 0.37 -8.49 6.25
N ALA A 125 1.52 -8.12 5.70
CA ALA A 125 1.96 -8.64 4.42
C ALA A 125 2.50 -10.05 4.55
N GLU A 126 3.25 -10.30 5.62
CA GLU A 126 3.87 -11.60 5.83
C GLU A 126 2.83 -12.64 6.17
N ASP A 127 1.78 -12.23 6.84
CA ASP A 127 0.66 -13.11 7.14
C ASP A 127 0.05 -13.57 5.83
N ALA A 128 -0.07 -12.62 4.91
CA ALA A 128 -0.76 -12.84 3.66
C ALA A 128 0.12 -13.57 2.64
N MET A 129 1.32 -13.05 2.40
CA MET A 129 2.20 -13.60 1.37
C MET A 129 2.55 -15.05 1.67
N ASP A 130 2.66 -15.38 2.95
CA ASP A 130 2.99 -16.74 3.36
C ASP A 130 1.78 -17.64 3.18
N ALA A 131 0.63 -17.16 3.63
CA ALA A 131 -0.57 -17.97 3.62
C ALA A 131 -1.15 -18.13 2.21
N MET A 132 -1.15 -17.04 1.45
CA MET A 132 -1.76 -17.01 0.13
C MET A 132 -0.89 -17.75 -0.87
N ASP A 133 0.38 -17.94 -0.53
CA ASP A 133 1.25 -18.77 -1.32
C ASP A 133 0.87 -20.23 -1.10
N GLY A 134 -0.15 -20.65 -1.82
CA GLY A 134 -0.77 -21.94 -1.57
C GLY A 134 -2.28 -21.83 -1.47
N ALA A 135 -2.81 -20.73 -2.01
CA ALA A 135 -4.24 -20.46 -1.97
C ALA A 135 -4.88 -20.62 -3.34
N VAL A 136 -5.76 -21.60 -3.48
CA VAL A 136 -6.45 -21.82 -4.75
C VAL A 136 -7.64 -20.88 -4.88
N LEU A 137 -7.43 -19.74 -5.54
CA LEU A 137 -8.48 -18.73 -5.69
C LEU A 137 -9.39 -19.08 -6.88
N ASP A 138 -8.98 -20.11 -7.61
CA ASP A 138 -9.71 -20.57 -8.79
C ASP A 138 -9.31 -22.01 -9.12
N GLY A 139 -8.08 -22.16 -9.60
CA GLY A 139 -7.56 -23.49 -9.91
C GLY A 139 -6.06 -23.55 -9.71
N ARG A 140 -5.56 -22.69 -8.83
CA ARG A 140 -4.14 -22.63 -8.53
C ARG A 140 -3.92 -21.87 -7.24
N GLU A 141 -2.73 -22.01 -6.70
CA GLU A 141 -2.41 -21.53 -5.38
C GLU A 141 -1.75 -20.17 -5.44
N LEU A 142 -1.85 -19.56 -6.60
CA LEU A 142 -1.12 -18.34 -6.93
C LEU A 142 0.37 -18.51 -6.63
N ARG A 143 1.07 -17.39 -6.63
CA ARG A 143 2.44 -17.33 -6.14
C ARG A 143 2.65 -15.98 -5.50
N VAL A 144 2.44 -15.91 -4.20
CA VAL A 144 2.41 -14.63 -3.50
C VAL A 144 3.69 -14.41 -2.70
N GLN A 145 4.45 -13.41 -3.08
CA GLN A 145 5.71 -13.09 -2.42
C GLN A 145 5.77 -11.62 -2.06
N MET A 146 6.75 -11.26 -1.25
CA MET A 146 6.99 -9.87 -0.92
C MET A 146 7.57 -9.15 -2.12
N ALA A 147 6.91 -8.09 -2.57
CA ALA A 147 7.35 -7.36 -3.74
C ALA A 147 7.73 -5.94 -3.38
N ARG A 148 9.01 -5.68 -3.33
CA ARG A 148 9.49 -4.35 -3.04
C ARG A 148 9.83 -3.63 -4.34
N TYR A 149 9.22 -2.49 -4.56
CA TYR A 149 9.47 -1.71 -5.77
C TYR A 149 10.88 -1.13 -5.73
N GLY A 150 11.75 -1.63 -6.59
CA GLY A 150 13.10 -1.08 -6.70
C GLY A 150 13.05 0.33 -7.24
N ARG A 151 12.35 0.50 -8.34
CA ARG A 151 12.08 1.82 -8.87
C ARG A 151 10.84 2.40 -8.20
N PRO A 152 11.00 3.51 -7.47
CA PRO A 152 9.86 4.22 -6.88
C PRO A 152 8.90 4.68 -7.97
N PRO A 153 7.65 4.18 -7.93
CA PRO A 153 6.66 4.44 -8.98
C PRO A 153 6.35 5.93 -9.12
N ASP A 154 6.88 6.53 -10.18
CA ASP A 154 6.60 7.93 -10.48
C ASP A 154 6.37 8.10 -11.97
N SER A 155 5.39 8.92 -12.31
CA SER A 155 5.13 9.29 -13.69
C SER A 155 5.76 10.65 -13.95
N HIS A 156 5.67 11.51 -12.94
CA HIS A 156 6.24 12.84 -12.97
C HIS A 156 6.52 13.26 -11.54
N HIS A 157 7.68 13.86 -11.31
CA HIS A 157 8.02 14.39 -9.99
C HIS A 157 9.46 14.89 -9.98
N SER A 158 9.67 16.03 -9.34
CA SER A 158 11.00 16.60 -9.20
C SER A 158 11.10 17.32 -7.86
N MET A 1 -53.81 14.38 22.22
CA MET A 1 -52.89 14.99 21.23
C MET A 1 -52.45 13.95 20.22
N GLN A 2 -52.85 14.16 18.97
CA GLN A 2 -52.59 13.19 17.91
C GLN A 2 -51.17 13.32 17.36
N TYR A 3 -50.35 12.32 17.62
CA TYR A 3 -48.99 12.29 17.12
C TYR A 3 -48.89 11.39 15.90
N LYS A 4 -47.98 11.71 14.99
CA LYS A 4 -47.74 10.88 13.82
C LYS A 4 -46.37 10.23 13.88
N LEU A 5 -46.33 8.96 13.54
CA LEU A 5 -45.08 8.20 13.48
C LEU A 5 -44.66 8.05 12.03
N ILE A 6 -43.44 8.49 11.73
CA ILE A 6 -42.87 8.34 10.41
C ILE A 6 -41.84 7.21 10.43
N LEU A 7 -42.23 6.07 9.93
CA LEU A 7 -41.34 4.93 9.89
C LEU A 7 -40.54 4.93 8.61
N ASN A 8 -39.32 5.40 8.69
CA ASN A 8 -38.43 5.41 7.54
C ASN A 8 -37.52 4.20 7.60
N GLY A 9 -38.12 3.06 7.82
CA GLY A 9 -37.35 1.85 8.02
C GLY A 9 -36.91 1.21 6.72
N LYS A 10 -36.37 0.00 6.82
CA LYS A 10 -35.88 -0.70 5.66
C LYS A 10 -36.98 -1.54 5.03
N THR A 11 -37.67 -2.32 5.87
CA THR A 11 -38.72 -3.20 5.42
C THR A 11 -40.10 -2.63 5.75
N LEU A 12 -40.11 -1.58 6.57
CA LEU A 12 -41.37 -0.95 6.96
C LEU A 12 -41.24 0.56 6.84
N LYS A 13 -42.08 1.15 5.99
CA LYS A 13 -42.01 2.58 5.74
C LYS A 13 -43.41 3.15 5.56
N GLY A 14 -43.97 3.70 6.62
CA GLY A 14 -45.32 4.19 6.58
C GLY A 14 -45.55 5.36 7.53
N GLU A 15 -46.75 5.90 7.49
CA GLU A 15 -47.15 6.98 8.39
C GLU A 15 -48.38 6.57 9.18
N THR A 16 -48.29 6.67 10.50
CA THR A 16 -49.41 6.31 11.34
C THR A 16 -49.56 7.31 12.49
N THR A 17 -50.70 7.30 13.16
CA THR A 17 -50.99 8.26 14.21
C THR A 17 -51.63 7.58 15.42
N THR A 18 -51.63 8.28 16.54
CA THR A 18 -52.30 7.82 17.74
C THR A 18 -52.67 9.01 18.62
N GLU A 19 -53.80 8.90 19.31
CA GLU A 19 -54.22 9.94 20.24
C GLU A 19 -53.53 9.74 21.57
N ALA A 20 -52.46 10.51 21.79
CA ALA A 20 -51.66 10.35 22.99
C ALA A 20 -51.79 11.57 23.90
N VAL A 21 -51.67 11.36 25.20
CA VAL A 21 -51.77 12.44 26.17
C VAL A 21 -50.47 13.25 26.26
N ASP A 22 -49.37 12.63 25.88
CA ASP A 22 -48.05 13.28 25.99
C ASP A 22 -47.09 12.68 24.97
N ALA A 23 -46.04 13.43 24.65
CA ALA A 23 -45.04 13.00 23.68
C ALA A 23 -44.39 11.67 24.09
N ALA A 24 -44.03 11.56 25.36
CA ALA A 24 -43.38 10.37 25.88
C ALA A 24 -44.35 9.19 25.85
N THR A 25 -45.64 9.49 25.93
CA THR A 25 -46.66 8.46 25.82
C THR A 25 -46.77 7.99 24.38
N ALA A 26 -46.81 8.95 23.46
CA ALA A 26 -46.94 8.66 22.04
C ALA A 26 -45.76 7.86 21.52
N GLU A 27 -44.55 8.29 21.89
CA GLU A 27 -43.34 7.68 21.37
C GLU A 27 -43.25 6.21 21.77
N LYS A 28 -43.76 5.88 22.96
CA LYS A 28 -43.72 4.50 23.44
C LYS A 28 -44.64 3.61 22.61
N VAL A 29 -45.78 4.16 22.22
CA VAL A 29 -46.71 3.43 21.37
C VAL A 29 -46.17 3.33 19.96
N PHE A 30 -45.46 4.37 19.54
CA PHE A 30 -44.78 4.36 18.26
C PHE A 30 -43.65 3.34 18.28
N LYS A 31 -43.02 3.20 19.44
CA LYS A 31 -41.96 2.20 19.60
C LYS A 31 -42.57 0.81 19.54
N GLN A 32 -43.77 0.67 20.08
CA GLN A 32 -44.50 -0.57 19.99
C GLN A 32 -44.76 -0.93 18.52
N TYR A 33 -45.25 0.04 17.76
CA TYR A 33 -45.50 -0.14 16.33
C TYR A 33 -44.21 -0.51 15.61
N ALA A 34 -43.18 0.29 15.85
CA ALA A 34 -41.89 0.10 15.20
C ALA A 34 -41.28 -1.24 15.57
N ASN A 35 -41.27 -1.55 16.87
CA ASN A 35 -40.68 -2.79 17.37
C ASN A 35 -41.43 -4.00 16.82
N ASP A 36 -42.74 -3.88 16.68
CA ASP A 36 -43.55 -4.97 16.16
C ASP A 36 -43.25 -5.19 14.68
N ASN A 37 -43.01 -4.09 13.98
CA ASN A 37 -42.74 -4.14 12.55
C ASN A 37 -41.25 -4.42 12.27
N GLY A 38 -40.44 -4.41 13.31
CA GLY A 38 -39.05 -4.81 13.18
C GLY A 38 -38.12 -3.68 12.80
N VAL A 39 -38.56 -2.44 13.00
CA VAL A 39 -37.74 -1.29 12.68
C VAL A 39 -37.50 -0.41 13.90
N ASP A 40 -36.24 -0.10 14.14
CA ASP A 40 -35.86 0.83 15.20
C ASP A 40 -34.63 1.62 14.75
N GLY A 41 -34.86 2.88 14.39
CA GLY A 41 -33.81 3.67 13.80
C GLY A 41 -33.56 4.97 14.55
N GLU A 42 -33.09 5.98 13.83
CA GLU A 42 -32.83 7.29 14.41
C GLU A 42 -34.13 7.98 14.78
N TRP A 43 -34.52 7.86 16.04
CA TRP A 43 -35.74 8.48 16.54
C TRP A 43 -35.59 10.00 16.58
N THR A 44 -36.35 10.67 15.73
CA THR A 44 -36.32 12.12 15.65
C THR A 44 -37.73 12.69 15.74
N TYR A 45 -38.01 13.42 16.81
CA TYR A 45 -39.34 13.99 17.01
C TYR A 45 -39.37 15.45 16.59
N ASP A 46 -40.39 15.79 15.81
CA ASP A 46 -40.64 17.16 15.39
C ASP A 46 -41.91 17.66 16.05
N ASP A 47 -41.77 18.68 16.89
CA ASP A 47 -42.91 19.20 17.65
C ASP A 47 -43.84 20.01 16.75
N ALA A 48 -43.32 20.48 15.63
CA ALA A 48 -44.12 21.25 14.69
C ALA A 48 -45.09 20.35 13.93
N THR A 49 -44.56 19.31 13.31
CA THR A 49 -45.38 18.39 12.53
C THR A 49 -45.98 17.29 13.41
N LYS A 50 -45.64 17.31 14.71
CA LYS A 50 -46.15 16.35 15.67
C LYS A 50 -45.74 14.93 15.29
N THR A 51 -44.54 14.81 14.71
CA THR A 51 -44.10 13.55 14.14
C THR A 51 -42.90 12.95 14.86
N PHE A 52 -42.89 11.63 14.98
CA PHE A 52 -41.70 10.89 15.38
C PHE A 52 -41.16 10.13 14.16
N THR A 53 -40.02 10.52 13.67
CA THR A 53 -39.43 9.88 12.50
C THR A 53 -38.31 8.95 12.91
N VAL A 54 -38.41 7.69 12.50
CA VAL A 54 -37.29 6.76 12.66
C VAL A 54 -36.54 6.65 11.35
N THR A 55 -35.40 7.30 11.28
CA THR A 55 -34.58 7.24 10.09
C THR A 55 -33.67 6.02 10.15
N GLU A 56 -34.07 4.96 9.45
CA GLU A 56 -33.33 3.71 9.46
C GLU A 56 -32.59 3.54 8.12
N GLY A 57 -31.67 2.59 8.08
CA GLY A 57 -30.92 2.33 6.88
C GLY A 57 -29.45 2.14 7.14
N SER A 58 -29.04 2.39 8.39
CA SER A 58 -27.64 2.22 8.83
C SER A 58 -26.76 3.37 8.33
N HIS A 59 -26.99 3.80 7.10
CA HIS A 59 -26.25 4.90 6.46
C HIS A 59 -24.84 4.47 6.07
N HIS A 60 -24.19 3.68 6.93
CA HIS A 60 -22.87 3.11 6.65
C HIS A 60 -21.83 4.22 6.47
N HIS A 61 -21.96 5.27 7.27
CA HIS A 61 -21.05 6.41 7.19
C HIS A 61 -19.83 6.19 8.09
N HIS A 62 -19.94 5.21 8.98
CA HIS A 62 -18.85 4.91 9.90
C HIS A 62 -17.79 4.06 9.19
N HIS A 63 -16.65 4.67 8.92
CA HIS A 63 -15.57 3.99 8.21
C HIS A 63 -14.31 3.96 9.06
N HIS A 64 -13.96 2.79 9.55
CA HIS A 64 -12.75 2.61 10.34
C HIS A 64 -11.55 2.44 9.41
N MET A 65 -10.72 3.47 9.31
CA MET A 65 -9.56 3.41 8.44
C MET A 65 -8.36 2.85 9.19
N ASP A 66 -8.20 1.55 9.12
CA ASP A 66 -7.03 0.89 9.70
C ASP A 66 -6.21 0.22 8.61
N VAL A 67 -6.57 0.53 7.37
CA VAL A 67 -5.90 -0.06 6.21
C VAL A 67 -4.94 0.95 5.59
N GLU A 68 -4.02 0.46 4.78
CA GLU A 68 -3.01 1.31 4.14
C GLU A 68 -2.24 0.47 3.13
N GLY A 69 -1.45 1.12 2.29
CA GLY A 69 -0.68 0.39 1.30
C GLY A 69 0.81 0.66 1.41
N MET A 70 1.43 0.10 2.44
CA MET A 70 2.87 0.29 2.66
C MET A 70 3.66 -0.88 2.10
N THR A 71 3.37 -2.07 2.60
CA THR A 71 4.08 -3.26 2.16
C THR A 71 3.32 -3.92 1.02
N SER A 72 3.97 -4.07 -0.12
CA SER A 72 3.32 -4.56 -1.32
C SER A 72 3.72 -6.00 -1.63
N LEU A 73 2.71 -6.86 -1.74
CA LEU A 73 2.93 -8.25 -2.13
C LEU A 73 2.74 -8.39 -3.62
N LYS A 74 3.35 -9.40 -4.18
CA LYS A 74 3.29 -9.63 -5.60
C LYS A 74 2.83 -11.05 -5.88
N VAL A 75 1.61 -11.17 -6.39
CA VAL A 75 1.05 -12.47 -6.68
C VAL A 75 1.17 -12.75 -8.18
N ASP A 76 1.54 -13.97 -8.50
CA ASP A 76 1.69 -14.36 -9.90
C ASP A 76 1.02 -15.71 -10.12
N ASN A 77 1.05 -16.20 -11.36
CA ASN A 77 0.28 -17.38 -11.75
C ASN A 77 -1.20 -17.09 -11.57
N LEU A 78 -1.54 -15.81 -11.74
CA LEU A 78 -2.88 -15.32 -11.44
C LEU A 78 -3.87 -15.75 -12.52
N THR A 79 -5.02 -16.26 -12.08
CA THR A 79 -6.06 -16.74 -12.99
C THR A 79 -6.70 -15.58 -13.75
N TYR A 80 -7.21 -15.89 -14.95
CA TYR A 80 -7.69 -14.87 -15.87
C TYR A 80 -9.12 -14.43 -15.56
N ARG A 81 -9.57 -14.64 -14.33
CA ARG A 81 -10.89 -14.17 -13.93
C ARG A 81 -10.80 -13.49 -12.56
N THR A 82 -9.57 -13.26 -12.11
CA THR A 82 -9.34 -12.64 -10.81
C THR A 82 -9.53 -11.12 -10.88
N SER A 83 -10.57 -10.63 -10.23
CA SER A 83 -10.83 -9.19 -10.19
C SER A 83 -10.18 -8.55 -8.96
N PRO A 84 -9.93 -7.23 -8.98
CA PRO A 84 -9.39 -6.51 -7.82
C PRO A 84 -10.24 -6.70 -6.57
N ASP A 85 -11.55 -6.62 -6.73
CA ASP A 85 -12.49 -6.88 -5.64
C ASP A 85 -12.26 -8.28 -5.07
N THR A 86 -11.90 -9.19 -5.97
CA THR A 86 -11.60 -10.57 -5.64
C THR A 86 -10.43 -10.69 -4.66
N LEU A 87 -9.27 -10.14 -5.03
CA LEU A 87 -8.06 -10.31 -4.20
C LEU A 87 -8.17 -9.56 -2.89
N ARG A 88 -8.78 -8.38 -2.94
CA ARG A 88 -8.93 -7.56 -1.73
C ARG A 88 -9.61 -8.36 -0.64
N ARG A 89 -10.75 -8.95 -1.00
CA ARG A 89 -11.55 -9.72 -0.06
C ARG A 89 -10.75 -10.86 0.58
N VAL A 90 -9.94 -11.54 -0.23
CA VAL A 90 -9.20 -12.69 0.27
C VAL A 90 -8.04 -12.24 1.17
N PHE A 91 -7.25 -11.29 0.68
CA PHE A 91 -6.04 -10.88 1.39
C PHE A 91 -6.37 -10.08 2.65
N GLU A 92 -7.53 -9.40 2.67
CA GLU A 92 -7.92 -8.60 3.83
C GLU A 92 -8.34 -9.50 4.99
N LYS A 93 -8.41 -10.79 4.73
CA LYS A 93 -8.67 -11.78 5.77
C LYS A 93 -7.40 -12.03 6.58
N TYR A 94 -6.27 -12.09 5.88
CA TYR A 94 -5.00 -12.38 6.51
C TYR A 94 -4.38 -11.12 7.11
N GLY A 95 -4.59 -10.00 6.42
CA GLY A 95 -4.09 -8.73 6.91
C GLY A 95 -4.92 -7.58 6.42
N ARG A 96 -4.61 -6.38 6.86
CA ARG A 96 -5.38 -5.21 6.48
C ARG A 96 -4.80 -4.56 5.23
N VAL A 97 -5.40 -4.83 4.07
CA VAL A 97 -4.93 -4.26 2.82
C VAL A 97 -5.57 -2.89 2.59
N GLY A 98 -4.80 -1.98 2.03
CA GLY A 98 -5.31 -0.65 1.75
C GLY A 98 -5.70 -0.48 0.30
N ASP A 99 -4.97 -1.17 -0.58
CA ASP A 99 -5.22 -1.06 -2.01
C ASP A 99 -4.72 -2.30 -2.73
N VAL A 100 -5.57 -2.90 -3.54
CA VAL A 100 -5.18 -4.02 -4.37
C VAL A 100 -5.15 -3.59 -5.84
N TYR A 101 -4.20 -4.11 -6.59
CA TYR A 101 -4.06 -3.70 -7.98
C TYR A 101 -3.76 -4.90 -8.87
N ILE A 102 -4.67 -5.20 -9.78
CA ILE A 102 -4.52 -6.33 -10.69
C ILE A 102 -4.43 -5.81 -12.13
N PRO A 103 -3.21 -5.50 -12.59
CA PRO A 103 -2.97 -4.90 -13.91
C PRO A 103 -2.72 -5.91 -15.02
N ARG A 104 -3.34 -5.65 -16.17
CA ARG A 104 -3.13 -6.45 -17.38
C ARG A 104 -4.11 -6.04 -18.48
N ASP A 105 -5.29 -5.55 -18.09
CA ASP A 105 -6.32 -5.17 -19.05
C ASP A 105 -6.02 -3.85 -19.74
N ARG A 106 -5.90 -2.77 -18.96
CA ARG A 106 -5.90 -1.42 -19.51
C ARG A 106 -4.77 -1.18 -20.51
N TYR A 107 -3.65 -1.87 -20.34
CA TYR A 107 -2.54 -1.73 -21.28
C TYR A 107 -2.17 -3.07 -21.88
N THR A 108 -2.22 -3.14 -23.21
CA THR A 108 -2.03 -4.38 -23.96
C THR A 108 -2.91 -5.49 -23.38
N LYS A 109 -4.22 -5.31 -23.55
CA LYS A 109 -5.20 -6.18 -22.91
C LYS A 109 -5.01 -7.65 -23.27
N GLU A 110 -4.60 -8.42 -22.28
CA GLU A 110 -4.55 -9.85 -22.40
C GLU A 110 -5.64 -10.46 -21.54
N SER A 111 -5.48 -10.31 -20.22
CA SER A 111 -6.52 -10.60 -19.25
C SER A 111 -5.99 -10.38 -17.83
N ARG A 112 -5.45 -11.44 -17.22
CA ARG A 112 -4.88 -11.35 -15.89
C ARG A 112 -3.57 -12.15 -15.87
N GLY A 113 -2.64 -11.78 -15.01
CA GLY A 113 -1.37 -12.48 -14.96
C GLY A 113 -0.65 -12.29 -13.64
N PHE A 114 -0.56 -11.05 -13.21
CA PHE A 114 0.09 -10.73 -11.95
C PHE A 114 -0.69 -9.63 -11.25
N ALA A 115 -0.60 -9.57 -9.94
CA ALA A 115 -1.28 -8.53 -9.18
C ALA A 115 -0.44 -8.09 -7.98
N PHE A 116 -0.70 -6.87 -7.52
CA PHE A 116 -0.04 -6.34 -6.36
C PHE A 116 -1.04 -6.14 -5.23
N VAL A 117 -0.62 -6.41 -4.02
CA VAL A 117 -1.49 -6.28 -2.86
C VAL A 117 -0.78 -5.50 -1.76
N ARG A 118 -1.33 -4.35 -1.40
CA ARG A 118 -0.69 -3.46 -0.45
C ARG A 118 -1.34 -3.56 0.94
N PHE A 119 -0.55 -3.90 1.94
CA PHE A 119 -1.04 -4.05 3.30
C PHE A 119 -0.60 -2.88 4.17
N HIS A 120 -1.20 -2.77 5.36
CA HIS A 120 -0.89 -1.70 6.31
C HIS A 120 0.57 -1.79 6.76
N ASP A 121 0.90 -2.88 7.42
CA ASP A 121 2.26 -3.11 7.90
C ASP A 121 2.82 -4.36 7.27
N LYS A 122 4.05 -4.70 7.64
CA LYS A 122 4.66 -5.93 7.18
C LYS A 122 4.02 -7.12 7.89
N ARG A 123 3.52 -6.89 9.10
CA ARG A 123 2.80 -7.91 9.86
C ARG A 123 1.61 -8.44 9.05
N ASP A 124 0.96 -7.55 8.32
CA ASP A 124 -0.17 -7.92 7.49
C ASP A 124 0.32 -8.67 6.26
N ALA A 125 1.47 -8.24 5.75
CA ALA A 125 2.00 -8.75 4.50
C ALA A 125 2.57 -10.14 4.68
N GLU A 126 3.23 -10.36 5.81
CA GLU A 126 3.88 -11.64 6.08
C GLU A 126 2.85 -12.74 6.19
N ASP A 127 1.79 -12.47 6.94
CA ASP A 127 0.72 -13.44 7.11
C ASP A 127 0.12 -13.84 5.78
N ALA A 128 0.10 -12.90 4.85
CA ALA A 128 -0.45 -13.16 3.53
C ALA A 128 0.55 -13.88 2.62
N MET A 129 1.74 -13.31 2.48
CA MET A 129 2.74 -13.85 1.55
C MET A 129 3.21 -15.23 1.99
N ASP A 130 3.21 -15.47 3.30
CA ASP A 130 3.59 -16.76 3.83
C ASP A 130 2.50 -17.78 3.57
N ALA A 131 1.28 -17.39 3.87
CA ALA A 131 0.15 -18.29 3.78
C ALA A 131 -0.27 -18.57 2.33
N MET A 132 -0.37 -17.50 1.55
CA MET A 132 -1.07 -17.56 0.29
C MET A 132 -0.17 -17.90 -0.88
N ASP A 133 1.11 -18.13 -0.63
CA ASP A 133 1.96 -18.69 -1.67
C ASP A 133 1.64 -20.17 -1.79
N GLY A 134 0.62 -20.46 -2.58
CA GLY A 134 0.03 -21.78 -2.60
C GLY A 134 -1.41 -21.75 -2.12
N ALA A 135 -2.07 -20.61 -2.29
CA ALA A 135 -3.46 -20.43 -1.89
C ALA A 135 -4.36 -20.35 -3.10
N VAL A 136 -5.53 -20.97 -3.01
CA VAL A 136 -6.45 -20.97 -4.13
C VAL A 136 -7.48 -19.85 -3.97
N LEU A 137 -7.41 -18.85 -4.84
CA LEU A 137 -8.37 -17.74 -4.79
C LEU A 137 -9.63 -18.10 -5.57
N ASP A 138 -9.52 -19.14 -6.38
CA ASP A 138 -10.60 -19.55 -7.26
C ASP A 138 -10.31 -20.93 -7.85
N GLY A 139 -9.31 -21.00 -8.71
CA GLY A 139 -8.91 -22.27 -9.29
C GLY A 139 -7.42 -22.35 -9.52
N ARG A 140 -6.68 -21.70 -8.63
CA ARG A 140 -5.22 -21.66 -8.72
C ARG A 140 -4.63 -21.28 -7.38
N GLU A 141 -3.54 -21.96 -7.00
CA GLU A 141 -2.74 -21.51 -5.88
C GLU A 141 -1.83 -20.37 -6.35
N LEU A 142 -2.11 -19.17 -5.87
CA LEU A 142 -1.35 -17.99 -6.27
C LEU A 142 0.09 -18.08 -5.78
N ARG A 143 0.98 -17.42 -6.49
CA ARG A 143 2.35 -17.29 -6.06
C ARG A 143 2.53 -15.92 -5.43
N VAL A 144 2.39 -15.85 -4.12
CA VAL A 144 2.46 -14.58 -3.41
C VAL A 144 3.85 -14.39 -2.82
N GLN A 145 4.59 -13.45 -3.39
CA GLN A 145 5.95 -13.18 -2.97
C GLN A 145 6.06 -11.76 -2.42
N MET A 146 7.05 -11.53 -1.56
CA MET A 146 7.40 -10.17 -1.18
C MET A 146 7.97 -9.46 -2.40
N ALA A 147 7.29 -8.41 -2.84
CA ALA A 147 7.69 -7.74 -4.06
C ALA A 147 8.88 -6.81 -3.83
N ARG A 148 10.06 -7.41 -3.82
CA ARG A 148 11.30 -6.66 -3.77
C ARG A 148 11.81 -6.52 -5.19
N TYR A 149 11.76 -7.63 -5.91
CA TYR A 149 12.02 -7.67 -7.33
C TYR A 149 11.35 -8.89 -7.94
N GLY A 150 10.37 -8.66 -8.81
CA GLY A 150 9.65 -9.75 -9.43
C GLY A 150 10.41 -10.37 -10.59
N ARG A 151 11.51 -9.73 -10.95
CA ARG A 151 12.35 -10.21 -12.03
C ARG A 151 13.55 -10.97 -11.48
N PRO A 152 13.71 -12.25 -11.88
CA PRO A 152 14.84 -13.07 -11.45
C PRO A 152 16.16 -12.56 -12.01
N PRO A 153 17.20 -12.49 -11.17
CA PRO A 153 18.52 -12.03 -11.60
C PRO A 153 19.08 -12.86 -12.74
N ASP A 154 19.35 -14.13 -12.49
CA ASP A 154 19.84 -15.04 -13.52
C ASP A 154 19.73 -16.49 -13.06
N SER A 155 18.55 -17.06 -13.18
CA SER A 155 18.34 -18.46 -12.88
C SER A 155 17.33 -19.04 -13.87
N HIS A 156 16.94 -20.29 -13.63
CA HIS A 156 15.77 -20.89 -14.27
C HIS A 156 14.59 -19.91 -14.19
N HIS A 157 13.69 -19.98 -15.17
CA HIS A 157 12.51 -19.11 -15.24
C HIS A 157 12.89 -17.63 -15.40
N SER A 158 12.47 -17.04 -16.50
CA SER A 158 12.72 -15.64 -16.76
C SER A 158 11.57 -15.03 -17.55
N MET A 1 -6.60 39.70 21.36
CA MET A 1 -6.04 38.62 20.52
C MET A 1 -6.99 37.43 20.47
N GLN A 2 -7.63 37.24 19.33
CA GLN A 2 -8.59 36.16 19.17
C GLN A 2 -7.90 34.86 18.82
N TYR A 3 -7.57 34.07 19.84
CA TYR A 3 -6.99 32.76 19.65
C TYR A 3 -8.07 31.69 19.63
N LYS A 4 -8.20 31.00 18.51
CA LYS A 4 -9.16 29.91 18.39
C LYS A 4 -8.46 28.57 18.28
N LEU A 5 -8.97 27.58 19.00
CA LEU A 5 -8.47 26.23 18.91
C LEU A 5 -9.33 25.42 17.95
N ILE A 6 -8.72 24.97 16.87
CA ILE A 6 -9.37 24.09 15.92
C ILE A 6 -9.02 22.65 16.29
N LEU A 7 -9.93 21.98 16.96
CA LEU A 7 -9.69 20.62 17.38
C LEU A 7 -10.09 19.65 16.29
N ASN A 8 -9.11 19.19 15.54
CA ASN A 8 -9.34 18.16 14.55
C ASN A 8 -8.96 16.82 15.12
N GLY A 9 -9.78 16.31 16.02
CA GLY A 9 -9.47 15.06 16.64
C GLY A 9 -10.17 13.91 15.95
N LYS A 10 -9.89 12.70 16.42
CA LYS A 10 -10.54 11.52 15.87
C LYS A 10 -12.04 11.56 16.15
N THR A 11 -12.39 11.97 17.35
CA THR A 11 -13.77 12.06 17.76
C THR A 11 -14.12 13.49 18.16
N LEU A 12 -13.22 14.16 18.87
CA LEU A 12 -13.47 15.51 19.35
C LEU A 12 -13.09 16.52 18.28
N LYS A 13 -14.08 17.25 17.78
CA LYS A 13 -13.87 18.24 16.75
C LYS A 13 -14.62 19.53 17.10
N GLY A 14 -13.87 20.58 17.40
CA GLY A 14 -14.49 21.82 17.82
C GLY A 14 -13.68 23.04 17.39
N GLU A 15 -14.31 24.21 17.51
CA GLU A 15 -13.66 25.47 17.13
C GLU A 15 -14.04 26.56 18.13
N THR A 16 -13.16 26.85 19.08
CA THR A 16 -13.47 27.80 20.13
C THR A 16 -12.30 28.75 20.42
N THR A 17 -12.63 29.98 20.79
CA THR A 17 -11.62 30.95 21.14
C THR A 17 -11.49 31.09 22.66
N THR A 18 -10.41 31.68 23.11
CA THR A 18 -10.24 31.96 24.52
C THR A 18 -9.73 33.38 24.74
N GLU A 19 -9.55 34.07 23.63
CA GLU A 19 -8.94 35.42 23.61
C GLU A 19 -7.82 35.54 24.64
N ALA A 20 -6.70 34.91 24.35
CA ALA A 20 -5.58 34.88 25.28
C ALA A 20 -4.70 36.11 25.12
N VAL A 21 -4.03 36.49 26.19
CA VAL A 21 -3.12 37.62 26.16
C VAL A 21 -1.83 37.27 25.42
N ASP A 22 -1.43 36.01 25.48
CA ASP A 22 -0.22 35.55 24.81
C ASP A 22 -0.47 34.26 24.07
N ALA A 23 0.43 33.92 23.14
CA ALA A 23 0.33 32.69 22.39
C ALA A 23 0.59 31.47 23.28
N ALA A 24 1.58 31.61 24.16
CA ALA A 24 1.91 30.54 25.11
C ALA A 24 0.77 30.36 26.12
N THR A 25 0.13 31.46 26.47
CA THR A 25 -1.01 31.41 27.37
C THR A 25 -2.21 30.78 26.66
N ALA A 26 -2.36 31.12 25.37
CA ALA A 26 -3.44 30.57 24.56
C ALA A 26 -3.31 29.08 24.43
N GLU A 27 -2.13 28.62 24.04
CA GLU A 27 -1.91 27.20 23.82
C GLU A 27 -2.13 26.45 25.13
N LYS A 28 -1.69 27.04 26.23
CA LYS A 28 -1.84 26.42 27.55
C LYS A 28 -3.31 26.07 27.83
N VAL A 29 -4.20 26.99 27.52
CA VAL A 29 -5.63 26.79 27.73
C VAL A 29 -6.15 25.76 26.73
N PHE A 30 -5.60 25.78 25.54
CA PHE A 30 -5.97 24.82 24.52
C PHE A 30 -5.46 23.43 24.90
N LYS A 31 -4.34 23.37 25.62
CA LYS A 31 -3.84 22.13 26.18
C LYS A 31 -4.86 21.54 27.14
N GLN A 32 -5.38 22.38 28.02
CA GLN A 32 -6.33 21.94 29.03
C GLN A 32 -7.63 21.47 28.38
N TYR A 33 -7.96 22.06 27.23
CA TYR A 33 -9.17 21.69 26.50
C TYR A 33 -8.97 20.36 25.80
N ALA A 34 -7.92 20.27 24.99
CA ALA A 34 -7.65 19.07 24.20
C ALA A 34 -7.39 17.87 25.09
N ASN A 35 -6.55 18.05 26.10
CA ASN A 35 -6.15 16.97 26.98
C ASN A 35 -7.34 16.37 27.72
N ASP A 36 -8.26 17.23 28.15
CA ASP A 36 -9.42 16.77 28.92
C ASP A 36 -10.39 16.01 28.03
N ASN A 37 -10.55 16.48 26.80
CA ASN A 37 -11.49 15.86 25.86
C ASN A 37 -10.93 14.56 25.30
N GLY A 38 -9.61 14.43 25.30
CA GLY A 38 -8.99 13.17 24.93
C GLY A 38 -8.31 13.21 23.57
N VAL A 39 -8.16 14.39 23.01
CA VAL A 39 -7.52 14.53 21.71
C VAL A 39 -6.14 15.16 21.84
N ASP A 40 -5.16 14.52 21.22
CA ASP A 40 -3.82 15.06 21.15
C ASP A 40 -3.26 14.87 19.75
N GLY A 41 -3.55 15.82 18.88
CA GLY A 41 -3.11 15.74 17.51
C GLY A 41 -1.86 16.55 17.27
N GLU A 42 -1.48 16.67 16.02
CA GLU A 42 -0.31 17.46 15.65
C GLU A 42 -0.57 18.94 15.96
N TRP A 43 0.08 19.43 17.00
CA TRP A 43 -0.10 20.81 17.43
C TRP A 43 0.52 21.79 16.44
N THR A 44 -0.32 22.60 15.82
CA THR A 44 0.14 23.61 14.90
C THR A 44 -0.55 24.94 15.17
N TYR A 45 0.14 26.04 14.90
CA TYR A 45 -0.39 27.37 15.17
C TYR A 45 -0.24 28.26 13.95
N ASP A 46 -1.31 28.97 13.62
CA ASP A 46 -1.29 29.91 12.51
C ASP A 46 -1.05 31.31 13.02
N ASP A 47 0.08 31.89 12.64
CA ASP A 47 0.44 33.24 13.09
C ASP A 47 -0.52 34.27 12.50
N ALA A 48 -1.14 33.92 11.38
CA ALA A 48 -2.07 34.81 10.71
C ALA A 48 -3.39 34.91 11.47
N THR A 49 -4.13 33.81 11.50
CA THR A 49 -5.45 33.79 12.09
C THR A 49 -5.41 33.60 13.61
N LYS A 50 -4.20 33.45 14.15
CA LYS A 50 -4.01 33.27 15.59
C LYS A 50 -4.71 31.99 16.07
N THR A 51 -4.75 31.00 15.19
CA THR A 51 -5.47 29.77 15.45
C THR A 51 -4.53 28.60 15.72
N PHE A 52 -4.89 27.77 16.68
CA PHE A 52 -4.19 26.53 16.93
C PHE A 52 -4.98 25.38 16.34
N THR A 53 -4.29 24.38 15.82
CA THR A 53 -4.96 23.22 15.24
C THR A 53 -4.26 21.94 15.66
N VAL A 54 -5.02 21.02 16.25
CA VAL A 54 -4.52 19.69 16.55
C VAL A 54 -5.00 18.72 15.49
N THR A 55 -4.08 18.27 14.64
CA THR A 55 -4.45 17.38 13.57
C THR A 55 -4.32 15.91 14.00
N GLU A 56 -5.44 15.32 14.38
CA GLU A 56 -5.53 13.88 14.63
C GLU A 56 -6.70 13.31 13.82
N GLY A 57 -7.33 14.20 13.06
CA GLY A 57 -8.49 13.83 12.28
C GLY A 57 -8.14 13.26 10.93
N SER A 58 -6.86 13.01 10.71
CA SER A 58 -6.40 12.36 9.51
C SER A 58 -5.97 10.93 9.86
N HIS A 59 -6.58 10.42 10.92
CA HIS A 59 -6.29 9.09 11.43
C HIS A 59 -6.69 8.03 10.42
N HIS A 60 -7.87 8.22 9.81
CA HIS A 60 -8.31 7.36 8.73
C HIS A 60 -7.79 7.92 7.42
N HIS A 61 -7.00 7.11 6.71
CA HIS A 61 -6.26 7.57 5.53
C HIS A 61 -5.18 8.57 5.95
N HIS A 62 -3.93 8.17 5.88
CA HIS A 62 -2.85 9.08 6.21
C HIS A 62 -2.78 10.18 5.15
N HIS A 63 -3.13 11.39 5.54
CA HIS A 63 -3.25 12.50 4.62
C HIS A 63 -1.89 13.11 4.32
N HIS A 64 -1.89 14.18 3.52
CA HIS A 64 -0.66 14.80 3.01
C HIS A 64 0.05 13.86 2.05
N MET A 65 1.33 14.08 1.84
CA MET A 65 2.12 13.27 0.93
C MET A 65 2.36 11.89 1.51
N ASP A 66 1.80 10.87 0.87
CA ASP A 66 1.98 9.49 1.30
C ASP A 66 3.27 8.94 0.73
N VAL A 67 4.31 8.92 1.55
CA VAL A 67 5.64 8.50 1.11
C VAL A 67 6.11 7.26 1.85
N GLU A 68 5.22 6.70 2.66
CA GLU A 68 5.57 5.54 3.47
C GLU A 68 5.59 4.27 2.63
N GLY A 69 6.39 3.30 3.08
CA GLY A 69 6.56 2.08 2.34
C GLY A 69 5.66 0.97 2.83
N MET A 70 4.37 1.12 2.59
CA MET A 70 3.40 0.06 2.89
C MET A 70 3.81 -1.22 2.19
N THR A 71 3.81 -2.32 2.93
CA THR A 71 4.33 -3.58 2.44
C THR A 71 3.31 -4.31 1.58
N SER A 72 3.44 -4.16 0.27
CA SER A 72 2.54 -4.79 -0.68
C SER A 72 3.00 -6.20 -1.03
N LEU A 73 2.07 -7.05 -1.41
CA LEU A 73 2.39 -8.39 -1.89
C LEU A 73 2.35 -8.45 -3.40
N LYS A 74 3.12 -9.36 -3.96
CA LYS A 74 3.07 -9.66 -5.38
C LYS A 74 2.46 -11.03 -5.57
N VAL A 75 1.28 -11.08 -6.17
CA VAL A 75 0.64 -12.35 -6.44
C VAL A 75 0.90 -12.72 -7.90
N ASP A 76 1.40 -13.92 -8.12
CA ASP A 76 1.73 -14.35 -9.47
C ASP A 76 1.11 -15.72 -9.72
N ASN A 77 1.33 -16.26 -10.92
CA ASN A 77 0.63 -17.47 -11.38
C ASN A 77 -0.86 -17.19 -11.44
N LEU A 78 -1.17 -15.91 -11.56
CA LEU A 78 -2.55 -15.43 -11.59
C LEU A 78 -3.23 -15.89 -12.87
N THR A 79 -4.35 -16.60 -12.73
CA THR A 79 -4.94 -17.28 -13.87
C THR A 79 -6.31 -16.74 -14.26
N TYR A 80 -6.29 -15.61 -14.96
CA TYR A 80 -7.48 -15.02 -15.59
C TYR A 80 -8.55 -14.66 -14.55
N ARG A 81 -9.56 -13.94 -15.04
CA ARG A 81 -10.82 -13.63 -14.33
C ARG A 81 -10.66 -13.19 -12.86
N THR A 82 -9.45 -12.88 -12.43
CA THR A 82 -9.24 -12.41 -11.07
C THR A 82 -9.59 -10.93 -10.96
N SER A 83 -10.69 -10.63 -10.29
CA SER A 83 -11.11 -9.26 -10.08
C SER A 83 -10.39 -8.67 -8.87
N PRO A 84 -10.10 -7.36 -8.88
CA PRO A 84 -9.37 -6.68 -7.81
C PRO A 84 -9.91 -6.98 -6.41
N ASP A 85 -11.20 -6.69 -6.19
CA ASP A 85 -11.80 -6.88 -4.86
C ASP A 85 -11.77 -8.34 -4.44
N THR A 86 -11.69 -9.22 -5.42
CA THR A 86 -11.53 -10.64 -5.18
C THR A 86 -10.32 -10.92 -4.30
N LEU A 87 -9.18 -10.36 -4.65
CA LEU A 87 -7.96 -10.55 -3.87
C LEU A 87 -8.05 -9.82 -2.55
N ARG A 88 -8.53 -8.59 -2.59
CA ARG A 88 -8.62 -7.75 -1.39
C ARG A 88 -9.42 -8.46 -0.29
N ARG A 89 -10.47 -9.15 -0.69
CA ARG A 89 -11.29 -9.92 0.24
C ARG A 89 -10.47 -11.00 0.94
N VAL A 90 -9.67 -11.73 0.17
CA VAL A 90 -8.90 -12.84 0.72
C VAL A 90 -7.73 -12.34 1.56
N PHE A 91 -7.04 -11.32 1.06
CA PHE A 91 -5.84 -10.79 1.72
C PHE A 91 -6.17 -10.06 3.02
N GLU A 92 -7.31 -9.38 3.07
CA GLU A 92 -7.69 -8.59 4.24
C GLU A 92 -7.95 -9.47 5.46
N LYS A 93 -8.13 -10.77 5.20
CA LYS A 93 -8.34 -11.73 6.26
C LYS A 93 -7.09 -11.87 7.11
N TYR A 94 -5.94 -11.87 6.45
CA TYR A 94 -4.66 -12.07 7.12
C TYR A 94 -4.13 -10.75 7.69
N GLY A 95 -4.21 -9.69 6.89
CA GLY A 95 -3.68 -8.41 7.33
C GLY A 95 -4.47 -7.25 6.77
N ARG A 96 -4.06 -6.04 7.10
CA ARG A 96 -4.74 -4.84 6.64
C ARG A 96 -4.35 -4.50 5.20
N VAL A 97 -5.12 -4.98 4.24
CA VAL A 97 -4.90 -4.60 2.86
C VAL A 97 -5.81 -3.42 2.50
N GLY A 98 -5.22 -2.40 1.89
CA GLY A 98 -5.97 -1.22 1.56
C GLY A 98 -6.39 -1.17 0.11
N ASP A 99 -5.43 -1.32 -0.79
CA ASP A 99 -5.71 -1.19 -2.22
C ASP A 99 -5.15 -2.38 -2.98
N VAL A 100 -5.87 -2.80 -4.00
CA VAL A 100 -5.44 -3.94 -4.82
C VAL A 100 -5.50 -3.58 -6.30
N TYR A 101 -4.54 -4.08 -7.07
CA TYR A 101 -4.47 -3.80 -8.50
C TYR A 101 -4.17 -5.08 -9.27
N ILE A 102 -5.05 -5.45 -10.19
CA ILE A 102 -4.90 -6.68 -10.96
C ILE A 102 -4.88 -6.37 -12.47
N PRO A 103 -3.69 -6.23 -13.05
CA PRO A 103 -3.51 -5.92 -14.47
C PRO A 103 -3.25 -7.14 -15.35
N ARG A 104 -2.90 -6.87 -16.61
CA ARG A 104 -2.50 -7.88 -17.60
C ARG A 104 -3.69 -8.71 -18.11
N ASP A 105 -4.57 -9.12 -17.20
CA ASP A 105 -5.72 -9.93 -17.57
C ASP A 105 -6.90 -9.06 -17.97
N ARG A 106 -7.56 -9.45 -19.06
CA ARG A 106 -8.74 -8.76 -19.54
C ARG A 106 -9.72 -9.76 -20.11
N TYR A 107 -9.20 -10.64 -20.95
CA TYR A 107 -10.01 -11.63 -21.62
C TYR A 107 -9.46 -13.01 -21.33
N THR A 108 -8.22 -13.20 -21.74
CA THR A 108 -7.47 -14.43 -21.51
C THR A 108 -6.04 -14.21 -21.96
N LYS A 109 -5.10 -14.97 -21.42
CA LYS A 109 -3.70 -14.76 -21.74
C LYS A 109 -3.00 -16.07 -22.05
N GLU A 110 -2.03 -16.00 -22.95
CA GLU A 110 -1.16 -17.13 -23.23
C GLU A 110 -0.15 -17.27 -22.10
N SER A 111 0.12 -16.14 -21.47
CA SER A 111 1.04 -16.08 -20.34
C SER A 111 0.27 -16.09 -19.03
N ARG A 112 0.96 -15.92 -17.92
CA ARG A 112 0.31 -15.84 -16.62
C ARG A 112 0.29 -14.40 -16.14
N GLY A 113 -0.64 -14.09 -15.25
CA GLY A 113 -0.76 -12.73 -14.79
C GLY A 113 -0.15 -12.51 -13.43
N PHE A 114 -0.17 -11.26 -12.99
CA PHE A 114 0.35 -10.89 -11.68
C PHE A 114 -0.51 -9.78 -11.11
N ALA A 115 -0.60 -9.70 -9.79
CA ALA A 115 -1.36 -8.65 -9.14
C ALA A 115 -0.62 -8.08 -7.93
N PHE A 116 -1.04 -6.91 -7.50
CA PHE A 116 -0.45 -6.26 -6.32
C PHE A 116 -1.52 -5.96 -5.30
N VAL A 117 -1.17 -6.16 -4.05
CA VAL A 117 -2.07 -5.86 -2.95
C VAL A 117 -1.30 -5.10 -1.86
N ARG A 118 -1.77 -3.91 -1.52
CA ARG A 118 -1.03 -3.03 -0.62
C ARG A 118 -1.49 -3.21 0.83
N PHE A 119 -0.58 -3.68 1.67
CA PHE A 119 -0.86 -3.87 3.09
C PHE A 119 -0.38 -2.70 3.92
N HIS A 120 -0.80 -2.67 5.18
CA HIS A 120 -0.37 -1.65 6.13
C HIS A 120 1.13 -1.75 6.40
N ASP A 121 1.55 -2.89 6.96
CA ASP A 121 2.93 -3.10 7.33
C ASP A 121 3.38 -4.50 6.92
N LYS A 122 4.67 -4.78 7.06
CA LYS A 122 5.21 -6.11 6.78
C LYS A 122 4.49 -7.15 7.62
N ARG A 123 4.09 -6.77 8.84
CA ARG A 123 3.37 -7.66 9.73
C ARG A 123 2.08 -8.19 9.08
N ASP A 124 1.44 -7.33 8.29
CA ASP A 124 0.21 -7.69 7.60
C ASP A 124 0.53 -8.54 6.37
N ALA A 125 1.64 -8.19 5.74
CA ALA A 125 2.03 -8.82 4.49
C ALA A 125 2.62 -10.20 4.72
N GLU A 126 3.26 -10.39 5.87
CA GLU A 126 3.87 -11.67 6.21
C GLU A 126 2.81 -12.75 6.34
N ASP A 127 1.78 -12.45 7.11
CA ASP A 127 0.66 -13.37 7.30
C ASP A 127 0.11 -13.78 5.95
N ALA A 128 0.06 -12.80 5.06
CA ALA A 128 -0.54 -12.98 3.77
C ALA A 128 0.40 -13.69 2.79
N MET A 129 1.62 -13.19 2.64
CA MET A 129 2.55 -13.72 1.64
C MET A 129 2.90 -15.18 1.93
N ASP A 130 2.89 -15.54 3.21
CA ASP A 130 3.16 -16.91 3.62
C ASP A 130 1.97 -17.79 3.30
N ALA A 131 0.79 -17.34 3.70
CA ALA A 131 -0.42 -18.12 3.55
C ALA A 131 -0.94 -18.15 2.11
N MET A 132 -1.02 -16.97 1.50
CA MET A 132 -1.62 -16.81 0.18
C MET A 132 -0.80 -17.46 -0.92
N ASP A 133 0.48 -17.68 -0.62
CA ASP A 133 1.29 -18.52 -1.51
C ASP A 133 0.82 -19.95 -1.35
N GLY A 134 -0.21 -20.30 -2.11
CA GLY A 134 -0.89 -21.56 -1.92
C GLY A 134 -2.40 -21.39 -1.85
N ALA A 135 -2.86 -20.18 -2.15
CA ALA A 135 -4.29 -19.87 -2.13
C ALA A 135 -4.91 -20.07 -3.49
N VAL A 136 -5.98 -20.83 -3.57
CA VAL A 136 -6.64 -21.07 -4.85
C VAL A 136 -7.84 -20.15 -5.00
N LEU A 137 -7.65 -19.04 -5.72
CA LEU A 137 -8.72 -18.06 -5.88
C LEU A 137 -9.72 -18.52 -6.94
N ASP A 138 -9.30 -19.46 -7.78
CA ASP A 138 -10.14 -19.97 -8.86
C ASP A 138 -9.75 -21.39 -9.21
N GLY A 139 -8.58 -21.55 -9.81
CA GLY A 139 -8.09 -22.87 -10.17
C GLY A 139 -6.58 -22.94 -10.09
N ARG A 140 -6.02 -22.12 -9.22
CA ARG A 140 -4.58 -22.04 -9.04
C ARG A 140 -4.25 -21.42 -7.69
N GLU A 141 -3.33 -22.03 -6.96
CA GLU A 141 -2.74 -21.38 -5.80
C GLU A 141 -1.88 -20.23 -6.26
N LEU A 142 -2.26 -19.02 -5.90
CA LEU A 142 -1.46 -17.85 -6.25
C LEU A 142 -0.07 -17.96 -5.65
N ARG A 143 0.93 -17.62 -6.44
CA ARG A 143 2.30 -17.59 -5.96
C ARG A 143 2.56 -16.18 -5.45
N VAL A 144 2.29 -15.97 -4.16
CA VAL A 144 2.30 -14.63 -3.60
C VAL A 144 3.58 -14.38 -2.81
N GLN A 145 4.20 -13.24 -3.09
CA GLN A 145 5.51 -12.92 -2.56
C GLN A 145 5.52 -11.52 -1.96
N MET A 146 6.65 -11.14 -1.38
CA MET A 146 6.83 -9.77 -0.89
C MET A 146 7.17 -8.84 -2.05
N ALA A 147 6.32 -7.87 -2.29
CA ALA A 147 6.53 -6.93 -3.40
C ALA A 147 7.25 -5.69 -2.92
N ARG A 148 6.89 -5.24 -1.72
CA ARG A 148 7.55 -4.10 -1.10
C ARG A 148 8.55 -4.58 -0.06
N TYR A 149 9.65 -3.89 0.08
CA TYR A 149 10.63 -4.22 1.10
C TYR A 149 10.06 -3.96 2.49
N GLY A 150 10.00 -5.01 3.30
CA GLY A 150 9.54 -4.86 4.66
C GLY A 150 10.56 -4.10 5.49
N ARG A 151 10.16 -3.66 6.69
CA ARG A 151 10.98 -2.81 7.53
C ARG A 151 10.91 -1.37 7.03
N PRO A 152 10.48 -0.44 7.91
CA PRO A 152 10.30 0.97 7.55
C PRO A 152 11.53 1.58 6.89
N PRO A 153 11.37 2.13 5.68
CA PRO A 153 12.44 2.82 4.97
C PRO A 153 12.83 4.13 5.67
N ASP A 154 13.53 4.00 6.78
CA ASP A 154 13.95 5.14 7.57
C ASP A 154 15.32 4.85 8.18
N SER A 155 16.17 5.87 8.25
CA SER A 155 17.55 5.69 8.66
C SER A 155 17.69 5.49 10.17
N HIS A 156 16.65 5.82 10.93
CA HIS A 156 16.69 5.63 12.39
C HIS A 156 15.41 4.99 12.89
N HIS A 157 14.67 4.37 11.96
CA HIS A 157 13.49 3.57 12.29
C HIS A 157 13.56 2.26 11.54
N SER A 158 13.86 1.18 12.26
CA SER A 158 13.94 -0.13 11.65
C SER A 158 13.21 -1.15 12.52
N MET A 1 7.53 40.47 -41.06
CA MET A 1 6.12 40.49 -40.63
C MET A 1 6.04 40.45 -39.10
N GLN A 2 4.95 40.93 -38.55
CA GLN A 2 4.78 40.96 -37.11
C GLN A 2 4.24 39.63 -36.59
N TYR A 3 5.11 38.84 -35.99
CA TYR A 3 4.72 37.57 -35.38
C TYR A 3 4.52 37.78 -33.88
N LYS A 4 3.46 37.20 -33.33
CA LYS A 4 3.20 37.32 -31.91
C LYS A 4 3.39 35.97 -31.19
N LEU A 5 3.92 36.04 -29.98
CA LEU A 5 4.07 34.89 -29.14
C LEU A 5 3.12 34.96 -27.95
N ILE A 6 2.27 33.96 -27.85
CA ILE A 6 1.39 33.82 -26.70
C ILE A 6 2.04 32.87 -25.70
N LEU A 7 2.67 33.44 -24.68
CA LEU A 7 3.26 32.63 -23.65
C LEU A 7 2.18 32.19 -22.69
N ASN A 8 1.73 30.97 -22.87
CA ASN A 8 0.70 30.39 -22.02
C ASN A 8 1.37 29.57 -20.92
N GLY A 9 2.55 30.05 -20.53
CA GLY A 9 3.35 29.34 -19.57
C GLY A 9 2.79 29.45 -18.16
N LYS A 10 3.23 28.56 -17.29
CA LYS A 10 2.79 28.59 -15.90
C LYS A 10 3.68 29.52 -15.09
N THR A 11 4.90 29.70 -15.56
CA THR A 11 5.85 30.59 -14.92
C THR A 11 5.77 32.01 -15.52
N LEU A 12 5.11 32.13 -16.67
CA LEU A 12 5.02 33.41 -17.35
C LEU A 12 3.92 33.38 -18.41
N LYS A 13 2.96 34.29 -18.29
CA LYS A 13 1.97 34.47 -19.33
C LYS A 13 2.12 35.86 -19.94
N GLY A 14 2.49 35.91 -21.21
CA GLY A 14 2.71 37.18 -21.87
C GLY A 14 2.37 37.12 -23.33
N GLU A 15 2.10 38.27 -23.91
CA GLU A 15 1.79 38.38 -25.33
C GLU A 15 2.69 39.43 -25.96
N THR A 16 3.69 39.00 -26.72
CA THR A 16 4.64 39.92 -27.33
C THR A 16 4.85 39.58 -28.81
N THR A 17 5.41 40.52 -29.56
CA THR A 17 5.63 40.32 -30.99
C THR A 17 7.09 40.52 -31.35
N THR A 18 7.45 40.16 -32.58
CA THR A 18 8.79 40.40 -33.09
C THR A 18 8.74 40.62 -34.60
N GLU A 19 9.70 41.38 -35.12
CA GLU A 19 9.80 41.63 -36.54
C GLU A 19 10.54 40.48 -37.21
N ALA A 20 9.79 39.55 -37.78
CA ALA A 20 10.37 38.35 -38.36
C ALA A 20 9.82 38.09 -39.75
N VAL A 21 10.70 37.72 -40.67
CA VAL A 21 10.28 37.38 -42.02
C VAL A 21 9.81 35.92 -42.12
N ASP A 22 10.52 35.03 -41.44
CA ASP A 22 10.16 33.62 -41.46
C ASP A 22 9.54 33.21 -40.15
N ALA A 23 8.76 32.14 -40.17
CA ALA A 23 8.18 31.60 -38.96
C ALA A 23 9.28 31.02 -38.08
N ALA A 24 10.25 30.38 -38.72
CA ALA A 24 11.41 29.85 -38.03
C ALA A 24 12.22 30.97 -37.38
N THR A 25 12.32 32.09 -38.09
CA THR A 25 13.01 33.27 -37.56
C THR A 25 12.27 33.82 -36.35
N ALA A 26 10.94 33.84 -36.44
CA ALA A 26 10.11 34.32 -35.35
C ALA A 26 10.18 33.40 -34.15
N GLU A 27 10.00 32.10 -34.38
CA GLU A 27 9.97 31.14 -33.29
C GLU A 27 11.33 31.08 -32.60
N LYS A 28 12.38 31.42 -33.33
CA LYS A 28 13.71 31.50 -32.77
C LYS A 28 13.76 32.53 -31.65
N VAL A 29 13.27 33.72 -31.96
CA VAL A 29 13.21 34.80 -30.99
C VAL A 29 12.26 34.46 -29.85
N PHE A 30 11.15 33.84 -30.21
CA PHE A 30 10.17 33.41 -29.23
C PHE A 30 10.78 32.33 -28.32
N LYS A 31 11.67 31.54 -28.89
CA LYS A 31 12.35 30.50 -28.13
C LYS A 31 13.36 31.12 -27.18
N GLN A 32 13.98 32.22 -27.60
CA GLN A 32 14.91 32.93 -26.73
C GLN A 32 14.14 33.52 -25.56
N TYR A 33 13.02 34.19 -25.86
CA TYR A 33 12.18 34.80 -24.85
C TYR A 33 11.64 33.76 -23.88
N ALA A 34 11.12 32.67 -24.42
CA ALA A 34 10.54 31.60 -23.61
C ALA A 34 11.59 30.92 -22.74
N ASN A 35 12.71 30.54 -23.36
CA ASN A 35 13.78 29.82 -22.67
C ASN A 35 14.43 30.70 -21.61
N ASP A 36 14.45 32.02 -21.85
CA ASP A 36 15.06 32.95 -20.93
C ASP A 36 14.23 33.08 -19.67
N ASN A 37 12.92 33.09 -19.83
CA ASN A 37 12.01 33.20 -18.71
C ASN A 37 11.72 31.83 -18.09
N GLY A 38 12.11 30.78 -18.79
CA GLY A 38 12.08 29.45 -18.22
C GLY A 38 10.79 28.70 -18.49
N VAL A 39 10.10 29.07 -19.56
CA VAL A 39 8.89 28.36 -19.94
C VAL A 39 9.10 27.56 -21.23
N ASP A 40 8.60 26.34 -21.23
CA ASP A 40 8.59 25.51 -22.42
C ASP A 40 7.27 24.75 -22.46
N GLY A 41 6.71 24.60 -23.64
CA GLY A 41 5.41 23.98 -23.72
C GLY A 41 5.08 23.52 -25.11
N GLU A 42 3.80 23.26 -25.33
CA GLU A 42 3.32 22.82 -26.63
C GLU A 42 3.40 23.96 -27.63
N TRP A 43 4.45 23.95 -28.44
CA TRP A 43 4.64 24.99 -29.45
C TRP A 43 3.60 24.87 -30.54
N THR A 44 2.59 25.71 -30.45
CA THR A 44 1.51 25.69 -31.41
C THR A 44 1.44 27.01 -32.17
N TYR A 45 1.75 26.99 -33.45
CA TYR A 45 1.76 28.19 -34.27
C TYR A 45 0.48 28.30 -35.10
N ASP A 46 -0.17 29.44 -35.01
CA ASP A 46 -1.35 29.74 -35.80
C ASP A 46 -0.94 30.56 -37.02
N ASP A 47 -1.12 29.99 -38.20
CA ASP A 47 -0.66 30.62 -39.43
C ASP A 47 -1.59 31.74 -39.87
N ALA A 48 -2.79 31.78 -39.29
CA ALA A 48 -3.77 32.79 -39.62
C ALA A 48 -3.40 34.13 -39.01
N THR A 49 -3.27 34.15 -37.69
CA THR A 49 -2.97 35.39 -36.97
C THR A 49 -1.46 35.56 -36.76
N LYS A 50 -0.69 34.59 -37.25
CA LYS A 50 0.77 34.60 -37.13
C LYS A 50 1.19 34.59 -35.66
N THR A 51 0.54 33.73 -34.89
CA THR A 51 0.78 33.69 -33.46
C THR A 51 1.30 32.33 -33.01
N PHE A 52 2.42 32.34 -32.31
CA PHE A 52 2.95 31.15 -31.68
C PHE A 52 2.39 31.05 -30.26
N THR A 53 2.14 29.85 -29.79
CA THR A 53 1.62 29.66 -28.45
C THR A 53 2.34 28.51 -27.77
N VAL A 54 2.93 28.79 -26.62
CA VAL A 54 3.53 27.74 -25.81
C VAL A 54 2.58 27.36 -24.69
N THR A 55 1.94 26.22 -24.84
CA THR A 55 1.04 25.73 -23.82
C THR A 55 1.82 24.89 -22.81
N GLU A 56 2.14 25.48 -21.67
CA GLU A 56 2.91 24.79 -20.64
C GLU A 56 1.98 24.18 -19.61
N GLY A 57 2.36 23.02 -19.07
CA GLY A 57 1.55 22.35 -18.09
C GLY A 57 0.66 21.29 -18.69
N SER A 58 1.23 20.47 -19.55
CA SER A 58 0.48 19.42 -20.22
C SER A 58 0.82 18.04 -19.65
N HIS A 59 1.46 18.02 -18.48
CA HIS A 59 1.85 16.76 -17.85
C HIS A 59 1.05 16.51 -16.58
N HIS A 60 1.27 17.37 -15.58
CA HIS A 60 0.63 17.23 -14.27
C HIS A 60 1.04 15.91 -13.61
N HIS A 61 0.30 15.51 -12.58
CA HIS A 61 0.52 14.23 -11.93
C HIS A 61 -0.76 13.41 -11.94
N HIS A 62 -0.64 12.12 -12.20
CA HIS A 62 -1.81 11.25 -12.32
C HIS A 62 -1.47 9.79 -12.04
N HIS A 63 -2.13 9.25 -11.02
CA HIS A 63 -2.06 7.82 -10.69
C HIS A 63 -0.70 7.40 -10.14
N HIS A 64 0.02 8.34 -9.55
CA HIS A 64 1.26 8.00 -8.88
C HIS A 64 0.98 7.59 -7.45
N MET A 65 0.85 6.29 -7.24
CA MET A 65 0.55 5.75 -5.92
C MET A 65 1.81 5.73 -5.06
N ASP A 66 1.87 6.66 -4.11
CA ASP A 66 3.04 6.80 -3.24
C ASP A 66 2.79 6.13 -1.89
N VAL A 67 3.77 5.39 -1.41
CA VAL A 67 3.64 4.66 -0.16
C VAL A 67 4.72 5.06 0.83
N GLU A 68 4.42 4.90 2.12
CA GLU A 68 5.40 5.16 3.17
C GLU A 68 6.05 3.84 3.59
N GLY A 69 5.26 2.99 4.23
CA GLY A 69 5.75 1.69 4.64
C GLY A 69 4.83 0.58 4.19
N MET A 70 4.01 0.89 3.19
CA MET A 70 3.05 -0.06 2.66
C MET A 70 3.76 -1.18 1.92
N THR A 71 3.89 -2.32 2.58
CA THR A 71 4.49 -3.49 1.98
C THR A 71 3.56 -4.09 0.93
N SER A 72 4.09 -4.30 -0.26
CA SER A 72 3.30 -4.80 -1.36
C SER A 72 3.61 -6.26 -1.63
N LEU A 73 2.61 -6.99 -2.05
CA LEU A 73 2.76 -8.40 -2.37
C LEU A 73 2.56 -8.62 -3.85
N LYS A 74 3.28 -9.57 -4.40
CA LYS A 74 3.11 -9.94 -5.79
C LYS A 74 2.53 -11.33 -5.91
N VAL A 75 1.34 -11.41 -6.48
CA VAL A 75 0.75 -12.71 -6.76
C VAL A 75 0.89 -13.00 -8.25
N ASP A 76 1.40 -14.17 -8.58
CA ASP A 76 1.69 -14.52 -9.96
C ASP A 76 1.09 -15.88 -10.29
N ASN A 77 1.13 -16.22 -11.59
CA ASN A 77 0.47 -17.41 -12.11
C ASN A 77 -1.04 -17.23 -11.93
N LEU A 78 -1.42 -15.96 -11.86
CA LEU A 78 -2.77 -15.55 -11.54
C LEU A 78 -3.74 -15.92 -12.64
N THR A 79 -4.94 -16.34 -12.25
CA THR A 79 -5.98 -16.69 -13.20
C THR A 79 -6.45 -15.44 -13.94
N TYR A 80 -6.75 -15.58 -15.22
CA TYR A 80 -7.01 -14.43 -16.08
C TYR A 80 -8.41 -13.85 -15.88
N ARG A 81 -9.07 -14.23 -14.79
CA ARG A 81 -10.40 -13.71 -14.51
C ARG A 81 -10.47 -13.16 -13.08
N THR A 82 -9.31 -13.00 -12.46
CA THR A 82 -9.25 -12.49 -11.09
C THR A 82 -9.63 -11.01 -11.04
N SER A 83 -10.54 -10.67 -10.15
CA SER A 83 -10.98 -9.29 -9.96
C SER A 83 -10.30 -8.69 -8.73
N PRO A 84 -10.12 -7.36 -8.71
CA PRO A 84 -9.50 -6.64 -7.58
C PRO A 84 -10.14 -6.97 -6.24
N ASP A 85 -11.47 -6.97 -6.20
CA ASP A 85 -12.20 -7.28 -4.97
C ASP A 85 -11.93 -8.70 -4.55
N THR A 86 -11.77 -9.58 -5.54
CA THR A 86 -11.48 -10.99 -5.32
C THR A 86 -10.27 -11.19 -4.39
N LEU A 87 -9.14 -10.59 -4.73
CA LEU A 87 -7.93 -10.77 -3.95
C LEU A 87 -7.99 -9.98 -2.65
N ARG A 88 -8.44 -8.73 -2.72
CA ARG A 88 -8.52 -7.88 -1.54
C ARG A 88 -9.33 -8.58 -0.46
N ARG A 89 -10.43 -9.18 -0.87
CA ARG A 89 -11.31 -9.97 0.00
C ARG A 89 -10.51 -11.01 0.80
N VAL A 90 -9.63 -11.74 0.11
CA VAL A 90 -8.88 -12.80 0.75
C VAL A 90 -7.77 -12.23 1.64
N PHE A 91 -6.98 -11.32 1.08
CA PHE A 91 -5.84 -10.76 1.79
C PHE A 91 -6.26 -9.97 3.03
N GLU A 92 -7.42 -9.32 2.97
CA GLU A 92 -7.93 -8.52 4.10
C GLU A 92 -8.31 -9.40 5.28
N LYS A 93 -8.29 -10.72 5.07
CA LYS A 93 -8.54 -11.66 6.16
C LYS A 93 -7.32 -11.75 7.05
N TYR A 94 -6.16 -11.82 6.42
CA TYR A 94 -4.90 -12.04 7.12
C TYR A 94 -4.36 -10.74 7.68
N GLY A 95 -4.53 -9.66 6.94
CA GLY A 95 -4.07 -8.37 7.39
C GLY A 95 -4.92 -7.25 6.88
N ARG A 96 -4.64 -6.03 7.31
CA ARG A 96 -5.38 -4.88 6.85
C ARG A 96 -4.83 -4.35 5.54
N VAL A 97 -5.50 -4.69 4.45
CA VAL A 97 -5.11 -4.23 3.12
C VAL A 97 -5.93 -3.01 2.73
N GLY A 98 -5.25 -2.00 2.20
CA GLY A 98 -5.93 -0.79 1.78
C GLY A 98 -6.18 -0.74 0.29
N ASP A 99 -5.24 -1.26 -0.47
CA ASP A 99 -5.33 -1.27 -1.93
C ASP A 99 -4.68 -2.54 -2.46
N VAL A 100 -5.06 -2.98 -3.65
CA VAL A 100 -4.42 -4.13 -4.26
C VAL A 100 -3.83 -3.79 -5.62
N TYR A 101 -4.68 -3.28 -6.51
CA TYR A 101 -4.30 -2.99 -7.89
C TYR A 101 -4.03 -4.28 -8.66
N ILE A 102 -5.09 -4.81 -9.27
CA ILE A 102 -4.95 -5.98 -10.13
C ILE A 102 -5.01 -5.55 -11.59
N PRO A 103 -3.85 -5.43 -12.24
CA PRO A 103 -3.75 -5.01 -13.62
C PRO A 103 -3.79 -6.18 -14.60
N ARG A 104 -4.58 -6.04 -15.65
CA ARG A 104 -4.64 -7.04 -16.69
C ARG A 104 -3.91 -6.54 -17.92
N ASP A 105 -2.69 -7.00 -18.13
CA ASP A 105 -1.93 -6.59 -19.29
C ASP A 105 -2.43 -7.32 -20.53
N ARG A 106 -3.28 -6.65 -21.29
CA ARG A 106 -3.77 -7.21 -22.54
C ARG A 106 -3.61 -6.20 -23.65
N TYR A 107 -3.10 -6.69 -24.78
CA TYR A 107 -3.03 -5.94 -26.05
C TYR A 107 -1.94 -6.56 -26.90
N THR A 108 -0.77 -6.69 -26.29
CA THR A 108 0.39 -7.26 -26.93
C THR A 108 1.14 -8.17 -25.97
N LYS A 109 1.50 -9.36 -26.43
CA LYS A 109 2.27 -10.32 -25.63
C LYS A 109 1.39 -10.95 -24.55
N GLU A 110 0.96 -10.14 -23.57
CA GLU A 110 0.14 -10.61 -22.45
C GLU A 110 0.89 -11.64 -21.58
N SER A 111 0.96 -12.88 -22.07
CA SER A 111 1.64 -13.98 -21.39
C SER A 111 0.91 -14.42 -20.13
N ARG A 112 1.02 -13.63 -19.07
CA ARG A 112 0.49 -14.03 -17.77
C ARG A 112 -0.27 -12.89 -17.11
N GLY A 113 -1.12 -13.25 -16.17
CA GLY A 113 -1.79 -12.27 -15.36
C GLY A 113 -1.12 -12.16 -14.00
N PHE A 114 -1.04 -10.95 -13.48
CA PHE A 114 -0.37 -10.71 -12.21
C PHE A 114 -1.14 -9.67 -11.42
N ALA A 115 -0.98 -9.68 -10.10
CA ALA A 115 -1.67 -8.73 -9.25
C ALA A 115 -0.82 -8.33 -8.08
N PHE A 116 -1.09 -7.14 -7.55
CA PHE A 116 -0.41 -6.65 -6.37
C PHE A 116 -1.38 -6.57 -5.21
N VAL A 117 -0.84 -6.45 -4.01
CA VAL A 117 -1.65 -6.19 -2.84
C VAL A 117 -0.85 -5.28 -1.90
N ARG A 118 -1.50 -4.26 -1.35
CA ARG A 118 -0.81 -3.27 -0.53
C ARG A 118 -1.37 -3.26 0.89
N PHE A 119 -0.55 -3.67 1.85
CA PHE A 119 -0.93 -3.63 3.26
C PHE A 119 -0.33 -2.40 3.92
N HIS A 120 -0.79 -2.10 5.13
CA HIS A 120 -0.29 -0.95 5.88
C HIS A 120 1.16 -1.16 6.27
N ASP A 121 1.47 -2.36 6.75
CA ASP A 121 2.82 -2.67 7.20
C ASP A 121 3.13 -4.14 6.96
N LYS A 122 4.40 -4.50 7.15
CA LYS A 122 4.88 -5.85 6.90
C LYS A 122 4.12 -6.87 7.76
N ARG A 123 3.65 -6.42 8.91
CA ARG A 123 2.85 -7.26 9.82
C ARG A 123 1.71 -7.94 9.09
N ASP A 124 0.97 -7.18 8.28
CA ASP A 124 -0.19 -7.71 7.59
C ASP A 124 0.24 -8.49 6.35
N ALA A 125 1.39 -8.14 5.81
CA ALA A 125 1.87 -8.71 4.56
C ALA A 125 2.50 -10.08 4.80
N GLU A 126 3.16 -10.22 5.93
CA GLU A 126 3.83 -11.46 6.28
C GLU A 126 2.84 -12.60 6.42
N ASP A 127 1.77 -12.34 7.17
CA ASP A 127 0.73 -13.34 7.36
C ASP A 127 0.13 -13.71 6.01
N ALA A 128 -0.01 -12.71 5.15
CA ALA A 128 -0.64 -12.90 3.84
C ALA A 128 0.27 -13.67 2.90
N MET A 129 1.51 -13.21 2.74
CA MET A 129 2.44 -13.83 1.79
C MET A 129 2.79 -15.25 2.21
N ASP A 130 2.82 -15.48 3.51
CA ASP A 130 3.08 -16.83 4.03
C ASP A 130 1.88 -17.73 3.75
N ALA A 131 0.70 -17.19 3.96
CA ALA A 131 -0.53 -17.96 3.87
C ALA A 131 -0.90 -18.28 2.43
N MET A 132 -0.97 -17.25 1.60
CA MET A 132 -1.57 -17.35 0.28
C MET A 132 -0.58 -17.75 -0.80
N ASP A 133 0.67 -17.94 -0.43
CA ASP A 133 1.61 -18.53 -1.36
C ASP A 133 1.31 -20.03 -1.42
N GLY A 134 0.42 -20.38 -2.32
CA GLY A 134 -0.16 -21.70 -2.34
C GLY A 134 -1.62 -21.66 -1.95
N ALA A 135 -2.32 -20.62 -2.41
CA ALA A 135 -3.73 -20.43 -2.13
C ALA A 135 -4.53 -20.27 -3.41
N VAL A 136 -5.41 -21.20 -3.70
CA VAL A 136 -6.17 -21.13 -4.94
C VAL A 136 -7.39 -20.21 -4.80
N LEU A 137 -7.47 -19.23 -5.70
CA LEU A 137 -8.59 -18.29 -5.69
C LEU A 137 -9.65 -18.71 -6.71
N ASP A 138 -9.27 -19.63 -7.59
CA ASP A 138 -10.15 -20.08 -8.66
C ASP A 138 -9.67 -21.43 -9.20
N GLY A 139 -8.61 -21.38 -9.99
CA GLY A 139 -8.03 -22.60 -10.53
C GLY A 139 -6.53 -22.63 -10.36
N ARG A 140 -6.02 -21.73 -9.53
CA ARG A 140 -4.60 -21.66 -9.27
C ARG A 140 -4.35 -21.25 -7.83
N GLU A 141 -3.53 -22.03 -7.13
CA GLU A 141 -3.00 -21.60 -5.86
C GLU A 141 -1.99 -20.48 -6.11
N LEU A 142 -2.39 -19.25 -5.83
CA LEU A 142 -1.57 -18.08 -6.15
C LEU A 142 -0.17 -18.21 -5.56
N ARG A 143 0.80 -17.70 -6.30
CA ARG A 143 2.14 -17.56 -5.79
C ARG A 143 2.32 -16.15 -5.28
N VAL A 144 2.21 -15.99 -3.98
CA VAL A 144 2.26 -14.69 -3.38
C VAL A 144 3.61 -14.47 -2.74
N GLN A 145 4.39 -13.60 -3.35
CA GLN A 145 5.75 -13.33 -2.90
C GLN A 145 5.85 -11.91 -2.38
N MET A 146 6.71 -11.72 -1.40
CA MET A 146 6.98 -10.40 -0.87
C MET A 146 7.62 -9.56 -1.97
N ALA A 147 6.94 -8.49 -2.37
CA ALA A 147 7.38 -7.69 -3.50
C ALA A 147 8.48 -6.71 -3.10
N ARG A 148 9.53 -7.23 -2.47
CA ARG A 148 10.69 -6.45 -2.07
C ARG A 148 10.28 -5.31 -1.15
N TYR A 149 11.08 -4.26 -1.12
CA TYR A 149 10.78 -3.12 -0.28
C TYR A 149 10.34 -1.92 -1.13
N GLY A 150 9.09 -1.52 -0.93
CA GLY A 150 8.58 -0.32 -1.59
C GLY A 150 8.91 0.91 -0.76
N ARG A 151 10.19 1.12 -0.56
CA ARG A 151 10.68 2.20 0.29
C ARG A 151 12.16 2.43 0.00
N PRO A 152 12.69 3.61 0.34
CA PRO A 152 14.13 3.86 0.31
C PRO A 152 14.84 2.99 1.36
N PRO A 153 16.15 2.74 1.17
CA PRO A 153 16.94 1.94 2.12
C PRO A 153 16.72 2.39 3.57
N ASP A 154 16.05 1.55 4.35
CA ASP A 154 15.71 1.86 5.73
C ASP A 154 16.94 1.88 6.61
N SER A 155 17.32 0.70 7.07
CA SER A 155 18.55 0.50 7.82
C SER A 155 18.54 1.22 9.17
N HIS A 156 17.36 1.62 9.66
CA HIS A 156 17.29 2.30 10.94
C HIS A 156 16.51 1.48 11.97
N HIS A 157 15.64 0.58 11.52
CA HIS A 157 14.95 -0.30 12.45
C HIS A 157 15.30 -1.76 12.15
N SER A 158 16.44 -1.95 11.50
CA SER A 158 16.93 -3.27 11.17
C SER A 158 17.91 -3.74 12.25
N MET A 1 -10.21 57.91 32.60
CA MET A 1 -10.50 57.47 31.22
C MET A 1 -10.82 55.99 31.19
N GLN A 2 -11.94 55.63 30.59
CA GLN A 2 -12.35 54.23 30.56
C GLN A 2 -11.55 53.45 29.53
N TYR A 3 -10.70 52.56 30.02
CA TYR A 3 -9.95 51.65 29.15
C TYR A 3 -10.67 50.32 29.07
N LYS A 4 -10.73 49.74 27.88
CA LYS A 4 -11.35 48.44 27.69
C LYS A 4 -10.31 47.36 27.43
N LEU A 5 -10.55 46.19 28.00
CA LEU A 5 -9.72 45.02 27.77
C LEU A 5 -10.47 44.02 26.90
N ILE A 6 -9.87 43.65 25.78
CA ILE A 6 -10.41 42.61 24.93
C ILE A 6 -9.68 41.31 25.18
N LEU A 7 -10.33 40.38 25.86
CA LEU A 7 -9.71 39.11 26.16
C LEU A 7 -9.94 38.14 25.02
N ASN A 8 -8.86 37.68 24.43
CA ASN A 8 -8.90 36.73 23.34
C ASN A 8 -8.23 35.45 23.79
N GLY A 9 -8.63 34.99 24.97
CA GLY A 9 -7.98 33.85 25.57
C GLY A 9 -8.43 32.54 24.95
N LYS A 10 -7.90 31.43 25.44
CA LYS A 10 -8.32 30.12 24.97
C LYS A 10 -9.74 29.84 25.42
N THR A 11 -10.01 30.10 26.69
CA THR A 11 -11.33 29.85 27.25
C THR A 11 -12.08 31.16 27.46
N LEU A 12 -11.40 32.16 28.02
CA LEU A 12 -12.04 33.41 28.38
C LEU A 12 -11.87 34.44 27.26
N LYS A 13 -12.95 34.70 26.54
CA LYS A 13 -12.96 35.74 25.52
C LYS A 13 -14.14 36.67 25.75
N GLY A 14 -13.87 37.80 26.39
CA GLY A 14 -14.93 38.74 26.69
C GLY A 14 -14.42 40.17 26.72
N GLU A 15 -15.31 41.09 27.06
CA GLU A 15 -14.95 42.49 27.21
C GLU A 15 -14.99 42.89 28.68
N THR A 16 -14.21 43.89 29.02
CA THR A 16 -14.28 44.49 30.33
C THR A 16 -13.58 45.85 30.32
N THR A 17 -13.91 46.72 31.25
CA THR A 17 -13.35 48.06 31.26
C THR A 17 -13.02 48.52 32.68
N THR A 18 -12.14 49.49 32.75
CA THR A 18 -11.89 50.19 33.99
C THR A 18 -11.56 51.63 33.68
N GLU A 19 -12.24 52.54 34.36
CA GLU A 19 -11.97 53.95 34.20
C GLU A 19 -10.70 54.31 34.96
N ALA A 20 -9.61 54.32 34.23
CA ALA A 20 -8.30 54.51 34.81
C ALA A 20 -7.76 55.89 34.47
N VAL A 21 -7.01 56.47 35.39
CA VAL A 21 -6.38 57.76 35.16
C VAL A 21 -5.16 57.63 34.24
N ASP A 22 -4.48 56.49 34.31
CA ASP A 22 -3.30 56.27 33.50
C ASP A 22 -3.39 54.95 32.76
N ALA A 23 -2.61 54.83 31.69
CA ALA A 23 -2.53 53.58 30.94
C ALA A 23 -1.99 52.47 31.82
N ALA A 24 -0.98 52.80 32.63
CA ALA A 24 -0.42 51.86 33.58
C ALA A 24 -1.47 51.41 34.58
N THR A 25 -2.30 52.35 35.02
CA THR A 25 -3.38 52.05 35.94
C THR A 25 -4.32 51.02 35.34
N ALA A 26 -4.64 51.21 34.07
CA ALA A 26 -5.56 50.33 33.37
C ALA A 26 -4.98 48.94 33.15
N GLU A 27 -3.74 48.90 32.65
CA GLU A 27 -3.12 47.62 32.32
C GLU A 27 -3.01 46.73 33.54
N LYS A 28 -2.76 47.32 34.71
CA LYS A 28 -2.64 46.57 35.95
C LYS A 28 -3.94 45.86 36.29
N VAL A 29 -5.05 46.52 36.04
CA VAL A 29 -6.36 45.96 36.32
C VAL A 29 -6.69 44.88 35.30
N PHE A 30 -6.31 45.12 34.06
CA PHE A 30 -6.54 44.17 33.00
C PHE A 30 -5.69 42.93 33.23
N LYS A 31 -4.53 43.11 33.85
CA LYS A 31 -3.66 41.99 34.17
C LYS A 31 -4.24 41.19 35.32
N GLN A 32 -4.91 41.89 36.24
CA GLN A 32 -5.63 41.23 37.32
C GLN A 32 -6.72 40.34 36.74
N TYR A 33 -7.48 40.89 35.80
CA TYR A 33 -8.56 40.18 35.14
C TYR A 33 -8.01 38.98 34.37
N ALA A 34 -6.95 39.22 33.61
CA ALA A 34 -6.32 38.19 32.80
C ALA A 34 -5.80 37.05 33.66
N ASN A 35 -5.06 37.39 34.71
CA ASN A 35 -4.48 36.38 35.61
C ASN A 35 -5.56 35.60 36.33
N ASP A 36 -6.65 36.28 36.67
CA ASP A 36 -7.73 35.64 37.42
C ASP A 36 -8.57 34.74 36.53
N ASN A 37 -8.69 35.09 35.27
CA ASN A 37 -9.49 34.30 34.33
C ASN A 37 -8.64 33.21 33.67
N GLY A 38 -7.33 33.31 33.84
CA GLY A 38 -6.44 32.26 33.37
C GLY A 38 -6.00 32.43 31.94
N VAL A 39 -5.87 33.68 31.51
CA VAL A 39 -5.37 33.97 30.18
C VAL A 39 -4.10 34.81 30.25
N ASP A 40 -3.07 34.35 29.55
CA ASP A 40 -1.83 35.11 29.43
C ASP A 40 -1.47 35.21 27.96
N GLY A 41 -2.05 36.20 27.30
CA GLY A 41 -1.85 36.33 25.87
C GLY A 41 -0.94 37.49 25.53
N GLU A 42 -0.72 37.69 24.25
CA GLU A 42 0.12 38.77 23.77
C GLU A 42 -0.58 40.11 23.96
N TRP A 43 -0.03 40.94 24.85
CA TRP A 43 -0.62 42.24 25.14
C TRP A 43 -0.41 43.20 23.98
N THR A 44 -1.52 43.64 23.42
CA THR A 44 -1.50 44.66 22.39
C THR A 44 -2.46 45.79 22.75
N TYR A 45 -1.91 46.97 23.01
CA TYR A 45 -2.71 48.13 23.37
C TYR A 45 -2.92 49.02 22.14
N ASP A 46 -4.16 49.30 21.85
CA ASP A 46 -4.53 50.20 20.77
C ASP A 46 -4.90 51.55 21.36
N ASP A 47 -4.11 52.57 21.04
CA ASP A 47 -4.22 53.87 21.69
C ASP A 47 -5.48 54.62 21.27
N ALA A 48 -5.85 54.50 20.00
CA ALA A 48 -6.98 55.26 19.47
C ALA A 48 -8.28 54.91 20.18
N THR A 49 -8.41 53.65 20.55
CA THR A 49 -9.61 53.18 21.24
C THR A 49 -9.37 52.98 22.73
N LYS A 50 -8.11 53.15 23.15
CA LYS A 50 -7.72 52.95 24.55
C LYS A 50 -8.05 51.52 24.99
N THR A 51 -7.82 50.57 24.10
CA THR A 51 -8.17 49.19 24.34
C THR A 51 -6.93 48.30 24.43
N PHE A 52 -6.92 47.42 25.41
CA PHE A 52 -5.87 46.41 25.54
C PHE A 52 -6.39 45.07 25.06
N THR A 53 -5.67 44.42 24.16
CA THR A 53 -6.06 43.10 23.70
C THR A 53 -5.01 42.06 24.08
N VAL A 54 -5.43 41.02 24.77
CA VAL A 54 -4.56 39.90 25.05
C VAL A 54 -4.82 38.78 24.06
N THR A 55 -3.93 38.64 23.10
CA THR A 55 -4.09 37.64 22.07
C THR A 55 -3.52 36.29 22.52
N GLU A 56 -4.40 35.43 23.02
CA GLU A 56 -4.04 34.07 23.35
C GLU A 56 -4.22 33.19 22.11
N GLY A 57 -5.06 33.67 21.21
CA GLY A 57 -5.16 33.06 19.90
C GLY A 57 -6.36 32.14 19.77
N SER A 58 -7.18 32.42 18.77
CA SER A 58 -8.23 31.50 18.35
C SER A 58 -7.76 30.77 17.10
N HIS A 59 -6.63 31.24 16.57
CA HIS A 59 -5.98 30.60 15.43
C HIS A 59 -5.13 29.44 15.91
N HIS A 60 -5.52 28.24 15.55
CA HIS A 60 -4.78 27.05 15.93
C HIS A 60 -5.01 25.94 14.90
N HIS A 61 -3.92 25.35 14.43
CA HIS A 61 -4.02 24.30 13.44
C HIS A 61 -3.12 23.12 13.82
N HIS A 62 -3.71 21.94 13.86
CA HIS A 62 -2.98 20.73 14.23
C HIS A 62 -3.66 19.52 13.61
N HIS A 63 -3.17 19.11 12.46
CA HIS A 63 -3.76 17.98 11.74
C HIS A 63 -2.66 17.07 11.21
N HIS A 64 -2.56 15.86 11.78
CA HIS A 64 -1.51 14.93 11.42
C HIS A 64 -2.07 13.55 11.08
N MET A 65 -1.95 13.20 9.81
CA MET A 65 -2.32 11.86 9.35
C MET A 65 -1.08 11.11 8.90
N ASP A 66 -0.04 11.88 8.57
CA ASP A 66 1.25 11.36 8.16
C ASP A 66 1.14 10.71 6.78
N VAL A 67 2.25 10.20 6.28
CA VAL A 67 2.28 9.53 4.99
C VAL A 67 2.68 8.07 5.17
N GLU A 68 1.70 7.23 5.40
CA GLU A 68 1.95 5.83 5.73
C GLU A 68 2.25 5.02 4.47
N GLY A 69 3.36 4.31 4.50
CA GLY A 69 3.74 3.47 3.39
C GLY A 69 3.19 2.07 3.56
N MET A 70 2.82 1.45 2.45
CA MET A 70 2.21 0.13 2.49
C MET A 70 3.20 -0.95 2.03
N THR A 71 3.04 -2.15 2.57
CA THR A 71 3.88 -3.26 2.20
C THR A 71 3.23 -4.04 1.06
N SER A 72 3.91 -4.11 -0.07
CA SER A 72 3.33 -4.67 -1.28
C SER A 72 3.68 -6.14 -1.47
N LEU A 73 2.66 -6.92 -1.79
CA LEU A 73 2.84 -8.30 -2.23
C LEU A 73 2.58 -8.37 -3.73
N LYS A 74 3.19 -9.32 -4.39
CA LYS A 74 2.93 -9.54 -5.80
C LYS A 74 2.51 -10.98 -6.02
N VAL A 75 1.26 -11.18 -6.38
CA VAL A 75 0.74 -12.51 -6.61
C VAL A 75 1.01 -12.91 -8.05
N ASP A 76 1.40 -14.15 -8.26
CA ASP A 76 1.72 -14.65 -9.60
C ASP A 76 0.98 -15.96 -9.84
N ASN A 77 1.06 -16.48 -11.07
CA ASN A 77 0.27 -17.66 -11.46
C ASN A 77 -1.21 -17.37 -11.28
N LEU A 78 -1.54 -16.10 -11.35
CA LEU A 78 -2.87 -15.62 -11.06
C LEU A 78 -3.78 -15.79 -12.26
N THR A 79 -5.06 -16.01 -11.98
CA THR A 79 -6.06 -16.21 -13.01
C THR A 79 -6.39 -14.91 -13.73
N TYR A 80 -6.88 -15.02 -14.95
CA TYR A 80 -7.19 -13.85 -15.75
C TYR A 80 -8.53 -13.26 -15.32
N ARG A 81 -9.35 -14.09 -14.69
CA ARG A 81 -10.68 -13.69 -14.22
C ARG A 81 -10.61 -13.00 -12.86
N THR A 82 -9.41 -12.74 -12.37
CA THR A 82 -9.24 -12.17 -11.05
C THR A 82 -9.70 -10.72 -11.00
N SER A 83 -10.68 -10.43 -10.15
CA SER A 83 -11.17 -9.07 -9.98
C SER A 83 -10.45 -8.41 -8.79
N PRO A 84 -10.32 -7.07 -8.80
CA PRO A 84 -9.63 -6.32 -7.73
C PRO A 84 -10.17 -6.64 -6.33
N ASP A 85 -11.50 -6.65 -6.20
CA ASP A 85 -12.12 -6.95 -4.91
C ASP A 85 -11.93 -8.42 -4.56
N THR A 86 -11.75 -9.23 -5.60
CA THR A 86 -11.50 -10.67 -5.43
C THR A 86 -10.29 -10.91 -4.53
N LEU A 87 -9.17 -10.27 -4.84
CA LEU A 87 -7.96 -10.44 -4.05
C LEU A 87 -8.10 -9.76 -2.69
N ARG A 88 -8.64 -8.54 -2.70
CA ARG A 88 -8.80 -7.79 -1.47
C ARG A 88 -9.62 -8.59 -0.45
N ARG A 89 -10.71 -9.20 -0.92
CA ARG A 89 -11.56 -10.03 -0.08
C ARG A 89 -10.78 -11.12 0.63
N VAL A 90 -9.86 -11.75 -0.09
CA VAL A 90 -9.05 -12.83 0.48
C VAL A 90 -7.99 -12.27 1.42
N PHE A 91 -7.21 -11.32 0.92
CA PHE A 91 -6.05 -10.80 1.63
C PHE A 91 -6.43 -10.07 2.91
N GLU A 92 -7.59 -9.42 2.94
CA GLU A 92 -7.99 -8.62 4.09
C GLU A 92 -8.32 -9.48 5.30
N LYS A 93 -8.34 -10.79 5.09
CA LYS A 93 -8.54 -11.73 6.18
C LYS A 93 -7.26 -11.85 7.01
N TYR A 94 -6.13 -11.75 6.33
CA TYR A 94 -4.83 -11.96 6.96
C TYR A 94 -4.36 -10.68 7.66
N GLY A 95 -4.66 -9.55 7.05
CA GLY A 95 -4.27 -8.29 7.63
C GLY A 95 -4.97 -7.12 6.98
N ARG A 96 -4.53 -5.92 7.31
CA ARG A 96 -5.12 -4.71 6.76
C ARG A 96 -4.56 -4.39 5.39
N VAL A 97 -5.29 -4.76 4.35
CA VAL A 97 -4.92 -4.43 3.00
C VAL A 97 -5.62 -3.14 2.58
N GLY A 98 -4.86 -2.17 2.11
CA GLY A 98 -5.42 -0.87 1.80
C GLY A 98 -5.50 -0.59 0.31
N ASP A 99 -4.69 -1.27 -0.47
CA ASP A 99 -4.62 -0.98 -1.90
C ASP A 99 -4.28 -2.24 -2.71
N VAL A 100 -5.18 -2.62 -3.60
CA VAL A 100 -4.91 -3.72 -4.52
C VAL A 100 -4.87 -3.23 -5.96
N TYR A 101 -4.02 -3.85 -6.76
CA TYR A 101 -3.93 -3.53 -8.18
C TYR A 101 -3.87 -4.82 -9.00
N ILE A 102 -4.92 -5.07 -9.77
CA ILE A 102 -4.95 -6.23 -10.64
C ILE A 102 -5.07 -5.78 -12.10
N PRO A 103 -4.00 -5.94 -12.87
CA PRO A 103 -3.99 -5.60 -14.30
C PRO A 103 -4.79 -6.61 -15.11
N ARG A 104 -4.74 -6.49 -16.43
CA ARG A 104 -5.49 -7.38 -17.29
C ARG A 104 -4.83 -7.52 -18.65
N ASP A 105 -4.71 -6.41 -19.37
CA ASP A 105 -4.14 -6.43 -20.70
C ASP A 105 -3.28 -5.20 -20.95
N ARG A 106 -1.98 -5.41 -21.03
CA ARG A 106 -1.03 -4.31 -21.24
C ARG A 106 0.36 -4.87 -21.50
N TYR A 107 0.67 -5.98 -20.84
CA TYR A 107 2.03 -6.53 -20.87
C TYR A 107 2.20 -7.50 -22.02
N THR A 108 2.90 -7.04 -23.08
CA THR A 108 3.26 -7.86 -24.23
C THR A 108 2.08 -8.66 -24.79
N LYS A 109 0.92 -8.00 -24.90
CA LYS A 109 -0.33 -8.63 -25.36
C LYS A 109 -0.78 -9.70 -24.39
N GLU A 110 -0.16 -10.88 -24.45
CA GLU A 110 -0.46 -11.94 -23.50
C GLU A 110 0.05 -11.54 -22.13
N SER A 111 -0.81 -10.93 -21.34
CA SER A 111 -0.41 -10.41 -20.06
C SER A 111 -0.40 -11.50 -19.01
N ARG A 112 0.73 -11.63 -18.34
CA ARG A 112 0.92 -12.66 -17.34
C ARG A 112 0.02 -12.42 -16.14
N GLY A 113 -0.36 -13.50 -15.48
CA GLY A 113 -1.25 -13.40 -14.34
C GLY A 113 -0.51 -13.01 -13.08
N PHE A 114 -0.40 -11.70 -12.85
CA PHE A 114 0.19 -11.20 -11.63
C PHE A 114 -0.54 -9.96 -11.16
N ALA A 115 -0.58 -9.75 -9.86
CA ALA A 115 -1.26 -8.60 -9.28
C ALA A 115 -0.52 -8.11 -8.04
N PHE A 116 -0.82 -6.91 -7.62
CA PHE A 116 -0.16 -6.32 -6.47
C PHE A 116 -1.14 -6.09 -5.33
N VAL A 117 -0.69 -6.35 -4.12
CA VAL A 117 -1.53 -6.22 -2.94
C VAL A 117 -0.77 -5.50 -1.83
N ARG A 118 -1.29 -4.38 -1.37
CA ARG A 118 -0.58 -3.55 -0.39
C ARG A 118 -1.27 -3.58 0.97
N PHE A 119 -0.52 -4.01 1.98
CA PHE A 119 -0.99 -4.02 3.35
C PHE A 119 -0.41 -2.85 4.14
N HIS A 120 -0.95 -2.62 5.32
CA HIS A 120 -0.49 -1.51 6.17
C HIS A 120 0.97 -1.69 6.56
N ASP A 121 1.29 -2.84 7.12
CA ASP A 121 2.63 -3.12 7.59
C ASP A 121 3.08 -4.49 7.10
N LYS A 122 4.37 -4.78 7.25
CA LYS A 122 4.91 -6.09 6.88
C LYS A 122 4.23 -7.18 7.69
N ARG A 123 3.77 -6.83 8.90
CA ARG A 123 3.06 -7.76 9.76
C ARG A 123 1.86 -8.36 9.02
N ASP A 124 1.15 -7.51 8.29
CA ASP A 124 -0.05 -7.92 7.59
C ASP A 124 0.33 -8.65 6.31
N ALA A 125 1.50 -8.29 5.79
CA ALA A 125 1.98 -8.84 4.54
C ALA A 125 2.56 -10.23 4.73
N GLU A 126 3.26 -10.44 5.84
CA GLU A 126 3.91 -11.72 6.12
C GLU A 126 2.86 -12.80 6.30
N ASP A 127 1.81 -12.46 7.02
CA ASP A 127 0.68 -13.36 7.23
C ASP A 127 0.12 -13.81 5.89
N ALA A 128 0.03 -12.84 4.99
CA ALA A 128 -0.61 -13.04 3.71
C ALA A 128 0.30 -13.73 2.71
N MET A 129 1.48 -13.15 2.49
CA MET A 129 2.41 -13.65 1.48
C MET A 129 2.74 -15.12 1.68
N ASP A 130 2.88 -15.53 2.94
CA ASP A 130 3.20 -16.92 3.25
C ASP A 130 1.99 -17.81 3.00
N ALA A 131 0.84 -17.39 3.52
CA ALA A 131 -0.36 -18.20 3.44
C ALA A 131 -0.97 -18.19 2.03
N MET A 132 -0.79 -17.09 1.33
CA MET A 132 -1.37 -16.89 0.01
C MET A 132 -0.47 -17.44 -1.08
N ASP A 133 0.73 -17.85 -0.69
CA ASP A 133 1.68 -18.48 -1.62
C ASP A 133 1.27 -19.93 -1.91
N GLY A 134 0.03 -20.21 -1.53
CA GLY A 134 -0.54 -21.52 -1.73
C GLY A 134 -2.05 -21.45 -1.63
N ALA A 135 -2.61 -20.34 -2.12
CA ALA A 135 -4.04 -20.10 -2.02
C ALA A 135 -4.72 -20.30 -3.36
N VAL A 136 -5.79 -21.08 -3.37
CA VAL A 136 -6.54 -21.31 -4.60
C VAL A 136 -7.73 -20.36 -4.68
N LEU A 137 -7.61 -19.31 -5.48
CA LEU A 137 -8.70 -18.36 -5.65
C LEU A 137 -9.63 -18.80 -6.79
N ASP A 138 -9.18 -19.79 -7.54
CA ASP A 138 -9.94 -20.29 -8.68
C ASP A 138 -9.57 -21.74 -8.99
N GLY A 139 -8.40 -21.92 -9.59
CA GLY A 139 -7.97 -23.25 -9.98
C GLY A 139 -6.48 -23.47 -9.80
N ARG A 140 -5.85 -22.59 -9.03
CA ARG A 140 -4.44 -22.72 -8.72
C ARG A 140 -4.14 -22.03 -7.43
N GLU A 141 -2.90 -22.15 -7.02
CA GLU A 141 -2.40 -21.50 -5.84
C GLU A 141 -1.64 -20.27 -6.27
N LEU A 142 -2.11 -19.11 -5.86
CA LEU A 142 -1.43 -17.87 -6.19
C LEU A 142 0.00 -17.88 -5.65
N ARG A 143 0.93 -17.39 -6.45
CA ARG A 143 2.30 -17.26 -6.00
C ARG A 143 2.51 -15.87 -5.44
N VAL A 144 2.09 -15.68 -4.20
CA VAL A 144 2.15 -14.38 -3.55
C VAL A 144 3.54 -14.14 -2.99
N GLN A 145 4.25 -13.22 -3.61
CA GLN A 145 5.65 -12.95 -3.27
C GLN A 145 5.78 -11.61 -2.56
N MET A 146 6.82 -11.48 -1.75
CA MET A 146 7.17 -10.19 -1.17
C MET A 146 7.66 -9.25 -2.27
N ALA A 147 6.95 -8.15 -2.48
CA ALA A 147 7.22 -7.28 -3.61
C ALA A 147 7.93 -5.99 -3.19
N ARG A 148 8.44 -5.96 -1.97
CA ARG A 148 9.20 -4.80 -1.51
C ARG A 148 10.69 -5.01 -1.77
N TYR A 149 11.23 -6.08 -1.23
CA TYR A 149 12.63 -6.43 -1.47
C TYR A 149 12.82 -7.93 -1.42
N GLY A 150 13.53 -8.46 -2.40
CA GLY A 150 13.79 -9.88 -2.46
C GLY A 150 14.38 -10.27 -3.80
N ARG A 151 15.13 -11.35 -3.83
CA ARG A 151 15.76 -11.81 -5.05
C ARG A 151 14.86 -12.81 -5.77
N PRO A 152 14.71 -12.66 -7.08
CA PRO A 152 13.91 -13.60 -7.89
C PRO A 152 14.54 -14.98 -7.93
N PRO A 153 13.79 -16.01 -7.51
CA PRO A 153 14.28 -17.40 -7.50
C PRO A 153 14.76 -17.85 -8.87
N ASP A 154 14.04 -17.41 -9.90
CA ASP A 154 14.39 -17.72 -11.27
C ASP A 154 14.02 -16.55 -12.17
N SER A 155 14.69 -16.46 -13.32
CA SER A 155 14.53 -15.33 -14.22
C SER A 155 13.27 -15.44 -15.09
N HIS A 156 12.89 -16.65 -15.49
CA HIS A 156 11.79 -16.84 -16.44
C HIS A 156 11.27 -18.28 -16.44
N HIS A 157 10.68 -18.71 -15.35
CA HIS A 157 10.13 -20.06 -15.25
C HIS A 157 8.66 -20.01 -14.86
N SER A 158 8.00 -18.91 -15.21
CA SER A 158 6.60 -18.74 -14.89
C SER A 158 5.74 -19.07 -16.12
N MET A 1 28.25 44.41 37.65
CA MET A 1 27.40 45.12 36.68
C MET A 1 26.13 44.33 36.43
N GLN A 2 25.00 45.03 36.42
CA GLN A 2 23.71 44.42 36.17
C GLN A 2 23.48 44.29 34.67
N TYR A 3 23.77 43.12 34.13
CA TYR A 3 23.61 42.87 32.69
C TYR A 3 22.16 42.53 32.37
N LYS A 4 21.69 43.02 31.23
CA LYS A 4 20.31 42.84 30.82
C LYS A 4 20.22 41.83 29.67
N LEU A 5 19.54 40.73 29.92
CA LEU A 5 19.31 39.72 28.89
C LEU A 5 18.01 39.99 28.16
N ILE A 6 18.09 40.15 26.86
CA ILE A 6 16.92 40.31 26.02
C ILE A 6 16.61 39.00 25.31
N LEU A 7 15.61 38.31 25.81
CA LEU A 7 15.21 37.02 25.26
C LEU A 7 14.30 37.22 24.06
N ASN A 8 14.68 36.64 22.94
CA ASN A 8 13.89 36.73 21.72
C ASN A 8 13.83 35.39 21.05
N GLY A 9 12.65 34.80 20.96
CA GLY A 9 12.55 33.56 20.24
C GLY A 9 11.23 32.85 20.48
N LYS A 10 11.16 31.62 19.97
CA LYS A 10 9.95 30.79 20.05
C LYS A 10 9.39 30.74 21.47
N THR A 11 8.33 31.53 21.69
CA THR A 11 7.63 31.56 22.96
C THR A 11 8.53 32.10 24.09
N LEU A 12 9.69 32.63 23.73
CA LEU A 12 10.62 33.11 24.73
C LEU A 12 11.07 34.52 24.39
N LYS A 13 10.36 35.48 24.94
CA LYS A 13 10.64 36.89 24.69
C LYS A 13 10.44 37.69 25.96
N GLY A 14 11.51 37.82 26.73
CA GLY A 14 11.43 38.49 28.02
C GLY A 14 12.72 39.18 28.38
N GLU A 15 12.77 39.83 29.53
CA GLU A 15 13.95 40.54 29.96
C GLU A 15 14.33 40.12 31.37
N THR A 16 15.59 39.80 31.60
CA THR A 16 16.07 39.46 32.92
C THR A 16 17.48 39.99 33.12
N THR A 17 17.98 39.91 34.35
CA THR A 17 19.30 40.42 34.67
C THR A 17 20.09 39.41 35.48
N THR A 18 21.36 39.70 35.68
CA THR A 18 22.20 38.91 36.55
C THR A 18 23.33 39.79 37.08
N GLU A 19 23.75 39.52 38.31
CA GLU A 19 24.85 40.25 38.91
C GLU A 19 26.17 39.65 38.44
N ALA A 20 26.75 40.26 37.42
CA ALA A 20 27.94 39.73 36.80
C ALA A 20 29.06 40.76 36.77
N VAL A 21 30.28 40.31 37.02
CA VAL A 21 31.43 41.20 37.01
C VAL A 21 31.94 41.43 35.59
N ASP A 22 31.63 40.52 34.68
CA ASP A 22 32.13 40.61 33.32
C ASP A 22 31.09 40.11 32.33
N ALA A 23 31.20 40.57 31.08
CA ALA A 23 30.28 40.18 30.02
C ALA A 23 30.34 38.67 29.79
N ALA A 24 31.54 38.11 29.85
CA ALA A 24 31.71 36.68 29.66
C ALA A 24 31.06 35.90 30.79
N THR A 25 31.06 36.48 31.97
CA THR A 25 30.39 35.89 33.12
C THR A 25 28.87 35.94 32.93
N ALA A 26 28.39 37.11 32.52
CA ALA A 26 26.96 37.34 32.34
C ALA A 26 26.38 36.46 31.25
N GLU A 27 27.09 36.39 30.12
CA GLU A 27 26.58 35.66 28.97
C GLU A 27 26.40 34.17 29.30
N LYS A 28 27.25 33.66 30.19
CA LYS A 28 27.19 32.25 30.59
C LYS A 28 25.90 31.95 31.35
N VAL A 29 25.47 32.92 32.14
CA VAL A 29 24.24 32.78 32.92
C VAL A 29 23.03 32.97 32.00
N PHE A 30 23.13 33.96 31.12
CA PHE A 30 22.09 34.21 30.15
C PHE A 30 21.93 33.00 29.23
N LYS A 31 23.06 32.36 28.91
CA LYS A 31 23.05 31.19 28.05
C LYS A 31 22.35 30.04 28.75
N GLN A 32 22.52 29.93 30.06
CA GLN A 32 21.86 28.89 30.83
C GLN A 32 20.34 29.10 30.75
N TYR A 33 19.92 30.33 30.98
CA TYR A 33 18.51 30.66 30.97
C TYR A 33 17.89 30.38 29.59
N ALA A 34 18.56 30.86 28.55
CA ALA A 34 18.06 30.71 27.19
C ALA A 34 18.04 29.24 26.76
N ASN A 35 19.17 28.56 26.95
CA ASN A 35 19.31 27.17 26.53
C ASN A 35 18.33 26.27 27.26
N ASP A 36 18.12 26.54 28.54
CA ASP A 36 17.26 25.70 29.38
C ASP A 36 15.81 25.84 28.94
N ASN A 37 15.43 27.04 28.54
CA ASN A 37 14.06 27.29 28.09
C ASN A 37 13.86 26.76 26.68
N GLY A 38 14.91 26.82 25.86
CA GLY A 38 14.81 26.27 24.52
C GLY A 38 14.99 27.31 23.43
N VAL A 39 15.42 28.49 23.82
CA VAL A 39 15.64 29.56 22.85
C VAL A 39 17.13 29.73 22.58
N ASP A 40 17.59 29.08 21.52
CA ASP A 40 18.97 29.18 21.09
C ASP A 40 19.05 30.13 19.90
N GLY A 41 19.80 31.20 20.05
CA GLY A 41 19.85 32.22 19.02
C GLY A 41 21.20 32.90 18.90
N GLU A 42 21.24 33.93 18.08
CA GLU A 42 22.46 34.71 17.88
C GLU A 42 22.59 35.75 18.97
N TRP A 43 23.72 35.75 19.67
CA TRP A 43 23.91 36.63 20.80
C TRP A 43 24.57 37.93 20.39
N THR A 44 23.83 39.01 20.51
CA THR A 44 24.37 40.34 20.30
C THR A 44 24.50 41.04 21.64
N TYR A 45 25.55 41.84 21.80
CA TYR A 45 25.80 42.52 23.05
C TYR A 45 26.06 44.00 22.81
N ASP A 46 25.38 44.83 23.60
CA ASP A 46 25.57 46.27 23.54
C ASP A 46 26.25 46.75 24.81
N ASP A 47 27.46 47.27 24.68
CA ASP A 47 28.23 47.72 25.83
C ASP A 47 27.57 48.93 26.49
N ALA A 48 26.88 49.73 25.69
CA ALA A 48 26.27 50.96 26.16
C ALA A 48 25.21 50.69 27.23
N THR A 49 24.42 49.65 27.01
CA THR A 49 23.34 49.33 27.94
C THR A 49 23.60 48.01 28.67
N LYS A 50 24.76 47.40 28.39
CA LYS A 50 25.15 46.13 29.02
C LYS A 50 24.12 45.05 28.74
N THR A 51 23.63 45.03 27.51
CA THR A 51 22.55 44.12 27.14
C THR A 51 23.04 42.98 26.26
N PHE A 52 22.50 41.79 26.53
CA PHE A 52 22.72 40.64 25.68
C PHE A 52 21.41 40.24 25.02
N THR A 53 21.33 40.41 23.72
CA THR A 53 20.15 40.03 22.98
C THR A 53 20.34 38.68 22.34
N VAL A 54 19.51 37.72 22.70
CA VAL A 54 19.58 36.40 22.10
C VAL A 54 18.54 36.32 21.00
N THR A 55 19.01 36.39 19.76
CA THR A 55 18.12 36.53 18.62
C THR A 55 17.79 35.19 17.98
N GLU A 56 16.66 34.63 18.35
CA GLU A 56 16.11 33.48 17.67
C GLU A 56 14.94 33.96 16.81
N GLY A 57 15.19 34.10 15.51
CA GLY A 57 14.19 34.65 14.62
C GLY A 57 13.76 33.67 13.56
N SER A 58 12.50 33.77 13.16
CA SER A 58 11.94 32.88 12.16
C SER A 58 12.57 33.14 10.80
N HIS A 59 13.18 32.10 10.24
CA HIS A 59 13.77 32.19 8.92
C HIS A 59 12.78 31.63 7.91
N HIS A 60 12.26 30.46 8.24
CA HIS A 60 11.30 29.77 7.38
C HIS A 60 10.53 28.74 8.19
N HIS A 61 9.27 28.56 7.86
CA HIS A 61 8.44 27.55 8.52
C HIS A 61 8.29 26.35 7.58
N HIS A 62 9.21 25.43 7.67
CA HIS A 62 9.26 24.32 6.74
C HIS A 62 9.36 23.01 7.50
N HIS A 63 8.33 22.18 7.37
CA HIS A 63 8.30 20.89 8.02
C HIS A 63 7.63 19.87 7.12
N HIS A 64 8.40 18.87 6.71
CA HIS A 64 7.93 17.88 5.76
C HIS A 64 7.42 16.64 6.49
N MET A 65 6.13 16.38 6.38
CA MET A 65 5.55 15.16 6.93
C MET A 65 5.51 14.11 5.83
N ASP A 66 6.55 13.30 5.76
CA ASP A 66 6.70 12.34 4.67
C ASP A 66 5.76 11.17 4.83
N VAL A 67 5.08 10.82 3.76
CA VAL A 67 4.18 9.69 3.76
C VAL A 67 4.89 8.45 3.22
N GLU A 68 4.78 7.36 3.95
CA GLU A 68 5.49 6.14 3.63
C GLU A 68 4.60 5.16 2.92
N GLY A 69 5.18 4.43 1.97
CA GLY A 69 4.41 3.48 1.19
C GLY A 69 3.99 2.26 1.99
N MET A 70 3.14 1.45 1.38
CA MET A 70 2.61 0.25 2.02
C MET A 70 3.50 -0.94 1.71
N THR A 71 3.26 -2.05 2.41
CA THR A 71 4.00 -3.26 2.15
C THR A 71 3.22 -4.10 1.15
N SER A 72 3.46 -3.86 -0.13
CA SER A 72 2.70 -4.50 -1.18
C SER A 72 3.22 -5.91 -1.46
N LEU A 73 2.32 -6.86 -1.48
CA LEU A 73 2.64 -8.22 -1.86
C LEU A 73 2.45 -8.37 -3.36
N LYS A 74 3.11 -9.34 -3.93
CA LYS A 74 3.03 -9.56 -5.35
C LYS A 74 2.63 -10.99 -5.62
N VAL A 75 1.39 -11.17 -6.04
CA VAL A 75 0.87 -12.47 -6.34
C VAL A 75 1.04 -12.73 -7.83
N ASP A 76 1.47 -13.92 -8.18
CA ASP A 76 1.77 -14.23 -9.56
C ASP A 76 1.12 -15.54 -9.96
N ASN A 77 1.34 -15.93 -11.22
CA ASN A 77 0.63 -17.06 -11.84
C ASN A 77 -0.82 -16.66 -12.06
N LEU A 78 -1.54 -16.47 -10.94
CA LEU A 78 -2.87 -15.89 -10.95
C LEU A 78 -3.84 -16.69 -11.82
N THR A 79 -5.06 -16.21 -12.00
CA THR A 79 -6.01 -16.88 -12.87
C THR A 79 -6.23 -16.07 -14.14
N TYR A 80 -5.69 -14.85 -14.15
CA TYR A 80 -5.84 -13.89 -15.27
C TYR A 80 -7.28 -13.39 -15.37
N ARG A 81 -8.23 -14.21 -14.96
CA ARG A 81 -9.63 -13.82 -14.86
C ARG A 81 -9.89 -13.14 -13.52
N THR A 82 -8.81 -12.93 -12.79
CA THR A 82 -8.85 -12.34 -11.46
C THR A 82 -9.42 -10.92 -11.48
N SER A 83 -10.05 -10.52 -10.40
CA SER A 83 -10.59 -9.17 -10.27
C SER A 83 -10.14 -8.56 -8.94
N PRO A 84 -9.85 -7.25 -8.92
CA PRO A 84 -9.32 -6.55 -7.75
C PRO A 84 -10.02 -6.91 -6.43
N ASP A 85 -11.34 -6.84 -6.42
CA ASP A 85 -12.10 -7.03 -5.18
C ASP A 85 -11.94 -8.45 -4.63
N THR A 86 -11.72 -9.42 -5.53
CA THR A 86 -11.63 -10.81 -5.11
C THR A 86 -10.44 -11.01 -4.17
N LEU A 87 -9.33 -10.33 -4.46
CA LEU A 87 -8.13 -10.47 -3.66
C LEU A 87 -8.23 -9.64 -2.38
N ARG A 88 -8.84 -8.47 -2.49
CA ARG A 88 -9.02 -7.59 -1.34
C ARG A 88 -9.88 -8.25 -0.28
N ARG A 89 -10.79 -9.11 -0.74
CA ARG A 89 -11.64 -9.87 0.16
C ARG A 89 -10.85 -10.96 0.89
N VAL A 90 -10.04 -11.70 0.15
CA VAL A 90 -9.30 -12.83 0.71
C VAL A 90 -8.16 -12.37 1.60
N PHE A 91 -7.31 -11.50 1.04
CA PHE A 91 -6.06 -11.10 1.69
C PHE A 91 -6.29 -10.32 2.98
N GLU A 92 -7.38 -9.55 3.03
CA GLU A 92 -7.68 -8.74 4.22
C GLU A 92 -7.88 -9.61 5.45
N LYS A 93 -8.21 -10.88 5.24
CA LYS A 93 -8.36 -11.83 6.32
C LYS A 93 -7.04 -11.99 7.08
N TYR A 94 -5.96 -11.98 6.32
CA TYR A 94 -4.63 -12.21 6.86
C TYR A 94 -4.05 -10.93 7.43
N GLY A 95 -4.22 -9.84 6.71
CA GLY A 95 -3.74 -8.55 7.18
C GLY A 95 -4.54 -7.42 6.59
N ARG A 96 -4.36 -6.21 7.09
CA ARG A 96 -5.12 -5.08 6.62
C ARG A 96 -4.60 -4.61 5.26
N VAL A 97 -5.30 -5.05 4.21
CA VAL A 97 -4.98 -4.65 2.85
C VAL A 97 -5.77 -3.40 2.48
N GLY A 98 -5.12 -2.48 1.80
CA GLY A 98 -5.78 -1.26 1.36
C GLY A 98 -6.33 -1.40 -0.04
N ASP A 99 -5.51 -1.93 -0.94
CA ASP A 99 -5.91 -2.09 -2.33
C ASP A 99 -5.05 -3.16 -2.99
N VAL A 100 -5.36 -3.51 -4.23
CA VAL A 100 -4.62 -4.56 -4.92
C VAL A 100 -4.08 -4.08 -6.27
N TYR A 101 -4.76 -3.11 -6.88
CA TYR A 101 -4.39 -2.59 -8.20
C TYR A 101 -4.66 -3.63 -9.28
N ILE A 102 -3.80 -4.63 -9.33
CA ILE A 102 -3.87 -5.72 -10.31
C ILE A 102 -3.81 -5.19 -11.76
N PRO A 103 -2.63 -5.27 -12.38
CA PRO A 103 -2.48 -4.92 -13.79
C PRO A 103 -3.19 -5.93 -14.69
N ARG A 104 -3.79 -5.46 -15.77
CA ARG A 104 -4.61 -6.33 -16.59
C ARG A 104 -3.82 -6.91 -17.75
N ASP A 105 -4.01 -8.22 -17.97
CA ASP A 105 -3.45 -8.89 -19.13
C ASP A 105 -4.31 -8.55 -20.34
N ARG A 106 -4.13 -7.34 -20.85
CA ARG A 106 -4.96 -6.80 -21.90
C ARG A 106 -4.33 -5.51 -22.43
N TYR A 107 -3.85 -4.68 -21.51
CA TYR A 107 -3.20 -3.44 -21.88
C TYR A 107 -1.77 -3.67 -22.33
N THR A 108 -1.11 -2.60 -22.76
CA THR A 108 0.28 -2.68 -23.19
C THR A 108 1.20 -2.94 -21.99
N LYS A 109 1.85 -4.09 -22.02
CA LYS A 109 2.78 -4.48 -20.96
C LYS A 109 3.70 -5.60 -21.45
N GLU A 110 4.65 -5.98 -20.63
CA GLU A 110 5.64 -6.98 -21.01
C GLU A 110 5.57 -8.20 -20.10
N SER A 111 5.14 -8.01 -18.87
CA SER A 111 5.05 -9.10 -17.91
C SER A 111 3.73 -9.85 -18.05
N ARG A 112 3.54 -10.87 -17.23
CA ARG A 112 2.28 -11.60 -17.23
C ARG A 112 1.23 -10.84 -16.42
N GLY A 113 -0.02 -11.29 -16.52
CA GLY A 113 -1.08 -10.69 -15.76
C GLY A 113 -1.05 -11.14 -14.32
N PHE A 114 -0.13 -10.56 -13.55
CA PHE A 114 -0.05 -10.84 -12.13
C PHE A 114 -0.83 -9.80 -11.34
N ALA A 115 -0.74 -9.85 -10.03
CA ALA A 115 -1.48 -8.92 -9.19
C ALA A 115 -0.68 -8.50 -7.98
N PHE A 116 -1.15 -7.47 -7.30
CA PHE A 116 -0.53 -7.00 -6.07
C PHE A 116 -1.58 -6.92 -5.00
N VAL A 117 -1.12 -6.87 -3.77
CA VAL A 117 -2.00 -6.60 -2.65
C VAL A 117 -1.26 -5.69 -1.66
N ARG A 118 -1.75 -4.49 -1.48
CA ARG A 118 -1.06 -3.48 -0.69
C ARG A 118 -1.50 -3.54 0.76
N PHE A 119 -0.63 -4.04 1.62
CA PHE A 119 -0.94 -4.19 3.03
C PHE A 119 -0.39 -3.04 3.84
N HIS A 120 -1.02 -2.79 4.98
CA HIS A 120 -0.64 -1.70 5.87
C HIS A 120 0.84 -1.79 6.26
N ASP A 121 1.22 -2.90 6.87
CA ASP A 121 2.57 -3.07 7.35
C ASP A 121 3.10 -4.46 7.02
N LYS A 122 4.40 -4.66 7.17
CA LYS A 122 5.03 -5.95 6.93
C LYS A 122 4.41 -7.02 7.83
N ARG A 123 3.95 -6.61 9.02
CA ARG A 123 3.25 -7.53 9.92
C ARG A 123 2.07 -8.19 9.21
N ASP A 124 1.35 -7.40 8.42
CA ASP A 124 0.17 -7.87 7.71
C ASP A 124 0.61 -8.64 6.49
N ALA A 125 1.65 -8.15 5.85
CA ALA A 125 2.12 -8.68 4.59
C ALA A 125 2.71 -10.07 4.78
N GLU A 126 3.38 -10.30 5.90
CA GLU A 126 4.02 -11.57 6.16
C GLU A 126 3.00 -12.65 6.44
N ASP A 127 1.89 -12.26 7.03
CA ASP A 127 0.79 -13.18 7.28
C ASP A 127 0.26 -13.69 5.96
N ALA A 128 0.15 -12.76 5.03
CA ALA A 128 -0.47 -13.02 3.74
C ALA A 128 0.48 -13.70 2.77
N MET A 129 1.66 -13.14 2.56
CA MET A 129 2.59 -13.65 1.55
C MET A 129 3.02 -15.08 1.86
N ASP A 130 3.18 -15.39 3.15
CA ASP A 130 3.57 -16.73 3.55
C ASP A 130 2.44 -17.71 3.31
N ALA A 131 1.24 -17.27 3.64
CA ALA A 131 0.07 -18.12 3.60
C ALA A 131 -0.40 -18.38 2.17
N MET A 132 -0.62 -17.29 1.45
CA MET A 132 -1.33 -17.32 0.18
C MET A 132 -0.49 -17.85 -0.96
N ASP A 133 0.77 -18.13 -0.71
CA ASP A 133 1.58 -18.85 -1.68
C ASP A 133 1.13 -20.31 -1.69
N GLY A 134 0.04 -20.56 -2.41
CA GLY A 134 -0.63 -21.83 -2.34
C GLY A 134 -2.11 -21.68 -2.07
N ALA A 135 -2.59 -20.45 -2.16
CA ALA A 135 -4.01 -20.15 -1.92
C ALA A 135 -4.78 -20.16 -3.22
N VAL A 136 -5.98 -20.72 -3.22
CA VAL A 136 -6.77 -20.80 -4.43
C VAL A 136 -7.87 -19.73 -4.43
N LEU A 137 -7.73 -18.73 -5.30
CA LEU A 137 -8.73 -17.66 -5.39
C LEU A 137 -9.82 -18.01 -6.39
N ASP A 138 -9.62 -19.11 -7.11
CA ASP A 138 -10.60 -19.60 -8.09
C ASP A 138 -10.21 -21.00 -8.53
N GLY A 139 -9.14 -21.10 -9.31
CA GLY A 139 -8.65 -22.38 -9.77
C GLY A 139 -7.13 -22.38 -9.85
N ARG A 140 -6.51 -21.56 -9.01
CA ARG A 140 -5.07 -21.40 -9.01
C ARG A 140 -4.58 -21.08 -7.60
N GLU A 141 -3.48 -21.68 -7.20
CA GLU A 141 -2.80 -21.26 -5.99
C GLU A 141 -1.91 -20.09 -6.33
N LEU A 142 -2.25 -18.92 -5.81
CA LEU A 142 -1.48 -17.72 -6.07
C LEU A 142 -0.03 -17.89 -5.61
N ARG A 143 0.90 -17.43 -6.42
CA ARG A 143 2.29 -17.39 -6.02
C ARG A 143 2.56 -16.05 -5.38
N VAL A 144 2.21 -15.96 -4.12
CA VAL A 144 2.30 -14.71 -3.39
C VAL A 144 3.67 -14.54 -2.77
N GLN A 145 4.40 -13.55 -3.25
CA GLN A 145 5.71 -13.25 -2.73
C GLN A 145 5.75 -11.78 -2.35
N MET A 146 6.54 -11.44 -1.34
CA MET A 146 6.68 -10.05 -0.96
C MET A 146 7.47 -9.32 -2.05
N ALA A 147 6.82 -8.35 -2.67
CA ALA A 147 7.42 -7.64 -3.79
C ALA A 147 8.57 -6.77 -3.31
N ARG A 148 9.77 -7.19 -3.64
CA ARG A 148 10.97 -6.47 -3.25
C ARG A 148 11.52 -5.69 -4.44
N TYR A 149 11.42 -6.30 -5.62
CA TYR A 149 11.95 -5.70 -6.84
C TYR A 149 11.02 -5.97 -8.02
N GLY A 150 9.75 -6.18 -7.74
CA GLY A 150 8.78 -6.49 -8.79
C GLY A 150 9.04 -7.85 -9.43
N ARG A 151 9.84 -8.67 -8.76
CA ARG A 151 10.26 -9.95 -9.29
C ARG A 151 9.13 -10.98 -9.25
N PRO A 152 9.05 -11.83 -10.28
CA PRO A 152 8.19 -13.01 -10.26
C PRO A 152 8.84 -14.12 -9.43
N PRO A 153 8.05 -15.13 -9.01
CA PRO A 153 8.58 -16.25 -8.22
C PRO A 153 9.30 -17.29 -9.08
N ASP A 154 9.53 -16.93 -10.34
CA ASP A 154 10.22 -17.80 -11.27
C ASP A 154 11.14 -16.98 -12.14
N SER A 155 11.99 -17.64 -12.92
CA SER A 155 12.97 -16.96 -13.74
C SER A 155 12.39 -16.58 -15.10
N HIS A 156 11.52 -17.43 -15.64
CA HIS A 156 11.01 -17.26 -16.99
C HIS A 156 9.96 -18.32 -17.34
N HIS A 157 9.18 -18.72 -16.34
CA HIS A 157 8.23 -19.81 -16.53
C HIS A 157 6.91 -19.29 -17.09
N SER A 158 6.80 -19.34 -18.41
CA SER A 158 5.59 -18.95 -19.08
C SER A 158 5.06 -20.11 -19.92
N MET A 1 3.83 14.11 22.59
CA MET A 1 3.34 13.57 21.30
C MET A 1 3.86 14.42 20.16
N GLN A 2 3.43 15.67 20.15
CA GLN A 2 3.86 16.68 19.18
C GLN A 2 3.65 16.21 17.73
N TYR A 3 2.51 16.57 17.18
CA TYR A 3 2.14 16.17 15.82
C TYR A 3 2.68 17.17 14.80
N LYS A 4 3.03 16.68 13.62
CA LYS A 4 3.60 17.52 12.57
C LYS A 4 2.58 17.74 11.44
N LEU A 5 2.37 19.00 11.10
CA LEU A 5 1.53 19.36 9.96
C LEU A 5 2.40 19.64 8.74
N ILE A 6 2.12 18.94 7.66
CA ILE A 6 2.82 19.17 6.41
C ILE A 6 1.88 19.90 5.45
N LEU A 7 2.10 21.19 5.30
CA LEU A 7 1.25 21.99 4.42
C LEU A 7 1.77 21.93 3.00
N ASN A 8 1.14 21.10 2.20
CA ASN A 8 1.50 20.96 0.80
C ASN A 8 0.52 21.78 -0.03
N GLY A 9 0.33 23.02 0.39
CA GLY A 9 -0.69 23.84 -0.19
C GLY A 9 -0.18 24.67 -1.34
N LYS A 10 -0.96 25.68 -1.70
CA LYS A 10 -0.56 26.64 -2.71
C LYS A 10 -0.01 27.90 -2.06
N THR A 11 1.18 28.31 -2.47
CA THR A 11 1.87 29.46 -1.89
C THR A 11 2.38 29.15 -0.47
N LEU A 12 1.50 28.63 0.37
CA LEU A 12 1.86 28.26 1.73
C LEU A 12 2.25 26.79 1.80
N LYS A 13 3.54 26.54 1.82
CA LYS A 13 4.06 25.20 1.99
C LYS A 13 5.06 25.18 3.13
N GLY A 14 4.66 24.61 4.24
CA GLY A 14 5.51 24.59 5.40
C GLY A 14 5.26 23.37 6.26
N GLU A 15 5.90 23.32 7.41
CA GLU A 15 5.67 22.26 8.36
C GLU A 15 5.87 22.75 9.79
N THR A 16 5.04 22.29 10.70
CA THR A 16 5.09 22.73 12.09
C THR A 16 4.44 21.70 12.99
N THR A 17 4.54 21.90 14.30
CA THR A 17 4.05 20.91 15.25
C THR A 17 3.16 21.54 16.33
N THR A 18 2.29 20.71 16.88
CA THR A 18 1.52 21.08 18.05
C THR A 18 1.58 19.92 19.05
N GLU A 19 1.81 20.23 20.31
CA GLU A 19 1.84 19.21 21.34
C GLU A 19 0.41 18.81 21.71
N ALA A 20 -0.22 18.08 20.79
CA ALA A 20 -1.59 17.66 20.96
C ALA A 20 -1.66 16.36 21.76
N VAL A 21 -2.66 16.26 22.63
CA VAL A 21 -2.84 15.08 23.45
C VAL A 21 -3.64 14.01 22.70
N ASP A 22 -4.18 14.38 21.54
CA ASP A 22 -4.96 13.45 20.74
C ASP A 22 -4.84 13.82 19.26
N ALA A 23 -5.01 12.83 18.38
CA ALA A 23 -4.90 13.07 16.94
C ALA A 23 -5.99 14.04 16.48
N ALA A 24 -7.19 13.89 17.02
CA ALA A 24 -8.30 14.75 16.67
C ALA A 24 -8.09 16.15 17.23
N THR A 25 -7.30 16.24 18.29
CA THR A 25 -6.93 17.53 18.85
C THR A 25 -5.93 18.21 17.92
N ALA A 26 -4.99 17.43 17.41
CA ALA A 26 -3.95 17.94 16.52
C ALA A 26 -4.55 18.43 15.21
N GLU A 27 -5.46 17.65 14.64
CA GLU A 27 -6.05 17.98 13.36
C GLU A 27 -6.77 19.32 13.43
N LYS A 28 -7.41 19.61 14.56
CA LYS A 28 -8.15 20.85 14.72
C LYS A 28 -7.23 22.06 14.66
N VAL A 29 -6.02 21.90 15.17
CA VAL A 29 -5.03 22.97 15.15
C VAL A 29 -4.45 23.13 13.76
N PHE A 30 -4.19 22.00 13.12
CA PHE A 30 -3.65 22.01 11.77
C PHE A 30 -4.69 22.54 10.79
N LYS A 31 -5.95 22.22 11.05
CA LYS A 31 -7.03 22.67 10.19
C LYS A 31 -7.33 24.14 10.46
N GLN A 32 -6.92 24.61 11.64
CA GLN A 32 -7.02 26.02 11.96
C GLN A 32 -5.93 26.79 11.21
N TYR A 33 -4.72 26.24 11.26
CA TYR A 33 -3.57 26.82 10.56
C TYR A 33 -3.82 26.89 9.06
N ALA A 34 -4.31 25.78 8.51
CA ALA A 34 -4.56 25.67 7.09
C ALA A 34 -5.67 26.63 6.64
N ASN A 35 -6.76 26.66 7.40
CA ASN A 35 -7.92 27.49 7.06
C ASN A 35 -7.57 28.97 7.16
N ASP A 36 -6.64 29.30 8.06
CA ASP A 36 -6.22 30.68 8.24
C ASP A 36 -5.36 31.13 7.07
N ASN A 37 -4.42 30.28 6.68
CA ASN A 37 -3.53 30.58 5.57
C ASN A 37 -4.29 30.52 4.25
N GLY A 38 -5.34 29.72 4.21
CA GLY A 38 -6.18 29.65 3.03
C GLY A 38 -5.87 28.48 2.13
N VAL A 39 -5.42 27.39 2.73
CA VAL A 39 -5.15 26.18 1.98
C VAL A 39 -6.14 25.08 2.34
N ASP A 40 -6.76 24.51 1.32
CA ASP A 40 -7.68 23.40 1.48
C ASP A 40 -7.24 22.23 0.62
N GLY A 41 -6.83 21.15 1.24
CA GLY A 41 -6.30 20.03 0.50
C GLY A 41 -6.67 18.70 1.09
N GLU A 42 -6.16 17.64 0.48
CA GLU A 42 -6.38 16.28 0.96
C GLU A 42 -5.66 16.05 2.28
N TRP A 43 -6.41 15.72 3.31
CA TRP A 43 -5.85 15.45 4.62
C TRP A 43 -5.50 13.97 4.79
N THR A 44 -4.23 13.66 4.72
CA THR A 44 -3.75 12.31 4.99
C THR A 44 -2.87 12.29 6.22
N TYR A 45 -3.26 11.52 7.21
CA TYR A 45 -2.53 11.45 8.46
C TYR A 45 -1.85 10.10 8.63
N ASP A 46 -0.56 10.13 8.91
CA ASP A 46 0.18 8.93 9.21
C ASP A 46 0.35 8.79 10.71
N ASP A 47 -0.15 7.68 11.24
CA ASP A 47 -0.18 7.45 12.68
C ASP A 47 1.21 7.14 13.24
N ALA A 48 2.09 6.64 12.39
CA ALA A 48 3.43 6.27 12.84
C ALA A 48 4.29 7.50 13.09
N THR A 49 4.29 8.41 12.13
CA THR A 49 5.10 9.61 12.22
C THR A 49 4.34 10.77 12.86
N LYS A 50 3.03 10.56 13.09
CA LYS A 50 2.17 11.58 13.69
C LYS A 50 2.11 12.83 12.80
N THR A 51 2.04 12.60 11.50
CA THR A 51 2.07 13.71 10.54
C THR A 51 0.75 13.86 9.80
N PHE A 52 0.20 15.06 9.83
CA PHE A 52 -0.96 15.40 9.02
C PHE A 52 -0.49 16.10 7.75
N THR A 53 -0.66 15.46 6.63
CA THR A 53 -0.27 16.03 5.36
C THR A 53 -1.48 16.57 4.62
N VAL A 54 -1.56 17.89 4.50
CA VAL A 54 -2.63 18.51 3.75
C VAL A 54 -2.15 18.88 2.35
N THR A 55 -2.57 18.09 1.38
CA THR A 55 -2.07 18.24 0.02
C THR A 55 -3.07 18.97 -0.87
N GLU A 56 -2.74 20.18 -1.26
CA GLU A 56 -3.61 21.00 -2.09
C GLU A 56 -3.30 20.76 -3.57
N GLY A 57 -2.08 21.11 -3.97
CA GLY A 57 -1.68 20.99 -5.36
C GLY A 57 -1.56 19.55 -5.83
N SER A 58 -1.39 18.64 -4.87
CA SER A 58 -1.25 17.20 -5.13
C SER A 58 -0.17 16.90 -6.18
N HIS A 59 -0.12 15.64 -6.61
CA HIS A 59 0.80 15.20 -7.66
C HIS A 59 2.26 15.35 -7.21
N HIS A 60 2.46 15.41 -5.89
CA HIS A 60 3.79 15.60 -5.34
C HIS A 60 4.20 14.38 -4.52
N HIS A 61 5.40 13.90 -4.76
CA HIS A 61 5.91 12.71 -4.09
C HIS A 61 7.43 12.61 -4.26
N HIS A 62 7.99 11.46 -3.88
CA HIS A 62 9.43 11.25 -3.98
C HIS A 62 9.92 11.31 -5.43
N HIS A 63 11.21 11.60 -5.58
CA HIS A 63 11.80 11.71 -6.91
C HIS A 63 11.97 10.33 -7.54
N HIS A 64 12.31 9.36 -6.71
CA HIS A 64 12.50 7.99 -7.16
C HIS A 64 11.42 7.10 -6.56
N MET A 65 11.49 5.81 -6.81
CA MET A 65 10.51 4.88 -6.25
C MET A 65 11.04 4.25 -4.96
N ASP A 66 11.97 4.95 -4.30
CA ASP A 66 12.52 4.49 -3.04
C ASP A 66 11.45 4.46 -1.95
N VAL A 67 11.07 5.65 -1.44
CA VAL A 67 10.02 5.83 -0.44
C VAL A 67 10.15 4.86 0.74
N GLU A 68 9.13 4.81 1.59
CA GLU A 68 9.10 3.81 2.65
C GLU A 68 8.45 2.56 2.12
N GLY A 69 7.34 2.76 1.40
CA GLY A 69 6.66 1.67 0.73
C GLY A 69 5.93 0.76 1.70
N MET A 70 4.62 0.88 1.76
CA MET A 70 3.83 -0.03 2.56
C MET A 70 3.96 -1.43 1.96
N THR A 71 4.09 -2.42 2.83
CA THR A 71 4.48 -3.76 2.42
C THR A 71 3.53 -4.32 1.35
N SER A 72 4.05 -4.41 0.13
CA SER A 72 3.24 -4.82 -1.01
C SER A 72 3.58 -6.24 -1.43
N LEU A 73 2.58 -6.93 -1.96
CA LEU A 73 2.73 -8.29 -2.42
C LEU A 73 2.54 -8.38 -3.92
N LYS A 74 3.27 -9.28 -4.54
CA LYS A 74 3.08 -9.60 -5.95
C LYS A 74 2.58 -11.02 -6.08
N VAL A 75 1.36 -11.17 -6.54
CA VAL A 75 0.79 -12.49 -6.74
C VAL A 75 0.95 -12.89 -8.20
N ASP A 76 1.40 -14.12 -8.43
CA ASP A 76 1.65 -14.59 -9.77
C ASP A 76 0.96 -15.94 -9.97
N ASN A 77 1.02 -16.47 -11.19
CA ASN A 77 0.27 -17.68 -11.56
C ASN A 77 -1.22 -17.42 -11.41
N LEU A 78 -1.56 -16.14 -11.49
CA LEU A 78 -2.90 -15.67 -11.27
C LEU A 78 -3.73 -15.80 -12.54
N THR A 79 -5.05 -15.83 -12.36
CA THR A 79 -5.96 -16.03 -13.46
C THR A 79 -6.59 -14.73 -13.94
N TYR A 80 -6.78 -14.61 -15.25
CA TYR A 80 -7.47 -13.45 -15.81
C TYR A 80 -8.97 -13.57 -15.57
N ARG A 81 -9.36 -13.26 -14.35
CA ARG A 81 -10.74 -13.31 -13.90
C ARG A 81 -10.79 -12.75 -12.49
N THR A 82 -9.65 -12.87 -11.82
CA THR A 82 -9.44 -12.30 -10.51
C THR A 82 -9.57 -10.77 -10.57
N SER A 83 -10.64 -10.24 -9.99
CA SER A 83 -10.88 -8.81 -10.00
C SER A 83 -10.27 -8.16 -8.76
N PRO A 84 -10.01 -6.85 -8.78
CA PRO A 84 -9.41 -6.14 -7.64
C PRO A 84 -10.11 -6.42 -6.31
N ASP A 85 -11.44 -6.35 -6.31
CA ASP A 85 -12.21 -6.63 -5.10
C ASP A 85 -12.06 -8.09 -4.68
N THR A 86 -11.75 -8.94 -5.65
CA THR A 86 -11.52 -10.35 -5.40
C THR A 86 -10.35 -10.56 -4.44
N LEU A 87 -9.17 -10.02 -4.77
CA LEU A 87 -8.01 -10.23 -3.92
C LEU A 87 -8.14 -9.47 -2.61
N ARG A 88 -8.70 -8.26 -2.66
CA ARG A 88 -8.93 -7.48 -1.46
C ARG A 88 -9.69 -8.31 -0.45
N ARG A 89 -10.78 -8.92 -0.90
CA ARG A 89 -11.62 -9.78 -0.06
C ARG A 89 -10.80 -10.87 0.65
N VAL A 90 -9.94 -11.55 -0.08
CA VAL A 90 -9.18 -12.66 0.48
C VAL A 90 -8.05 -12.17 1.39
N PHE A 91 -7.32 -11.16 0.94
CA PHE A 91 -6.14 -10.68 1.66
C PHE A 91 -6.51 -9.92 2.94
N GLU A 92 -7.61 -9.18 2.91
CA GLU A 92 -8.02 -8.38 4.07
C GLU A 92 -8.36 -9.25 5.27
N LYS A 93 -8.58 -10.54 5.01
CA LYS A 93 -8.81 -11.50 6.08
C LYS A 93 -7.56 -11.65 6.94
N TYR A 94 -6.42 -11.66 6.28
CA TYR A 94 -5.14 -11.88 6.95
C TYR A 94 -4.61 -10.59 7.56
N GLY A 95 -4.68 -9.51 6.80
CA GLY A 95 -4.13 -8.26 7.29
C GLY A 95 -4.88 -7.05 6.77
N ARG A 96 -4.41 -5.88 7.14
CA ARG A 96 -5.05 -4.63 6.75
C ARG A 96 -4.58 -4.19 5.37
N VAL A 97 -5.34 -4.56 4.35
CA VAL A 97 -5.03 -4.17 2.98
C VAL A 97 -5.89 -2.98 2.56
N GLY A 98 -5.25 -1.97 1.95
CA GLY A 98 -5.99 -0.78 1.56
C GLY A 98 -6.03 -0.60 0.06
N ASP A 99 -5.14 -1.30 -0.65
CA ASP A 99 -5.02 -1.17 -2.09
C ASP A 99 -4.48 -2.47 -2.68
N VAL A 100 -4.86 -2.78 -3.91
CA VAL A 100 -4.33 -3.95 -4.58
C VAL A 100 -3.87 -3.60 -5.99
N TYR A 101 -4.76 -2.96 -6.74
CA TYR A 101 -4.53 -2.66 -8.16
C TYR A 101 -4.30 -3.93 -8.97
N ILE A 102 -5.38 -4.56 -9.38
CA ILE A 102 -5.31 -5.67 -10.32
C ILE A 102 -5.57 -5.11 -11.72
N PRO A 103 -4.50 -4.96 -12.52
CA PRO A 103 -4.55 -4.23 -13.78
C PRO A 103 -5.30 -4.95 -14.90
N ARG A 104 -6.62 -4.85 -14.86
CA ARG A 104 -7.45 -5.23 -15.98
C ARG A 104 -7.42 -4.10 -16.99
N ASP A 105 -7.31 -2.90 -16.45
CA ASP A 105 -7.18 -1.69 -17.24
C ASP A 105 -5.77 -1.17 -17.11
N ARG A 106 -5.16 -0.82 -18.24
CA ARG A 106 -3.78 -0.33 -18.29
C ARG A 106 -2.79 -1.48 -18.08
N TYR A 107 -1.60 -1.31 -18.63
CA TYR A 107 -0.50 -2.26 -18.53
C TYR A 107 -0.78 -3.53 -19.33
N THR A 108 0.21 -4.41 -19.35
CA THR A 108 0.12 -5.66 -20.07
C THR A 108 1.47 -6.37 -20.04
N LYS A 109 1.45 -7.69 -20.18
CA LYS A 109 2.66 -8.49 -20.27
C LYS A 109 2.27 -9.94 -20.53
N GLU A 110 1.99 -10.24 -21.79
CA GLU A 110 1.49 -11.55 -22.23
C GLU A 110 0.07 -11.80 -21.71
N SER A 111 -0.06 -11.89 -20.41
CA SER A 111 -1.35 -12.09 -19.77
C SER A 111 -1.40 -11.36 -18.44
N ARG A 112 -2.60 -11.07 -17.97
CA ARG A 112 -2.78 -10.37 -16.71
C ARG A 112 -2.82 -11.37 -15.57
N GLY A 113 -1.81 -12.23 -15.52
CA GLY A 113 -1.73 -13.23 -14.48
C GLY A 113 -0.85 -12.77 -13.33
N PHE A 114 -0.89 -11.48 -13.07
CA PHE A 114 -0.13 -10.88 -11.99
C PHE A 114 -0.95 -9.79 -11.34
N ALA A 115 -0.82 -9.65 -10.03
CA ALA A 115 -1.52 -8.60 -9.30
C ALA A 115 -0.72 -8.19 -8.08
N PHE A 116 -1.03 -7.03 -7.55
CA PHE A 116 -0.37 -6.53 -6.36
C PHE A 116 -1.37 -6.43 -5.24
N VAL A 117 -0.86 -6.41 -4.02
CA VAL A 117 -1.68 -6.13 -2.87
C VAL A 117 -0.86 -5.31 -1.87
N ARG A 118 -1.45 -4.24 -1.34
CA ARG A 118 -0.74 -3.34 -0.45
C ARG A 118 -1.33 -3.40 0.95
N PHE A 119 -0.57 -3.94 1.88
CA PHE A 119 -0.97 -3.98 3.27
C PHE A 119 -0.39 -2.79 4.01
N HIS A 120 -0.87 -2.56 5.23
CA HIS A 120 -0.40 -1.46 6.03
C HIS A 120 1.06 -1.66 6.42
N ASP A 121 1.35 -2.80 7.02
CA ASP A 121 2.71 -3.10 7.46
C ASP A 121 3.10 -4.51 7.09
N LYS A 122 4.33 -4.89 7.45
CA LYS A 122 4.87 -6.19 7.11
C LYS A 122 4.08 -7.28 7.82
N ARG A 123 3.58 -6.97 9.01
CA ARG A 123 2.75 -7.89 9.77
C ARG A 123 1.59 -8.42 8.94
N ASP A 124 0.96 -7.53 8.20
CA ASP A 124 -0.21 -7.89 7.41
C ASP A 124 0.20 -8.61 6.14
N ALA A 125 1.35 -8.23 5.61
CA ALA A 125 1.83 -8.76 4.36
C ALA A 125 2.37 -10.17 4.52
N GLU A 126 3.07 -10.42 5.63
CA GLU A 126 3.65 -11.72 5.88
C GLU A 126 2.58 -12.75 6.12
N ASP A 127 1.58 -12.38 6.90
CA ASP A 127 0.46 -13.25 7.19
C ASP A 127 -0.20 -13.70 5.89
N ALA A 128 -0.24 -12.79 4.92
CA ALA A 128 -0.88 -13.05 3.65
C ALA A 128 0.01 -13.86 2.70
N MET A 129 1.22 -13.38 2.46
CA MET A 129 2.11 -14.00 1.48
C MET A 129 2.55 -15.39 1.93
N ASP A 130 2.66 -15.58 3.23
CA ASP A 130 3.02 -16.88 3.77
C ASP A 130 1.87 -17.85 3.58
N ALA A 131 0.66 -17.34 3.78
CA ALA A 131 -0.53 -18.16 3.69
C ALA A 131 -0.91 -18.47 2.24
N MET A 132 -0.93 -17.44 1.40
CA MET A 132 -1.51 -17.57 0.06
C MET A 132 -0.49 -18.01 -0.99
N ASP A 133 0.79 -18.03 -0.64
CA ASP A 133 1.76 -18.64 -1.51
C ASP A 133 1.55 -20.17 -1.47
N GLY A 134 0.64 -20.62 -2.30
CA GLY A 134 0.16 -21.98 -2.23
C GLY A 134 -1.33 -22.03 -1.94
N ALA A 135 -2.03 -20.94 -2.27
CA ALA A 135 -3.48 -20.85 -2.07
C ALA A 135 -4.22 -20.99 -3.38
N VAL A 136 -5.35 -21.65 -3.34
CA VAL A 136 -6.14 -21.82 -4.55
C VAL A 136 -7.37 -20.92 -4.51
N LEU A 137 -7.32 -19.82 -5.27
CA LEU A 137 -8.44 -18.89 -5.30
C LEU A 137 -9.39 -19.24 -6.44
N ASP A 138 -8.99 -20.23 -7.24
CA ASP A 138 -9.80 -20.68 -8.38
C ASP A 138 -9.44 -22.12 -8.75
N GLY A 139 -8.21 -22.30 -9.25
CA GLY A 139 -7.78 -23.62 -9.68
C GLY A 139 -6.27 -23.76 -9.70
N ARG A 140 -5.60 -22.97 -8.87
CA ARG A 140 -4.15 -23.02 -8.74
C ARG A 140 -3.75 -22.35 -7.47
N GLU A 141 -2.47 -22.36 -7.23
CA GLU A 141 -1.91 -21.75 -6.06
C GLU A 141 -1.27 -20.44 -6.43
N LEU A 142 -1.86 -19.36 -5.96
CA LEU A 142 -1.30 -18.03 -6.20
C LEU A 142 0.12 -17.96 -5.65
N ARG A 143 1.00 -17.33 -6.39
CA ARG A 143 2.36 -17.14 -5.94
C ARG A 143 2.52 -15.75 -5.37
N VAL A 144 2.18 -15.61 -4.11
CA VAL A 144 2.21 -14.32 -3.45
C VAL A 144 3.59 -14.07 -2.87
N GLN A 145 4.31 -13.15 -3.49
CA GLN A 145 5.67 -12.84 -3.10
C GLN A 145 5.74 -11.43 -2.55
N MET A 146 6.52 -11.23 -1.49
CA MET A 146 6.68 -9.89 -0.95
C MET A 146 7.55 -9.07 -1.90
N ALA A 147 6.99 -8.00 -2.44
CA ALA A 147 7.63 -7.25 -3.51
C ALA A 147 8.22 -5.94 -2.99
N ARG A 148 9.23 -5.45 -3.73
CA ARG A 148 9.92 -4.19 -3.42
C ARG A 148 10.77 -4.32 -2.17
N TYR A 149 10.13 -4.45 -1.01
CA TYR A 149 10.84 -4.52 0.26
C TYR A 149 10.32 -5.68 1.08
N GLY A 150 10.93 -6.84 0.86
CA GLY A 150 10.54 -8.04 1.57
C GLY A 150 11.29 -9.23 1.06
N ARG A 151 12.03 -9.87 1.97
CA ARG A 151 12.96 -10.95 1.62
C ARG A 151 14.14 -10.37 0.83
N PRO A 152 15.32 -11.02 0.90
CA PRO A 152 16.49 -10.57 0.17
C PRO A 152 16.23 -10.45 -1.33
N PRO A 153 16.21 -9.23 -1.86
CA PRO A 153 15.94 -8.98 -3.28
C PRO A 153 17.19 -9.17 -4.12
N ASP A 154 17.14 -8.73 -5.36
CA ASP A 154 18.31 -8.81 -6.23
C ASP A 154 19.19 -7.60 -6.01
N SER A 155 20.45 -7.83 -5.74
CA SER A 155 21.39 -6.76 -5.47
C SER A 155 22.61 -6.88 -6.36
N HIS A 156 22.56 -7.79 -7.33
CA HIS A 156 23.71 -8.05 -8.18
C HIS A 156 23.56 -7.32 -9.51
N HIS A 157 22.44 -6.63 -9.70
CA HIS A 157 22.24 -5.82 -10.89
C HIS A 157 22.90 -4.46 -10.72
N SER A 158 22.70 -3.84 -9.58
CA SER A 158 23.27 -2.53 -9.30
C SER A 158 24.14 -2.59 -8.05
N MET A 1 9.46 33.92 -43.74
CA MET A 1 8.67 34.36 -42.58
C MET A 1 9.40 34.05 -41.29
N GLN A 2 8.95 34.64 -40.19
CA GLN A 2 9.55 34.40 -38.89
C GLN A 2 8.93 33.18 -38.24
N TYR A 3 9.72 32.13 -38.12
CA TYR A 3 9.29 30.91 -37.43
C TYR A 3 9.88 30.90 -36.03
N LYS A 4 9.05 30.65 -35.02
CA LYS A 4 9.54 30.54 -33.66
C LYS A 4 9.56 29.10 -33.21
N LEU A 5 10.68 28.69 -32.64
CA LEU A 5 10.83 27.38 -32.06
C LEU A 5 10.62 27.45 -30.56
N ILE A 6 9.68 26.67 -30.07
CA ILE A 6 9.46 26.54 -28.64
C ILE A 6 10.22 25.32 -28.14
N LEU A 7 11.35 25.55 -27.53
CA LEU A 7 12.15 24.47 -26.99
C LEU A 7 11.60 24.07 -25.63
N ASN A 8 10.94 22.94 -25.60
CA ASN A 8 10.28 22.47 -24.40
C ASN A 8 11.09 21.34 -23.79
N GLY A 9 12.42 21.50 -23.86
CA GLY A 9 13.30 20.46 -23.40
C GLY A 9 13.69 20.63 -21.94
N LYS A 10 14.38 19.66 -21.39
CA LYS A 10 14.88 19.75 -20.02
C LYS A 10 16.15 20.59 -19.97
N THR A 11 16.95 20.51 -21.03
CA THR A 11 18.20 21.24 -21.07
C THR A 11 17.96 22.70 -21.46
N LEU A 12 16.93 22.94 -22.25
CA LEU A 12 16.61 24.28 -22.70
C LEU A 12 15.12 24.46 -22.86
N LYS A 13 14.58 25.47 -22.20
CA LYS A 13 13.17 25.81 -22.32
C LYS A 13 13.03 27.28 -22.68
N GLY A 14 13.14 27.57 -23.97
CA GLY A 14 13.11 28.95 -24.40
C GLY A 14 12.50 29.11 -25.78
N GLU A 15 12.46 30.35 -26.25
CA GLU A 15 11.91 30.64 -27.56
C GLU A 15 13.01 31.21 -28.46
N THR A 16 13.01 30.82 -29.72
CA THR A 16 13.95 31.37 -30.68
C THR A 16 13.31 31.41 -32.06
N THR A 17 13.80 32.27 -32.93
CA THR A 17 13.18 32.46 -34.23
C THR A 17 14.19 32.49 -35.36
N THR A 18 13.70 32.31 -36.58
CA THR A 18 14.52 32.44 -37.77
C THR A 18 13.65 32.88 -38.95
N GLU A 19 14.27 33.54 -39.90
CA GLU A 19 13.57 33.95 -41.12
C GLU A 19 13.72 32.86 -42.17
N ALA A 20 12.74 31.98 -42.24
CA ALA A 20 12.83 30.82 -43.11
C ALA A 20 11.98 30.98 -44.35
N VAL A 21 12.42 30.39 -45.45
CA VAL A 21 11.69 30.45 -46.71
C VAL A 21 10.72 29.28 -46.83
N ASP A 22 10.88 28.28 -45.97
CA ASP A 22 10.00 27.13 -45.96
C ASP A 22 9.96 26.52 -44.58
N ALA A 23 8.88 25.81 -44.25
CA ALA A 23 8.72 25.17 -42.96
C ALA A 23 9.84 24.17 -42.70
N ALA A 24 10.20 23.40 -43.73
CA ALA A 24 11.27 22.40 -43.59
C ALA A 24 12.61 23.10 -43.39
N THR A 25 12.79 24.21 -44.07
CA THR A 25 13.99 25.01 -43.94
C THR A 25 14.07 25.61 -42.53
N ALA A 26 12.91 25.97 -41.99
CA ALA A 26 12.82 26.49 -40.63
C ALA A 26 13.19 25.43 -39.62
N GLU A 27 12.56 24.25 -39.73
CA GLU A 27 12.83 23.18 -38.79
C GLU A 27 14.30 22.80 -38.86
N LYS A 28 14.86 22.83 -40.06
CA LYS A 28 16.26 22.52 -40.29
C LYS A 28 17.16 23.35 -39.37
N VAL A 29 16.90 24.64 -39.32
CA VAL A 29 17.70 25.55 -38.52
C VAL A 29 17.38 25.37 -37.03
N PHE A 30 16.13 25.08 -36.73
CA PHE A 30 15.72 24.81 -35.37
C PHE A 30 16.36 23.52 -34.88
N LYS A 31 16.60 22.59 -35.80
CA LYS A 31 17.19 21.31 -35.46
C LYS A 31 18.66 21.48 -35.12
N GLN A 32 19.29 22.49 -35.72
CA GLN A 32 20.65 22.86 -35.34
C GLN A 32 20.65 23.40 -33.91
N TYR A 33 19.74 24.32 -33.64
CA TYR A 33 19.63 24.96 -32.34
C TYR A 33 19.30 23.93 -31.27
N ALA A 34 18.38 23.03 -31.59
CA ALA A 34 17.95 22.00 -30.67
C ALA A 34 19.09 21.02 -30.37
N ASN A 35 19.84 20.63 -31.40
CA ASN A 35 20.91 19.66 -31.27
C ASN A 35 22.06 20.19 -30.43
N ASP A 36 22.34 21.49 -30.55
CA ASP A 36 23.47 22.09 -29.83
C ASP A 36 23.19 22.07 -28.34
N ASN A 37 21.94 22.27 -27.97
CA ASN A 37 21.54 22.30 -26.57
C ASN A 37 21.22 20.91 -26.07
N GLY A 38 20.68 20.07 -26.94
CA GLY A 38 20.43 18.69 -26.59
C GLY A 38 18.97 18.38 -26.33
N VAL A 39 18.09 19.02 -27.08
CA VAL A 39 16.67 18.71 -26.98
C VAL A 39 16.10 18.26 -28.32
N ASP A 40 16.06 16.96 -28.51
CA ASP A 40 15.42 16.37 -29.67
C ASP A 40 14.07 15.82 -29.25
N GLY A 41 13.07 16.68 -29.22
CA GLY A 41 11.75 16.27 -28.77
C GLY A 41 10.83 15.95 -29.92
N GLU A 42 9.56 15.78 -29.61
CA GLU A 42 8.57 15.50 -30.63
C GLU A 42 8.29 16.77 -31.42
N TRP A 43 8.69 16.77 -32.69
CA TRP A 43 8.56 17.95 -33.53
C TRP A 43 7.13 18.18 -33.98
N THR A 44 6.51 19.20 -33.41
CA THR A 44 5.18 19.61 -33.82
C THR A 44 5.25 21.03 -34.40
N TYR A 45 4.46 21.29 -35.43
CA TYR A 45 4.48 22.59 -36.09
C TYR A 45 3.09 23.19 -36.16
N ASP A 46 2.99 24.48 -35.86
CA ASP A 46 1.75 25.22 -35.97
C ASP A 46 1.87 26.22 -37.11
N ASP A 47 0.94 26.18 -38.04
CA ASP A 47 1.05 27.01 -39.23
C ASP A 47 0.44 28.39 -39.01
N ALA A 48 -0.46 28.49 -38.04
CA ALA A 48 -1.13 29.75 -37.76
C ALA A 48 -0.14 30.77 -37.23
N THR A 49 0.69 30.36 -36.29
CA THR A 49 1.69 31.24 -35.70
C THR A 49 3.07 30.97 -36.30
N LYS A 50 3.14 29.98 -37.18
CA LYS A 50 4.41 29.58 -37.82
C LYS A 50 5.42 29.14 -36.77
N THR A 51 4.95 28.42 -35.76
CA THR A 51 5.79 28.04 -34.65
C THR A 51 6.06 26.53 -34.65
N PHE A 52 7.28 26.17 -34.29
CA PHE A 52 7.64 24.78 -34.07
C PHE A 52 7.76 24.52 -32.58
N THR A 53 7.38 23.34 -32.15
CA THR A 53 7.49 22.97 -30.74
C THR A 53 8.12 21.61 -30.60
N VAL A 54 9.25 21.56 -29.90
CA VAL A 54 9.86 20.29 -29.58
C VAL A 54 9.50 19.88 -28.18
N THR A 55 8.58 18.95 -28.08
CA THR A 55 8.16 18.46 -26.79
C THR A 55 9.01 17.27 -26.39
N GLU A 56 10.05 17.53 -25.61
CA GLU A 56 10.91 16.47 -25.11
C GLU A 56 10.27 15.85 -23.88
N GLY A 57 10.21 14.52 -23.85
CA GLY A 57 9.62 13.82 -22.73
C GLY A 57 10.29 14.18 -21.42
N SER A 58 9.63 15.00 -20.62
CA SER A 58 10.20 15.48 -19.37
C SER A 58 10.49 14.30 -18.45
N HIS A 59 9.49 13.49 -18.20
CA HIS A 59 9.65 12.32 -17.34
C HIS A 59 8.91 11.14 -17.94
N HIS A 60 9.64 10.17 -18.47
CA HIS A 60 9.02 8.95 -18.98
C HIS A 60 8.35 8.21 -17.83
N HIS A 61 8.92 8.38 -16.64
CA HIS A 61 8.26 7.96 -15.41
C HIS A 61 7.66 9.18 -14.76
N HIS A 62 6.44 9.51 -15.17
CA HIS A 62 5.78 10.75 -14.77
C HIS A 62 5.59 10.82 -13.26
N HIS A 63 4.75 9.95 -12.74
CA HIS A 63 4.48 9.95 -11.31
C HIS A 63 5.57 9.19 -10.57
N HIS A 64 6.32 9.91 -9.76
CA HIS A 64 7.43 9.33 -9.03
C HIS A 64 6.93 8.48 -7.86
N MET A 65 7.78 7.58 -7.40
CA MET A 65 7.42 6.67 -6.33
C MET A 65 7.96 7.17 -4.99
N ASP A 66 7.77 6.37 -3.95
CA ASP A 66 8.26 6.71 -2.62
C ASP A 66 9.02 5.51 -2.06
N VAL A 67 9.34 5.54 -0.78
CA VAL A 67 10.15 4.50 -0.18
C VAL A 67 9.47 3.89 1.04
N GLU A 68 9.19 2.59 0.96
CA GLU A 68 8.60 1.82 2.06
C GLU A 68 7.30 2.45 2.56
N GLY A 69 6.97 2.21 3.82
CA GLY A 69 5.72 2.73 4.37
C GLY A 69 4.65 1.67 4.44
N MET A 70 4.32 1.11 3.28
CA MET A 70 3.31 0.05 3.20
C MET A 70 3.86 -1.13 2.42
N THR A 71 3.41 -2.32 2.76
CA THR A 71 3.93 -3.53 2.14
C THR A 71 3.17 -3.88 0.87
N SER A 72 3.92 -4.08 -0.21
CA SER A 72 3.35 -4.50 -1.47
C SER A 72 3.66 -5.97 -1.71
N LEU A 73 2.63 -6.72 -2.08
CA LEU A 73 2.80 -8.14 -2.36
C LEU A 73 2.65 -8.40 -3.84
N LYS A 74 3.41 -9.36 -4.33
CA LYS A 74 3.36 -9.73 -5.73
C LYS A 74 2.76 -11.10 -5.88
N VAL A 75 1.58 -11.16 -6.48
CA VAL A 75 0.92 -12.42 -6.70
C VAL A 75 1.02 -12.80 -8.19
N ASP A 76 1.53 -13.98 -8.45
CA ASP A 76 1.67 -14.45 -9.81
C ASP A 76 0.92 -15.75 -10.00
N ASN A 77 0.91 -16.23 -11.24
CA ASN A 77 0.10 -17.39 -11.63
C ASN A 77 -1.36 -17.07 -11.43
N LEU A 78 -1.63 -15.77 -11.38
CA LEU A 78 -2.94 -15.25 -11.08
C LEU A 78 -3.94 -15.66 -12.15
N THR A 79 -5.10 -16.14 -11.70
CA THR A 79 -6.13 -16.58 -12.63
C THR A 79 -6.66 -15.42 -13.46
N TYR A 80 -7.05 -15.70 -14.69
CA TYR A 80 -7.48 -14.66 -15.61
C TYR A 80 -8.74 -13.95 -15.10
N ARG A 81 -9.61 -14.68 -14.42
CA ARG A 81 -10.89 -14.14 -13.97
C ARG A 81 -10.81 -13.57 -12.56
N THR A 82 -9.62 -13.10 -12.17
CA THR A 82 -9.44 -12.48 -10.87
C THR A 82 -9.85 -11.00 -10.93
N SER A 83 -10.86 -10.63 -10.15
CA SER A 83 -11.29 -9.24 -10.09
C SER A 83 -10.59 -8.52 -8.93
N PRO A 84 -10.42 -7.18 -9.02
CA PRO A 84 -9.80 -6.38 -7.95
C PRO A 84 -10.43 -6.63 -6.58
N ASP A 85 -11.76 -6.73 -6.54
CA ASP A 85 -12.47 -7.02 -5.30
C ASP A 85 -12.05 -8.36 -4.74
N THR A 86 -11.81 -9.29 -5.65
CA THR A 86 -11.46 -10.66 -5.29
C THR A 86 -10.20 -10.73 -4.43
N LEU A 87 -9.08 -10.21 -4.91
CA LEU A 87 -7.82 -10.33 -4.19
C LEU A 87 -7.88 -9.59 -2.85
N ARG A 88 -8.47 -8.40 -2.87
CA ARG A 88 -8.59 -7.59 -1.67
C ARG A 88 -9.30 -8.36 -0.57
N ARG A 89 -10.45 -8.93 -0.92
CA ARG A 89 -11.29 -9.65 0.03
C ARG A 89 -10.57 -10.86 0.61
N VAL A 90 -9.80 -11.55 -0.21
CA VAL A 90 -9.08 -12.73 0.24
C VAL A 90 -7.91 -12.35 1.13
N PHE A 91 -7.10 -11.42 0.65
CA PHE A 91 -5.89 -11.02 1.34
C PHE A 91 -6.18 -10.35 2.68
N GLU A 92 -7.27 -9.59 2.75
CA GLU A 92 -7.62 -8.88 3.98
C GLU A 92 -8.09 -9.84 5.08
N LYS A 93 -8.07 -11.13 4.80
CA LYS A 93 -8.37 -12.13 5.81
C LYS A 93 -7.22 -12.23 6.81
N TYR A 94 -6.01 -12.27 6.29
CA TYR A 94 -4.83 -12.44 7.13
C TYR A 94 -4.35 -11.10 7.70
N GLY A 95 -4.38 -10.07 6.88
CA GLY A 95 -3.99 -8.75 7.33
C GLY A 95 -4.95 -7.71 6.79
N ARG A 96 -4.67 -6.45 6.99
CA ARG A 96 -5.56 -5.42 6.48
C ARG A 96 -4.98 -4.78 5.22
N VAL A 97 -5.38 -5.30 4.07
CA VAL A 97 -4.97 -4.76 2.78
C VAL A 97 -5.93 -3.66 2.34
N GLY A 98 -5.38 -2.55 1.87
CA GLY A 98 -6.20 -1.41 1.51
C GLY A 98 -6.19 -1.11 0.02
N ASP A 99 -5.05 -1.32 -0.64
CA ASP A 99 -4.90 -0.93 -2.04
C ASP A 99 -4.39 -2.10 -2.88
N VAL A 100 -5.25 -2.63 -3.73
CA VAL A 100 -4.88 -3.71 -4.62
C VAL A 100 -4.77 -3.21 -6.07
N TYR A 101 -3.92 -3.85 -6.84
CA TYR A 101 -3.76 -3.51 -8.23
C TYR A 101 -3.63 -4.77 -9.08
N ILE A 102 -4.70 -5.10 -9.77
CA ILE A 102 -4.70 -6.24 -10.68
C ILE A 102 -4.65 -5.72 -12.12
N PRO A 103 -3.44 -5.70 -12.72
CA PRO A 103 -3.20 -5.08 -14.03
C PRO A 103 -3.81 -5.86 -15.19
N ARG A 104 -3.94 -5.18 -16.32
CA ARG A 104 -4.51 -5.76 -17.53
C ARG A 104 -3.46 -6.56 -18.30
N ASP A 105 -3.86 -7.06 -19.46
CA ASP A 105 -2.95 -7.76 -20.35
C ASP A 105 -1.98 -6.77 -20.98
N ARG A 106 -0.72 -7.17 -21.04
CA ARG A 106 0.33 -6.33 -21.61
C ARG A 106 1.66 -7.07 -21.55
N TYR A 107 2.02 -7.50 -20.35
CA TYR A 107 3.29 -8.18 -20.14
C TYR A 107 3.10 -9.69 -20.30
N THR A 108 2.51 -10.31 -19.29
CA THR A 108 2.30 -11.75 -19.31
C THR A 108 0.81 -12.08 -19.18
N LYS A 109 0.31 -12.89 -20.09
CA LYS A 109 -1.08 -13.35 -20.02
C LYS A 109 -1.15 -14.82 -20.43
N GLU A 110 -0.35 -15.19 -21.42
CA GLU A 110 -0.35 -16.55 -21.93
C GLU A 110 0.21 -17.51 -20.90
N SER A 111 1.31 -17.08 -20.27
CA SER A 111 1.96 -17.87 -19.24
C SER A 111 1.16 -17.82 -17.95
N ARG A 112 1.10 -16.64 -17.35
CA ARG A 112 0.36 -16.44 -16.12
C ARG A 112 0.11 -14.95 -15.89
N GLY A 113 -0.95 -14.64 -15.17
CA GLY A 113 -1.24 -13.28 -14.80
C GLY A 113 -0.52 -12.89 -13.52
N PHE A 114 -0.54 -11.61 -13.20
CA PHE A 114 0.11 -11.12 -11.99
C PHE A 114 -0.67 -9.94 -11.43
N ALA A 115 -0.54 -9.71 -10.13
CA ALA A 115 -1.19 -8.57 -9.48
C ALA A 115 -0.43 -8.16 -8.23
N PHE A 116 -0.77 -7.00 -7.70
CA PHE A 116 -0.15 -6.49 -6.50
C PHE A 116 -1.21 -6.17 -5.47
N VAL A 117 -0.85 -6.38 -4.21
CA VAL A 117 -1.73 -6.06 -3.11
C VAL A 117 -0.95 -5.30 -2.04
N ARG A 118 -1.55 -4.27 -1.46
CA ARG A 118 -0.84 -3.43 -0.50
C ARG A 118 -1.47 -3.48 0.88
N PHE A 119 -0.70 -4.01 1.82
CA PHE A 119 -1.09 -4.06 3.21
C PHE A 119 -0.48 -2.88 3.96
N HIS A 120 -0.90 -2.69 5.19
CA HIS A 120 -0.39 -1.59 5.99
C HIS A 120 1.06 -1.82 6.40
N ASP A 121 1.29 -2.73 7.33
CA ASP A 121 2.64 -2.99 7.80
C ASP A 121 3.11 -4.34 7.32
N LYS A 122 4.34 -4.70 7.69
CA LYS A 122 4.90 -5.99 7.32
C LYS A 122 4.15 -7.10 8.03
N ARG A 123 3.58 -6.76 9.19
CA ARG A 123 2.74 -7.68 9.95
C ARG A 123 1.61 -8.22 9.10
N ASP A 124 1.00 -7.34 8.31
CA ASP A 124 -0.14 -7.71 7.49
C ASP A 124 0.32 -8.52 6.28
N ALA A 125 1.48 -8.16 5.75
CA ALA A 125 1.98 -8.76 4.53
C ALA A 125 2.52 -10.16 4.75
N GLU A 126 3.18 -10.37 5.88
CA GLU A 126 3.79 -11.66 6.18
C GLU A 126 2.74 -12.74 6.28
N ASP A 127 1.69 -12.48 7.05
CA ASP A 127 0.60 -13.45 7.18
C ASP A 127 -0.02 -13.74 5.83
N ALA A 128 -0.01 -12.75 4.95
CA ALA A 128 -0.63 -12.90 3.64
C ALA A 128 0.27 -13.64 2.65
N MET A 129 1.49 -13.16 2.46
CA MET A 129 2.37 -13.71 1.44
C MET A 129 2.79 -15.14 1.79
N ASP A 130 2.87 -15.43 3.08
CA ASP A 130 3.22 -16.76 3.54
C ASP A 130 2.04 -17.70 3.34
N ALA A 131 0.86 -17.24 3.73
CA ALA A 131 -0.33 -18.07 3.66
C ALA A 131 -0.88 -18.22 2.23
N MET A 132 -0.89 -17.12 1.48
CA MET A 132 -1.52 -17.08 0.16
C MET A 132 -0.66 -17.76 -0.89
N ASP A 133 0.61 -17.95 -0.60
CA ASP A 133 1.46 -18.74 -1.48
C ASP A 133 1.07 -20.20 -1.34
N GLY A 134 0.15 -20.64 -2.19
CA GLY A 134 -0.44 -21.95 -2.03
C GLY A 134 -1.93 -21.85 -1.80
N ALA A 135 -2.48 -20.65 -2.02
CA ALA A 135 -3.89 -20.37 -1.83
C ALA A 135 -4.65 -20.37 -3.15
N VAL A 136 -5.70 -21.15 -3.25
CA VAL A 136 -6.47 -21.18 -4.48
C VAL A 136 -7.62 -20.18 -4.43
N LEU A 137 -7.47 -19.06 -5.13
CA LEU A 137 -8.52 -18.03 -5.13
C LEU A 137 -9.60 -18.39 -6.15
N ASP A 138 -9.30 -19.38 -6.99
CA ASP A 138 -10.23 -19.85 -8.02
C ASP A 138 -9.80 -21.21 -8.54
N GLY A 139 -8.73 -21.24 -9.31
CA GLY A 139 -8.23 -22.49 -9.84
C GLY A 139 -6.72 -22.59 -9.75
N ARG A 140 -6.12 -21.67 -9.02
CA ARG A 140 -4.69 -21.65 -8.84
C ARG A 140 -4.30 -21.15 -7.47
N GLU A 141 -3.35 -21.84 -6.85
CA GLU A 141 -2.68 -21.32 -5.67
C GLU A 141 -1.81 -20.14 -6.09
N LEU A 142 -2.16 -18.96 -5.60
CA LEU A 142 -1.42 -17.75 -5.91
C LEU A 142 0.05 -17.89 -5.54
N ARG A 143 0.91 -17.28 -6.33
CA ARG A 143 2.32 -17.22 -6.03
C ARG A 143 2.63 -15.85 -5.44
N VAL A 144 2.55 -15.74 -4.12
CA VAL A 144 2.62 -14.45 -3.47
C VAL A 144 3.98 -14.23 -2.82
N GLN A 145 4.67 -13.22 -3.29
CA GLN A 145 6.00 -12.88 -2.79
C GLN A 145 6.04 -11.43 -2.33
N MET A 146 7.06 -11.08 -1.54
CA MET A 146 7.26 -9.70 -1.15
C MET A 146 7.70 -8.87 -2.35
N ALA A 147 6.88 -7.90 -2.72
CA ALA A 147 7.15 -7.06 -3.87
C ALA A 147 7.74 -5.73 -3.44
N ARG A 148 8.14 -4.91 -4.41
CA ARG A 148 8.73 -3.63 -4.11
C ARG A 148 7.69 -2.52 -4.23
N TYR A 149 8.12 -1.29 -3.98
CA TYR A 149 7.20 -0.15 -3.91
C TYR A 149 7.03 0.48 -5.29
N GLY A 150 6.96 -0.38 -6.31
CA GLY A 150 6.85 0.08 -7.69
C GLY A 150 5.65 0.96 -7.93
N ARG A 151 4.51 0.56 -7.39
CA ARG A 151 3.29 1.34 -7.54
C ARG A 151 3.22 2.37 -6.41
N PRO A 152 3.28 3.67 -6.74
CA PRO A 152 3.24 4.74 -5.74
C PRO A 152 1.89 4.80 -5.02
N PRO A 153 1.91 5.11 -3.71
CA PRO A 153 0.69 5.17 -2.90
C PRO A 153 -0.06 6.48 -3.08
N ASP A 154 0.66 7.49 -3.53
CA ASP A 154 0.11 8.81 -3.78
C ASP A 154 -0.29 8.93 -5.25
N SER A 155 -1.04 9.96 -5.58
CA SER A 155 -1.38 10.22 -6.97
C SER A 155 -1.18 11.69 -7.29
N HIS A 156 -0.65 11.96 -8.48
CA HIS A 156 -0.51 13.31 -9.06
C HIS A 156 0.66 14.11 -8.48
N HIS A 157 1.08 13.83 -7.24
CA HIS A 157 2.20 14.59 -6.65
C HIS A 157 3.52 14.16 -7.27
N SER A 158 3.95 14.91 -8.28
CA SER A 158 5.22 14.68 -8.93
C SER A 158 5.66 15.94 -9.68
N MET A 1 27.27 17.87 54.24
CA MET A 1 27.18 17.91 52.78
C MET A 1 25.73 17.74 52.35
N GLN A 2 25.32 18.50 51.34
CA GLN A 2 23.93 18.52 50.91
C GLN A 2 23.65 17.41 49.90
N TYR A 3 23.01 16.35 50.36
CA TYR A 3 22.59 15.27 49.48
C TYR A 3 21.10 15.36 49.23
N LYS A 4 20.68 15.07 48.00
CA LYS A 4 19.27 15.11 47.65
C LYS A 4 18.78 13.73 47.19
N LEU A 5 17.59 13.38 47.65
CA LEU A 5 16.92 12.16 47.22
C LEU A 5 15.87 12.51 46.16
N ILE A 6 16.03 11.94 44.97
CA ILE A 6 15.05 12.10 43.91
C ILE A 6 14.16 10.87 43.89
N LEU A 7 12.94 11.02 44.34
CA LEU A 7 12.02 9.92 44.39
C LEU A 7 11.22 9.82 43.10
N ASN A 8 11.64 8.91 42.25
CA ASN A 8 10.94 8.65 40.99
C ASN A 8 10.07 7.43 41.19
N GLY A 9 9.27 7.46 42.23
CA GLY A 9 8.53 6.28 42.63
C GLY A 9 7.27 6.07 41.82
N LYS A 10 6.60 4.97 42.10
CA LYS A 10 5.35 4.63 41.41
C LYS A 10 4.31 5.72 41.61
N THR A 11 4.22 6.23 42.83
CA THR A 11 3.28 7.28 43.15
C THR A 11 3.99 8.49 43.76
N LEU A 12 4.98 8.22 44.62
CA LEU A 12 5.69 9.28 45.31
C LEU A 12 6.80 9.84 44.44
N LYS A 13 6.57 11.04 43.90
CA LYS A 13 7.55 11.71 43.07
C LYS A 13 7.93 13.05 43.70
N GLY A 14 9.02 13.06 44.42
CA GLY A 14 9.46 14.27 45.08
C GLY A 14 10.97 14.32 45.24
N GLU A 15 11.46 15.33 45.93
CA GLU A 15 12.88 15.42 46.24
C GLU A 15 13.10 16.03 47.62
N THR A 16 14.00 15.44 48.38
CA THR A 16 14.28 15.89 49.73
C THR A 16 15.79 15.84 49.98
N THR A 17 16.26 16.65 50.92
CA THR A 17 17.69 16.72 51.19
C THR A 17 17.98 16.49 52.67
N THR A 18 19.18 15.99 52.94
CA THR A 18 19.66 15.86 54.29
C THR A 18 21.13 16.23 54.32
N GLU A 19 21.58 16.84 55.40
CA GLU A 19 22.97 17.23 55.50
C GLU A 19 23.78 16.08 56.09
N ALA A 20 24.33 15.27 55.21
CA ALA A 20 25.06 14.07 55.60
C ALA A 20 26.55 14.25 55.35
N VAL A 21 27.36 13.54 56.11
CA VAL A 21 28.81 13.62 55.95
C VAL A 21 29.33 12.57 54.97
N ASP A 22 28.56 11.51 54.77
CA ASP A 22 28.96 10.43 53.87
C ASP A 22 27.80 10.01 52.99
N ALA A 23 28.11 9.52 51.80
CA ALA A 23 27.08 9.09 50.85
C ALA A 23 26.24 7.95 51.41
N ALA A 24 26.90 6.97 52.01
CA ALA A 24 26.20 5.81 52.56
C ALA A 24 25.38 6.23 53.78
N THR A 25 25.80 7.30 54.42
CA THR A 25 25.08 7.88 55.53
C THR A 25 23.83 8.60 55.03
N ALA A 26 24.00 9.36 53.95
CA ALA A 26 22.91 10.09 53.34
C ALA A 26 21.84 9.15 52.79
N GLU A 27 22.26 8.12 52.07
CA GLU A 27 21.34 7.22 51.42
C GLU A 27 20.43 6.51 52.44
N LYS A 28 20.97 6.22 53.62
CA LYS A 28 20.19 5.58 54.67
C LYS A 28 19.05 6.47 55.13
N VAL A 29 19.31 7.77 55.18
CA VAL A 29 18.28 8.74 55.55
C VAL A 29 17.25 8.84 54.44
N PHE A 30 17.72 8.77 53.22
CA PHE A 30 16.85 8.78 52.06
C PHE A 30 16.01 7.50 52.03
N LYS A 31 16.57 6.42 52.55
CA LYS A 31 15.85 5.16 52.64
C LYS A 31 14.72 5.29 53.66
N GLN A 32 14.97 6.10 54.70
CA GLN A 32 13.96 6.37 55.71
C GLN A 32 12.79 7.15 55.11
N TYR A 33 13.08 7.96 54.10
CA TYR A 33 12.03 8.72 53.42
C TYR A 33 11.31 7.84 52.41
N ALA A 34 12.10 7.06 51.67
CA ALA A 34 11.57 6.18 50.65
C ALA A 34 10.69 5.09 51.27
N ASN A 35 11.21 4.43 52.30
CA ASN A 35 10.50 3.36 52.99
C ASN A 35 9.27 3.91 53.71
N ASP A 36 9.33 5.17 54.09
CA ASP A 36 8.22 5.84 54.76
C ASP A 36 7.05 6.02 53.81
N ASN A 37 7.38 6.37 52.58
CA ASN A 37 6.36 6.64 51.57
C ASN A 37 5.99 5.37 50.80
N GLY A 38 6.81 4.35 50.92
CA GLY A 38 6.50 3.07 50.32
C GLY A 38 7.07 2.91 48.93
N VAL A 39 8.18 3.57 48.66
CA VAL A 39 8.83 3.46 47.38
C VAL A 39 10.24 2.86 47.51
N ASP A 40 10.47 1.76 46.81
CA ASP A 40 11.79 1.16 46.73
C ASP A 40 12.16 0.92 45.28
N GLY A 41 13.00 1.79 44.74
CA GLY A 41 13.36 1.70 43.35
C GLY A 41 14.86 1.53 43.15
N GLU A 42 15.31 1.65 41.91
CA GLU A 42 16.72 1.53 41.59
C GLU A 42 17.50 2.70 42.14
N TRP A 43 18.24 2.46 43.22
CA TRP A 43 19.05 3.49 43.85
C TRP A 43 20.20 3.90 42.95
N THR A 44 20.08 5.09 42.39
CA THR A 44 21.07 5.60 41.47
C THR A 44 21.63 6.92 41.98
N TYR A 45 22.89 6.91 42.40
CA TYR A 45 23.52 8.09 42.98
C TYR A 45 24.42 8.79 41.98
N ASP A 46 24.21 10.10 41.82
CA ASP A 46 25.06 10.93 40.99
C ASP A 46 26.07 11.65 41.88
N ASP A 47 27.34 11.34 41.69
CA ASP A 47 28.40 11.87 42.55
C ASP A 47 28.50 13.39 42.47
N ALA A 48 28.34 13.91 41.27
CA ALA A 48 28.53 15.34 41.02
C ALA A 48 27.48 16.18 41.74
N THR A 49 26.22 15.80 41.62
CA THR A 49 25.13 16.58 42.21
C THR A 49 24.77 16.08 43.61
N LYS A 50 25.38 14.97 44.03
CA LYS A 50 25.12 14.38 45.35
C LYS A 50 23.67 13.94 45.45
N THR A 51 23.13 13.43 44.36
CA THR A 51 21.72 13.06 44.31
C THR A 51 21.53 11.55 44.26
N PHE A 52 20.67 11.04 45.12
CA PHE A 52 20.25 9.65 45.09
C PHE A 52 18.88 9.57 44.46
N THR A 53 18.79 8.98 43.28
CA THR A 53 17.52 8.82 42.61
C THR A 53 17.03 7.38 42.72
N VAL A 54 15.80 7.19 43.17
CA VAL A 54 15.19 5.88 43.14
C VAL A 54 14.29 5.79 41.92
N THR A 55 14.77 5.09 40.91
CA THR A 55 14.02 4.94 39.69
C THR A 55 13.11 3.71 39.80
N GLU A 56 11.83 3.97 39.98
CA GLU A 56 10.86 2.90 40.14
C GLU A 56 10.23 2.56 38.79
N GLY A 57 9.50 1.46 38.74
CA GLY A 57 8.84 1.03 37.51
C GLY A 57 7.98 2.12 36.91
N SER A 58 7.21 2.79 37.76
CA SER A 58 6.39 3.93 37.35
C SER A 58 5.32 3.48 36.34
N HIS A 59 4.83 4.42 35.56
CA HIS A 59 3.85 4.11 34.53
C HIS A 59 4.46 4.32 33.16
N HIS A 60 4.68 3.24 32.43
CA HIS A 60 5.26 3.32 31.09
C HIS A 60 4.35 4.11 30.16
N HIS A 61 4.95 4.84 29.23
CA HIS A 61 4.17 5.64 28.29
C HIS A 61 3.79 4.80 27.08
N HIS A 62 2.97 5.36 26.21
CA HIS A 62 2.52 4.64 25.02
C HIS A 62 3.33 5.08 23.80
N HIS A 63 3.64 4.13 22.93
CA HIS A 63 4.48 4.40 21.76
C HIS A 63 3.90 5.53 20.91
N HIS A 64 4.63 6.63 20.85
CA HIS A 64 4.17 7.81 20.13
C HIS A 64 4.43 7.66 18.64
N MET A 65 3.39 7.86 17.84
CA MET A 65 3.49 7.92 16.38
C MET A 65 3.69 6.54 15.76
N ASP A 66 2.73 6.13 14.94
CA ASP A 66 2.85 4.90 14.16
C ASP A 66 3.29 5.24 12.74
N VAL A 67 4.05 4.36 12.12
CA VAL A 67 4.63 4.65 10.82
C VAL A 67 3.82 4.01 9.69
N GLU A 68 3.80 4.68 8.55
CA GLU A 68 3.13 4.15 7.37
C GLU A 68 4.13 3.48 6.43
N GLY A 69 4.28 2.17 6.58
CA GLY A 69 5.19 1.42 5.73
C GLY A 69 4.43 0.42 4.89
N MET A 70 3.64 0.94 3.94
CA MET A 70 2.75 0.11 3.15
C MET A 70 3.52 -0.91 2.33
N THR A 71 3.35 -2.17 2.70
CA THR A 71 4.06 -3.27 2.08
C THR A 71 3.24 -3.85 0.92
N SER A 72 3.86 -4.01 -0.23
CA SER A 72 3.17 -4.49 -1.42
C SER A 72 3.58 -5.91 -1.76
N LEU A 73 2.59 -6.75 -2.05
CA LEU A 73 2.83 -8.14 -2.39
C LEU A 73 2.75 -8.36 -3.89
N LYS A 74 3.41 -9.40 -4.35
CA LYS A 74 3.44 -9.74 -5.76
C LYS A 74 2.89 -11.14 -5.96
N VAL A 75 1.67 -11.22 -6.47
CA VAL A 75 1.03 -12.50 -6.71
C VAL A 75 1.11 -12.84 -8.20
N ASP A 76 1.62 -14.01 -8.53
CA ASP A 76 1.77 -14.41 -9.92
C ASP A 76 1.05 -15.72 -10.19
N ASN A 77 1.12 -16.16 -11.46
CA ASN A 77 0.37 -17.33 -11.93
C ASN A 77 -1.11 -17.06 -11.77
N LEU A 78 -1.46 -15.80 -11.87
CA LEU A 78 -2.79 -15.33 -11.56
C LEU A 78 -3.80 -15.74 -12.63
N THR A 79 -5.01 -16.06 -12.20
CA THR A 79 -6.04 -16.56 -13.09
C THR A 79 -6.77 -15.42 -13.79
N TYR A 80 -7.31 -15.71 -14.98
CA TYR A 80 -8.04 -14.72 -15.76
C TYR A 80 -9.49 -14.61 -15.29
N ARG A 81 -9.65 -14.43 -13.99
CA ARG A 81 -10.96 -14.21 -13.39
C ARG A 81 -10.80 -13.51 -12.05
N THR A 82 -9.60 -13.03 -11.78
CA THR A 82 -9.29 -12.39 -10.53
C THR A 82 -9.54 -10.88 -10.62
N SER A 83 -10.59 -10.41 -9.97
CA SER A 83 -10.90 -8.98 -9.95
C SER A 83 -10.24 -8.32 -8.75
N PRO A 84 -10.01 -6.99 -8.79
CA PRO A 84 -9.38 -6.26 -7.69
C PRO A 84 -10.04 -6.56 -6.34
N ASP A 85 -11.36 -6.58 -6.31
CA ASP A 85 -12.10 -6.87 -5.08
C ASP A 85 -11.82 -8.29 -4.63
N THR A 86 -11.60 -9.17 -5.59
CA THR A 86 -11.30 -10.58 -5.33
C THR A 86 -10.10 -10.72 -4.40
N LEU A 87 -8.95 -10.18 -4.78
CA LEU A 87 -7.74 -10.31 -3.97
C LEU A 87 -7.86 -9.51 -2.70
N ARG A 88 -8.46 -8.33 -2.79
CA ARG A 88 -8.67 -7.49 -1.62
C ARG A 88 -9.40 -8.28 -0.55
N ARG A 89 -10.44 -9.00 -0.98
CA ARG A 89 -11.30 -9.74 -0.06
C ARG A 89 -10.56 -10.94 0.54
N VAL A 90 -9.75 -11.62 -0.26
CA VAL A 90 -9.02 -12.79 0.25
C VAL A 90 -7.85 -12.36 1.15
N PHE A 91 -7.13 -11.33 0.72
CA PHE A 91 -5.95 -10.88 1.47
C PHE A 91 -6.33 -10.21 2.79
N GLU A 92 -7.44 -9.47 2.80
CA GLU A 92 -7.90 -8.78 4.01
C GLU A 92 -8.20 -9.78 5.14
N LYS A 93 -8.40 -11.04 4.78
CA LYS A 93 -8.63 -12.10 5.75
C LYS A 93 -7.39 -12.31 6.60
N TYR A 94 -6.23 -12.23 5.95
CA TYR A 94 -4.96 -12.43 6.64
C TYR A 94 -4.48 -11.15 7.29
N GLY A 95 -4.49 -10.07 6.54
CA GLY A 95 -4.05 -8.78 7.06
C GLY A 95 -4.92 -7.65 6.54
N ARG A 96 -4.78 -6.47 7.11
CA ARG A 96 -5.61 -5.35 6.70
C ARG A 96 -5.03 -4.70 5.45
N VAL A 97 -5.62 -5.02 4.31
CA VAL A 97 -5.18 -4.51 3.03
C VAL A 97 -5.86 -3.17 2.73
N GLY A 98 -5.08 -2.22 2.22
CA GLY A 98 -5.61 -0.92 1.90
C GLY A 98 -6.00 -0.80 0.44
N ASP A 99 -5.08 -1.16 -0.44
CA ASP A 99 -5.31 -1.04 -1.87
C ASP A 99 -4.84 -2.29 -2.58
N VAL A 100 -5.31 -2.49 -3.79
CA VAL A 100 -4.87 -3.61 -4.61
C VAL A 100 -4.63 -3.15 -6.04
N TYR A 101 -3.85 -3.91 -6.79
CA TYR A 101 -3.58 -3.60 -8.17
C TYR A 101 -3.60 -4.87 -9.01
N ILE A 102 -4.75 -5.16 -9.61
CA ILE A 102 -4.89 -6.30 -10.50
C ILE A 102 -5.11 -5.80 -11.92
N PRO A 103 -4.04 -5.71 -12.72
CA PRO A 103 -4.11 -5.16 -14.07
C PRO A 103 -4.69 -6.15 -15.08
N ARG A 104 -5.50 -5.63 -15.99
CA ARG A 104 -6.07 -6.44 -17.04
C ARG A 104 -5.29 -6.21 -18.33
N ASP A 105 -4.08 -6.75 -18.38
CA ASP A 105 -3.24 -6.64 -19.56
C ASP A 105 -3.18 -7.98 -20.27
N ARG A 106 -3.71 -8.03 -21.48
CA ARG A 106 -3.79 -9.29 -22.19
C ARG A 106 -3.23 -9.14 -23.60
N TYR A 107 -1.91 -9.25 -23.70
CA TYR A 107 -1.22 -9.27 -24.98
C TYR A 107 0.15 -9.91 -24.79
N THR A 108 0.46 -10.88 -25.65
CA THR A 108 1.75 -11.60 -25.67
C THR A 108 2.01 -12.37 -24.37
N LYS A 109 2.74 -13.47 -24.49
CA LYS A 109 3.05 -14.28 -23.33
C LYS A 109 4.43 -13.96 -22.81
N GLU A 110 4.53 -12.83 -22.14
CA GLU A 110 5.74 -12.42 -21.46
C GLU A 110 5.54 -12.57 -19.97
N SER A 111 6.47 -12.07 -19.17
CA SER A 111 6.32 -12.12 -17.73
C SER A 111 5.23 -11.16 -17.26
N ARG A 112 4.02 -11.69 -17.14
CA ARG A 112 2.88 -10.92 -16.69
C ARG A 112 1.73 -11.85 -16.33
N GLY A 113 0.59 -11.28 -15.98
CA GLY A 113 -0.48 -12.07 -15.41
C GLY A 113 -0.32 -12.16 -13.92
N PHE A 114 -0.22 -11.00 -13.29
CA PHE A 114 0.08 -10.90 -11.88
C PHE A 114 -0.73 -9.80 -11.24
N ALA A 115 -0.65 -9.70 -9.92
CA ALA A 115 -1.34 -8.63 -9.20
C ALA A 115 -0.55 -8.20 -7.98
N PHE A 116 -0.74 -6.97 -7.57
CA PHE A 116 -0.12 -6.43 -6.38
C PHE A 116 -1.17 -6.14 -5.33
N VAL A 117 -0.80 -6.31 -4.08
CA VAL A 117 -1.71 -6.03 -2.99
C VAL A 117 -0.98 -5.19 -1.93
N ARG A 118 -1.65 -4.16 -1.44
CA ARG A 118 -1.01 -3.18 -0.56
C ARG A 118 -1.54 -3.27 0.87
N PHE A 119 -0.69 -3.72 1.78
CA PHE A 119 -1.03 -3.76 3.19
C PHE A 119 -0.46 -2.56 3.92
N HIS A 120 -0.89 -2.38 5.16
CA HIS A 120 -0.42 -1.26 5.96
C HIS A 120 1.01 -1.47 6.41
N ASP A 121 1.28 -2.63 7.00
CA ASP A 121 2.62 -2.95 7.45
C ASP A 121 3.05 -4.30 6.90
N LYS A 122 4.29 -4.66 7.18
CA LYS A 122 4.84 -5.94 6.76
C LYS A 122 4.19 -7.06 7.57
N ARG A 123 3.62 -6.69 8.72
CA ARG A 123 2.89 -7.62 9.57
C ARG A 123 1.77 -8.29 8.79
N ASP A 124 1.03 -7.49 8.02
CA ASP A 124 -0.11 -7.98 7.27
C ASP A 124 0.37 -8.73 6.04
N ALA A 125 1.50 -8.28 5.51
CA ALA A 125 2.05 -8.83 4.30
C ALA A 125 2.57 -10.24 4.53
N GLU A 126 3.26 -10.44 5.65
CA GLU A 126 3.85 -11.74 5.96
C GLU A 126 2.78 -12.79 6.13
N ASP A 127 1.76 -12.47 6.92
CA ASP A 127 0.66 -13.40 7.14
C ASP A 127 -0.06 -13.70 5.84
N ALA A 128 -0.08 -12.73 4.93
CA ALA A 128 -0.77 -12.90 3.65
C ALA A 128 0.04 -13.69 2.64
N MET A 129 1.27 -13.24 2.38
CA MET A 129 2.09 -13.86 1.36
C MET A 129 2.45 -15.29 1.74
N ASP A 130 2.75 -15.51 3.02
CA ASP A 130 3.08 -16.83 3.50
C ASP A 130 1.89 -17.75 3.37
N ALA A 131 0.71 -17.22 3.68
CA ALA A 131 -0.49 -18.00 3.65
C ALA A 131 -0.97 -18.29 2.22
N MET A 132 -1.06 -17.24 1.41
CA MET A 132 -1.65 -17.37 0.09
C MET A 132 -0.67 -17.96 -0.93
N ASP A 133 0.59 -18.04 -0.57
CA ASP A 133 1.53 -18.82 -1.36
C ASP A 133 1.16 -20.30 -1.23
N GLY A 134 0.20 -20.71 -2.04
CA GLY A 134 -0.37 -22.04 -1.92
C GLY A 134 -1.87 -21.97 -1.68
N ALA A 135 -2.44 -20.79 -1.86
CA ALA A 135 -3.88 -20.57 -1.69
C ALA A 135 -4.59 -20.54 -3.03
N VAL A 136 -5.68 -21.27 -3.16
CA VAL A 136 -6.42 -21.28 -4.40
C VAL A 136 -7.55 -20.25 -4.37
N LEU A 137 -7.46 -19.22 -5.20
CA LEU A 137 -8.52 -18.20 -5.25
C LEU A 137 -9.62 -18.64 -6.23
N ASP A 138 -9.29 -19.60 -7.08
CA ASP A 138 -10.23 -20.13 -8.08
C ASP A 138 -9.77 -21.50 -8.54
N GLY A 139 -8.70 -21.53 -9.30
CA GLY A 139 -8.14 -22.78 -9.77
C GLY A 139 -6.63 -22.75 -9.73
N ARG A 140 -6.09 -21.87 -8.90
CA ARG A 140 -4.66 -21.68 -8.79
C ARG A 140 -4.26 -21.34 -7.37
N GLU A 141 -3.28 -22.05 -6.83
CA GLU A 141 -2.61 -21.62 -5.63
C GLU A 141 -1.70 -20.46 -5.98
N LEU A 142 -2.09 -19.27 -5.55
CA LEU A 142 -1.35 -18.05 -5.88
C LEU A 142 0.11 -18.15 -5.43
N ARG A 143 0.98 -17.54 -6.20
CA ARG A 143 2.39 -17.42 -5.82
C ARG A 143 2.62 -16.01 -5.31
N VAL A 144 2.36 -15.84 -4.02
CA VAL A 144 2.42 -14.52 -3.41
C VAL A 144 3.78 -14.26 -2.77
N GLN A 145 4.53 -13.37 -3.38
CA GLN A 145 5.86 -13.04 -2.87
C GLN A 145 5.89 -11.59 -2.39
N MET A 146 6.91 -11.23 -1.64
CA MET A 146 7.10 -9.85 -1.23
C MET A 146 7.77 -9.05 -2.32
N ALA A 147 7.07 -8.06 -2.83
CA ALA A 147 7.59 -7.22 -3.90
C ALA A 147 8.31 -6.02 -3.32
N ARG A 148 8.79 -5.14 -4.20
CA ARG A 148 9.47 -3.93 -3.73
C ARG A 148 8.46 -2.82 -3.56
N TYR A 149 8.17 -2.51 -2.31
CA TYR A 149 7.17 -1.51 -1.96
C TYR A 149 7.78 -0.11 -1.94
N GLY A 150 8.97 0.03 -2.52
CA GLY A 150 9.60 1.32 -2.61
C GLY A 150 9.01 2.17 -3.73
N ARG A 151 7.76 2.57 -3.55
CA ARG A 151 7.07 3.38 -4.53
C ARG A 151 6.31 4.50 -3.85
N PRO A 152 6.59 5.75 -4.21
CA PRO A 152 5.80 6.90 -3.77
C PRO A 152 4.44 6.91 -4.47
N PRO A 153 3.53 7.84 -4.11
CA PRO A 153 2.24 7.99 -4.79
C PRO A 153 2.40 7.94 -6.31
N ASP A 154 1.75 6.97 -6.93
CA ASP A 154 1.97 6.69 -8.33
C ASP A 154 1.44 7.82 -9.21
N SER A 155 2.15 8.08 -10.30
CA SER A 155 1.81 9.14 -11.22
C SER A 155 2.56 8.92 -12.54
N HIS A 156 2.84 7.66 -12.85
CA HIS A 156 3.64 7.34 -14.04
C HIS A 156 2.98 6.27 -14.89
N HIS A 157 1.70 6.01 -14.67
CA HIS A 157 1.04 4.95 -15.40
C HIS A 157 0.13 5.51 -16.47
N SER A 158 0.39 5.10 -17.71
CA SER A 158 -0.39 5.55 -18.86
C SER A 158 -0.20 4.57 -20.02
N MET A 1 -4.66 27.33 -1.53
CA MET A 1 -3.93 26.09 -1.18
C MET A 1 -3.24 25.51 -2.40
N GLN A 2 -1.92 25.41 -2.34
CA GLN A 2 -1.14 24.93 -3.47
C GLN A 2 -1.01 23.41 -3.46
N TYR A 3 -1.60 22.77 -4.46
CA TYR A 3 -1.51 21.34 -4.64
C TYR A 3 -0.49 21.02 -5.72
N LYS A 4 0.25 19.93 -5.54
CA LYS A 4 1.25 19.52 -6.50
C LYS A 4 0.96 18.14 -7.06
N LEU A 5 1.21 17.97 -8.35
CA LEU A 5 1.09 16.68 -9.00
C LEU A 5 2.47 16.09 -9.26
N ILE A 6 2.65 14.85 -8.84
CA ILE A 6 3.86 14.10 -9.15
C ILE A 6 3.51 12.99 -10.14
N LEU A 7 3.97 13.12 -11.37
CA LEU A 7 3.69 12.12 -12.37
C LEU A 7 4.73 11.00 -12.34
N ASN A 8 4.38 9.90 -11.72
CA ASN A 8 5.26 8.74 -11.60
C ASN A 8 5.11 7.86 -12.83
N GLY A 9 4.88 8.51 -13.97
CA GLY A 9 4.54 7.80 -15.18
C GLY A 9 5.69 6.99 -15.74
N LYS A 10 6.91 7.45 -15.50
CA LYS A 10 8.12 6.85 -16.05
C LYS A 10 8.23 7.06 -17.56
N THR A 11 7.10 6.94 -18.26
CA THR A 11 7.02 7.38 -19.65
C THR A 11 7.29 8.87 -19.69
N LEU A 12 6.78 9.54 -18.67
CA LEU A 12 7.06 10.94 -18.44
C LEU A 12 7.04 11.19 -16.93
N LYS A 13 7.62 12.29 -16.52
CA LYS A 13 7.60 12.68 -15.12
C LYS A 13 7.72 14.18 -15.01
N GLY A 14 6.79 14.78 -14.29
CA GLY A 14 6.82 16.21 -14.09
C GLY A 14 6.25 16.60 -12.76
N GLU A 15 6.57 17.79 -12.32
CA GLU A 15 5.99 18.36 -11.12
C GLU A 15 5.28 19.66 -11.46
N THR A 16 4.00 19.75 -11.09
CA THR A 16 3.24 20.95 -11.37
C THR A 16 2.29 21.25 -10.20
N THR A 17 1.88 22.51 -10.07
CA THR A 17 1.06 22.90 -8.95
C THR A 17 -0.13 23.75 -9.41
N THR A 18 -1.18 23.70 -8.62
CA THR A 18 -2.33 24.57 -8.81
C THR A 18 -2.84 25.03 -7.45
N GLU A 19 -3.24 26.27 -7.36
CA GLU A 19 -3.78 26.79 -6.11
C GLU A 19 -5.27 26.51 -6.05
N ALA A 20 -5.59 25.31 -5.58
CA ALA A 20 -6.95 24.80 -5.59
C ALA A 20 -7.61 24.98 -4.25
N VAL A 21 -8.93 25.19 -4.27
CA VAL A 21 -9.70 25.31 -3.05
C VAL A 21 -10.02 23.95 -2.45
N ASP A 22 -9.98 22.91 -3.28
CA ASP A 22 -10.32 21.57 -2.81
C ASP A 22 -9.52 20.53 -3.58
N ALA A 23 -9.32 19.36 -2.97
CA ALA A 23 -8.58 18.28 -3.60
C ALA A 23 -9.23 17.85 -4.92
N ALA A 24 -10.55 17.80 -4.94
CA ALA A 24 -11.27 17.40 -6.14
C ALA A 24 -11.11 18.44 -7.24
N THR A 25 -10.87 19.68 -6.83
CA THR A 25 -10.59 20.75 -7.77
C THR A 25 -9.20 20.57 -8.37
N ALA A 26 -8.23 20.29 -7.50
CA ALA A 26 -6.85 20.11 -7.89
C ALA A 26 -6.67 18.90 -8.79
N GLU A 27 -7.29 17.79 -8.42
CA GLU A 27 -7.13 16.55 -9.18
C GLU A 27 -7.62 16.71 -10.61
N LYS A 28 -8.67 17.50 -10.81
CA LYS A 28 -9.20 17.75 -12.14
C LYS A 28 -8.14 18.40 -13.03
N VAL A 29 -7.34 19.26 -12.44
CA VAL A 29 -6.29 19.96 -13.15
C VAL A 29 -5.12 19.03 -13.40
N PHE A 30 -4.80 18.24 -12.40
CA PHE A 30 -3.72 17.28 -12.51
C PHE A 30 -4.07 16.19 -13.51
N LYS A 31 -5.36 15.86 -13.59
CA LYS A 31 -5.82 14.88 -14.56
C LYS A 31 -5.68 15.42 -15.97
N GLN A 32 -5.76 16.74 -16.10
CA GLN A 32 -5.54 17.38 -17.39
C GLN A 32 -4.08 17.20 -17.81
N TYR A 33 -3.16 17.46 -16.88
CA TYR A 33 -1.73 17.29 -17.15
C TYR A 33 -1.43 15.83 -17.47
N ALA A 34 -2.02 14.94 -16.69
CA ALA A 34 -1.82 13.51 -16.86
C ALA A 34 -2.33 13.04 -18.21
N ASN A 35 -3.51 13.51 -18.60
CA ASN A 35 -4.12 13.10 -19.86
C ASN A 35 -3.38 13.72 -21.05
N ASP A 36 -2.87 14.93 -20.84
CA ASP A 36 -2.12 15.64 -21.88
C ASP A 36 -0.83 14.90 -22.20
N ASN A 37 -0.25 14.30 -21.17
CA ASN A 37 1.00 13.56 -21.32
C ASN A 37 0.73 12.09 -21.64
N GLY A 38 -0.45 11.61 -21.26
CA GLY A 38 -0.85 10.27 -21.63
C GLY A 38 -0.51 9.23 -20.60
N VAL A 39 -0.41 9.64 -19.34
CA VAL A 39 -0.10 8.71 -18.27
C VAL A 39 -1.37 8.28 -17.54
N ASP A 40 -1.68 7.00 -17.63
CA ASP A 40 -2.84 6.45 -16.96
C ASP A 40 -2.42 5.58 -15.79
N GLY A 41 -2.09 6.23 -14.69
CA GLY A 41 -1.67 5.52 -13.51
C GLY A 41 -2.74 5.54 -12.44
N GLU A 42 -2.41 4.97 -11.28
CA GLU A 42 -3.34 4.97 -10.17
C GLU A 42 -3.18 6.25 -9.37
N TRP A 43 -4.29 6.91 -9.10
CA TRP A 43 -4.26 8.20 -8.44
C TRP A 43 -4.13 8.06 -6.93
N THR A 44 -3.06 8.61 -6.39
CA THR A 44 -2.81 8.63 -4.96
C THR A 44 -2.64 10.07 -4.48
N TYR A 45 -3.02 10.34 -3.25
CA TYR A 45 -2.95 11.70 -2.70
C TYR A 45 -2.37 11.69 -1.30
N ASP A 46 -1.45 12.61 -1.04
CA ASP A 46 -0.86 12.76 0.28
C ASP A 46 -1.46 13.96 0.99
N ASP A 47 -1.84 13.79 2.24
CA ASP A 47 -2.57 14.82 2.97
C ASP A 47 -1.64 15.83 3.64
N ALA A 48 -0.34 15.56 3.63
CA ALA A 48 0.63 16.44 4.28
C ALA A 48 1.14 17.49 3.31
N THR A 49 1.75 17.05 2.22
CA THR A 49 2.29 17.97 1.22
C THR A 49 1.21 18.38 0.23
N LYS A 50 0.03 17.76 0.36
CA LYS A 50 -1.12 18.06 -0.51
C LYS A 50 -0.77 17.74 -1.95
N THR A 51 -0.17 16.58 -2.17
CA THR A 51 0.31 16.20 -3.48
C THR A 51 -0.48 15.03 -4.05
N PHE A 52 -0.68 15.04 -5.35
CA PHE A 52 -1.27 13.91 -6.05
C PHE A 52 -0.18 13.18 -6.82
N THR A 53 -0.29 11.88 -6.91
CA THR A 53 0.68 11.09 -7.65
C THR A 53 -0.02 10.02 -8.47
N VAL A 54 0.33 9.94 -9.74
CA VAL A 54 -0.17 8.89 -10.61
C VAL A 54 0.84 7.77 -10.67
N THR A 55 0.54 6.68 -9.99
CA THR A 55 1.45 5.57 -9.90
C THR A 55 1.32 4.66 -11.11
N GLU A 56 2.29 4.76 -12.01
CA GLU A 56 2.34 3.91 -13.19
C GLU A 56 3.23 2.70 -12.87
N GLY A 57 2.90 1.54 -13.42
CA GLY A 57 3.63 0.34 -13.07
C GLY A 57 3.92 -0.57 -14.26
N SER A 58 3.74 -0.03 -15.46
CA SER A 58 3.99 -0.79 -16.68
C SER A 58 5.48 -0.77 -17.03
N HIS A 59 5.79 -0.84 -18.33
CA HIS A 59 7.16 -0.85 -18.84
C HIS A 59 7.78 -2.22 -18.67
N HIS A 60 8.49 -2.68 -19.69
CA HIS A 60 9.05 -4.03 -19.68
C HIS A 60 10.53 -4.00 -19.37
N HIS A 61 10.91 -3.14 -18.44
CA HIS A 61 12.27 -3.10 -17.94
C HIS A 61 12.26 -3.37 -16.45
N HIS A 62 13.27 -4.05 -15.96
CA HIS A 62 13.35 -4.38 -14.56
C HIS A 62 13.95 -3.21 -13.79
N HIS A 63 13.07 -2.39 -13.24
CA HIS A 63 13.45 -1.12 -12.63
C HIS A 63 13.59 -1.29 -11.12
N HIS A 64 14.81 -1.11 -10.61
CA HIS A 64 15.04 -1.25 -9.18
C HIS A 64 14.69 0.05 -8.45
N MET A 65 13.39 0.27 -8.31
CA MET A 65 12.86 1.46 -7.69
C MET A 65 11.35 1.30 -7.59
N ASP A 66 10.63 2.39 -7.34
CA ASP A 66 9.17 2.37 -7.27
C ASP A 66 8.71 1.58 -6.05
N VAL A 67 8.76 2.21 -4.90
CA VAL A 67 8.32 1.60 -3.66
C VAL A 67 6.84 1.94 -3.42
N GLU A 68 5.97 1.17 -4.05
CA GLU A 68 4.55 1.50 -4.06
C GLU A 68 3.73 0.38 -3.44
N GLY A 69 3.17 0.64 -2.26
CA GLY A 69 2.31 -0.34 -1.61
C GLY A 69 2.65 -0.54 -0.15
N MET A 70 3.57 0.27 0.37
CA MET A 70 4.07 0.14 1.74
C MET A 70 4.78 -1.21 1.92
N THR A 71 4.02 -2.28 2.12
CA THR A 71 4.55 -3.61 2.04
C THR A 71 3.80 -4.35 0.95
N SER A 72 4.31 -4.22 -0.26
CA SER A 72 3.65 -4.74 -1.44
C SER A 72 3.90 -6.23 -1.60
N LEU A 73 2.84 -6.95 -1.94
CA LEU A 73 2.95 -8.36 -2.24
C LEU A 73 2.86 -8.58 -3.74
N LYS A 74 3.60 -9.56 -4.23
CA LYS A 74 3.53 -9.93 -5.61
C LYS A 74 2.79 -11.25 -5.74
N VAL A 75 1.59 -11.19 -6.29
CA VAL A 75 0.84 -12.39 -6.58
C VAL A 75 0.96 -12.68 -8.08
N ASP A 76 1.23 -13.93 -8.44
CA ASP A 76 1.50 -14.26 -9.83
C ASP A 76 0.80 -15.57 -10.20
N ASN A 77 0.82 -15.89 -11.50
CA ASN A 77 0.07 -17.02 -12.05
C ASN A 77 -1.43 -16.76 -11.87
N LEU A 78 -1.75 -15.47 -11.88
CA LEU A 78 -3.10 -15.00 -11.66
C LEU A 78 -4.04 -15.48 -12.77
N THR A 79 -5.29 -15.77 -12.43
CA THR A 79 -6.20 -16.41 -13.38
C THR A 79 -6.99 -15.38 -14.19
N TYR A 80 -7.62 -15.85 -15.26
CA TYR A 80 -8.43 -14.99 -16.14
C TYR A 80 -9.52 -14.27 -15.36
N ARG A 81 -10.20 -15.02 -14.50
CA ARG A 81 -11.38 -14.51 -13.79
C ARG A 81 -11.02 -13.82 -12.48
N THR A 82 -9.74 -13.50 -12.30
CA THR A 82 -9.31 -12.78 -11.12
C THR A 82 -9.74 -11.31 -11.20
N SER A 83 -10.50 -10.86 -10.20
CA SER A 83 -10.90 -9.47 -10.12
C SER A 83 -10.20 -8.81 -8.92
N PRO A 84 -10.20 -7.46 -8.85
CA PRO A 84 -9.67 -6.76 -7.67
C PRO A 84 -10.36 -7.22 -6.39
N ASP A 85 -11.66 -7.49 -6.50
CA ASP A 85 -12.44 -8.03 -5.39
C ASP A 85 -11.90 -9.37 -4.97
N THR A 86 -11.47 -10.16 -5.95
CA THR A 86 -10.89 -11.47 -5.72
C THR A 86 -9.78 -11.42 -4.68
N LEU A 87 -8.76 -10.61 -4.91
CA LEU A 87 -7.62 -10.58 -4.01
C LEU A 87 -7.95 -9.80 -2.75
N ARG A 88 -8.69 -8.71 -2.89
CA ARG A 88 -9.05 -7.88 -1.76
C ARG A 88 -9.74 -8.73 -0.70
N ARG A 89 -10.75 -9.48 -1.15
CA ARG A 89 -11.55 -10.35 -0.28
C ARG A 89 -10.68 -11.29 0.55
N VAL A 90 -9.72 -11.93 -0.09
CA VAL A 90 -8.88 -12.90 0.60
C VAL A 90 -7.85 -12.23 1.51
N PHE A 91 -7.08 -11.31 0.94
CA PHE A 91 -5.94 -10.72 1.64
C PHE A 91 -6.34 -9.93 2.88
N GLU A 92 -7.44 -9.18 2.80
CA GLU A 92 -7.90 -8.36 3.94
C GLU A 92 -8.24 -9.20 5.17
N LYS A 93 -8.37 -10.50 4.98
CA LYS A 93 -8.69 -11.39 6.08
C LYS A 93 -7.44 -11.70 6.90
N TYR A 94 -6.29 -11.65 6.25
CA TYR A 94 -5.01 -11.95 6.91
C TYR A 94 -4.46 -10.73 7.62
N GLY A 95 -4.72 -9.55 7.06
CA GLY A 95 -4.23 -8.32 7.66
C GLY A 95 -4.91 -7.12 7.06
N ARG A 96 -4.55 -5.92 7.52
CA ARG A 96 -5.19 -4.71 7.03
C ARG A 96 -4.56 -4.30 5.70
N VAL A 97 -5.25 -4.66 4.61
CA VAL A 97 -4.84 -4.25 3.28
C VAL A 97 -5.54 -2.94 2.92
N GLY A 98 -4.77 -1.97 2.45
CA GLY A 98 -5.34 -0.70 2.08
C GLY A 98 -6.06 -0.76 0.76
N ASP A 99 -5.41 -1.39 -0.23
CA ASP A 99 -5.98 -1.54 -1.55
C ASP A 99 -5.22 -2.59 -2.33
N VAL A 100 -5.86 -3.14 -3.35
CA VAL A 100 -5.24 -4.15 -4.19
C VAL A 100 -5.14 -3.64 -5.62
N TYR A 101 -3.97 -3.83 -6.22
CA TYR A 101 -3.72 -3.34 -7.56
C TYR A 101 -3.53 -4.53 -8.51
N ILE A 102 -4.58 -4.86 -9.24
CA ILE A 102 -4.51 -5.92 -10.22
C ILE A 102 -4.47 -5.31 -11.63
N PRO A 103 -3.27 -5.22 -12.21
CA PRO A 103 -3.06 -4.59 -13.53
C PRO A 103 -3.66 -5.39 -14.67
N ARG A 104 -4.93 -5.17 -14.92
CA ARG A 104 -5.63 -5.76 -16.05
C ARG A 104 -5.68 -4.74 -17.17
N ASP A 105 -6.38 -3.65 -16.90
CA ASP A 105 -6.50 -2.49 -17.78
C ASP A 105 -6.95 -2.87 -19.20
N ARG A 106 -5.99 -3.16 -20.06
CA ARG A 106 -6.26 -3.39 -21.48
C ARG A 106 -6.92 -4.75 -21.72
N TYR A 107 -6.16 -5.83 -21.63
CA TYR A 107 -6.70 -7.14 -21.92
C TYR A 107 -7.32 -7.73 -20.66
N THR A 108 -7.84 -8.95 -20.77
CA THR A 108 -8.40 -9.63 -19.61
C THR A 108 -7.28 -10.17 -18.72
N LYS A 109 -6.08 -10.23 -19.28
CA LYS A 109 -4.94 -10.80 -18.57
C LYS A 109 -3.64 -10.08 -18.91
N GLU A 110 -2.54 -10.74 -18.56
CA GLU A 110 -1.21 -10.20 -18.74
C GLU A 110 -0.28 -11.38 -19.06
N SER A 111 0.87 -11.12 -19.68
CA SER A 111 1.80 -12.16 -20.10
C SER A 111 2.15 -13.09 -18.93
N ARG A 112 2.29 -12.53 -17.74
CA ARG A 112 2.53 -13.32 -16.55
C ARG A 112 1.29 -13.38 -15.68
N GLY A 113 0.53 -12.30 -15.69
CA GLY A 113 -0.65 -12.22 -14.85
C GLY A 113 -0.27 -12.08 -13.40
N PHE A 114 0.08 -10.87 -13.01
CA PHE A 114 0.53 -10.60 -11.67
C PHE A 114 -0.27 -9.45 -11.08
N ALA A 115 -0.37 -9.40 -9.76
CA ALA A 115 -1.00 -8.30 -9.07
C ALA A 115 -0.26 -7.94 -7.81
N PHE A 116 -0.47 -6.72 -7.33
CA PHE A 116 0.14 -6.25 -6.10
C PHE A 116 -0.93 -5.91 -5.09
N VAL A 117 -0.61 -6.09 -3.82
CA VAL A 117 -1.53 -5.77 -2.76
C VAL A 117 -0.83 -4.92 -1.70
N ARG A 118 -1.49 -3.82 -1.31
CA ARG A 118 -0.90 -2.85 -0.40
C ARG A 118 -1.36 -3.08 1.04
N PHE A 119 -0.45 -3.51 1.89
CA PHE A 119 -0.80 -3.72 3.30
C PHE A 119 -0.28 -2.60 4.19
N HIS A 120 -0.91 -2.46 5.35
CA HIS A 120 -0.54 -1.42 6.32
C HIS A 120 0.91 -1.53 6.74
N ASP A 121 1.29 -2.71 7.20
CA ASP A 121 2.68 -2.96 7.62
C ASP A 121 3.09 -4.34 7.18
N LYS A 122 4.37 -4.67 7.35
CA LYS A 122 4.87 -5.98 6.97
C LYS A 122 4.19 -7.05 7.80
N ARG A 123 3.77 -6.67 9.01
CA ARG A 123 3.03 -7.56 9.90
C ARG A 123 1.84 -8.19 9.16
N ASP A 124 1.14 -7.36 8.40
CA ASP A 124 -0.07 -7.79 7.69
C ASP A 124 0.31 -8.54 6.43
N ALA A 125 1.42 -8.13 5.83
CA ALA A 125 1.84 -8.66 4.55
C ALA A 125 2.43 -10.06 4.71
N GLU A 126 3.09 -10.30 5.84
CA GLU A 126 3.68 -11.60 6.12
C GLU A 126 2.61 -12.68 6.22
N ASP A 127 1.61 -12.43 7.06
CA ASP A 127 0.52 -13.38 7.24
C ASP A 127 -0.24 -13.59 5.93
N ALA A 128 -0.20 -12.58 5.06
CA ALA A 128 -0.86 -12.67 3.77
C ALA A 128 -0.04 -13.48 2.77
N MET A 129 1.22 -13.12 2.60
CA MET A 129 2.08 -13.76 1.61
C MET A 129 2.32 -15.23 1.94
N ASP A 130 2.51 -15.52 3.22
CA ASP A 130 2.74 -16.89 3.66
C ASP A 130 1.50 -17.73 3.42
N ALA A 131 0.34 -17.10 3.60
CA ALA A 131 -0.92 -17.78 3.44
C ALA A 131 -1.25 -18.02 1.97
N MET A 132 -1.12 -16.97 1.20
CA MET A 132 -1.62 -16.94 -0.16
C MET A 132 -0.66 -17.55 -1.16
N ASP A 133 0.60 -17.69 -0.78
CA ASP A 133 1.53 -18.46 -1.60
C ASP A 133 1.15 -19.93 -1.53
N GLY A 134 0.28 -20.33 -2.43
CA GLY A 134 -0.31 -21.66 -2.36
C GLY A 134 -1.79 -21.59 -2.01
N ALA A 135 -2.41 -20.45 -2.28
CA ALA A 135 -3.84 -20.26 -2.04
C ALA A 135 -4.62 -20.30 -3.33
N VAL A 136 -5.73 -21.02 -3.35
CA VAL A 136 -6.49 -21.18 -4.57
C VAL A 136 -7.63 -20.17 -4.63
N LEU A 137 -7.53 -19.20 -5.53
CA LEU A 137 -8.59 -18.21 -5.71
C LEU A 137 -9.64 -18.74 -6.68
N ASP A 138 -9.28 -19.81 -7.39
CA ASP A 138 -10.14 -20.41 -8.41
C ASP A 138 -9.71 -21.83 -8.70
N GLY A 139 -8.62 -21.97 -9.43
CA GLY A 139 -8.03 -23.27 -9.70
C GLY A 139 -6.52 -23.19 -9.67
N ARG A 140 -6.04 -22.09 -9.11
CA ARG A 140 -4.62 -21.81 -9.05
C ARG A 140 -4.24 -21.34 -7.67
N GLU A 141 -3.20 -21.96 -7.12
CA GLU A 141 -2.61 -21.47 -5.89
C GLU A 141 -1.69 -20.31 -6.22
N LEU A 142 -2.15 -19.10 -5.90
CA LEU A 142 -1.41 -17.88 -6.25
C LEU A 142 0.01 -17.93 -5.73
N ARG A 143 0.92 -17.39 -6.53
CA ARG A 143 2.31 -17.27 -6.11
C ARG A 143 2.52 -15.91 -5.49
N VAL A 144 2.14 -15.80 -4.23
CA VAL A 144 2.24 -14.54 -3.52
C VAL A 144 3.58 -14.45 -2.80
N GLN A 145 4.44 -13.59 -3.31
CA GLN A 145 5.78 -13.42 -2.78
C GLN A 145 5.96 -11.99 -2.28
N MET A 146 7.01 -11.76 -1.52
CA MET A 146 7.34 -10.41 -1.10
C MET A 146 7.81 -9.60 -2.29
N ALA A 147 7.06 -8.55 -2.61
CA ALA A 147 7.45 -7.65 -3.68
C ALA A 147 8.40 -6.61 -3.13
N ARG A 148 8.18 -6.26 -1.87
CA ARG A 148 9.11 -5.41 -1.15
C ARG A 148 10.00 -6.29 -0.29
N TYR A 149 11.18 -6.60 -0.81
CA TYR A 149 12.12 -7.51 -0.16
C TYR A 149 12.64 -6.92 1.15
N GLY A 150 13.16 -7.80 2.00
CA GLY A 150 13.66 -7.39 3.29
C GLY A 150 13.42 -8.44 4.34
N ARG A 151 14.39 -8.64 5.22
CA ARG A 151 14.28 -9.63 6.28
C ARG A 151 14.72 -9.03 7.61
N PRO A 152 14.24 -9.59 8.72
CA PRO A 152 14.59 -9.13 10.07
C PRO A 152 16.09 -9.21 10.33
N PRO A 153 16.66 -8.16 10.96
CA PRO A 153 18.09 -8.11 11.27
C PRO A 153 18.49 -9.16 12.31
N ASP A 154 17.52 -9.58 13.10
CA ASP A 154 17.74 -10.57 14.15
C ASP A 154 18.11 -11.91 13.54
N SER A 155 17.26 -12.42 12.67
CA SER A 155 17.46 -13.71 12.07
C SER A 155 18.43 -13.62 10.90
N HIS A 156 19.70 -13.92 11.17
CA HIS A 156 20.75 -13.84 10.16
C HIS A 156 21.85 -14.88 10.43
N HIS A 157 21.61 -15.76 11.39
CA HIS A 157 22.59 -16.79 11.73
C HIS A 157 22.37 -18.00 10.84
N SER A 158 21.15 -18.49 10.82
CA SER A 158 20.77 -19.61 9.99
C SER A 158 19.31 -19.48 9.58
N MET A 1 -30.73 6.27 28.41
CA MET A 1 -29.34 5.80 28.55
C MET A 1 -28.69 5.70 27.17
N GLN A 2 -27.81 6.64 26.88
CA GLN A 2 -27.17 6.71 25.57
C GLN A 2 -25.81 6.02 25.61
N TYR A 3 -25.74 4.83 25.03
CA TYR A 3 -24.49 4.09 24.97
C TYR A 3 -23.78 4.35 23.66
N LYS A 4 -22.47 4.49 23.72
CA LYS A 4 -21.66 4.82 22.55
C LYS A 4 -20.79 3.62 22.13
N LEU A 5 -20.85 3.29 20.85
CA LEU A 5 -20.04 2.25 20.28
C LEU A 5 -18.84 2.84 19.55
N ILE A 6 -17.65 2.41 19.93
CA ILE A 6 -16.43 2.84 19.28
C ILE A 6 -15.92 1.73 18.38
N LEU A 7 -16.12 1.88 17.09
CA LEU A 7 -15.73 0.89 16.11
C LEU A 7 -14.30 1.11 15.67
N ASN A 8 -13.46 0.12 15.93
CA ASN A 8 -12.05 0.19 15.57
C ASN A 8 -11.73 -0.97 14.63
N GLY A 9 -12.69 -1.29 13.77
CA GLY A 9 -12.61 -2.49 12.96
C GLY A 9 -11.64 -2.39 11.81
N LYS A 10 -11.58 -3.45 11.02
CA LYS A 10 -10.70 -3.50 9.85
C LYS A 10 -11.07 -2.39 8.88
N THR A 11 -12.36 -2.29 8.59
CA THR A 11 -12.87 -1.27 7.69
C THR A 11 -13.61 -0.18 8.46
N LEU A 12 -14.73 -0.57 9.08
CA LEU A 12 -15.59 0.37 9.77
C LEU A 12 -14.95 0.93 11.04
N LYS A 13 -14.73 2.23 11.03
CA LYS A 13 -14.23 2.93 12.19
C LYS A 13 -15.13 4.14 12.47
N GLY A 14 -16.07 3.96 13.39
CA GLY A 14 -17.05 4.98 13.62
C GLY A 14 -17.51 5.01 15.06
N GLU A 15 -18.26 6.05 15.42
CA GLU A 15 -18.74 6.20 16.78
C GLU A 15 -20.24 6.47 16.78
N THR A 16 -21.03 5.47 17.16
CA THR A 16 -22.48 5.61 17.13
C THR A 16 -23.10 5.29 18.49
N THR A 17 -24.40 5.52 18.63
CA THR A 17 -25.08 5.37 19.90
C THR A 17 -26.35 4.53 19.77
N THR A 18 -26.94 4.21 20.91
CA THR A 18 -28.24 3.54 20.94
C THR A 18 -28.91 3.76 22.30
N GLU A 19 -30.23 3.87 22.29
CA GLU A 19 -30.99 3.98 23.53
C GLU A 19 -31.15 2.58 24.13
N ALA A 20 -30.37 2.30 25.15
CA ALA A 20 -30.35 0.98 25.75
C ALA A 20 -30.55 1.07 27.25
N VAL A 21 -31.56 0.35 27.74
CA VAL A 21 -31.88 0.36 29.17
C VAL A 21 -30.79 -0.34 29.98
N ASP A 22 -30.09 -1.27 29.35
CA ASP A 22 -29.07 -2.04 30.04
C ASP A 22 -27.84 -2.20 29.17
N ALA A 23 -26.67 -2.38 29.80
CA ALA A 23 -25.43 -2.57 29.08
C ALA A 23 -25.49 -3.77 28.14
N ALA A 24 -26.18 -4.83 28.57
CA ALA A 24 -26.32 -6.02 27.76
C ALA A 24 -27.18 -5.73 26.53
N THR A 25 -28.18 -4.88 26.73
CA THR A 25 -29.05 -4.45 25.64
C THR A 25 -28.24 -3.64 24.63
N ALA A 26 -27.35 -2.81 25.14
CA ALA A 26 -26.50 -1.97 24.30
C ALA A 26 -25.50 -2.81 23.53
N GLU A 27 -24.84 -3.72 24.22
CA GLU A 27 -23.79 -4.51 23.61
C GLU A 27 -24.37 -5.41 22.51
N LYS A 28 -25.62 -5.85 22.67
CA LYS A 28 -26.28 -6.67 21.66
C LYS A 28 -26.40 -5.90 20.34
N VAL A 29 -26.80 -4.65 20.44
CA VAL A 29 -26.96 -3.81 19.26
C VAL A 29 -25.62 -3.48 18.66
N PHE A 30 -24.67 -3.14 19.52
CA PHE A 30 -23.32 -2.86 19.07
C PHE A 30 -22.70 -4.09 18.44
N LYS A 31 -23.02 -5.26 19.00
CA LYS A 31 -22.53 -6.52 18.48
C LYS A 31 -23.09 -6.79 17.09
N GLN A 32 -24.38 -6.53 16.92
CA GLN A 32 -25.01 -6.77 15.63
C GLN A 32 -24.48 -5.78 14.59
N TYR A 33 -24.41 -4.51 14.99
CA TYR A 33 -23.91 -3.46 14.12
C TYR A 33 -22.47 -3.74 13.70
N ALA A 34 -21.66 -4.15 14.67
CA ALA A 34 -20.25 -4.45 14.42
C ALA A 34 -20.08 -5.65 13.49
N ASN A 35 -20.71 -6.76 13.84
CA ASN A 35 -20.58 -8.00 13.10
C ASN A 35 -21.19 -7.89 11.71
N ASP A 36 -22.22 -7.07 11.57
CA ASP A 36 -22.89 -6.90 10.29
C ASP A 36 -21.99 -6.19 9.29
N ASN A 37 -21.20 -5.26 9.79
CA ASN A 37 -20.31 -4.48 8.95
C ASN A 37 -18.99 -5.21 8.72
N GLY A 38 -18.42 -5.77 9.77
CA GLY A 38 -17.21 -6.55 9.61
C GLY A 38 -16.14 -6.26 10.66
N VAL A 39 -16.56 -6.06 11.90
CA VAL A 39 -15.64 -5.91 12.99
C VAL A 39 -15.99 -6.82 14.17
N ASP A 40 -15.16 -7.83 14.39
CA ASP A 40 -15.29 -8.70 15.54
C ASP A 40 -14.04 -8.57 16.40
N GLY A 41 -13.97 -7.51 17.18
CA GLY A 41 -12.77 -7.21 17.92
C GLY A 41 -12.94 -7.32 19.42
N GLU A 42 -11.93 -6.89 20.15
CA GLU A 42 -11.92 -6.94 21.61
C GLU A 42 -12.86 -5.88 22.18
N TRP A 43 -13.90 -6.33 22.87
CA TRP A 43 -14.88 -5.42 23.44
C TRP A 43 -14.44 -4.90 24.81
N THR A 44 -14.07 -3.63 24.87
CA THR A 44 -13.75 -2.99 26.13
C THR A 44 -14.79 -1.91 26.45
N TYR A 45 -15.54 -2.11 27.52
CA TYR A 45 -16.62 -1.20 27.87
C TYR A 45 -16.26 -0.35 29.08
N ASP A 46 -16.55 0.95 28.98
CA ASP A 46 -16.39 1.87 30.09
C ASP A 46 -17.75 2.26 30.62
N ASP A 47 -18.01 1.98 31.90
CA ASP A 47 -19.35 2.15 32.46
C ASP A 47 -19.66 3.61 32.80
N ALA A 48 -18.63 4.43 32.90
CA ALA A 48 -18.83 5.83 33.25
C ALA A 48 -19.33 6.62 32.04
N THR A 49 -18.74 6.36 30.90
CA THR A 49 -19.12 7.04 29.66
C THR A 49 -20.11 6.22 28.86
N LYS A 50 -20.34 4.98 29.27
CA LYS A 50 -21.21 4.05 28.55
C LYS A 50 -20.69 3.80 27.15
N THR A 51 -19.38 3.62 27.03
CA THR A 51 -18.76 3.43 25.73
C THR A 51 -18.25 2.00 25.57
N PHE A 52 -18.71 1.33 24.53
CA PHE A 52 -18.20 0.04 24.14
C PHE A 52 -17.19 0.20 23.02
N THR A 53 -15.94 -0.06 23.31
CA THR A 53 -14.90 0.04 22.30
C THR A 53 -14.57 -1.34 21.77
N VAL A 54 -14.86 -1.58 20.49
CA VAL A 54 -14.56 -2.86 19.88
C VAL A 54 -13.25 -2.74 19.12
N THR A 55 -12.21 -3.32 19.70
CA THR A 55 -10.84 -3.13 19.23
C THR A 55 -10.46 -4.16 18.19
N GLU A 56 -10.16 -3.70 16.98
CA GLU A 56 -9.71 -4.57 15.91
C GLU A 56 -8.41 -4.00 15.32
N GLY A 57 -7.61 -4.87 14.75
CA GLY A 57 -6.36 -4.45 14.16
C GLY A 57 -5.54 -5.65 13.73
N SER A 58 -4.62 -6.06 14.59
CA SER A 58 -3.81 -7.23 14.33
C SER A 58 -3.73 -8.10 15.56
N HIS A 59 -4.54 -9.16 15.61
CA HIS A 59 -4.43 -10.15 16.68
C HIS A 59 -3.25 -11.07 16.37
N HIS A 60 -2.07 -10.66 16.81
CA HIS A 60 -0.84 -11.29 16.36
C HIS A 60 0.08 -11.63 17.52
N HIS A 61 1.07 -12.45 17.23
CA HIS A 61 2.15 -12.72 18.18
C HIS A 61 3.47 -12.43 17.48
N HIS A 62 4.39 -11.80 18.21
CA HIS A 62 5.66 -11.34 17.63
C HIS A 62 5.43 -10.14 16.72
N HIS A 63 6.33 -9.19 16.77
CA HIS A 63 6.27 -8.04 15.87
C HIS A 63 7.50 -8.01 14.99
N HIS A 64 7.41 -8.67 13.84
CA HIS A 64 8.53 -8.79 12.94
C HIS A 64 8.64 -7.53 12.09
N MET A 65 9.30 -6.53 12.64
CA MET A 65 9.43 -5.24 11.99
C MET A 65 10.89 -4.86 11.84
N ASP A 66 11.14 -3.79 11.12
CA ASP A 66 12.47 -3.20 11.02
C ASP A 66 12.34 -1.70 10.92
N VAL A 67 11.46 -1.27 10.04
CA VAL A 67 11.17 0.15 9.86
C VAL A 67 9.70 0.33 9.48
N GLU A 68 8.92 -0.71 9.80
CA GLU A 68 7.52 -0.82 9.38
C GLU A 68 7.41 -0.78 7.86
N GLY A 69 7.10 0.39 7.32
CA GLY A 69 6.99 0.55 5.88
C GLY A 69 5.72 -0.08 5.33
N MET A 70 5.46 0.16 4.06
CA MET A 70 4.30 -0.42 3.41
C MET A 70 4.69 -1.65 2.60
N THR A 71 4.57 -2.80 3.20
CA THR A 71 4.87 -4.05 2.53
C THR A 71 3.76 -4.40 1.54
N SER A 72 4.14 -4.57 0.30
CA SER A 72 3.21 -4.92 -0.74
C SER A 72 3.28 -6.42 -1.01
N LEU A 73 2.26 -6.95 -1.64
CA LEU A 73 2.24 -8.35 -2.01
C LEU A 73 2.29 -8.49 -3.51
N LYS A 74 3.01 -9.48 -3.97
CA LYS A 74 3.10 -9.75 -5.38
C LYS A 74 2.53 -11.11 -5.68
N VAL A 75 1.34 -11.15 -6.23
CA VAL A 75 0.70 -12.41 -6.53
C VAL A 75 0.92 -12.73 -8.01
N ASP A 76 1.44 -13.91 -8.29
CA ASP A 76 1.71 -14.32 -9.66
C ASP A 76 1.01 -15.62 -9.93
N ASN A 77 1.07 -16.10 -11.17
CA ASN A 77 0.31 -17.26 -11.62
C ASN A 77 -1.16 -16.96 -11.51
N LEU A 78 -1.47 -15.67 -11.45
CA LEU A 78 -2.81 -15.20 -11.25
C LEU A 78 -3.66 -15.43 -12.49
N THR A 79 -4.93 -15.74 -12.29
CA THR A 79 -5.84 -15.92 -13.39
C THR A 79 -6.44 -14.59 -13.82
N TYR A 80 -6.87 -14.50 -15.07
CA TYR A 80 -7.41 -13.24 -15.59
C TYR A 80 -8.87 -13.10 -15.21
N ARG A 81 -9.43 -14.16 -14.63
CA ARG A 81 -10.80 -14.14 -14.15
C ARG A 81 -10.86 -13.62 -12.72
N THR A 82 -9.75 -13.05 -12.26
CA THR A 82 -9.67 -12.47 -10.94
C THR A 82 -9.92 -10.97 -10.98
N SER A 83 -10.94 -10.53 -10.25
CA SER A 83 -11.25 -9.11 -10.16
C SER A 83 -10.70 -8.54 -8.85
N PRO A 84 -10.41 -7.23 -8.79
CA PRO A 84 -9.82 -6.58 -7.62
C PRO A 84 -10.43 -6.98 -6.27
N ASP A 85 -11.75 -6.90 -6.15
CA ASP A 85 -12.43 -7.19 -4.89
C ASP A 85 -12.17 -8.63 -4.45
N THR A 86 -11.89 -9.49 -5.41
CA THR A 86 -11.54 -10.87 -5.13
C THR A 86 -10.32 -10.97 -4.22
N LEU A 87 -9.20 -10.38 -4.62
CA LEU A 87 -8.00 -10.43 -3.81
C LEU A 87 -8.16 -9.58 -2.57
N ARG A 88 -8.92 -8.49 -2.68
CA ARG A 88 -9.24 -7.66 -1.52
C ARG A 88 -9.81 -8.52 -0.41
N ARG A 89 -10.87 -9.25 -0.74
CA ARG A 89 -11.60 -10.06 0.21
C ARG A 89 -10.70 -11.09 0.90
N VAL A 90 -9.81 -11.71 0.13
CA VAL A 90 -8.92 -12.73 0.68
C VAL A 90 -7.80 -12.11 1.53
N PHE A 91 -7.16 -11.07 0.99
CA PHE A 91 -5.98 -10.47 1.64
C PHE A 91 -6.34 -9.69 2.89
N GLU A 92 -7.50 -9.02 2.89
CA GLU A 92 -7.92 -8.18 4.02
C GLU A 92 -8.08 -8.99 5.31
N LYS A 93 -8.18 -10.30 5.17
CA LYS A 93 -8.34 -11.18 6.30
C LYS A 93 -7.02 -11.31 7.07
N TYR A 94 -5.92 -11.29 6.33
CA TYR A 94 -4.60 -11.44 6.92
C TYR A 94 -4.06 -10.10 7.43
N GLY A 95 -4.51 -9.02 6.82
CA GLY A 95 -4.05 -7.70 7.23
C GLY A 95 -4.84 -6.59 6.58
N ARG A 96 -4.62 -5.37 7.05
CA ARG A 96 -5.33 -4.22 6.51
C ARG A 96 -4.78 -3.84 5.14
N VAL A 97 -5.46 -4.28 4.10
CA VAL A 97 -5.07 -4.00 2.74
C VAL A 97 -5.70 -2.69 2.25
N GLY A 98 -4.89 -1.85 1.61
CA GLY A 98 -5.40 -0.62 1.05
C GLY A 98 -6.03 -0.85 -0.30
N ASP A 99 -5.30 -1.52 -1.17
CA ASP A 99 -5.81 -1.89 -2.50
C ASP A 99 -5.00 -3.05 -3.05
N VAL A 100 -5.56 -3.75 -4.03
CA VAL A 100 -4.92 -4.92 -4.59
C VAL A 100 -4.59 -4.74 -6.07
N TYR A 101 -5.06 -3.62 -6.63
CA TYR A 101 -4.82 -3.26 -8.02
C TYR A 101 -5.40 -4.28 -9.01
N ILE A 102 -4.72 -5.41 -9.13
CA ILE A 102 -5.06 -6.48 -10.06
C ILE A 102 -5.18 -5.98 -11.50
N PRO A 103 -4.07 -6.00 -12.23
CA PRO A 103 -4.04 -5.73 -13.66
C PRO A 103 -4.10 -7.02 -14.48
N ARG A 104 -4.28 -6.88 -15.78
CA ARG A 104 -4.20 -8.02 -16.68
C ARG A 104 -2.89 -7.97 -17.47
N ASP A 105 -2.37 -6.77 -17.63
CA ASP A 105 -1.15 -6.56 -18.39
C ASP A 105 -0.41 -5.33 -17.85
N ARG A 106 0.91 -5.44 -17.73
CA ARG A 106 1.73 -4.30 -17.34
C ARG A 106 3.19 -4.54 -17.70
N TYR A 107 3.92 -5.20 -16.82
CA TYR A 107 5.36 -5.36 -17.03
C TYR A 107 5.62 -6.42 -18.11
N THR A 108 5.16 -7.63 -17.84
CA THR A 108 5.31 -8.72 -18.80
C THR A 108 4.02 -8.86 -19.62
N LYS A 109 3.35 -7.72 -19.83
CA LYS A 109 2.03 -7.66 -20.48
C LYS A 109 1.13 -8.81 -19.99
N GLU A 110 0.32 -9.37 -20.87
CA GLU A 110 -0.59 -10.44 -20.49
C GLU A 110 0.06 -11.81 -20.71
N SER A 111 1.37 -11.85 -20.65
CA SER A 111 2.10 -13.12 -20.75
C SER A 111 1.92 -13.92 -19.47
N ARG A 112 1.91 -13.21 -18.35
CA ARG A 112 1.69 -13.81 -17.05
C ARG A 112 0.72 -12.96 -16.25
N GLY A 113 -0.29 -13.61 -15.67
CA GLY A 113 -1.22 -12.91 -14.82
C GLY A 113 -0.62 -12.64 -13.45
N PHE A 114 -0.64 -11.38 -13.05
CA PHE A 114 -0.07 -10.99 -11.76
C PHE A 114 -0.85 -9.84 -11.16
N ALA A 115 -0.86 -9.78 -9.84
CA ALA A 115 -1.50 -8.68 -9.13
C ALA A 115 -0.60 -8.22 -8.00
N PHE A 116 -0.61 -6.93 -7.73
CA PHE A 116 0.22 -6.38 -6.69
C PHE A 116 -0.65 -5.61 -5.70
N VAL A 117 -0.50 -5.92 -4.43
CA VAL A 117 -1.42 -5.44 -3.42
C VAL A 117 -0.68 -4.67 -2.33
N ARG A 118 -1.34 -3.67 -1.77
CA ARG A 118 -0.70 -2.79 -0.79
C ARG A 118 -1.23 -3.03 0.61
N PHE A 119 -0.34 -3.47 1.51
CA PHE A 119 -0.69 -3.64 2.91
C PHE A 119 -0.13 -2.49 3.73
N HIS A 120 -0.54 -2.39 4.99
CA HIS A 120 -0.10 -1.29 5.85
C HIS A 120 1.31 -1.51 6.35
N ASP A 121 1.49 -2.54 7.17
CA ASP A 121 2.80 -2.83 7.75
C ASP A 121 3.19 -4.25 7.40
N LYS A 122 4.43 -4.61 7.74
CA LYS A 122 4.93 -5.96 7.46
C LYS A 122 4.10 -7.00 8.20
N ARG A 123 3.49 -6.57 9.30
CA ARG A 123 2.61 -7.42 10.11
C ARG A 123 1.51 -8.04 9.25
N ASP A 124 0.97 -7.26 8.35
CA ASP A 124 -0.15 -7.69 7.53
C ASP A 124 0.35 -8.64 6.45
N ALA A 125 1.46 -8.28 5.84
CA ALA A 125 1.96 -8.97 4.67
C ALA A 125 2.64 -10.28 5.01
N GLU A 126 3.27 -10.34 6.18
CA GLU A 126 3.99 -11.54 6.59
C GLU A 126 3.06 -12.73 6.66
N ASP A 127 1.90 -12.52 7.22
CA ASP A 127 0.93 -13.59 7.36
C ASP A 127 0.34 -13.94 6.01
N ALA A 128 0.24 -12.96 5.12
CA ALA A 128 -0.40 -13.14 3.83
C ALA A 128 0.53 -13.80 2.81
N MET A 129 1.72 -13.23 2.62
CA MET A 129 2.65 -13.71 1.60
C MET A 129 3.05 -15.16 1.84
N ASP A 130 3.10 -15.56 3.11
CA ASP A 130 3.43 -16.93 3.45
C ASP A 130 2.23 -17.84 3.22
N ALA A 131 1.09 -17.43 3.75
CA ALA A 131 -0.07 -18.30 3.77
C ALA A 131 -0.73 -18.44 2.39
N MET A 132 -0.79 -17.36 1.65
CA MET A 132 -1.50 -17.35 0.37
C MET A 132 -0.62 -17.83 -0.76
N ASP A 133 0.66 -18.01 -0.48
CA ASP A 133 1.53 -18.72 -1.40
C ASP A 133 1.08 -20.18 -1.44
N GLY A 134 0.20 -20.49 -2.38
CA GLY A 134 -0.42 -21.79 -2.41
C GLY A 134 -1.93 -21.70 -2.16
N ALA A 135 -2.51 -20.53 -2.41
CA ALA A 135 -3.95 -20.32 -2.27
C ALA A 135 -4.67 -20.48 -3.59
N VAL A 136 -5.45 -21.53 -3.76
CA VAL A 136 -6.15 -21.73 -5.01
C VAL A 136 -7.36 -20.85 -5.10
N LEU A 137 -7.23 -19.92 -6.01
CA LEU A 137 -8.23 -18.92 -6.28
C LEU A 137 -9.38 -19.51 -7.09
N ASP A 138 -9.06 -20.44 -7.97
CA ASP A 138 -10.05 -21.06 -8.85
C ASP A 138 -9.54 -22.40 -9.35
N GLY A 139 -8.45 -22.35 -10.08
CA GLY A 139 -7.78 -23.54 -10.56
C GLY A 139 -6.29 -23.41 -10.42
N ARG A 140 -5.90 -22.33 -9.76
CA ARG A 140 -4.51 -22.02 -9.53
C ARG A 140 -4.33 -21.48 -8.12
N GLU A 141 -3.31 -21.96 -7.44
CA GLU A 141 -2.91 -21.36 -6.18
C GLU A 141 -1.96 -20.19 -6.47
N LEU A 142 -2.35 -19.02 -5.99
CA LEU A 142 -1.57 -17.81 -6.23
C LEU A 142 -0.15 -17.94 -5.71
N ARG A 143 0.80 -17.47 -6.50
CA ARG A 143 2.17 -17.39 -6.07
C ARG A 143 2.37 -16.02 -5.40
N VAL A 144 1.94 -15.92 -4.15
CA VAL A 144 1.99 -14.66 -3.45
C VAL A 144 3.35 -14.44 -2.79
N GLN A 145 4.00 -13.39 -3.20
CA GLN A 145 5.31 -13.04 -2.69
C GLN A 145 5.22 -11.68 -2.01
N MET A 146 6.26 -11.29 -1.30
CA MET A 146 6.29 -9.94 -0.75
C MET A 146 6.93 -9.02 -1.78
N ALA A 147 6.15 -8.06 -2.26
CA ALA A 147 6.62 -7.14 -3.28
C ALA A 147 7.35 -5.98 -2.65
N ARG A 148 8.51 -5.67 -3.20
CA ARG A 148 9.34 -4.59 -2.68
C ARG A 148 8.81 -3.25 -3.17
N TYR A 149 8.17 -2.53 -2.27
CA TYR A 149 7.58 -1.23 -2.61
C TYR A 149 8.53 -0.10 -2.24
N GLY A 150 9.40 -0.37 -1.29
CA GLY A 150 10.35 0.64 -0.83
C GLY A 150 11.57 0.70 -1.70
N ARG A 151 11.37 0.90 -2.99
CA ARG A 151 12.46 0.99 -3.94
C ARG A 151 12.50 2.39 -4.52
N PRO A 152 13.70 2.97 -4.68
CA PRO A 152 13.86 4.29 -5.26
C PRO A 152 14.02 4.24 -6.78
N PRO A 153 12.99 4.67 -7.53
CA PRO A 153 13.02 4.72 -8.99
C PRO A 153 13.73 5.98 -9.48
N ASP A 154 13.28 7.11 -8.98
CA ASP A 154 13.84 8.41 -9.35
C ASP A 154 13.42 9.44 -8.31
N SER A 155 14.14 10.56 -8.26
CA SER A 155 13.87 11.61 -7.29
C SER A 155 12.48 12.24 -7.48
N HIS A 156 12.07 12.41 -8.74
CA HIS A 156 10.84 13.15 -9.02
C HIS A 156 9.90 12.38 -9.94
N HIS A 157 10.38 11.35 -10.61
CA HIS A 157 9.53 10.51 -11.43
C HIS A 157 9.82 9.03 -11.17
N SER A 158 9.30 8.17 -12.02
CA SER A 158 9.57 6.76 -11.94
C SER A 158 10.24 6.30 -13.22
N MET A 1 -14.47 0.21 -30.16
CA MET A 1 -13.25 0.82 -29.59
C MET A 1 -13.25 0.65 -28.08
N GLN A 2 -12.22 0.00 -27.57
CA GLN A 2 -12.15 -0.32 -26.15
C GLN A 2 -11.67 0.88 -25.36
N TYR A 3 -12.48 1.32 -24.40
CA TYR A 3 -12.12 2.42 -23.53
C TYR A 3 -11.93 1.90 -22.10
N LYS A 4 -10.85 2.35 -21.47
CA LYS A 4 -10.48 1.89 -20.14
C LYS A 4 -10.84 2.93 -19.10
N LEU A 5 -11.59 2.52 -18.08
CA LEU A 5 -11.90 3.41 -16.97
C LEU A 5 -11.04 3.06 -15.76
N ILE A 6 -10.29 4.04 -15.28
CA ILE A 6 -9.49 3.89 -14.09
C ILE A 6 -10.07 4.74 -12.98
N LEU A 7 -10.69 4.11 -12.00
CA LEU A 7 -11.29 4.84 -10.92
C LEU A 7 -10.26 5.09 -9.82
N ASN A 8 -9.71 6.29 -9.83
CA ASN A 8 -8.75 6.70 -8.83
C ASN A 8 -9.49 7.30 -7.64
N GLY A 9 -10.60 6.66 -7.30
CA GLY A 9 -11.46 7.17 -6.28
C GLY A 9 -10.87 7.00 -4.89
N LYS A 10 -11.33 7.81 -3.96
CA LYS A 10 -10.98 7.63 -2.55
C LYS A 10 -12.02 6.71 -1.94
N THR A 11 -13.17 6.67 -2.57
CA THR A 11 -14.25 5.79 -2.21
C THR A 11 -13.99 4.37 -2.69
N LEU A 12 -13.67 4.24 -3.97
CA LEU A 12 -13.35 2.94 -4.56
C LEU A 12 -12.22 3.08 -5.58
N LYS A 13 -11.58 1.96 -5.90
CA LYS A 13 -10.48 1.95 -6.84
C LYS A 13 -10.41 0.63 -7.58
N GLY A 14 -10.89 0.62 -8.81
CA GLY A 14 -10.86 -0.57 -9.62
C GLY A 14 -10.75 -0.26 -11.08
N GLU A 15 -10.79 -1.29 -11.91
CA GLU A 15 -10.77 -1.12 -13.36
C GLU A 15 -12.11 -1.50 -13.96
N THR A 16 -12.34 -1.02 -15.18
CA THR A 16 -13.45 -1.49 -16.00
C THR A 16 -13.26 -1.00 -17.43
N THR A 17 -13.62 -1.84 -18.37
CA THR A 17 -13.43 -1.52 -19.78
C THR A 17 -14.71 -1.79 -20.56
N THR A 18 -14.80 -1.26 -21.75
CA THR A 18 -15.97 -1.46 -22.58
C THR A 18 -15.61 -1.33 -24.06
N GLU A 19 -16.20 -2.18 -24.87
CA GLU A 19 -16.02 -2.09 -26.31
C GLU A 19 -17.03 -1.09 -26.87
N ALA A 20 -16.71 0.18 -26.74
CA ALA A 20 -17.64 1.25 -27.03
C ALA A 20 -17.55 1.69 -28.48
N VAL A 21 -18.68 2.04 -29.06
CA VAL A 21 -18.73 2.52 -30.43
C VAL A 21 -18.32 3.98 -30.51
N ASP A 22 -18.61 4.73 -29.45
CA ASP A 22 -18.32 6.16 -29.43
C ASP A 22 -17.74 6.56 -28.07
N ALA A 23 -16.87 7.56 -28.06
CA ALA A 23 -16.22 8.01 -26.84
C ALA A 23 -17.23 8.53 -25.83
N ALA A 24 -18.26 9.21 -26.31
CA ALA A 24 -19.30 9.74 -25.44
C ALA A 24 -20.19 8.61 -24.94
N THR A 25 -20.27 7.56 -25.73
CA THR A 25 -20.98 6.36 -25.33
C THR A 25 -20.21 5.64 -24.21
N ALA A 26 -18.90 5.53 -24.40
CA ALA A 26 -18.03 4.88 -23.42
C ALA A 26 -18.06 5.61 -22.09
N GLU A 27 -17.86 6.92 -22.14
CA GLU A 27 -17.79 7.72 -20.92
C GLU A 27 -19.12 7.65 -20.17
N LYS A 28 -20.21 7.49 -20.92
CA LYS A 28 -21.54 7.44 -20.34
C LYS A 28 -21.70 6.19 -19.48
N VAL A 29 -21.09 5.12 -19.93
CA VAL A 29 -21.12 3.87 -19.20
C VAL A 29 -20.19 3.94 -18.00
N PHE A 30 -19.11 4.69 -18.17
CA PHE A 30 -18.19 4.95 -17.09
C PHE A 30 -18.86 5.84 -16.05
N LYS A 31 -19.74 6.73 -16.51
CA LYS A 31 -20.57 7.53 -15.63
C LYS A 31 -21.41 6.64 -14.73
N GLN A 32 -21.98 5.60 -15.33
CA GLN A 32 -22.84 4.68 -14.59
C GLN A 32 -22.05 3.98 -13.49
N TYR A 33 -20.85 3.50 -13.83
CA TYR A 33 -20.01 2.81 -12.87
C TYR A 33 -19.57 3.77 -11.77
N ALA A 34 -19.14 4.97 -12.16
CA ALA A 34 -18.68 5.97 -11.22
C ALA A 34 -19.79 6.42 -10.28
N ASN A 35 -20.96 6.67 -10.86
CA ASN A 35 -22.11 7.13 -10.08
C ASN A 35 -22.57 6.06 -9.09
N ASP A 36 -22.56 4.82 -9.55
CA ASP A 36 -23.04 3.70 -8.73
C ASP A 36 -22.09 3.45 -7.56
N ASN A 37 -20.79 3.62 -7.82
CA ASN A 37 -19.78 3.41 -6.80
C ASN A 37 -19.61 4.64 -5.92
N GLY A 38 -20.06 5.78 -6.42
CA GLY A 38 -20.08 6.99 -5.64
C GLY A 38 -18.76 7.73 -5.64
N VAL A 39 -18.10 7.76 -6.79
CA VAL A 39 -16.86 8.51 -6.92
C VAL A 39 -17.07 9.74 -7.80
N ASP A 40 -16.54 10.87 -7.35
CA ASP A 40 -16.62 12.11 -8.11
C ASP A 40 -15.25 12.76 -8.14
N GLY A 41 -14.62 12.72 -9.30
CA GLY A 41 -13.27 13.21 -9.42
C GLY A 41 -13.00 13.85 -10.75
N GLU A 42 -11.75 14.27 -10.94
CA GLU A 42 -11.34 14.89 -12.21
C GLU A 42 -11.35 13.85 -13.31
N TRP A 43 -12.30 13.99 -14.24
CA TRP A 43 -12.36 13.12 -15.40
C TRP A 43 -11.20 13.41 -16.34
N THR A 44 -10.17 12.58 -16.26
CA THR A 44 -8.99 12.76 -17.07
C THR A 44 -8.89 11.65 -18.10
N TYR A 45 -9.09 11.97 -19.36
CA TYR A 45 -9.03 10.99 -20.43
C TYR A 45 -7.77 11.18 -21.25
N ASP A 46 -6.95 10.14 -21.32
CA ASP A 46 -5.78 10.15 -22.19
C ASP A 46 -6.06 9.27 -23.39
N ASP A 47 -6.08 9.88 -24.56
CA ASP A 47 -6.45 9.20 -25.79
C ASP A 47 -5.45 8.12 -26.18
N ALA A 48 -4.18 8.34 -25.86
CA ALA A 48 -3.12 7.40 -26.24
C ALA A 48 -3.36 6.02 -25.66
N THR A 49 -3.82 5.96 -24.41
CA THR A 49 -4.10 4.69 -23.76
C THR A 49 -5.61 4.44 -23.65
N LYS A 50 -6.40 5.43 -24.12
CA LYS A 50 -7.87 5.35 -24.08
C LYS A 50 -8.37 5.21 -22.65
N THR A 51 -7.72 5.90 -21.72
CA THR A 51 -8.06 5.77 -20.32
C THR A 51 -8.86 6.97 -19.81
N PHE A 52 -10.03 6.69 -19.27
CA PHE A 52 -10.77 7.66 -18.49
C PHE A 52 -10.42 7.46 -17.02
N THR A 53 -9.74 8.42 -16.44
CA THR A 53 -9.32 8.31 -15.05
C THR A 53 -10.03 9.36 -14.22
N VAL A 54 -10.75 8.93 -13.20
CA VAL A 54 -11.36 9.85 -12.27
C VAL A 54 -10.49 10.00 -11.05
N THR A 55 -9.77 11.10 -10.97
CA THR A 55 -8.89 11.33 -9.84
C THR A 55 -9.68 12.00 -8.72
N GLU A 56 -10.14 11.19 -7.77
CA GLU A 56 -10.89 11.71 -6.63
C GLU A 56 -9.95 12.04 -5.49
N GLY A 57 -8.86 11.29 -5.40
CA GLY A 57 -7.87 11.56 -4.38
C GLY A 57 -6.80 10.49 -4.29
N SER A 58 -6.89 9.65 -3.25
CA SER A 58 -5.89 8.63 -2.94
C SER A 58 -4.62 9.30 -2.38
N HIS A 59 -4.09 10.24 -3.14
CA HIS A 59 -3.00 11.08 -2.66
C HIS A 59 -3.61 12.24 -1.90
N HIS A 60 -4.07 11.95 -0.68
CA HIS A 60 -4.99 12.84 0.05
C HIS A 60 -4.28 13.96 0.81
N HIS A 61 -3.11 14.36 0.33
CA HIS A 61 -2.38 15.53 0.84
C HIS A 61 -1.81 15.29 2.23
N HIS A 62 -2.69 15.15 3.22
CA HIS A 62 -2.26 14.98 4.60
C HIS A 62 -1.67 13.60 4.82
N HIS A 63 -1.01 13.42 5.96
CA HIS A 63 -0.33 12.16 6.26
C HIS A 63 -0.80 11.62 7.61
N HIS A 64 -0.80 10.30 7.73
CA HIS A 64 -1.09 9.65 9.00
C HIS A 64 0.23 9.43 9.74
N MET A 65 1.21 9.00 8.97
CA MET A 65 2.57 8.81 9.42
C MET A 65 3.43 8.53 8.21
N ASP A 66 4.43 9.36 7.97
CA ASP A 66 5.21 9.26 6.74
C ASP A 66 6.19 8.11 6.82
N VAL A 67 5.81 7.00 6.22
CA VAL A 67 6.67 5.83 6.12
C VAL A 67 6.71 5.36 4.67
N GLU A 68 5.52 5.25 4.07
CA GLU A 68 5.37 4.83 2.67
C GLU A 68 5.93 3.42 2.46
N GLY A 69 6.10 2.69 3.55
CA GLY A 69 6.61 1.35 3.48
C GLY A 69 5.50 0.33 3.53
N MET A 70 4.36 0.69 2.96
CA MET A 70 3.23 -0.21 2.86
C MET A 70 3.59 -1.40 1.97
N THR A 71 3.90 -2.51 2.62
CA THR A 71 4.34 -3.71 1.93
C THR A 71 3.32 -4.16 0.90
N SER A 72 3.74 -4.13 -0.35
CA SER A 72 2.92 -4.59 -1.43
C SER A 72 3.28 -6.03 -1.76
N LEU A 73 2.32 -6.80 -2.22
CA LEU A 73 2.57 -8.19 -2.55
C LEU A 73 2.49 -8.42 -4.04
N LYS A 74 3.37 -9.27 -4.53
CA LYS A 74 3.36 -9.66 -5.92
C LYS A 74 2.81 -11.08 -6.03
N VAL A 75 1.59 -11.19 -6.49
CA VAL A 75 1.00 -12.51 -6.68
C VAL A 75 1.23 -12.93 -8.14
N ASP A 76 1.82 -14.10 -8.32
CA ASP A 76 2.12 -14.61 -9.64
C ASP A 76 1.27 -15.83 -9.93
N ASN A 77 1.10 -16.15 -11.21
CA ASN A 77 0.25 -17.27 -11.63
C ASN A 77 -1.19 -17.03 -11.19
N LEU A 78 -1.89 -16.15 -11.90
CA LEU A 78 -3.26 -15.85 -11.54
C LEU A 78 -4.24 -16.58 -12.42
N THR A 79 -5.50 -16.22 -12.24
CA THR A 79 -6.59 -16.78 -13.03
C THR A 79 -7.30 -15.68 -13.78
N TYR A 80 -8.03 -16.04 -14.84
CA TYR A 80 -8.62 -15.07 -15.74
C TYR A 80 -9.81 -14.32 -15.11
N ARG A 81 -10.16 -14.69 -13.89
CA ARG A 81 -11.32 -14.09 -13.23
C ARG A 81 -10.92 -13.46 -11.89
N THR A 82 -9.72 -12.92 -11.83
CA THR A 82 -9.25 -12.24 -10.63
C THR A 82 -9.16 -10.73 -10.84
N SER A 83 -10.17 -10.01 -10.37
CA SER A 83 -10.19 -8.56 -10.42
C SER A 83 -9.69 -8.00 -9.10
N PRO A 84 -9.23 -6.73 -9.06
CA PRO A 84 -8.71 -6.10 -7.85
C PRO A 84 -9.52 -6.38 -6.58
N ASP A 85 -10.83 -6.20 -6.68
CA ASP A 85 -11.72 -6.40 -5.52
C ASP A 85 -11.70 -7.84 -5.03
N THR A 86 -11.29 -8.75 -5.91
CA THR A 86 -11.16 -10.16 -5.58
C THR A 86 -10.08 -10.37 -4.52
N LEU A 87 -8.86 -9.94 -4.81
CA LEU A 87 -7.74 -10.13 -3.89
C LEU A 87 -7.89 -9.22 -2.69
N ARG A 88 -8.54 -8.09 -2.90
CA ARG A 88 -8.83 -7.15 -1.84
C ARG A 88 -9.61 -7.85 -0.73
N ARG A 89 -10.58 -8.67 -1.14
CA ARG A 89 -11.43 -9.40 -0.22
C ARG A 89 -10.68 -10.57 0.42
N VAL A 90 -9.87 -11.26 -0.36
CA VAL A 90 -9.19 -12.46 0.12
C VAL A 90 -8.05 -12.12 1.08
N PHE A 91 -7.25 -11.13 0.71
CA PHE A 91 -6.05 -10.81 1.49
C PHE A 91 -6.39 -10.08 2.79
N GLU A 92 -7.52 -9.36 2.81
CA GLU A 92 -7.94 -8.65 4.03
C GLU A 92 -8.27 -9.63 5.16
N LYS A 93 -8.39 -10.89 4.80
CA LYS A 93 -8.61 -11.96 5.76
C LYS A 93 -7.43 -12.08 6.73
N TYR A 94 -6.23 -12.11 6.17
CA TYR A 94 -5.01 -12.31 6.95
C TYR A 94 -4.51 -11.01 7.58
N GLY A 95 -4.61 -9.93 6.82
CA GLY A 95 -4.15 -8.65 7.32
C GLY A 95 -4.94 -7.50 6.74
N ARG A 96 -4.71 -6.30 7.25
CA ARG A 96 -5.44 -5.14 6.77
C ARG A 96 -4.82 -4.62 5.48
N VAL A 97 -5.43 -5.00 4.37
CA VAL A 97 -5.03 -4.50 3.07
C VAL A 97 -5.75 -3.19 2.78
N GLY A 98 -4.98 -2.13 2.58
CA GLY A 98 -5.55 -0.82 2.38
C GLY A 98 -5.95 -0.57 0.95
N ASP A 99 -5.26 -1.21 0.02
CA ASP A 99 -5.55 -1.03 -1.40
C ASP A 99 -4.99 -2.20 -2.20
N VAL A 100 -5.49 -2.40 -3.40
CA VAL A 100 -5.00 -3.46 -4.27
C VAL A 100 -4.86 -2.96 -5.69
N TYR A 101 -3.98 -3.59 -6.44
CA TYR A 101 -3.75 -3.23 -7.82
C TYR A 101 -3.61 -4.48 -8.67
N ILE A 102 -4.74 -4.95 -9.19
CA ILE A 102 -4.74 -6.09 -10.08
C ILE A 102 -5.06 -5.63 -11.49
N PRO A 103 -4.03 -5.37 -12.30
CA PRO A 103 -4.21 -4.87 -13.64
C PRO A 103 -4.31 -5.99 -14.67
N ARG A 104 -5.01 -5.71 -15.75
CA ARG A 104 -5.04 -6.63 -16.88
C ARG A 104 -3.67 -6.58 -17.59
N ASP A 105 -3.34 -7.62 -18.34
CA ASP A 105 -2.09 -7.62 -19.08
C ASP A 105 -2.12 -6.54 -20.16
N ARG A 106 -1.01 -5.86 -20.35
CA ARG A 106 -0.95 -4.72 -21.23
C ARG A 106 -0.49 -5.14 -22.63
N TYR A 107 0.16 -6.29 -22.72
CA TYR A 107 0.81 -6.69 -23.95
C TYR A 107 0.03 -7.78 -24.68
N THR A 108 -0.62 -8.65 -23.92
CA THR A 108 -1.30 -9.80 -24.50
C THR A 108 -2.72 -9.96 -23.97
N LYS A 109 -3.68 -9.34 -24.67
CA LYS A 109 -5.10 -9.45 -24.36
C LYS A 109 -5.39 -8.93 -22.95
N GLU A 110 -6.56 -9.23 -22.44
CA GLU A 110 -6.96 -8.81 -21.10
C GLU A 110 -6.67 -9.94 -20.11
N SER A 111 -5.56 -10.64 -20.32
CA SER A 111 -5.20 -11.78 -19.49
C SER A 111 -4.80 -11.33 -18.09
N ARG A 112 -4.82 -12.25 -17.14
CA ARG A 112 -4.48 -11.95 -15.76
C ARG A 112 -3.25 -12.75 -15.35
N GLY A 113 -2.09 -12.12 -15.39
CA GLY A 113 -0.85 -12.83 -15.14
C GLY A 113 -0.29 -12.55 -13.77
N PHE A 114 -0.49 -11.32 -13.29
CA PHE A 114 0.07 -10.92 -12.00
C PHE A 114 -0.87 -9.92 -11.31
N ALA A 115 -0.70 -9.77 -10.01
CA ALA A 115 -1.51 -8.83 -9.25
C ALA A 115 -0.74 -8.28 -8.07
N PHE A 116 -1.19 -7.14 -7.56
CA PHE A 116 -0.59 -6.51 -6.41
C PHE A 116 -1.61 -6.28 -5.32
N VAL A 117 -1.19 -6.48 -4.08
CA VAL A 117 -2.01 -6.21 -2.93
C VAL A 117 -1.21 -5.36 -1.95
N ARG A 118 -1.84 -4.36 -1.34
CA ARG A 118 -1.13 -3.39 -0.53
C ARG A 118 -1.66 -3.35 0.90
N PHE A 119 -0.86 -3.84 1.83
CA PHE A 119 -1.25 -3.87 3.24
C PHE A 119 -0.76 -2.63 3.97
N HIS A 120 -1.23 -2.46 5.20
CA HIS A 120 -0.80 -1.36 6.05
C HIS A 120 0.67 -1.52 6.41
N ASP A 121 0.98 -2.62 7.06
CA ASP A 121 2.34 -2.89 7.52
C ASP A 121 2.78 -4.27 7.05
N LYS A 122 4.07 -4.54 7.17
CA LYS A 122 4.64 -5.84 6.80
C LYS A 122 4.00 -6.96 7.61
N ARG A 123 3.50 -6.61 8.79
CA ARG A 123 2.81 -7.56 9.66
C ARG A 123 1.63 -8.20 8.94
N ASP A 124 0.94 -7.40 8.13
CA ASP A 124 -0.23 -7.88 7.41
C ASP A 124 0.20 -8.66 6.19
N ALA A 125 1.33 -8.26 5.60
CA ALA A 125 1.80 -8.82 4.35
C ALA A 125 2.41 -10.20 4.55
N GLU A 126 3.11 -10.38 5.67
CA GLU A 126 3.78 -11.64 5.94
C GLU A 126 2.78 -12.76 6.13
N ASP A 127 1.72 -12.48 6.85
CA ASP A 127 0.70 -13.49 7.09
C ASP A 127 0.00 -13.84 5.79
N ALA A 128 -0.05 -12.88 4.87
CA ALA A 128 -0.67 -13.08 3.57
C ALA A 128 0.24 -13.80 2.59
N MET A 129 1.44 -13.27 2.40
CA MET A 129 2.36 -13.78 1.37
C MET A 129 2.74 -15.23 1.62
N ASP A 130 2.87 -15.61 2.88
CA ASP A 130 3.20 -16.99 3.21
C ASP A 130 1.99 -17.89 3.03
N ALA A 131 0.84 -17.39 3.45
CA ALA A 131 -0.37 -18.19 3.43
C ALA A 131 -0.91 -18.37 2.01
N MET A 132 -0.87 -17.30 1.23
CA MET A 132 -1.47 -17.32 -0.10
C MET A 132 -0.53 -17.94 -1.12
N ASP A 133 0.74 -18.05 -0.76
CA ASP A 133 1.67 -18.81 -1.57
C ASP A 133 1.36 -20.29 -1.40
N GLY A 134 0.59 -20.83 -2.33
CA GLY A 134 0.06 -22.16 -2.17
C GLY A 134 -1.40 -22.13 -1.77
N ALA A 135 -2.05 -21.01 -2.06
CA ALA A 135 -3.46 -20.82 -1.78
C ALA A 135 -4.27 -20.77 -3.05
N VAL A 136 -5.38 -21.46 -3.09
CA VAL A 136 -6.21 -21.48 -4.29
C VAL A 136 -7.32 -20.44 -4.21
N LEU A 137 -7.30 -19.46 -5.12
CA LEU A 137 -8.37 -18.45 -5.15
C LEU A 137 -9.47 -18.84 -6.13
N ASP A 138 -9.26 -19.94 -6.85
CA ASP A 138 -10.16 -20.36 -7.91
C ASP A 138 -9.80 -21.76 -8.37
N GLY A 139 -8.70 -21.85 -9.11
CA GLY A 139 -8.17 -23.12 -9.53
C GLY A 139 -6.67 -23.06 -9.70
N ARG A 140 -6.05 -22.32 -8.79
CA ARG A 140 -4.62 -22.07 -8.82
C ARG A 140 -4.14 -21.66 -7.44
N GLU A 141 -3.01 -22.21 -7.01
CA GLU A 141 -2.35 -21.72 -5.82
C GLU A 141 -1.51 -20.51 -6.18
N LEU A 142 -1.90 -19.34 -5.70
CA LEU A 142 -1.18 -18.11 -5.99
C LEU A 142 0.28 -18.22 -5.55
N ARG A 143 1.16 -17.59 -6.31
CA ARG A 143 2.55 -17.48 -5.90
C ARG A 143 2.79 -16.06 -5.39
N VAL A 144 2.45 -15.84 -4.14
CA VAL A 144 2.48 -14.50 -3.56
C VAL A 144 3.84 -14.21 -2.94
N GLN A 145 4.55 -13.26 -3.53
CA GLN A 145 5.87 -12.86 -3.06
C GLN A 145 5.79 -11.48 -2.42
N MET A 146 6.76 -11.17 -1.57
CA MET A 146 6.85 -9.84 -0.97
C MET A 146 7.44 -8.87 -1.99
N ALA A 147 6.70 -7.82 -2.30
CA ALA A 147 7.13 -6.84 -3.29
C ALA A 147 7.59 -5.56 -2.63
N ARG A 148 8.88 -5.32 -2.66
CA ARG A 148 9.48 -4.13 -2.06
C ARG A 148 9.56 -3.01 -3.09
N TYR A 149 10.11 -1.87 -2.67
CA TYR A 149 10.29 -0.69 -3.53
C TYR A 149 8.94 -0.03 -3.80
N GLY A 150 8.20 -0.58 -4.76
CA GLY A 150 6.90 -0.03 -5.09
C GLY A 150 7.00 1.28 -5.86
N ARG A 151 5.93 1.64 -6.54
CA ARG A 151 5.90 2.87 -7.30
C ARG A 151 4.65 3.68 -6.97
N PRO A 152 4.81 4.77 -6.20
CA PRO A 152 3.72 5.67 -5.85
C PRO A 152 3.19 6.43 -7.07
N PRO A 153 2.01 7.07 -6.96
CA PRO A 153 1.38 7.80 -8.07
C PRO A 153 2.08 9.13 -8.40
N ASP A 154 3.40 9.15 -8.21
CA ASP A 154 4.21 10.34 -8.50
C ASP A 154 4.11 10.73 -9.97
N SER A 155 4.04 9.73 -10.84
CA SER A 155 4.00 9.97 -12.28
C SER A 155 2.70 10.68 -12.68
N HIS A 156 2.73 11.99 -12.56
CA HIS A 156 1.65 12.85 -13.02
C HIS A 156 2.24 14.22 -13.32
N HIS A 157 3.56 14.27 -13.37
CA HIS A 157 4.28 15.51 -13.61
C HIS A 157 5.58 15.20 -14.34
N SER A 158 6.14 16.21 -15.00
CA SER A 158 7.45 16.07 -15.60
C SER A 158 8.53 16.47 -14.60
N MET A 1 4.18 26.23 -30.30
CA MET A 1 4.78 25.80 -29.01
C MET A 1 4.93 24.29 -29.00
N GLN A 2 5.83 23.80 -28.15
CA GLN A 2 6.10 22.38 -28.05
C GLN A 2 5.21 21.74 -26.99
N TYR A 3 4.16 21.06 -27.42
CA TYR A 3 3.26 20.38 -26.50
C TYR A 3 3.63 18.91 -26.38
N LYS A 4 3.67 18.41 -25.15
CA LYS A 4 4.01 17.02 -24.89
C LYS A 4 2.78 16.23 -24.46
N LEU A 5 2.51 15.13 -25.15
CA LEU A 5 1.44 14.22 -24.77
C LEU A 5 1.99 13.05 -23.98
N ILE A 6 1.47 12.87 -22.79
CA ILE A 6 1.82 11.72 -21.97
C ILE A 6 0.67 10.72 -21.99
N LEU A 7 0.85 9.64 -22.72
CA LEU A 7 -0.18 8.63 -22.83
C LEU A 7 -0.01 7.60 -21.74
N ASN A 8 -0.94 7.59 -20.81
CA ASN A 8 -0.87 6.68 -19.67
C ASN A 8 -1.72 5.45 -19.94
N GLY A 9 -1.65 4.96 -21.17
CA GLY A 9 -2.46 3.82 -21.54
C GLY A 9 -1.86 2.51 -21.08
N LYS A 10 -2.70 1.52 -20.83
CA LYS A 10 -2.23 0.19 -20.44
C LYS A 10 -1.62 -0.52 -21.65
N THR A 11 -2.12 -0.18 -22.83
CA THR A 11 -1.62 -0.77 -24.06
C THR A 11 -0.60 0.16 -24.71
N LEU A 12 -0.90 1.46 -24.72
CA LEU A 12 -0.01 2.44 -25.32
C LEU A 12 0.40 3.47 -24.27
N LYS A 13 1.62 3.33 -23.77
CA LYS A 13 2.15 4.27 -22.80
C LYS A 13 3.41 4.90 -23.35
N GLY A 14 3.29 6.12 -23.83
CA GLY A 14 4.42 6.80 -24.43
C GLY A 14 4.32 8.29 -24.26
N GLU A 15 5.24 9.01 -24.88
CA GLU A 15 5.17 10.47 -24.89
C GLU A 15 5.70 11.02 -26.21
N THR A 16 5.02 12.02 -26.73
CA THR A 16 5.40 12.64 -27.99
C THR A 16 4.99 14.11 -28.01
N THR A 17 5.40 14.83 -29.05
CA THR A 17 5.17 16.26 -29.12
C THR A 17 4.47 16.66 -30.40
N THR A 18 3.99 17.88 -30.43
CA THR A 18 3.48 18.50 -31.64
C THR A 18 3.77 19.99 -31.61
N GLU A 19 4.20 20.53 -32.73
CA GLU A 19 4.37 21.96 -32.86
C GLU A 19 2.99 22.59 -33.05
N ALA A 20 2.39 22.99 -31.94
CA ALA A 20 1.03 23.49 -31.96
C ALA A 20 0.98 24.95 -31.52
N VAL A 21 0.19 25.75 -32.22
CA VAL A 21 0.06 27.16 -31.91
C VAL A 21 -0.88 27.38 -30.73
N ASP A 22 -1.72 26.41 -30.43
CA ASP A 22 -2.68 26.54 -29.34
C ASP A 22 -2.90 25.20 -28.65
N ALA A 23 -3.39 25.24 -27.41
CA ALA A 23 -3.66 24.03 -26.65
C ALA A 23 -4.76 23.20 -27.31
N ALA A 24 -5.70 23.88 -27.96
CA ALA A 24 -6.76 23.19 -28.69
C ALA A 24 -6.18 22.48 -29.90
N THR A 25 -5.29 23.16 -30.60
CA THR A 25 -4.62 22.59 -31.75
C THR A 25 -3.83 21.36 -31.34
N ALA A 26 -3.16 21.45 -30.20
CA ALA A 26 -2.34 20.37 -29.69
C ALA A 26 -3.19 19.18 -29.27
N GLU A 27 -4.23 19.44 -28.48
CA GLU A 27 -5.04 18.35 -27.94
C GLU A 27 -5.72 17.58 -29.08
N LYS A 28 -6.00 18.26 -30.18
CA LYS A 28 -6.58 17.64 -31.35
C LYS A 28 -5.67 16.55 -31.89
N VAL A 29 -4.41 16.89 -32.08
CA VAL A 29 -3.42 15.96 -32.59
C VAL A 29 -3.14 14.85 -31.59
N PHE A 30 -3.11 15.23 -30.32
CA PHE A 30 -2.94 14.27 -29.24
C PHE A 30 -4.13 13.32 -29.21
N LYS A 31 -5.31 13.86 -29.50
CA LYS A 31 -6.53 13.06 -29.51
C LYS A 31 -6.50 12.07 -30.67
N GLN A 32 -5.96 12.50 -31.81
CA GLN A 32 -5.79 11.62 -32.94
C GLN A 32 -4.83 10.49 -32.60
N TYR A 33 -3.70 10.86 -31.98
CA TYR A 33 -2.68 9.88 -31.60
C TYR A 33 -3.25 8.89 -30.59
N ALA A 34 -3.85 9.41 -29.52
CA ALA A 34 -4.38 8.58 -28.45
C ALA A 34 -5.49 7.66 -28.96
N ASN A 35 -6.43 8.23 -29.70
CA ASN A 35 -7.57 7.47 -30.20
C ASN A 35 -7.14 6.36 -31.15
N ASP A 36 -6.18 6.66 -32.01
CA ASP A 36 -5.70 5.68 -32.98
C ASP A 36 -4.94 4.55 -32.28
N ASN A 37 -4.32 4.87 -31.17
CA ASN A 37 -3.55 3.89 -30.41
C ASN A 37 -4.44 3.10 -29.46
N GLY A 38 -5.63 3.62 -29.18
CA GLY A 38 -6.60 2.87 -28.41
C GLY A 38 -6.67 3.29 -26.95
N VAL A 39 -5.95 4.34 -26.60
CA VAL A 39 -5.96 4.84 -25.23
C VAL A 39 -6.85 6.06 -25.09
N ASP A 40 -7.86 5.95 -24.25
CA ASP A 40 -8.74 7.06 -23.95
C ASP A 40 -8.85 7.21 -22.44
N GLY A 41 -8.73 8.42 -21.95
CA GLY A 41 -8.74 8.62 -20.52
C GLY A 41 -8.99 10.06 -20.12
N GLU A 42 -8.63 10.38 -18.88
CA GLU A 42 -8.76 11.73 -18.35
C GLU A 42 -7.68 12.62 -18.94
N TRP A 43 -8.09 13.56 -19.79
CA TRP A 43 -7.16 14.51 -20.37
C TRP A 43 -6.78 15.56 -19.35
N THR A 44 -5.61 15.37 -18.76
CA THR A 44 -5.13 16.26 -17.71
C THR A 44 -3.93 17.05 -18.23
N TYR A 45 -4.09 18.36 -18.32
CA TYR A 45 -3.07 19.22 -18.91
C TYR A 45 -2.38 20.06 -17.84
N ASP A 46 -1.07 19.91 -17.75
CA ASP A 46 -0.28 20.71 -16.83
C ASP A 46 0.19 21.98 -17.51
N ASP A 47 -0.28 23.12 -17.03
CA ASP A 47 0.02 24.40 -17.64
C ASP A 47 1.49 24.75 -17.53
N ALA A 48 2.14 24.27 -16.46
CA ALA A 48 3.54 24.57 -16.21
C ALA A 48 4.45 23.94 -17.26
N THR A 49 4.29 22.63 -17.45
CA THR A 49 5.17 21.89 -18.36
C THR A 49 4.59 21.83 -19.77
N LYS A 50 3.37 22.37 -19.94
CA LYS A 50 2.69 22.36 -21.24
C LYS A 50 2.46 20.92 -21.70
N THR A 51 2.12 20.06 -20.75
CA THR A 51 2.01 18.63 -21.01
C THR A 51 0.57 18.15 -20.89
N PHE A 52 0.08 17.47 -21.92
CA PHE A 52 -1.21 16.81 -21.88
C PHE A 52 -1.03 15.37 -21.45
N THR A 53 -1.50 15.03 -20.27
CA THR A 53 -1.43 13.66 -19.79
C THR A 53 -2.80 13.02 -19.85
N VAL A 54 -2.93 12.01 -20.69
CA VAL A 54 -4.19 11.30 -20.81
C VAL A 54 -4.14 10.04 -19.97
N THR A 55 -4.81 10.09 -18.83
CA THR A 55 -4.81 8.99 -17.89
C THR A 55 -5.90 7.99 -18.26
N GLU A 56 -5.49 6.87 -18.85
CA GLU A 56 -6.43 5.87 -19.33
C GLU A 56 -7.35 5.42 -18.21
N GLY A 57 -8.65 5.50 -18.48
CA GLY A 57 -9.64 5.26 -17.46
C GLY A 57 -10.47 6.50 -17.24
N SER A 58 -11.71 6.46 -17.72
CA SER A 58 -12.58 7.63 -17.70
C SER A 58 -12.91 8.09 -16.28
N HIS A 59 -12.91 7.17 -15.33
CA HIS A 59 -13.25 7.52 -13.96
C HIS A 59 -12.09 7.30 -13.00
N HIS A 60 -11.16 8.23 -13.04
CA HIS A 60 -10.05 8.28 -12.10
C HIS A 60 -9.83 9.72 -11.67
N HIS A 61 -10.53 10.13 -10.63
CA HIS A 61 -10.56 11.53 -10.23
C HIS A 61 -9.69 11.78 -9.01
N HIS A 62 -8.70 12.65 -9.19
CA HIS A 62 -7.80 13.08 -8.12
C HIS A 62 -7.01 11.91 -7.54
N HIS A 63 -5.90 11.61 -8.18
CA HIS A 63 -5.00 10.58 -7.67
C HIS A 63 -4.05 11.18 -6.65
N HIS A 64 -3.77 12.47 -6.82
CA HIS A 64 -2.80 13.19 -5.99
C HIS A 64 -1.41 12.60 -6.20
N MET A 65 -0.46 12.99 -5.38
CA MET A 65 0.83 12.32 -5.35
C MET A 65 0.68 11.00 -4.61
N ASP A 66 -0.02 11.07 -3.48
CA ASP A 66 -0.39 9.90 -2.68
C ASP A 66 0.82 9.02 -2.38
N VAL A 67 1.61 9.43 -1.40
CA VAL A 67 2.80 8.69 -1.01
C VAL A 67 2.44 7.54 -0.08
N GLU A 68 2.42 6.34 -0.62
CA GLU A 68 2.04 5.16 0.12
C GLU A 68 2.74 3.93 -0.46
N GLY A 69 3.95 3.67 0.00
CA GLY A 69 4.72 2.57 -0.54
C GLY A 69 5.28 1.66 0.53
N MET A 70 4.41 1.06 1.32
CA MET A 70 4.82 0.09 2.31
C MET A 70 4.73 -1.33 1.72
N THR A 71 4.80 -2.34 2.57
CA THR A 71 4.82 -3.73 2.12
C THR A 71 3.73 -4.07 1.11
N SER A 72 4.15 -4.20 -0.14
CA SER A 72 3.27 -4.62 -1.22
C SER A 72 3.47 -6.11 -1.48
N LEU A 73 2.42 -6.77 -1.92
CA LEU A 73 2.49 -8.19 -2.21
C LEU A 73 2.37 -8.45 -3.69
N LYS A 74 3.22 -9.34 -4.18
CA LYS A 74 3.15 -9.80 -5.55
C LYS A 74 2.45 -11.13 -5.63
N VAL A 75 1.31 -11.16 -6.28
CA VAL A 75 0.61 -12.41 -6.52
C VAL A 75 0.82 -12.80 -7.98
N ASP A 76 1.27 -14.03 -8.20
CA ASP A 76 1.68 -14.46 -9.53
C ASP A 76 1.09 -15.83 -9.84
N ASN A 77 1.14 -16.22 -11.12
CA ASN A 77 0.41 -17.39 -11.62
C ASN A 77 -1.07 -17.12 -11.53
N LEU A 78 -1.41 -15.84 -11.56
CA LEU A 78 -2.76 -15.37 -11.35
C LEU A 78 -3.64 -15.67 -12.57
N THR A 79 -4.92 -15.90 -12.33
CA THR A 79 -5.86 -16.29 -13.38
C THR A 79 -6.37 -15.08 -14.16
N TYR A 80 -6.93 -15.34 -15.33
CA TYR A 80 -7.42 -14.27 -16.21
C TYR A 80 -8.76 -13.72 -15.75
N ARG A 81 -9.36 -14.36 -14.76
CA ARG A 81 -10.69 -13.97 -14.29
C ARG A 81 -10.64 -13.38 -12.89
N THR A 82 -9.47 -12.96 -12.48
CA THR A 82 -9.29 -12.35 -11.17
C THR A 82 -9.70 -10.88 -11.19
N SER A 83 -10.59 -10.49 -10.29
CA SER A 83 -11.01 -9.10 -10.15
C SER A 83 -10.39 -8.48 -8.91
N PRO A 84 -10.27 -7.14 -8.85
CA PRO A 84 -9.72 -6.46 -7.67
C PRO A 84 -10.43 -6.86 -6.38
N ASP A 85 -11.75 -7.02 -6.45
CA ASP A 85 -12.56 -7.47 -5.31
C ASP A 85 -12.07 -8.85 -4.85
N THR A 86 -11.71 -9.66 -5.82
CA THR A 86 -11.26 -11.03 -5.60
C THR A 86 -10.10 -11.10 -4.59
N LEU A 87 -9.01 -10.40 -4.89
CA LEU A 87 -7.81 -10.51 -4.06
C LEU A 87 -7.99 -9.78 -2.74
N ARG A 88 -8.61 -8.60 -2.77
CA ARG A 88 -8.85 -7.83 -1.57
C ARG A 88 -9.60 -8.68 -0.55
N ARG A 89 -10.65 -9.35 -1.02
CA ARG A 89 -11.48 -10.21 -0.20
C ARG A 89 -10.64 -11.27 0.53
N VAL A 90 -9.74 -11.91 -0.20
CA VAL A 90 -8.92 -12.98 0.37
C VAL A 90 -7.83 -12.43 1.30
N PHE A 91 -7.06 -11.47 0.78
CA PHE A 91 -5.90 -10.94 1.50
C PHE A 91 -6.28 -10.23 2.79
N GLU A 92 -7.45 -9.57 2.80
CA GLU A 92 -7.92 -8.84 3.98
C GLU A 92 -8.22 -9.77 5.15
N LYS A 93 -8.22 -11.07 4.88
CA LYS A 93 -8.40 -12.08 5.92
C LYS A 93 -7.18 -12.09 6.85
N TYR A 94 -6.01 -12.09 6.25
CA TYR A 94 -4.76 -12.24 6.99
C TYR A 94 -4.29 -10.91 7.54
N GLY A 95 -4.34 -9.89 6.71
CA GLY A 95 -3.89 -8.58 7.12
C GLY A 95 -4.79 -7.50 6.59
N ARG A 96 -4.56 -6.27 7.02
CA ARG A 96 -5.37 -5.15 6.56
C ARG A 96 -4.84 -4.61 5.25
N VAL A 97 -5.48 -5.00 4.17
CA VAL A 97 -5.12 -4.56 2.83
C VAL A 97 -5.82 -3.25 2.49
N GLY A 98 -5.03 -2.25 2.09
CA GLY A 98 -5.58 -0.94 1.83
C GLY A 98 -6.01 -0.78 0.38
N ASP A 99 -5.12 -1.12 -0.54
CA ASP A 99 -5.39 -0.93 -1.95
C ASP A 99 -4.84 -2.10 -2.77
N VAL A 100 -5.69 -2.71 -3.58
CA VAL A 100 -5.26 -3.77 -4.48
C VAL A 100 -5.14 -3.25 -5.90
N TYR A 101 -4.14 -3.74 -6.62
CA TYR A 101 -3.94 -3.38 -8.00
C TYR A 101 -3.84 -4.64 -8.85
N ILE A 102 -4.91 -4.93 -9.57
CA ILE A 102 -4.94 -6.09 -10.45
C ILE A 102 -5.03 -5.64 -11.90
N PRO A 103 -3.91 -5.65 -12.62
CA PRO A 103 -3.88 -5.28 -14.03
C PRO A 103 -4.60 -6.31 -14.88
N ARG A 104 -5.75 -5.94 -15.39
CA ARG A 104 -6.57 -6.83 -16.19
C ARG A 104 -6.56 -6.40 -17.65
N ASP A 105 -5.92 -7.21 -18.48
CA ASP A 105 -5.91 -6.99 -19.90
C ASP A 105 -6.14 -8.29 -20.64
N ARG A 106 -6.91 -8.22 -21.70
CA ARG A 106 -7.08 -9.35 -22.58
C ARG A 106 -7.03 -8.87 -24.02
N TYR A 107 -5.93 -8.26 -24.38
CA TYR A 107 -5.68 -7.89 -25.77
C TYR A 107 -4.20 -8.03 -26.09
N THR A 108 -3.36 -7.60 -25.15
CA THR A 108 -1.93 -7.74 -25.30
C THR A 108 -1.41 -8.80 -24.31
N LYS A 109 -2.12 -8.96 -23.20
CA LYS A 109 -1.80 -10.00 -22.24
C LYS A 109 -2.53 -11.28 -22.59
N GLU A 110 -1.79 -12.38 -22.66
CA GLU A 110 -2.39 -13.67 -22.98
C GLU A 110 -1.86 -14.76 -22.06
N SER A 111 -0.58 -14.69 -21.71
CA SER A 111 0.04 -15.72 -20.91
C SER A 111 0.11 -15.31 -19.44
N ARG A 112 -0.75 -15.92 -18.62
CA ARG A 112 -0.77 -15.73 -17.17
C ARG A 112 -1.06 -14.28 -16.79
N GLY A 113 -0.88 -13.98 -15.51
CA GLY A 113 -1.07 -12.65 -15.01
C GLY A 113 -0.51 -12.50 -13.62
N PHE A 114 -0.40 -11.26 -13.16
CA PHE A 114 0.10 -10.98 -11.82
C PHE A 114 -0.64 -9.79 -11.25
N ALA A 115 -0.60 -9.63 -9.94
CA ALA A 115 -1.26 -8.51 -9.28
C ALA A 115 -0.49 -8.07 -8.05
N PHE A 116 -0.82 -6.88 -7.57
CA PHE A 116 -0.20 -6.34 -6.36
C PHE A 116 -1.24 -5.98 -5.35
N VAL A 117 -0.93 -6.21 -4.10
CA VAL A 117 -1.82 -5.84 -3.02
C VAL A 117 -1.04 -5.11 -1.93
N ARG A 118 -1.56 -3.97 -1.50
CA ARG A 118 -0.87 -3.13 -0.53
C ARG A 118 -1.43 -3.34 0.87
N PHE A 119 -0.56 -3.68 1.81
CA PHE A 119 -0.99 -3.94 3.17
C PHE A 119 -0.62 -2.81 4.11
N HIS A 120 -1.19 -2.87 5.30
CA HIS A 120 -0.92 -1.90 6.36
C HIS A 120 0.55 -1.91 6.75
N ASP A 121 0.99 -3.00 7.37
CA ASP A 121 2.35 -3.13 7.85
C ASP A 121 2.95 -4.43 7.33
N LYS A 122 4.24 -4.64 7.58
CA LYS A 122 4.89 -5.89 7.21
C LYS A 122 4.22 -7.06 7.90
N ARG A 123 3.68 -6.83 9.09
CA ARG A 123 2.96 -7.89 9.81
C ARG A 123 1.77 -8.38 8.99
N ASP A 124 1.12 -7.45 8.30
CA ASP A 124 -0.01 -7.78 7.44
C ASP A 124 0.49 -8.46 6.18
N ALA A 125 1.65 -8.02 5.71
CA ALA A 125 2.22 -8.53 4.49
C ALA A 125 2.74 -9.95 4.69
N GLU A 126 3.30 -10.22 5.85
CA GLU A 126 3.86 -11.53 6.15
C GLU A 126 2.75 -12.55 6.31
N ASP A 127 1.69 -12.16 7.00
CA ASP A 127 0.52 -13.01 7.18
C ASP A 127 0.00 -13.46 5.83
N ALA A 128 0.03 -12.54 4.88
CA ALA A 128 -0.46 -12.80 3.54
C ALA A 128 0.56 -13.55 2.69
N MET A 129 1.78 -13.03 2.61
CA MET A 129 2.80 -13.59 1.73
C MET A 129 3.17 -15.02 2.12
N ASP A 130 3.07 -15.32 3.41
CA ASP A 130 3.35 -16.66 3.90
C ASP A 130 2.19 -17.58 3.58
N ALA A 131 0.98 -17.08 3.80
CA ALA A 131 -0.22 -17.88 3.63
C ALA A 131 -0.56 -18.12 2.16
N MET A 132 -0.71 -17.02 1.44
CA MET A 132 -1.33 -17.01 0.12
C MET A 132 -0.44 -17.63 -0.95
N ASP A 133 0.82 -17.87 -0.63
CA ASP A 133 1.68 -18.61 -1.53
C ASP A 133 1.27 -20.08 -1.49
N GLY A 134 0.28 -20.40 -2.32
CA GLY A 134 -0.37 -21.70 -2.25
C GLY A 134 -1.85 -21.58 -1.89
N ALA A 135 -2.45 -20.45 -2.24
CA ALA A 135 -3.86 -20.21 -1.95
C ALA A 135 -4.69 -20.21 -3.21
N VAL A 136 -5.73 -21.02 -3.27
CA VAL A 136 -6.55 -21.12 -4.47
C VAL A 136 -7.67 -20.08 -4.46
N LEU A 137 -7.59 -19.12 -5.37
CA LEU A 137 -8.61 -18.07 -5.45
C LEU A 137 -9.68 -18.43 -6.47
N ASP A 138 -9.43 -19.50 -7.21
CA ASP A 138 -10.30 -19.92 -8.30
C ASP A 138 -10.05 -21.37 -8.66
N GLY A 139 -8.95 -21.60 -9.36
CA GLY A 139 -8.51 -22.95 -9.66
C GLY A 139 -7.00 -23.04 -9.54
N ARG A 140 -6.41 -21.93 -9.12
CA ARG A 140 -4.98 -21.83 -8.96
C ARG A 140 -4.64 -21.36 -7.56
N GLU A 141 -3.67 -22.00 -6.95
CA GLU A 141 -3.10 -21.49 -5.73
C GLU A 141 -2.00 -20.49 -6.06
N LEU A 142 -2.28 -19.23 -5.80
CA LEU A 142 -1.40 -18.14 -6.23
C LEU A 142 0.00 -18.27 -5.66
N ARG A 143 0.96 -17.74 -6.39
CA ARG A 143 2.33 -17.65 -5.92
C ARG A 143 2.56 -16.25 -5.41
N VAL A 144 2.37 -16.07 -4.12
CA VAL A 144 2.35 -14.74 -3.52
C VAL A 144 3.65 -14.47 -2.78
N GLN A 145 4.27 -13.34 -3.11
CA GLN A 145 5.58 -12.99 -2.58
C GLN A 145 5.57 -11.56 -2.04
N MET A 146 6.39 -11.29 -1.04
CA MET A 146 6.56 -9.93 -0.56
C MET A 146 7.32 -9.12 -1.60
N ALA A 147 6.67 -8.10 -2.15
CA ALA A 147 7.23 -7.36 -3.27
C ALA A 147 7.60 -5.94 -2.85
N ARG A 148 8.19 -5.82 -1.68
CA ARG A 148 8.60 -4.52 -1.15
C ARG A 148 9.68 -4.71 -0.11
N TYR A 149 10.32 -3.62 0.29
CA TYR A 149 11.30 -3.66 1.37
C TYR A 149 10.62 -4.11 2.66
N GLY A 150 11.21 -5.10 3.31
CA GLY A 150 10.67 -5.60 4.56
C GLY A 150 11.17 -4.82 5.75
N ARG A 151 11.42 -3.53 5.53
CA ARG A 151 11.91 -2.64 6.57
C ARG A 151 11.94 -1.20 6.06
N PRO A 152 11.33 -0.26 6.80
CA PRO A 152 11.35 1.16 6.45
C PRO A 152 12.78 1.68 6.28
N PRO A 153 13.06 2.33 5.14
CA PRO A 153 14.40 2.78 4.79
C PRO A 153 15.03 3.69 5.83
N ASP A 154 14.21 4.48 6.50
CA ASP A 154 14.71 5.51 7.42
C ASP A 154 14.98 4.95 8.81
N SER A 155 14.90 3.63 8.96
CA SER A 155 15.15 3.01 10.25
C SER A 155 16.65 2.84 10.49
N HIS A 156 17.39 2.51 9.44
CA HIS A 156 18.82 2.20 9.56
C HIS A 156 19.70 3.42 9.37
N HIS A 157 19.10 4.61 9.43
CA HIS A 157 19.87 5.84 9.44
C HIS A 157 19.14 6.89 10.28
N SER A 158 19.88 7.54 11.15
CA SER A 158 19.30 8.51 12.06
C SER A 158 19.50 9.92 11.52
N MET A 1 -2.05 -30.78 -30.65
CA MET A 1 -1.52 -29.73 -29.76
C MET A 1 -0.70 -30.36 -28.64
N GLN A 2 0.56 -29.96 -28.54
CA GLN A 2 1.43 -30.47 -27.50
C GLN A 2 2.15 -29.31 -26.81
N TYR A 3 2.12 -29.33 -25.50
CA TYR A 3 2.71 -28.27 -24.69
C TYR A 3 3.92 -28.82 -23.93
N LYS A 4 4.89 -27.97 -23.67
CA LYS A 4 6.05 -28.37 -22.88
C LYS A 4 6.11 -27.61 -21.56
N LEU A 5 6.88 -28.16 -20.63
CA LEU A 5 7.17 -27.48 -19.39
C LEU A 5 8.69 -27.30 -19.24
N ILE A 6 9.12 -26.06 -19.18
CA ILE A 6 10.51 -25.76 -18.92
C ILE A 6 10.68 -25.42 -17.46
N LEU A 7 11.28 -26.33 -16.71
CA LEU A 7 11.48 -26.09 -15.30
C LEU A 7 12.80 -25.41 -15.06
N ASN A 8 12.73 -24.11 -14.80
CA ASN A 8 13.90 -23.32 -14.45
C ASN A 8 13.99 -23.17 -12.96
N GLY A 9 13.68 -24.25 -12.26
CA GLY A 9 13.62 -24.19 -10.82
C GLY A 9 14.93 -24.54 -10.17
N LYS A 10 15.12 -24.13 -8.93
CA LYS A 10 16.32 -24.48 -8.18
C LYS A 10 16.28 -25.94 -7.76
N THR A 11 15.07 -26.46 -7.55
CA THR A 11 14.90 -27.82 -7.10
C THR A 11 14.88 -28.80 -8.28
N LEU A 12 14.32 -28.36 -9.40
CA LEU A 12 14.19 -29.21 -10.57
C LEU A 12 14.40 -28.39 -11.84
N LYS A 13 15.36 -28.81 -12.65
CA LYS A 13 15.64 -28.17 -13.92
C LYS A 13 15.51 -29.21 -15.03
N GLY A 14 14.36 -29.24 -15.67
CA GLY A 14 14.12 -30.25 -16.69
C GLY A 14 13.16 -29.78 -17.77
N GLU A 15 12.81 -30.70 -18.66
CA GLU A 15 11.83 -30.44 -19.70
C GLU A 15 10.82 -31.58 -19.73
N THR A 16 9.63 -31.31 -20.26
CA THR A 16 8.63 -32.36 -20.43
C THR A 16 7.51 -31.87 -21.34
N THR A 17 6.70 -32.81 -21.83
CA THR A 17 5.63 -32.50 -22.77
C THR A 17 4.34 -33.21 -22.37
N THR A 18 3.24 -32.73 -22.91
CA THR A 18 1.97 -33.42 -22.79
C THR A 18 1.08 -33.02 -23.96
N GLU A 19 0.33 -33.98 -24.50
CA GLU A 19 -0.58 -33.69 -25.59
C GLU A 19 -1.89 -33.18 -25.03
N ALA A 20 -1.93 -31.88 -24.78
CA ALA A 20 -3.08 -31.25 -24.15
C ALA A 20 -3.92 -30.51 -25.17
N VAL A 21 -5.23 -30.65 -25.06
CA VAL A 21 -6.14 -30.00 -26.00
C VAL A 21 -6.34 -28.53 -25.63
N ASP A 22 -5.94 -28.15 -24.42
CA ASP A 22 -6.11 -26.78 -23.97
C ASP A 22 -4.92 -26.35 -23.11
N ALA A 23 -4.63 -25.06 -23.13
CA ALA A 23 -3.52 -24.50 -22.36
C ALA A 23 -3.69 -24.76 -20.88
N ALA A 24 -4.90 -24.59 -20.37
CA ALA A 24 -5.18 -24.82 -18.96
C ALA A 24 -5.04 -26.29 -18.61
N THR A 25 -5.37 -27.13 -19.59
CA THR A 25 -5.22 -28.57 -19.43
C THR A 25 -3.74 -28.92 -19.31
N ALA A 26 -2.92 -28.26 -20.11
CA ALA A 26 -1.49 -28.48 -20.11
C ALA A 26 -0.85 -27.98 -18.82
N GLU A 27 -1.17 -26.74 -18.44
CA GLU A 27 -0.56 -26.12 -17.27
C GLU A 27 -0.83 -26.95 -16.01
N LYS A 28 -2.03 -27.51 -15.90
CA LYS A 28 -2.40 -28.30 -14.73
C LYS A 28 -1.51 -29.53 -14.59
N VAL A 29 -1.17 -30.14 -15.70
CA VAL A 29 -0.31 -31.32 -15.70
C VAL A 29 1.12 -30.92 -15.37
N PHE A 30 1.53 -29.78 -15.90
CA PHE A 30 2.85 -29.24 -15.63
C PHE A 30 2.93 -28.81 -14.17
N LYS A 31 1.82 -28.34 -13.64
CA LYS A 31 1.73 -27.93 -12.24
C LYS A 31 1.85 -29.14 -11.33
N GLN A 32 1.36 -30.28 -11.81
CA GLN A 32 1.47 -31.51 -11.05
C GLN A 32 2.93 -31.93 -10.95
N TYR A 33 3.68 -31.72 -12.04
CA TYR A 33 5.10 -32.05 -12.07
C TYR A 33 5.89 -31.05 -11.22
N ALA A 34 5.59 -29.76 -11.42
CA ALA A 34 6.29 -28.71 -10.72
C ALA A 34 6.06 -28.78 -9.21
N ASN A 35 4.83 -29.05 -8.82
CA ASN A 35 4.46 -29.13 -7.41
C ASN A 35 5.05 -30.37 -6.76
N ASP A 36 5.27 -31.40 -7.57
CA ASP A 36 5.88 -32.64 -7.09
C ASP A 36 7.33 -32.38 -6.71
N ASN A 37 8.00 -31.60 -7.53
CA ASN A 37 9.40 -31.28 -7.34
C ASN A 37 9.56 -30.05 -6.46
N GLY A 38 8.43 -29.44 -6.10
CA GLY A 38 8.42 -28.37 -5.14
C GLY A 38 8.96 -27.06 -5.69
N VAL A 39 8.78 -26.86 -6.98
CA VAL A 39 9.20 -25.61 -7.59
C VAL A 39 7.99 -24.77 -8.01
N ASP A 40 7.83 -23.64 -7.35
CA ASP A 40 6.78 -22.69 -7.69
C ASP A 40 7.39 -21.38 -8.13
N GLY A 41 7.51 -21.20 -9.44
CA GLY A 41 8.11 -20.00 -9.97
C GLY A 41 7.12 -19.20 -10.77
N GLU A 42 7.63 -18.26 -11.54
CA GLU A 42 6.80 -17.42 -12.38
C GLU A 42 6.48 -18.16 -13.68
N TRP A 43 5.24 -18.64 -13.79
CA TRP A 43 4.80 -19.38 -14.96
C TRP A 43 4.77 -18.49 -16.19
N THR A 44 5.81 -18.57 -16.99
CA THR A 44 5.90 -17.82 -18.21
C THR A 44 5.67 -18.74 -19.40
N TYR A 45 4.60 -18.49 -20.13
CA TYR A 45 4.18 -19.36 -21.22
C TYR A 45 4.34 -18.68 -22.57
N ASP A 46 5.01 -19.37 -23.48
CA ASP A 46 5.16 -18.89 -24.84
C ASP A 46 4.08 -19.50 -25.73
N ASP A 47 3.22 -18.66 -26.28
CA ASP A 47 2.07 -19.14 -27.04
C ASP A 47 2.48 -19.64 -28.43
N ALA A 48 3.72 -19.35 -28.82
CA ALA A 48 4.22 -19.78 -30.12
C ALA A 48 4.57 -21.27 -30.08
N THR A 49 5.42 -21.65 -29.14
CA THR A 49 5.88 -23.03 -29.05
C THR A 49 5.06 -23.84 -28.05
N LYS A 50 4.08 -23.19 -27.42
CA LYS A 50 3.26 -23.82 -26.39
C LYS A 50 4.12 -24.35 -25.25
N THR A 51 5.02 -23.51 -24.77
CA THR A 51 5.94 -23.91 -23.72
C THR A 51 5.67 -23.14 -22.43
N PHE A 52 5.34 -23.88 -21.37
CA PHE A 52 5.16 -23.30 -20.05
C PHE A 52 6.50 -23.34 -19.32
N THR A 53 6.92 -22.21 -18.82
CA THR A 53 8.21 -22.12 -18.14
C THR A 53 8.03 -21.63 -16.72
N VAL A 54 8.59 -22.35 -15.76
CA VAL A 54 8.60 -21.86 -14.41
C VAL A 54 9.92 -21.20 -14.13
N THR A 55 9.92 -19.88 -14.14
CA THR A 55 11.11 -19.12 -13.87
C THR A 55 11.24 -18.92 -12.37
N GLU A 56 12.12 -19.70 -11.75
CA GLU A 56 12.25 -19.69 -10.31
C GLU A 56 13.57 -19.07 -9.90
N GLY A 57 13.49 -17.91 -9.27
CA GLY A 57 14.68 -17.23 -8.79
C GLY A 57 14.39 -16.44 -7.53
N SER A 58 13.67 -17.07 -6.61
CA SER A 58 13.27 -16.44 -5.37
C SER A 58 14.48 -16.13 -4.49
N HIS A 59 14.66 -14.87 -4.15
CA HIS A 59 15.74 -14.46 -3.27
C HIS A 59 15.19 -13.56 -2.17
N HIS A 60 13.91 -13.71 -1.87
CA HIS A 60 13.26 -12.93 -0.83
C HIS A 60 13.57 -13.53 0.54
N HIS A 61 14.76 -13.25 1.04
CA HIS A 61 15.24 -13.85 2.28
C HIS A 61 16.21 -12.91 2.99
N HIS A 62 16.22 -11.63 2.63
CA HIS A 62 17.20 -10.72 3.21
C HIS A 62 16.56 -9.45 3.76
N HIS A 63 15.34 -9.56 4.27
CA HIS A 63 14.75 -8.48 5.04
C HIS A 63 15.30 -8.52 6.45
N HIS A 64 16.15 -7.56 6.78
CA HIS A 64 16.85 -7.56 8.07
C HIS A 64 15.85 -7.32 9.20
N MET A 65 15.48 -6.07 9.42
CA MET A 65 14.46 -5.73 10.40
C MET A 65 13.50 -4.72 9.79
N ASP A 66 13.31 -4.85 8.48
CA ASP A 66 12.45 -3.96 7.73
C ASP A 66 11.00 -4.40 7.85
N VAL A 67 10.24 -3.70 8.68
CA VAL A 67 8.83 -4.00 8.89
C VAL A 67 7.96 -2.75 8.72
N GLU A 68 8.59 -1.63 8.42
CA GLU A 68 7.89 -0.37 8.32
C GLU A 68 7.60 -0.02 6.86
N GLY A 69 6.45 0.58 6.61
CA GLY A 69 6.11 1.00 5.28
C GLY A 69 4.97 0.20 4.69
N MET A 70 4.29 0.77 3.71
CA MET A 70 3.18 0.09 3.05
C MET A 70 3.69 -1.06 2.21
N THR A 71 3.70 -2.23 2.81
CA THR A 71 4.32 -3.40 2.24
C THR A 71 3.52 -3.94 1.06
N SER A 72 4.22 -4.20 -0.04
CA SER A 72 3.58 -4.65 -1.26
C SER A 72 3.85 -6.14 -1.49
N LEU A 73 2.83 -6.85 -1.93
CA LEU A 73 2.95 -8.27 -2.24
C LEU A 73 2.75 -8.50 -3.72
N LYS A 74 3.48 -9.46 -4.25
CA LYS A 74 3.30 -9.86 -5.63
C LYS A 74 2.59 -11.20 -5.67
N VAL A 75 1.40 -11.21 -6.23
CA VAL A 75 0.70 -12.44 -6.46
C VAL A 75 0.82 -12.79 -7.94
N ASP A 76 1.42 -13.93 -8.22
CA ASP A 76 1.67 -14.31 -9.61
C ASP A 76 1.07 -15.67 -9.89
N ASN A 77 1.27 -16.16 -11.11
CA ASN A 77 0.60 -17.35 -11.62
C ASN A 77 -0.90 -17.10 -11.66
N LEU A 78 -1.24 -15.82 -11.73
CA LEU A 78 -2.62 -15.35 -11.58
C LEU A 78 -3.52 -15.93 -12.67
N THR A 79 -4.79 -16.14 -12.31
CA THR A 79 -5.77 -16.69 -13.23
C THR A 79 -6.19 -15.67 -14.28
N TYR A 80 -6.86 -16.16 -15.32
CA TYR A 80 -7.27 -15.31 -16.43
C TYR A 80 -8.71 -14.82 -16.27
N ARG A 81 -9.16 -14.74 -15.02
CA ARG A 81 -10.50 -14.25 -14.72
C ARG A 81 -10.53 -13.63 -13.32
N THR A 82 -9.43 -13.03 -12.94
CA THR A 82 -9.28 -12.49 -11.59
C THR A 82 -9.76 -11.03 -11.54
N SER A 83 -10.63 -10.72 -10.58
CA SER A 83 -11.14 -9.36 -10.43
C SER A 83 -10.67 -8.72 -9.13
N PRO A 84 -10.35 -7.41 -9.16
CA PRO A 84 -9.94 -6.65 -7.97
C PRO A 84 -11.06 -6.55 -6.95
N ASP A 85 -11.19 -7.61 -6.17
CA ASP A 85 -12.20 -7.77 -5.14
C ASP A 85 -11.97 -9.10 -4.49
N THR A 86 -11.69 -10.08 -5.34
CA THR A 86 -11.31 -11.40 -4.91
C THR A 86 -10.10 -11.35 -3.98
N LEU A 87 -9.00 -10.76 -4.47
CA LEU A 87 -7.77 -10.71 -3.68
C LEU A 87 -7.97 -9.88 -2.42
N ARG A 88 -8.71 -8.78 -2.53
CA ARG A 88 -8.96 -7.90 -1.39
C ARG A 88 -9.53 -8.70 -0.24
N ARG A 89 -10.64 -9.38 -0.52
CA ARG A 89 -11.35 -10.19 0.46
C ARG A 89 -10.42 -11.20 1.16
N VAL A 90 -9.58 -11.85 0.39
CA VAL A 90 -8.71 -12.89 0.94
C VAL A 90 -7.56 -12.29 1.75
N PHE A 91 -6.93 -11.26 1.21
CA PHE A 91 -5.75 -10.67 1.86
C PHE A 91 -6.14 -9.87 3.10
N GLU A 92 -7.27 -9.17 3.04
CA GLU A 92 -7.76 -8.40 4.18
C GLU A 92 -8.09 -9.31 5.36
N LYS A 93 -8.27 -10.58 5.05
CA LYS A 93 -8.50 -11.59 6.07
C LYS A 93 -7.28 -11.71 6.98
N TYR A 94 -6.11 -11.74 6.37
CA TYR A 94 -4.86 -11.94 7.09
C TYR A 94 -4.33 -10.64 7.68
N GLY A 95 -4.58 -9.52 7.01
CA GLY A 95 -4.08 -8.26 7.51
C GLY A 95 -4.80 -7.06 6.92
N ARG A 96 -4.37 -5.88 7.30
CA ARG A 96 -4.96 -4.64 6.83
C ARG A 96 -4.44 -4.29 5.44
N VAL A 97 -5.22 -4.64 4.43
CA VAL A 97 -4.84 -4.37 3.04
C VAL A 97 -5.65 -3.19 2.52
N GLY A 98 -4.99 -2.34 1.76
CA GLY A 98 -5.67 -1.18 1.22
C GLY A 98 -5.97 -1.32 -0.25
N ASP A 99 -4.92 -1.49 -1.04
CA ASP A 99 -5.07 -1.59 -2.50
C ASP A 99 -4.82 -3.01 -2.97
N VAL A 100 -5.66 -3.48 -3.87
CA VAL A 100 -5.45 -4.74 -4.55
C VAL A 100 -5.45 -4.52 -6.05
N TYR A 101 -4.27 -4.33 -6.58
CA TYR A 101 -4.12 -3.97 -7.98
C TYR A 101 -4.10 -5.21 -8.86
N ILE A 102 -5.26 -5.55 -9.40
CA ILE A 102 -5.36 -6.65 -10.34
C ILE A 102 -5.63 -6.10 -11.75
N PRO A 103 -4.56 -5.85 -12.51
CA PRO A 103 -4.68 -5.33 -13.87
C PRO A 103 -4.89 -6.44 -14.89
N ARG A 104 -4.96 -6.05 -16.15
CA ARG A 104 -5.08 -6.99 -17.24
C ARG A 104 -3.70 -7.55 -17.56
N ASP A 105 -2.78 -6.63 -17.82
CA ASP A 105 -1.36 -6.93 -18.02
C ASP A 105 -0.68 -5.65 -18.47
N ARG A 106 -0.20 -4.87 -17.50
CA ARG A 106 0.29 -3.53 -17.80
C ARG A 106 1.68 -3.57 -18.40
N TYR A 107 1.95 -2.56 -19.23
CA TYR A 107 3.22 -2.40 -19.95
C TYR A 107 3.32 -3.43 -21.06
N THR A 108 4.18 -3.18 -22.03
CA THR A 108 4.38 -4.14 -23.10
C THR A 108 5.32 -5.24 -22.64
N LYS A 109 4.74 -6.36 -22.23
CA LYS A 109 5.49 -7.47 -21.67
C LYS A 109 5.09 -8.78 -22.31
N GLU A 110 5.75 -9.85 -21.90
CA GLU A 110 5.44 -11.18 -22.40
C GLU A 110 4.67 -11.96 -21.34
N SER A 111 4.12 -11.24 -20.37
CA SER A 111 3.38 -11.84 -19.28
C SER A 111 1.94 -12.16 -19.69
N ARG A 112 1.13 -12.57 -18.72
CA ARG A 112 -0.25 -12.98 -18.99
C ARG A 112 -1.17 -12.63 -17.82
N GLY A 113 -0.86 -11.54 -17.13
CA GLY A 113 -1.64 -11.15 -15.97
C GLY A 113 -0.92 -11.40 -14.66
N PHE A 114 -0.95 -10.41 -13.78
CA PHE A 114 -0.31 -10.49 -12.47
C PHE A 114 -0.92 -9.42 -11.58
N ALA A 115 -0.85 -9.59 -10.26
CA ALA A 115 -1.50 -8.65 -9.36
C ALA A 115 -0.63 -8.31 -8.15
N PHE A 116 -0.91 -7.16 -7.55
CA PHE A 116 -0.20 -6.70 -6.37
C PHE A 116 -1.18 -6.29 -5.29
N VAL A 117 -0.77 -6.44 -4.04
CA VAL A 117 -1.59 -6.02 -2.93
C VAL A 117 -0.76 -5.19 -1.95
N ARG A 118 -1.37 -4.18 -1.34
CA ARG A 118 -0.65 -3.28 -0.46
C ARG A 118 -1.24 -3.29 0.94
N PHE A 119 -0.45 -3.72 1.91
CA PHE A 119 -0.85 -3.72 3.32
C PHE A 119 -0.30 -2.50 4.02
N HIS A 120 -0.73 -2.25 5.24
CA HIS A 120 -0.25 -1.10 6.00
C HIS A 120 1.21 -1.30 6.42
N ASP A 121 1.52 -2.47 6.96
CA ASP A 121 2.89 -2.78 7.34
C ASP A 121 3.26 -4.17 6.89
N LYS A 122 4.48 -4.60 7.23
CA LYS A 122 4.95 -5.93 6.92
C LYS A 122 4.17 -6.96 7.73
N ARG A 123 3.69 -6.53 8.90
CA ARG A 123 2.92 -7.39 9.80
C ARG A 123 1.74 -8.03 9.08
N ASP A 124 1.06 -7.23 8.27
CA ASP A 124 -0.12 -7.69 7.56
C ASP A 124 0.30 -8.49 6.34
N ALA A 125 1.47 -8.18 5.82
CA ALA A 125 1.98 -8.78 4.60
C ALA A 125 2.53 -10.17 4.86
N GLU A 126 3.18 -10.34 6.01
CA GLU A 126 3.77 -11.62 6.38
C GLU A 126 2.70 -12.69 6.49
N ASP A 127 1.65 -12.41 7.23
CA ASP A 127 0.55 -13.35 7.37
C ASP A 127 -0.06 -13.69 6.01
N ALA A 128 -0.02 -12.73 5.10
CA ALA A 128 -0.61 -12.91 3.79
C ALA A 128 0.31 -13.71 2.87
N MET A 129 1.56 -13.27 2.73
CA MET A 129 2.48 -13.88 1.78
C MET A 129 2.87 -15.29 2.22
N ASP A 130 2.82 -15.54 3.52
CA ASP A 130 3.12 -16.87 4.04
C ASP A 130 1.95 -17.81 3.79
N ALA A 131 0.75 -17.27 3.93
CA ALA A 131 -0.46 -18.05 3.73
C ALA A 131 -0.76 -18.28 2.25
N MET A 132 -0.73 -17.19 1.51
CA MET A 132 -1.29 -17.13 0.17
C MET A 132 -0.31 -17.52 -0.93
N ASP A 133 0.84 -18.05 -0.56
CA ASP A 133 1.83 -18.46 -1.57
C ASP A 133 1.44 -19.82 -2.16
N GLY A 134 0.23 -20.21 -1.82
CA GLY A 134 -0.34 -21.46 -2.28
C GLY A 134 -1.83 -21.48 -1.99
N ALA A 135 -2.53 -20.49 -2.52
CA ALA A 135 -3.95 -20.29 -2.23
C ALA A 135 -4.76 -20.17 -3.51
N VAL A 136 -5.72 -21.05 -3.71
CA VAL A 136 -6.48 -21.05 -4.94
C VAL A 136 -7.63 -20.05 -4.86
N LEU A 137 -7.56 -19.00 -5.69
CA LEU A 137 -8.60 -17.97 -5.69
C LEU A 137 -9.77 -18.36 -6.58
N ASP A 138 -9.53 -19.30 -7.49
CA ASP A 138 -10.55 -19.72 -8.45
C ASP A 138 -10.07 -20.95 -9.20
N GLY A 139 -8.89 -20.85 -9.81
CA GLY A 139 -8.33 -21.97 -10.54
C GLY A 139 -6.88 -22.22 -10.18
N ARG A 140 -6.19 -21.18 -9.72
CA ARG A 140 -4.79 -21.30 -9.35
C ARG A 140 -4.56 -20.92 -7.90
N GLU A 141 -3.67 -21.63 -7.24
CA GLU A 141 -3.13 -21.20 -5.98
C GLU A 141 -2.07 -20.13 -6.24
N LEU A 142 -2.43 -18.89 -5.91
CA LEU A 142 -1.57 -17.73 -6.20
C LEU A 142 -0.16 -17.92 -5.65
N ARG A 143 0.82 -17.41 -6.37
CA ARG A 143 2.17 -17.40 -5.87
C ARG A 143 2.45 -16.03 -5.27
N VAL A 144 2.07 -15.86 -4.02
CA VAL A 144 2.20 -14.58 -3.35
C VAL A 144 3.54 -14.47 -2.66
N GLN A 145 4.38 -13.59 -3.16
CA GLN A 145 5.69 -13.36 -2.59
C GLN A 145 5.78 -11.91 -2.13
N MET A 146 6.56 -11.64 -1.10
CA MET A 146 6.79 -10.27 -0.69
C MET A 146 7.51 -9.54 -1.81
N ALA A 147 6.87 -8.53 -2.38
CA ALA A 147 7.33 -7.88 -3.59
C ALA A 147 8.48 -6.93 -3.33
N ARG A 148 9.11 -6.48 -4.40
CA ARG A 148 10.25 -5.57 -4.31
C ARG A 148 9.76 -4.12 -4.28
N TYR A 149 8.45 -3.96 -4.12
CA TYR A 149 7.79 -2.65 -4.15
C TYR A 149 7.82 -2.08 -5.56
N GLY A 150 6.65 -1.96 -6.17
CA GLY A 150 6.55 -1.37 -7.50
C GLY A 150 6.94 0.09 -7.49
N ARG A 151 6.74 0.74 -6.36
CA ARG A 151 7.14 2.12 -6.16
C ARG A 151 7.18 2.40 -4.67
N PRO A 152 7.88 3.47 -4.24
CA PRO A 152 7.85 3.92 -2.85
C PRO A 152 6.44 4.37 -2.46
N PRO A 153 5.79 3.62 -1.58
CA PRO A 153 4.39 3.86 -1.22
C PRO A 153 4.22 4.74 0.01
N ASP A 154 3.33 5.71 -0.09
CA ASP A 154 2.92 6.53 1.04
C ASP A 154 1.49 7.01 0.81
N SER A 155 0.69 7.04 1.86
CA SER A 155 -0.73 7.30 1.72
C SER A 155 -1.11 8.69 2.19
N HIS A 156 -0.14 9.44 2.69
CA HIS A 156 -0.44 10.75 3.27
C HIS A 156 0.62 11.79 2.89
N HIS A 157 1.78 11.32 2.49
CA HIS A 157 2.90 12.19 2.18
C HIS A 157 3.13 12.27 0.68
N SER A 158 3.43 13.46 0.20
CA SER A 158 3.83 13.64 -1.18
C SER A 158 5.33 13.88 -1.25
N MET A 1 8.06 21.77 21.22
CA MET A 1 7.33 21.02 20.19
C MET A 1 8.18 19.89 19.64
N GLN A 2 7.55 18.87 19.12
CA GLN A 2 8.25 17.71 18.60
C GLN A 2 8.43 17.83 17.09
N TYR A 3 9.69 17.80 16.65
CA TYR A 3 9.99 17.89 15.23
C TYR A 3 10.69 16.62 14.76
N LYS A 4 10.43 16.24 13.52
CA LYS A 4 10.95 15.01 12.95
C LYS A 4 11.83 15.33 11.75
N LEU A 5 13.08 14.89 11.80
CA LEU A 5 13.97 15.03 10.66
C LEU A 5 13.99 13.76 9.83
N ILE A 6 13.66 13.90 8.56
CA ILE A 6 13.72 12.80 7.61
C ILE A 6 14.83 13.05 6.61
N LEU A 7 15.91 12.30 6.72
CA LEU A 7 17.03 12.48 5.82
C LEU A 7 16.85 11.63 4.58
N ASN A 8 16.48 12.27 3.49
CA ASN A 8 16.29 11.59 2.22
C ASN A 8 17.55 11.74 1.39
N GLY A 9 18.68 11.53 2.05
CA GLY A 9 19.95 11.72 1.39
C GLY A 9 20.23 10.64 0.38
N LYS A 10 21.24 10.85 -0.44
CA LYS A 10 21.64 9.87 -1.44
C LYS A 10 22.55 8.84 -0.78
N THR A 11 23.12 9.23 0.36
CA THR A 11 23.98 8.37 1.12
C THR A 11 23.43 8.16 2.53
N LEU A 12 23.06 9.26 3.19
CA LEU A 12 22.57 9.20 4.56
C LEU A 12 21.06 9.29 4.60
N LYS A 13 20.43 8.18 4.96
CA LYS A 13 18.98 8.13 5.13
C LYS A 13 18.66 7.72 6.55
N GLY A 14 18.18 8.67 7.36
CA GLY A 14 17.89 8.37 8.74
C GLY A 14 16.77 9.20 9.30
N GLU A 15 16.52 9.03 10.58
CA GLU A 15 15.49 9.79 11.29
C GLU A 15 16.04 10.32 12.61
N THR A 16 15.49 11.42 13.07
CA THR A 16 15.81 11.95 14.39
C THR A 16 14.78 12.99 14.81
N THR A 17 14.59 13.14 16.11
CA THR A 17 13.66 14.11 16.65
C THR A 17 14.35 15.01 17.67
N THR A 18 13.71 16.10 18.02
CA THR A 18 14.22 16.99 19.05
C THR A 18 13.08 17.82 19.64
N GLU A 19 13.16 18.11 20.92
CA GLU A 19 12.18 18.94 21.59
C GLU A 19 12.56 20.40 21.41
N ALA A 20 12.14 20.97 20.29
CA ALA A 20 12.52 22.32 19.94
C ALA A 20 11.39 23.30 20.22
N VAL A 21 11.75 24.51 20.60
CA VAL A 21 10.74 25.49 21.02
C VAL A 21 10.38 26.49 19.92
N ASP A 22 11.31 26.84 19.03
CA ASP A 22 11.07 27.98 18.14
C ASP A 22 11.04 27.58 16.68
N ALA A 23 10.90 26.29 16.43
CA ALA A 23 10.89 25.72 15.08
C ALA A 23 12.24 25.88 14.37
N ALA A 24 12.73 27.11 14.27
CA ALA A 24 14.05 27.37 13.70
C ALA A 24 15.11 26.71 14.56
N THR A 25 14.82 26.58 15.84
CA THR A 25 15.66 25.86 16.77
C THR A 25 15.76 24.39 16.38
N ALA A 26 14.66 23.86 15.85
CA ALA A 26 14.59 22.45 15.45
C ALA A 26 15.42 22.21 14.20
N GLU A 27 15.16 23.00 13.16
CA GLU A 27 15.84 22.83 11.89
C GLU A 27 17.34 22.97 12.07
N LYS A 28 17.74 23.83 13.01
CA LYS A 28 19.14 24.08 13.29
C LYS A 28 19.84 22.82 13.78
N VAL A 29 19.17 22.11 14.68
CA VAL A 29 19.71 20.86 15.22
C VAL A 29 19.70 19.77 14.16
N PHE A 30 18.67 19.78 13.33
CA PHE A 30 18.57 18.85 12.23
C PHE A 30 19.70 19.13 11.22
N LYS A 31 20.09 20.40 11.13
CA LYS A 31 21.18 20.79 10.26
C LYS A 31 22.50 20.24 10.77
N GLN A 32 22.64 20.21 12.09
CA GLN A 32 23.84 19.66 12.71
C GLN A 32 23.93 18.17 12.42
N TYR A 33 22.79 17.49 12.40
CA TYR A 33 22.76 16.07 12.05
C TYR A 33 23.11 15.89 10.58
N ALA A 34 22.41 16.63 9.72
CA ALA A 34 22.60 16.52 8.28
C ALA A 34 24.02 16.86 7.86
N ASN A 35 24.51 18.01 8.32
CA ASN A 35 25.84 18.48 7.94
C ASN A 35 26.93 17.56 8.45
N ASP A 36 26.76 17.03 9.66
CA ASP A 36 27.75 16.14 10.25
C ASP A 36 27.81 14.83 9.49
N ASN A 37 26.68 14.41 8.96
CA ASN A 37 26.59 13.18 8.19
C ASN A 37 26.93 13.44 6.72
N GLY A 38 26.97 14.71 6.33
CA GLY A 38 27.47 15.08 5.02
C GLY A 38 26.40 15.25 3.97
N VAL A 39 25.15 15.36 4.40
CA VAL A 39 24.04 15.50 3.46
C VAL A 39 23.40 16.89 3.56
N ASP A 40 23.21 17.51 2.41
CA ASP A 40 22.46 18.76 2.31
C ASP A 40 21.49 18.64 1.15
N GLY A 41 20.25 19.04 1.37
CA GLY A 41 19.25 18.88 0.35
C GLY A 41 18.15 19.90 0.44
N GLU A 42 17.06 19.64 -0.25
CA GLU A 42 15.90 20.52 -0.23
C GLU A 42 15.20 20.40 1.11
N TRP A 43 15.49 21.33 2.02
CA TRP A 43 14.87 21.33 3.33
C TRP A 43 13.37 21.58 3.22
N THR A 44 12.61 20.51 3.27
CA THR A 44 11.17 20.60 3.14
C THR A 44 10.50 20.34 4.49
N TYR A 45 9.80 21.35 4.99
CA TYR A 45 9.16 21.25 6.29
C TYR A 45 7.65 21.19 6.16
N ASP A 46 7.06 20.13 6.67
CA ASP A 46 5.62 19.99 6.68
C ASP A 46 5.05 20.48 8.01
N ASP A 47 4.13 21.43 7.93
CA ASP A 47 3.58 22.08 9.12
C ASP A 47 2.63 21.16 9.89
N ALA A 48 2.16 20.11 9.25
CA ALA A 48 1.20 19.21 9.87
C ALA A 48 1.88 18.18 10.76
N THR A 49 3.05 17.72 10.33
CA THR A 49 3.77 16.68 11.07
C THR A 49 5.04 17.21 11.73
N LYS A 50 5.44 18.44 11.38
CA LYS A 50 6.71 19.03 11.81
C LYS A 50 7.89 18.23 11.28
N THR A 51 7.73 17.70 10.08
CA THR A 51 8.78 16.92 9.47
C THR A 51 9.68 17.78 8.59
N PHE A 52 10.94 17.84 8.94
CA PHE A 52 11.95 18.44 8.09
C PHE A 52 12.58 17.34 7.24
N THR A 53 12.33 17.37 5.96
CA THR A 53 12.89 16.38 5.06
C THR A 53 13.95 17.01 4.18
N VAL A 54 15.15 16.43 4.18
CA VAL A 54 16.19 16.86 3.29
C VAL A 54 16.21 15.96 2.07
N THR A 55 15.70 16.47 0.97
CA THR A 55 15.62 15.70 -0.24
C THR A 55 16.91 15.86 -1.04
N GLU A 56 17.69 14.78 -1.12
CA GLU A 56 18.94 14.79 -1.85
C GLU A 56 18.84 13.86 -3.06
N GLY A 57 19.78 13.96 -3.96
CA GLY A 57 19.76 13.11 -5.16
C GLY A 57 19.00 13.76 -6.29
N SER A 58 17.86 14.34 -5.95
CA SER A 58 17.03 15.04 -6.92
C SER A 58 16.20 16.10 -6.21
N HIS A 59 15.99 17.24 -6.86
CA HIS A 59 15.12 18.27 -6.34
C HIS A 59 13.90 18.40 -7.24
N HIS A 60 13.95 17.67 -8.34
CA HIS A 60 12.90 17.68 -9.35
C HIS A 60 11.75 16.77 -8.91
N HIS A 61 10.51 17.24 -9.02
CA HIS A 61 9.35 16.48 -8.59
C HIS A 61 9.27 15.13 -9.32
N HIS A 62 9.42 15.18 -10.64
CA HIS A 62 9.46 13.96 -11.43
C HIS A 62 10.81 13.28 -11.26
N HIS A 63 10.81 12.12 -10.60
CA HIS A 63 12.05 11.42 -10.29
C HIS A 63 11.80 9.93 -10.02
N HIS A 64 12.87 9.22 -9.73
CA HIS A 64 12.79 7.81 -9.34
C HIS A 64 13.56 7.61 -8.04
N MET A 65 12.86 7.23 -6.99
CA MET A 65 13.49 7.05 -5.69
C MET A 65 12.99 5.77 -5.02
N ASP A 66 13.59 5.45 -3.88
CA ASP A 66 13.17 4.30 -3.09
C ASP A 66 12.28 4.79 -1.96
N VAL A 67 11.09 4.23 -1.86
CA VAL A 67 10.11 4.69 -0.88
C VAL A 67 9.87 3.65 0.20
N GLU A 68 9.40 4.12 1.34
CA GLU A 68 9.05 3.26 2.45
C GLU A 68 7.56 3.40 2.77
N GLY A 69 7.13 2.77 3.84
CA GLY A 69 5.74 2.84 4.23
C GLY A 69 5.03 1.52 4.09
N MET A 70 3.93 1.52 3.36
CA MET A 70 3.11 0.31 3.17
C MET A 70 3.90 -0.78 2.46
N THR A 71 3.56 -2.02 2.73
CA THR A 71 4.26 -3.15 2.14
C THR A 71 3.39 -3.77 1.03
N SER A 72 3.95 -3.86 -0.17
CA SER A 72 3.23 -4.42 -1.29
C SER A 72 3.63 -5.88 -1.53
N LEU A 73 2.64 -6.68 -1.87
CA LEU A 73 2.84 -8.08 -2.19
C LEU A 73 2.62 -8.29 -3.67
N LYS A 74 3.32 -9.25 -4.25
CA LYS A 74 3.10 -9.58 -5.64
C LYS A 74 2.56 -11.00 -5.74
N VAL A 75 1.43 -11.13 -6.41
CA VAL A 75 0.82 -12.42 -6.62
C VAL A 75 0.93 -12.76 -8.10
N ASP A 76 1.24 -14.00 -8.40
CA ASP A 76 1.45 -14.40 -9.78
C ASP A 76 0.83 -15.77 -10.04
N ASN A 77 0.91 -16.24 -11.29
CA ASN A 77 0.19 -17.43 -11.72
C ASN A 77 -1.30 -17.20 -11.62
N LEU A 78 -1.68 -15.93 -11.71
CA LEU A 78 -3.05 -15.50 -11.48
C LEU A 78 -3.95 -15.95 -12.63
N THR A 79 -5.21 -16.24 -12.32
CA THR A 79 -6.11 -16.89 -13.28
C THR A 79 -6.70 -15.93 -14.32
N TYR A 80 -6.23 -14.69 -14.34
CA TYR A 80 -6.69 -13.66 -15.30
C TYR A 80 -8.12 -13.21 -15.02
N ARG A 81 -8.95 -14.11 -14.50
CA ARG A 81 -10.34 -13.78 -14.17
C ARG A 81 -10.41 -12.97 -12.88
N THR A 82 -9.36 -13.08 -12.09
CA THR A 82 -9.28 -12.44 -10.79
C THR A 82 -9.55 -10.93 -10.88
N SER A 83 -10.51 -10.45 -10.10
CA SER A 83 -10.83 -9.04 -10.06
C SER A 83 -10.18 -8.37 -8.84
N PRO A 84 -9.93 -7.04 -8.88
CA PRO A 84 -9.28 -6.32 -7.79
C PRO A 84 -9.92 -6.59 -6.43
N ASP A 85 -11.25 -6.49 -6.37
CA ASP A 85 -11.97 -6.70 -5.11
C ASP A 85 -11.92 -8.17 -4.71
N THR A 86 -11.67 -9.03 -5.68
CA THR A 86 -11.50 -10.46 -5.43
C THR A 86 -10.34 -10.71 -4.46
N LEU A 87 -9.15 -10.22 -4.82
CA LEU A 87 -7.98 -10.43 -3.98
C LEU A 87 -8.09 -9.63 -2.69
N ARG A 88 -8.63 -8.41 -2.81
CA ARG A 88 -8.81 -7.55 -1.66
C ARG A 88 -9.58 -8.29 -0.58
N ARG A 89 -10.70 -8.88 -0.97
CA ARG A 89 -11.57 -9.65 -0.08
C ARG A 89 -10.80 -10.76 0.65
N VAL A 90 -10.00 -11.52 -0.09
CA VAL A 90 -9.30 -12.66 0.49
C VAL A 90 -8.13 -12.20 1.36
N PHE A 91 -7.31 -11.30 0.82
CA PHE A 91 -6.09 -10.85 1.49
C PHE A 91 -6.38 -10.12 2.80
N GLU A 92 -7.44 -9.32 2.82
CA GLU A 92 -7.80 -8.55 4.01
C GLU A 92 -8.15 -9.45 5.20
N LYS A 93 -8.30 -10.75 4.97
CA LYS A 93 -8.55 -11.70 6.04
C LYS A 93 -7.29 -11.92 6.87
N TYR A 94 -6.15 -11.93 6.21
CA TYR A 94 -4.88 -12.26 6.85
C TYR A 94 -4.28 -11.03 7.54
N GLY A 95 -4.46 -9.88 6.91
CA GLY A 95 -3.96 -8.65 7.47
C GLY A 95 -4.72 -7.46 6.92
N ARG A 96 -4.34 -6.25 7.32
CA ARG A 96 -5.05 -5.08 6.86
C ARG A 96 -4.48 -4.57 5.55
N VAL A 97 -5.09 -4.99 4.46
CA VAL A 97 -4.75 -4.50 3.13
C VAL A 97 -5.53 -3.23 2.84
N GLY A 98 -4.88 -2.26 2.21
CA GLY A 98 -5.51 -0.99 1.96
C GLY A 98 -5.64 -0.68 0.48
N ASP A 99 -4.95 -1.44 -0.37
CA ASP A 99 -4.97 -1.18 -1.80
C ASP A 99 -4.68 -2.47 -2.57
N VAL A 100 -5.28 -2.62 -3.73
CA VAL A 100 -5.02 -3.75 -4.61
C VAL A 100 -5.01 -3.32 -6.08
N TYR A 101 -4.08 -3.87 -6.83
CA TYR A 101 -3.95 -3.58 -8.25
C TYR A 101 -3.78 -4.88 -9.02
N ILE A 102 -4.78 -5.22 -9.83
CA ILE A 102 -4.75 -6.48 -10.57
C ILE A 102 -4.79 -6.24 -12.08
N PRO A 103 -3.61 -6.23 -12.73
CA PRO A 103 -3.50 -6.21 -14.18
C PRO A 103 -3.66 -7.62 -14.76
N ARG A 104 -4.89 -8.05 -14.88
CA ARG A 104 -5.20 -9.41 -15.28
C ARG A 104 -5.44 -9.53 -16.78
N ASP A 105 -5.29 -8.42 -17.47
CA ASP A 105 -5.39 -8.43 -18.93
C ASP A 105 -3.99 -8.51 -19.52
N ARG A 106 -3.90 -8.87 -20.78
CA ARG A 106 -2.61 -9.04 -21.42
C ARG A 106 -2.19 -7.76 -22.12
N TYR A 107 -0.94 -7.41 -21.98
CA TYR A 107 -0.40 -6.25 -22.65
C TYR A 107 1.03 -6.48 -23.11
N THR A 108 1.65 -5.44 -23.66
CA THR A 108 2.95 -5.56 -24.31
C THR A 108 3.99 -6.25 -23.43
N LYS A 109 4.33 -5.63 -22.32
CA LYS A 109 5.34 -6.17 -21.43
C LYS A 109 4.87 -6.08 -19.99
N GLU A 110 5.81 -6.12 -19.05
CA GLU A 110 5.51 -6.04 -17.63
C GLU A 110 4.86 -7.33 -17.14
N SER A 111 5.03 -8.40 -17.93
CA SER A 111 4.46 -9.71 -17.61
C SER A 111 2.93 -9.66 -17.66
N ARG A 112 2.28 -10.67 -17.11
CA ARG A 112 0.84 -10.80 -17.23
C ARG A 112 0.32 -11.87 -16.28
N GLY A 113 -0.96 -11.79 -15.95
CA GLY A 113 -1.54 -12.76 -15.04
C GLY A 113 -0.95 -12.67 -13.66
N PHE A 114 -0.94 -11.46 -13.12
CA PHE A 114 -0.39 -11.22 -11.81
C PHE A 114 -1.13 -10.06 -11.16
N ALA A 115 -0.93 -9.88 -9.87
CA ALA A 115 -1.55 -8.79 -9.15
C ALA A 115 -0.68 -8.31 -8.01
N PHE A 116 -0.96 -7.11 -7.53
CA PHE A 116 -0.28 -6.56 -6.37
C PHE A 116 -1.28 -6.18 -5.30
N VAL A 117 -0.93 -6.46 -4.06
CA VAL A 117 -1.77 -6.12 -2.95
C VAL A 117 -0.95 -5.37 -1.91
N ARG A 118 -1.52 -4.33 -1.32
CA ARG A 118 -0.76 -3.46 -0.44
C ARG A 118 -1.34 -3.46 0.97
N PHE A 119 -0.54 -3.91 1.91
CA PHE A 119 -0.95 -3.99 3.30
C PHE A 119 -0.35 -2.85 4.11
N HIS A 120 -0.85 -2.67 5.32
CA HIS A 120 -0.40 -1.60 6.20
C HIS A 120 1.08 -1.75 6.53
N ASP A 121 1.41 -2.81 7.26
CA ASP A 121 2.79 -3.09 7.63
C ASP A 121 3.22 -4.44 7.07
N LYS A 122 4.46 -4.80 7.35
CA LYS A 122 4.97 -6.10 6.91
C LYS A 122 4.30 -7.22 7.70
N ARG A 123 3.88 -6.90 8.92
CA ARG A 123 3.13 -7.86 9.74
C ARG A 123 1.86 -8.32 9.03
N ASP A 124 1.23 -7.39 8.33
CA ASP A 124 0.03 -7.71 7.57
C ASP A 124 0.39 -8.48 6.31
N ALA A 125 1.54 -8.14 5.74
CA ALA A 125 1.98 -8.72 4.49
C ALA A 125 2.49 -10.15 4.70
N GLU A 126 3.14 -10.38 5.82
CA GLU A 126 3.69 -11.69 6.16
C GLU A 126 2.61 -12.75 6.18
N ASP A 127 1.58 -12.48 6.97
CA ASP A 127 0.45 -13.41 7.11
C ASP A 127 -0.17 -13.69 5.76
N ALA A 128 -0.19 -12.67 4.93
CA ALA A 128 -0.89 -12.73 3.66
C ALA A 128 -0.10 -13.46 2.59
N MET A 129 1.14 -13.03 2.37
CA MET A 129 1.97 -13.60 1.31
C MET A 129 2.31 -15.05 1.62
N ASP A 130 2.50 -15.35 2.90
CA ASP A 130 2.81 -16.71 3.33
C ASP A 130 1.60 -17.60 3.08
N ALA A 131 0.42 -17.08 3.39
CA ALA A 131 -0.79 -17.85 3.27
C ALA A 131 -1.22 -18.04 1.82
N MET A 132 -1.19 -16.95 1.05
CA MET A 132 -1.70 -16.96 -0.32
C MET A 132 -0.69 -17.57 -1.28
N ASP A 133 0.56 -17.68 -0.87
CA ASP A 133 1.54 -18.42 -1.65
C ASP A 133 1.24 -19.90 -1.51
N GLY A 134 0.39 -20.40 -2.40
CA GLY A 134 -0.11 -21.74 -2.27
C GLY A 134 -1.59 -21.74 -1.92
N ALA A 135 -2.23 -20.59 -2.10
CA ALA A 135 -3.66 -20.45 -1.83
C ALA A 135 -4.45 -20.54 -3.12
N VAL A 136 -5.45 -21.39 -3.15
CA VAL A 136 -6.22 -21.58 -4.37
C VAL A 136 -7.43 -20.67 -4.39
N LEU A 137 -7.35 -19.60 -5.18
CA LEU A 137 -8.46 -18.66 -5.28
C LEU A 137 -9.47 -19.17 -6.31
N ASP A 138 -9.00 -20.02 -7.22
CA ASP A 138 -9.83 -20.64 -8.25
C ASP A 138 -8.97 -21.42 -9.23
N GLY A 139 -8.89 -22.73 -9.04
CA GLY A 139 -8.15 -23.59 -9.98
C GLY A 139 -6.66 -23.32 -9.98
N ARG A 140 -6.19 -22.49 -9.07
CA ARG A 140 -4.79 -22.14 -8.98
C ARG A 140 -4.44 -21.66 -7.58
N GLU A 141 -3.34 -22.17 -7.05
CA GLU A 141 -2.75 -21.59 -5.86
C GLU A 141 -1.78 -20.47 -6.23
N LEU A 142 -2.12 -19.27 -5.83
CA LEU A 142 -1.35 -18.09 -6.21
C LEU A 142 0.07 -18.15 -5.67
N ARG A 143 0.98 -17.47 -6.36
CA ARG A 143 2.31 -17.27 -5.83
C ARG A 143 2.42 -15.86 -5.31
N VAL A 144 2.52 -15.72 -4.00
CA VAL A 144 2.46 -14.40 -3.38
C VAL A 144 3.69 -14.16 -2.53
N GLN A 145 4.51 -13.22 -2.98
CA GLN A 145 5.75 -12.90 -2.29
C GLN A 145 5.87 -11.39 -2.10
N MET A 146 6.93 -10.95 -1.43
CA MET A 146 7.16 -9.54 -1.18
C MET A 146 7.50 -8.83 -2.48
N ALA A 147 6.94 -7.63 -2.66
CA ALA A 147 7.17 -6.87 -3.88
C ALA A 147 7.64 -5.45 -3.57
N ARG A 148 8.86 -5.14 -3.99
CA ARG A 148 9.36 -3.78 -3.89
C ARG A 148 9.47 -3.19 -5.29
N TYR A 149 9.86 -4.06 -6.24
CA TYR A 149 9.92 -3.73 -7.66
C TYR A 149 11.09 -2.80 -7.98
N GLY A 150 11.13 -1.64 -7.34
CA GLY A 150 12.18 -0.67 -7.61
C GLY A 150 11.61 0.70 -7.89
N ARG A 151 10.34 0.89 -7.59
CA ARG A 151 9.67 2.17 -7.79
C ARG A 151 8.62 2.36 -6.70
N PRO A 152 8.14 3.60 -6.50
CA PRO A 152 7.03 3.87 -5.58
C PRO A 152 5.81 3.01 -5.88
N PRO A 153 4.96 2.77 -4.87
CA PRO A 153 3.80 1.88 -4.99
C PRO A 153 2.94 2.18 -6.21
N ASP A 154 2.69 3.45 -6.46
CA ASP A 154 1.88 3.86 -7.59
C ASP A 154 2.09 5.34 -7.89
N SER A 155 1.96 5.71 -9.16
CA SER A 155 2.24 7.07 -9.59
C SER A 155 0.98 7.84 -10.04
N HIS A 156 -0.21 7.31 -9.76
CA HIS A 156 -1.43 7.98 -10.19
C HIS A 156 -2.33 8.31 -8.99
N HIS A 157 -2.60 7.29 -8.17
CA HIS A 157 -3.54 7.35 -7.05
C HIS A 157 -4.84 8.07 -7.41
N SER A 158 -4.88 9.37 -7.24
CA SER A 158 -6.08 10.15 -7.54
C SER A 158 -6.13 10.48 -9.03
N MET A 1 27.33 -16.97 28.66
CA MET A 1 26.56 -15.75 28.97
C MET A 1 25.59 -15.44 27.84
N GLN A 2 24.35 -15.17 28.20
CA GLN A 2 23.31 -14.87 27.23
C GLN A 2 23.44 -13.44 26.73
N TYR A 3 23.83 -13.29 25.48
CA TYR A 3 23.88 -11.98 24.85
C TYR A 3 22.75 -11.84 23.85
N LYS A 4 22.09 -10.69 23.85
CA LYS A 4 21.01 -10.42 22.92
C LYS A 4 21.43 -9.40 21.87
N LEU A 5 20.96 -9.59 20.65
CA LEU A 5 21.15 -8.64 19.59
C LEU A 5 19.83 -7.96 19.25
N ILE A 6 19.80 -6.65 19.42
CA ILE A 6 18.65 -5.86 19.03
C ILE A 6 18.83 -5.38 17.60
N LEU A 7 18.06 -5.95 16.71
CA LEU A 7 18.12 -5.59 15.31
C LEU A 7 17.22 -4.39 15.05
N ASN A 8 17.83 -3.23 14.96
CA ASN A 8 17.10 -2.01 14.65
C ASN A 8 17.45 -1.56 13.25
N GLY A 9 17.44 -2.52 12.34
CA GLY A 9 17.96 -2.30 11.00
C GLY A 9 16.94 -1.72 10.05
N LYS A 10 17.25 -1.78 8.76
CA LYS A 10 16.38 -1.26 7.73
C LYS A 10 15.16 -2.16 7.54
N THR A 11 15.39 -3.38 7.09
CA THR A 11 14.31 -4.31 6.83
C THR A 11 14.29 -5.43 7.86
N LEU A 12 14.98 -5.21 8.97
CA LEU A 12 15.08 -6.21 10.02
C LEU A 12 14.94 -5.56 11.39
N LYS A 13 13.90 -5.95 12.11
CA LYS A 13 13.69 -5.46 13.46
C LYS A 13 13.28 -6.62 14.36
N GLY A 14 14.25 -7.25 14.99
CA GLY A 14 13.98 -8.41 15.79
C GLY A 14 14.96 -8.55 16.95
N GLU A 15 14.78 -9.59 17.75
CA GLU A 15 15.65 -9.85 18.87
C GLU A 15 16.11 -11.30 18.86
N THR A 16 17.36 -11.53 19.18
CA THR A 16 17.89 -12.89 19.24
C THR A 16 19.03 -12.95 20.25
N THR A 17 19.20 -14.11 20.86
CA THR A 17 20.24 -14.29 21.87
C THR A 17 21.13 -15.48 21.53
N THR A 18 22.34 -15.46 22.06
CA THR A 18 23.27 -16.56 21.85
C THR A 18 24.10 -16.81 23.11
N GLU A 19 24.53 -18.04 23.29
CA GLU A 19 25.37 -18.41 24.42
C GLU A 19 26.82 -18.03 24.14
N ALA A 20 27.18 -16.81 24.53
CA ALA A 20 28.50 -16.29 24.26
C ALA A 20 29.36 -16.35 25.51
N VAL A 21 30.60 -16.80 25.33
CA VAL A 21 31.55 -16.85 26.44
C VAL A 21 32.12 -15.46 26.74
N ASP A 22 32.09 -14.59 25.73
CA ASP A 22 32.59 -13.22 25.88
C ASP A 22 31.86 -12.30 24.91
N ALA A 23 31.88 -11.00 25.20
CA ALA A 23 31.26 -10.00 24.34
C ALA A 23 31.86 -10.02 22.94
N ALA A 24 33.17 -10.28 22.86
CA ALA A 24 33.86 -10.33 21.58
C ALA A 24 33.39 -11.54 20.77
N THR A 25 33.04 -12.61 21.48
CA THR A 25 32.48 -13.79 20.84
C THR A 25 31.05 -13.52 20.41
N ALA A 26 30.31 -12.83 21.27
CA ALA A 26 28.92 -12.49 21.01
C ALA A 26 28.79 -11.58 19.79
N GLU A 27 29.62 -10.53 19.76
CA GLU A 27 29.54 -9.55 18.70
C GLU A 27 29.81 -10.19 17.34
N LYS A 28 30.72 -11.16 17.29
CA LYS A 28 31.07 -11.83 16.05
C LYS A 28 29.86 -12.57 15.48
N VAL A 29 29.12 -13.24 16.35
CA VAL A 29 27.94 -13.98 15.95
C VAL A 29 26.84 -13.02 15.51
N PHE A 30 26.70 -11.95 16.28
CA PHE A 30 25.72 -10.92 15.95
C PHE A 30 26.07 -10.25 14.63
N LYS A 31 27.37 -10.09 14.39
CA LYS A 31 27.86 -9.50 13.14
C LYS A 31 27.64 -10.46 11.99
N GLN A 32 27.78 -11.75 12.26
CA GLN A 32 27.54 -12.77 11.26
C GLN A 32 26.06 -12.77 10.85
N TYR A 33 25.19 -12.64 11.85
CA TYR A 33 23.75 -12.62 11.64
C TYR A 33 23.33 -11.34 10.92
N ALA A 34 23.87 -10.21 11.38
CA ALA A 34 23.55 -8.92 10.79
C ALA A 34 24.02 -8.83 9.35
N ASN A 35 25.20 -9.38 9.08
CA ASN A 35 25.79 -9.35 7.74
C ASN A 35 24.94 -10.14 6.75
N ASP A 36 24.34 -11.23 7.22
CA ASP A 36 23.53 -12.08 6.35
C ASP A 36 22.23 -11.39 5.99
N ASN A 37 21.62 -10.74 6.97
CA ASN A 37 20.36 -10.03 6.75
C ASN A 37 20.60 -8.69 6.08
N GLY A 38 21.84 -8.22 6.11
CA GLY A 38 22.20 -7.01 5.41
C GLY A 38 21.90 -5.76 6.22
N VAL A 39 22.09 -5.84 7.52
CA VAL A 39 21.94 -4.69 8.38
C VAL A 39 23.27 -4.30 9.02
N ASP A 40 23.80 -3.18 8.59
CA ASP A 40 25.05 -2.66 9.13
C ASP A 40 24.80 -1.29 9.73
N GLY A 41 24.59 -1.24 11.03
CA GLY A 41 24.26 -0.01 11.69
C GLY A 41 25.21 0.33 12.81
N GLU A 42 24.85 1.32 13.60
CA GLU A 42 25.67 1.72 14.74
C GLU A 42 25.68 0.62 15.78
N TRP A 43 26.86 0.03 16.00
CA TRP A 43 27.01 -1.05 16.96
C TRP A 43 27.10 -0.52 18.37
N THR A 44 26.03 -0.71 19.12
CA THR A 44 25.98 -0.31 20.51
C THR A 44 25.84 -1.52 21.41
N TYR A 45 26.38 -1.43 22.62
CA TYR A 45 26.29 -2.51 23.58
C TYR A 45 25.95 -1.98 24.95
N ASP A 46 24.87 -2.49 25.53
CA ASP A 46 24.47 -2.09 26.86
C ASP A 46 25.12 -3.01 27.89
N ASP A 47 25.94 -2.41 28.74
CA ASP A 47 26.66 -3.14 29.77
C ASP A 47 25.70 -3.73 30.80
N ALA A 48 26.10 -4.86 31.39
CA ALA A 48 25.33 -5.57 32.43
C ALA A 48 24.14 -6.33 31.84
N THR A 49 23.44 -5.71 30.89
CA THR A 49 22.28 -6.33 30.28
C THR A 49 22.69 -7.23 29.11
N LYS A 50 23.92 -7.05 28.64
CA LYS A 50 24.53 -7.93 27.63
C LYS A 50 23.79 -7.82 26.29
N THR A 51 23.25 -6.65 26.01
CA THR A 51 22.50 -6.45 24.78
C THR A 51 23.26 -5.58 23.77
N PHE A 52 23.45 -6.13 22.58
CA PHE A 52 24.00 -5.37 21.45
C PHE A 52 22.86 -4.80 20.62
N THR A 53 23.06 -3.63 20.06
CA THR A 53 22.06 -3.02 19.21
C THR A 53 22.70 -2.41 17.96
N VAL A 54 22.19 -2.80 16.80
CA VAL A 54 22.61 -2.17 15.56
C VAL A 54 21.58 -1.14 15.13
N THR A 55 21.92 0.11 15.33
CA THR A 55 21.03 1.20 14.97
C THR A 55 21.27 1.62 13.52
N GLU A 56 20.40 1.17 12.62
CA GLU A 56 20.52 1.47 11.20
C GLU A 56 19.19 1.95 10.66
N GLY A 57 19.04 3.28 10.56
CA GLY A 57 17.79 3.85 10.09
C GLY A 57 16.63 3.47 11.00
N SER A 58 16.91 3.42 12.29
CA SER A 58 15.93 3.00 13.29
C SER A 58 14.76 3.97 13.34
N HIS A 59 15.02 5.22 13.00
CA HIS A 59 13.96 6.21 12.87
C HIS A 59 13.41 6.17 11.44
N HIS A 60 12.37 5.40 11.23
CA HIS A 60 11.81 5.19 9.89
C HIS A 60 10.87 6.33 9.50
N HIS A 61 11.05 7.49 10.10
CA HIS A 61 10.21 8.65 9.78
C HIS A 61 10.73 9.33 8.51
N HIS A 62 11.07 8.52 7.52
CA HIS A 62 11.47 9.00 6.20
C HIS A 62 11.02 7.99 5.16
N HIS A 63 10.00 8.34 4.40
CA HIS A 63 9.42 7.42 3.43
C HIS A 63 9.37 8.03 2.04
N HIS A 64 8.73 7.31 1.13
CA HIS A 64 8.62 7.71 -0.28
C HIS A 64 10.01 7.65 -0.93
N MET A 65 10.84 6.78 -0.39
CA MET A 65 12.19 6.58 -0.92
C MET A 65 12.13 5.72 -2.18
N ASP A 66 13.27 5.55 -2.82
CA ASP A 66 13.37 4.67 -3.98
C ASP A 66 13.25 3.22 -3.52
N VAL A 67 12.41 2.45 -4.22
CA VAL A 67 12.16 1.05 -3.91
C VAL A 67 11.25 0.90 -2.67
N GLU A 68 11.52 1.68 -1.63
CA GLU A 68 10.76 1.57 -0.39
C GLU A 68 9.34 2.10 -0.56
N GLY A 69 8.37 1.22 -0.38
CA GLY A 69 6.98 1.61 -0.38
C GLY A 69 6.23 0.91 0.73
N MET A 70 4.91 1.00 0.70
CA MET A 70 4.10 0.27 1.67
C MET A 70 4.13 -1.21 1.29
N THR A 71 4.02 -2.10 2.26
CA THR A 71 4.19 -3.52 2.02
C THR A 71 3.23 -4.05 0.96
N SER A 72 3.72 -4.15 -0.26
CA SER A 72 2.94 -4.64 -1.36
C SER A 72 3.33 -6.08 -1.67
N LEU A 73 2.33 -6.91 -1.89
CA LEU A 73 2.56 -8.31 -2.16
C LEU A 73 2.47 -8.58 -3.64
N LYS A 74 3.30 -9.49 -4.10
CA LYS A 74 3.29 -9.92 -5.47
C LYS A 74 2.62 -11.26 -5.59
N VAL A 75 1.45 -11.28 -6.20
CA VAL A 75 0.77 -12.52 -6.49
C VAL A 75 0.93 -12.81 -7.98
N ASP A 76 1.33 -14.02 -8.31
CA ASP A 76 1.65 -14.35 -9.69
C ASP A 76 1.09 -15.72 -10.04
N ASN A 77 1.22 -16.10 -11.31
CA ASN A 77 0.53 -17.28 -11.85
C ASN A 77 -0.97 -17.08 -11.71
N LEU A 78 -1.36 -15.82 -11.70
CA LEU A 78 -2.72 -15.43 -11.43
C LEU A 78 -3.64 -15.82 -12.59
N THR A 79 -4.89 -16.10 -12.26
CA THR A 79 -5.87 -16.49 -13.25
C THR A 79 -6.58 -15.27 -13.82
N TYR A 80 -6.96 -15.33 -15.09
CA TYR A 80 -7.53 -14.20 -15.81
C TYR A 80 -9.01 -13.97 -15.48
N ARG A 81 -9.41 -14.32 -14.27
CA ARG A 81 -10.76 -14.02 -13.80
C ARG A 81 -10.72 -13.46 -12.39
N THR A 82 -9.53 -13.04 -11.99
CA THR A 82 -9.33 -12.46 -10.68
C THR A 82 -9.63 -10.94 -10.72
N SER A 83 -10.72 -10.54 -10.08
CA SER A 83 -11.10 -9.14 -10.04
C SER A 83 -10.40 -8.40 -8.90
N PRO A 84 -10.20 -7.08 -9.01
CA PRO A 84 -9.58 -6.27 -7.95
C PRO A 84 -10.23 -6.49 -6.58
N ASP A 85 -11.56 -6.51 -6.57
CA ASP A 85 -12.30 -6.72 -5.32
C ASP A 85 -12.06 -8.13 -4.78
N THR A 86 -11.81 -9.07 -5.70
CA THR A 86 -11.49 -10.44 -5.35
C THR A 86 -10.32 -10.51 -4.37
N LEU A 87 -9.17 -9.95 -4.76
CA LEU A 87 -7.98 -10.03 -3.92
C LEU A 87 -8.13 -9.19 -2.66
N ARG A 88 -8.87 -8.09 -2.76
CA ARG A 88 -9.18 -7.28 -1.59
C ARG A 88 -9.85 -8.13 -0.53
N ARG A 89 -10.93 -8.80 -0.93
CA ARG A 89 -11.73 -9.61 -0.01
C ARG A 89 -10.91 -10.77 0.59
N VAL A 90 -10.11 -11.42 -0.23
CA VAL A 90 -9.36 -12.58 0.25
C VAL A 90 -8.20 -12.19 1.16
N PHE A 91 -7.40 -11.22 0.71
CA PHE A 91 -6.18 -10.87 1.42
C PHE A 91 -6.47 -10.15 2.75
N GLU A 92 -7.56 -9.40 2.81
CA GLU A 92 -7.94 -8.69 4.03
C GLU A 92 -8.31 -9.66 5.15
N LYS A 93 -8.36 -10.94 4.82
CA LYS A 93 -8.62 -11.97 5.80
C LYS A 93 -7.54 -11.98 6.88
N TYR A 94 -6.30 -11.93 6.44
CA TYR A 94 -5.15 -12.05 7.33
C TYR A 94 -4.78 -10.72 7.96
N GLY A 95 -4.57 -9.70 7.15
CA GLY A 95 -4.12 -8.41 7.66
C GLY A 95 -4.93 -7.26 7.12
N ARG A 96 -4.51 -6.05 7.44
CA ARG A 96 -5.22 -4.87 6.97
C ARG A 96 -4.66 -4.40 5.63
N VAL A 97 -5.32 -4.84 4.56
CA VAL A 97 -4.95 -4.43 3.21
C VAL A 97 -5.67 -3.14 2.83
N GLY A 98 -4.91 -2.15 2.41
CA GLY A 98 -5.49 -0.86 2.08
C GLY A 98 -6.10 -0.85 0.70
N ASP A 99 -5.38 -1.40 -0.26
CA ASP A 99 -5.83 -1.43 -1.65
C ASP A 99 -5.09 -2.53 -2.39
N VAL A 100 -5.46 -2.77 -3.64
CA VAL A 100 -4.82 -3.79 -4.44
C VAL A 100 -4.43 -3.22 -5.80
N TYR A 101 -3.68 -3.99 -6.56
CA TYR A 101 -3.29 -3.58 -7.90
C TYR A 101 -3.56 -4.72 -8.89
N ILE A 102 -4.80 -4.81 -9.33
CA ILE A 102 -5.18 -5.71 -10.41
C ILE A 102 -5.62 -4.85 -11.58
N PRO A 103 -4.67 -4.44 -12.43
CA PRO A 103 -4.89 -3.42 -13.44
C PRO A 103 -5.42 -3.98 -14.75
N ARG A 104 -5.97 -3.07 -15.57
CA ARG A 104 -6.40 -3.42 -16.91
C ARG A 104 -5.25 -3.25 -17.89
N ASP A 105 -4.04 -3.28 -17.34
CA ASP A 105 -2.82 -3.31 -18.14
C ASP A 105 -2.75 -4.63 -18.90
N ARG A 106 -3.52 -5.60 -18.42
CA ARG A 106 -3.68 -6.87 -19.10
C ARG A 106 -4.73 -6.73 -20.19
N TYR A 107 -4.31 -6.75 -21.44
CA TYR A 107 -5.23 -6.75 -22.57
C TYR A 107 -4.51 -7.13 -23.85
N THR A 108 -3.58 -6.29 -24.27
CA THR A 108 -2.73 -6.60 -25.40
C THR A 108 -1.39 -7.12 -24.88
N LYS A 109 -1.04 -6.68 -23.68
CA LYS A 109 0.16 -7.13 -23.01
C LYS A 109 -0.02 -8.53 -22.46
N GLU A 110 -0.81 -8.62 -21.38
CA GLU A 110 -1.04 -9.88 -20.64
C GLU A 110 0.20 -10.76 -20.61
N SER A 111 0.08 -12.00 -21.10
CA SER A 111 1.17 -12.97 -21.13
C SER A 111 1.48 -13.51 -19.75
N ARG A 112 1.47 -12.62 -18.76
CA ARG A 112 1.69 -12.99 -17.38
C ARG A 112 0.49 -12.60 -16.53
N GLY A 113 -0.07 -13.57 -15.83
CA GLY A 113 -1.11 -13.27 -14.87
C GLY A 113 -0.51 -12.85 -13.56
N PHE A 114 -0.59 -11.56 -13.25
CA PHE A 114 0.01 -11.04 -12.04
C PHE A 114 -0.88 -9.98 -11.41
N ALA A 115 -0.79 -9.86 -10.10
CA ALA A 115 -1.49 -8.83 -9.37
C ALA A 115 -0.74 -8.49 -8.09
N PHE A 116 -1.05 -7.35 -7.51
CA PHE A 116 -0.41 -6.94 -6.27
C PHE A 116 -1.44 -6.52 -5.26
N VAL A 117 -1.07 -6.60 -3.99
CA VAL A 117 -1.94 -6.21 -2.91
C VAL A 117 -1.16 -5.38 -1.90
N ARG A 118 -1.77 -4.33 -1.37
CA ARG A 118 -1.06 -3.38 -0.53
C ARG A 118 -1.52 -3.46 0.92
N PHE A 119 -0.65 -3.96 1.79
CA PHE A 119 -0.96 -4.03 3.21
C PHE A 119 -0.22 -2.93 3.96
N HIS A 120 -0.65 -2.68 5.19
CA HIS A 120 -0.07 -1.60 6.00
C HIS A 120 1.37 -1.91 6.39
N ASP A 121 1.54 -2.89 7.26
CA ASP A 121 2.85 -3.20 7.81
C ASP A 121 3.29 -4.58 7.36
N LYS A 122 4.56 -4.91 7.57
CA LYS A 122 5.10 -6.21 7.21
C LYS A 122 4.29 -7.31 7.88
N ARG A 123 3.78 -7.02 9.07
CA ARG A 123 2.93 -7.97 9.79
C ARG A 123 1.76 -8.44 8.94
N ASP A 124 1.16 -7.50 8.23
CA ASP A 124 -0.03 -7.78 7.45
C ASP A 124 0.35 -8.44 6.14
N ALA A 125 1.48 -8.01 5.59
CA ALA A 125 1.93 -8.48 4.30
C ALA A 125 2.46 -9.90 4.39
N GLU A 126 3.19 -10.19 5.47
CA GLU A 126 3.85 -11.49 5.63
C GLU A 126 2.85 -12.57 6.02
N ASP A 127 1.87 -12.20 6.83
CA ASP A 127 0.80 -13.13 7.22
C ASP A 127 0.08 -13.60 5.97
N ALA A 128 -0.11 -12.66 5.06
CA ALA A 128 -0.87 -12.89 3.85
C ALA A 128 -0.03 -13.60 2.79
N MET A 129 1.16 -13.06 2.50
CA MET A 129 2.03 -13.61 1.47
C MET A 129 2.35 -15.08 1.74
N ASP A 130 2.63 -15.38 2.99
CA ASP A 130 3.00 -16.73 3.39
C ASP A 130 1.82 -17.68 3.21
N ALA A 131 0.65 -17.22 3.60
CA ALA A 131 -0.53 -18.04 3.58
C ALA A 131 -1.07 -18.24 2.15
N MET A 132 -1.00 -17.18 1.35
CA MET A 132 -1.59 -17.19 0.01
C MET A 132 -0.62 -17.76 -1.01
N ASP A 133 0.65 -17.88 -0.64
CA ASP A 133 1.60 -18.57 -1.48
C ASP A 133 1.31 -20.07 -1.42
N GLY A 134 0.42 -20.51 -2.29
CA GLY A 134 -0.10 -21.85 -2.21
C GLY A 134 -1.59 -21.84 -1.90
N ALA A 135 -2.26 -20.76 -2.28
CA ALA A 135 -3.69 -20.61 -2.07
C ALA A 135 -4.45 -20.63 -3.39
N VAL A 136 -5.54 -21.36 -3.45
CA VAL A 136 -6.30 -21.46 -4.68
C VAL A 136 -7.49 -20.51 -4.67
N LEU A 137 -7.39 -19.43 -5.44
CA LEU A 137 -8.49 -18.46 -5.52
C LEU A 137 -9.48 -18.86 -6.61
N ASP A 138 -9.10 -19.87 -7.38
CA ASP A 138 -9.91 -20.36 -8.50
C ASP A 138 -9.48 -21.79 -8.87
N GLY A 139 -8.37 -21.91 -9.56
CA GLY A 139 -7.83 -23.21 -9.91
C GLY A 139 -6.32 -23.18 -9.89
N ARG A 140 -5.79 -22.25 -9.13
CA ARG A 140 -4.37 -22.02 -9.06
C ARG A 140 -3.98 -21.57 -7.66
N GLU A 141 -2.96 -22.20 -7.09
CA GLU A 141 -2.35 -21.68 -5.89
C GLU A 141 -1.48 -20.49 -6.26
N LEU A 142 -1.95 -19.30 -5.95
CA LEU A 142 -1.23 -18.08 -6.28
C LEU A 142 0.18 -18.10 -5.70
N ARG A 143 1.11 -17.49 -6.42
CA ARG A 143 2.44 -17.30 -5.87
C ARG A 143 2.51 -15.91 -5.27
N VAL A 144 2.54 -15.84 -3.95
CA VAL A 144 2.47 -14.56 -3.27
C VAL A 144 3.72 -14.32 -2.45
N GLN A 145 4.48 -13.32 -2.88
CA GLN A 145 5.73 -12.99 -2.23
C GLN A 145 5.76 -11.51 -1.89
N MET A 146 6.76 -11.10 -1.13
CA MET A 146 6.96 -9.70 -0.81
C MET A 146 7.49 -8.98 -2.05
N ALA A 147 6.73 -8.01 -2.53
CA ALA A 147 7.09 -7.30 -3.75
C ALA A 147 7.93 -6.08 -3.44
N ARG A 148 9.22 -6.19 -3.70
CA ARG A 148 10.16 -5.09 -3.52
C ARG A 148 10.83 -4.78 -4.84
N TYR A 149 10.72 -5.73 -5.76
CA TYR A 149 11.26 -5.58 -7.10
C TYR A 149 10.24 -6.03 -8.12
N GLY A 150 10.56 -5.89 -9.40
CA GLY A 150 9.62 -6.21 -10.45
C GLY A 150 8.75 -5.03 -10.79
N ARG A 151 7.98 -4.58 -9.81
CA ARG A 151 7.18 -3.37 -9.96
C ARG A 151 7.35 -2.47 -8.75
N PRO A 152 8.33 -1.56 -8.83
CA PRO A 152 8.58 -0.58 -7.77
C PRO A 152 7.42 0.39 -7.60
N PRO A 153 7.35 1.11 -6.47
CA PRO A 153 6.29 2.10 -6.22
C PRO A 153 6.19 3.12 -7.33
N ASP A 154 5.15 3.00 -8.14
CA ASP A 154 4.90 3.92 -9.23
C ASP A 154 4.20 5.15 -8.70
N SER A 155 2.88 5.03 -8.58
CA SER A 155 2.06 5.96 -7.81
C SER A 155 1.81 7.27 -8.57
N HIS A 156 2.37 7.40 -9.76
CA HIS A 156 2.00 8.50 -10.64
C HIS A 156 0.84 8.02 -11.52
N HIS A 157 0.75 6.70 -11.68
CA HIS A 157 -0.46 6.05 -12.15
C HIS A 157 -0.51 4.66 -11.53
N SER A 158 -1.48 4.46 -10.65
CA SER A 158 -1.59 3.25 -9.84
C SER A 158 -0.45 3.19 -8.81
N MET A 1 17.22 2.01 -20.08
CA MET A 1 16.55 1.16 -19.08
C MET A 1 15.04 1.23 -19.24
N GLN A 2 14.36 0.13 -18.95
CA GLN A 2 12.90 0.08 -19.04
C GLN A 2 12.29 0.65 -17.76
N TYR A 3 11.68 1.81 -17.87
CA TYR A 3 11.10 2.50 -16.72
C TYR A 3 9.59 2.27 -16.67
N LYS A 4 9.09 1.88 -15.51
CA LYS A 4 7.66 1.68 -15.32
C LYS A 4 7.03 2.82 -14.53
N LEU A 5 5.89 3.29 -15.02
CA LEU A 5 5.12 4.31 -14.33
C LEU A 5 3.92 3.67 -13.64
N ILE A 6 3.83 3.89 -12.35
CA ILE A 6 2.68 3.44 -11.58
C ILE A 6 1.77 4.62 -11.29
N LEU A 7 0.64 4.67 -11.97
CA LEU A 7 -0.31 5.75 -11.78
C LEU A 7 -1.30 5.39 -10.70
N ASN A 8 -1.13 5.97 -9.54
CA ASN A 8 -2.00 5.71 -8.40
C ASN A 8 -3.07 6.78 -8.35
N GLY A 9 -3.62 7.10 -9.51
CA GLY A 9 -4.58 8.17 -9.60
C GLY A 9 -5.91 7.82 -8.98
N LYS A 10 -6.63 8.83 -8.50
CA LYS A 10 -7.99 8.62 -8.01
C LYS A 10 -8.92 8.44 -9.19
N THR A 11 -8.54 9.07 -10.29
CA THR A 11 -9.30 9.00 -11.53
C THR A 11 -8.73 7.93 -12.46
N LEU A 12 -7.41 7.82 -12.52
CA LEU A 12 -6.77 6.90 -13.44
C LEU A 12 -5.67 6.11 -12.74
N LYS A 13 -5.93 4.82 -12.52
CA LYS A 13 -4.91 3.89 -12.09
C LYS A 13 -4.33 3.21 -13.32
N GLY A 14 -3.03 3.28 -13.49
CA GLY A 14 -2.42 2.70 -14.67
C GLY A 14 -1.02 2.17 -14.42
N GLU A 15 -0.55 1.36 -15.35
CA GLU A 15 0.78 0.78 -15.27
C GLU A 15 1.34 0.61 -16.67
N THR A 16 2.50 1.20 -16.93
CA THR A 16 3.10 1.14 -18.25
C THR A 16 4.58 1.47 -18.18
N THR A 17 5.31 1.19 -19.26
CA THR A 17 6.75 1.39 -19.28
C THR A 17 7.20 2.13 -20.53
N THR A 18 8.39 2.70 -20.47
CA THR A 18 9.03 3.29 -21.62
C THR A 18 10.53 2.99 -21.55
N GLU A 19 11.16 2.84 -22.69
CA GLU A 19 12.59 2.59 -22.71
C GLU A 19 13.33 3.90 -22.59
N ALA A 20 13.69 4.25 -21.37
CA ALA A 20 14.25 5.55 -21.08
C ALA A 20 15.77 5.48 -20.99
N VAL A 21 16.42 6.37 -21.73
CA VAL A 21 17.87 6.50 -21.65
C VAL A 21 18.26 7.22 -20.37
N ASP A 22 17.35 8.04 -19.85
CA ASP A 22 17.60 8.78 -18.61
C ASP A 22 16.30 8.95 -17.84
N ALA A 23 16.41 9.12 -16.52
CA ALA A 23 15.26 9.29 -15.66
C ALA A 23 14.43 10.51 -16.07
N ALA A 24 15.11 11.57 -16.51
CA ALA A 24 14.43 12.79 -16.93
C ALA A 24 13.67 12.56 -18.22
N THR A 25 14.22 11.70 -19.07
CA THR A 25 13.55 11.30 -20.29
C THR A 25 12.32 10.45 -19.95
N ALA A 26 12.47 9.60 -18.95
CA ALA A 26 11.40 8.73 -18.51
C ALA A 26 10.24 9.53 -17.96
N GLU A 27 10.53 10.40 -17.00
CA GLU A 27 9.50 11.20 -16.37
C GLU A 27 8.76 12.04 -17.41
N LYS A 28 9.49 12.50 -18.42
CA LYS A 28 8.91 13.29 -19.49
C LYS A 28 7.83 12.50 -20.22
N VAL A 29 8.13 11.25 -20.55
CA VAL A 29 7.19 10.39 -21.27
C VAL A 29 6.03 10.00 -20.35
N PHE A 30 6.36 9.76 -19.09
CA PHE A 30 5.36 9.43 -18.10
C PHE A 30 4.41 10.60 -17.90
N LYS A 31 4.92 11.82 -18.10
CA LYS A 31 4.10 13.00 -17.98
C LYS A 31 3.18 13.14 -19.18
N GLN A 32 3.58 12.53 -20.30
CA GLN A 32 2.71 12.50 -21.47
C GLN A 32 1.52 11.58 -21.21
N TYR A 33 1.76 10.49 -20.49
CA TYR A 33 0.70 9.57 -20.11
C TYR A 33 -0.14 10.20 -19.01
N ALA A 34 0.53 10.77 -18.03
CA ALA A 34 -0.12 11.40 -16.88
C ALA A 34 -1.02 12.55 -17.33
N ASN A 35 -0.45 13.48 -18.10
CA ASN A 35 -1.18 14.66 -18.55
C ASN A 35 -2.37 14.27 -19.42
N ASP A 36 -2.23 13.21 -20.19
CA ASP A 36 -3.27 12.76 -21.11
C ASP A 36 -4.47 12.22 -20.34
N ASN A 37 -4.17 11.46 -19.29
CA ASN A 37 -5.22 10.84 -18.49
C ASN A 37 -5.71 11.78 -17.40
N GLY A 38 -4.98 12.87 -17.19
CA GLY A 38 -5.42 13.89 -16.26
C GLY A 38 -4.87 13.71 -14.87
N VAL A 39 -4.18 12.61 -14.64
CA VAL A 39 -3.61 12.32 -13.33
C VAL A 39 -2.15 12.76 -13.24
N ASP A 40 -1.92 13.83 -12.50
CA ASP A 40 -0.56 14.28 -12.19
C ASP A 40 -0.45 14.46 -10.69
N GLY A 41 -0.02 13.43 -10.01
CA GLY A 41 0.01 13.44 -8.56
C GLY A 41 1.39 13.58 -8.00
N GLU A 42 1.59 13.04 -6.81
CA GLU A 42 2.88 13.08 -6.15
C GLU A 42 3.88 12.21 -6.90
N TRP A 43 4.82 12.85 -7.58
CA TRP A 43 5.82 12.14 -8.37
C TRP A 43 6.93 11.57 -7.49
N THR A 44 6.90 10.26 -7.30
CA THR A 44 7.99 9.57 -6.62
C THR A 44 8.72 8.67 -7.60
N TYR A 45 10.01 8.48 -7.37
CA TYR A 45 10.82 7.65 -8.25
C TYR A 45 11.66 6.66 -7.44
N ASP A 46 11.56 5.39 -7.82
CA ASP A 46 12.37 4.35 -7.20
C ASP A 46 13.68 4.21 -7.95
N ASP A 47 14.79 4.33 -7.23
CA ASP A 47 16.10 4.23 -7.84
C ASP A 47 16.54 2.78 -7.92
N ALA A 48 15.77 1.91 -7.29
CA ALA A 48 16.03 0.48 -7.35
C ALA A 48 15.43 -0.13 -8.60
N THR A 49 14.11 -0.01 -8.73
CA THR A 49 13.39 -0.61 -9.85
C THR A 49 13.23 0.36 -11.02
N LYS A 50 13.64 1.61 -10.83
CA LYS A 50 13.47 2.65 -11.83
C LYS A 50 11.99 2.84 -12.16
N THR A 51 11.16 2.77 -11.14
CA THR A 51 9.74 2.94 -11.29
C THR A 51 9.30 4.32 -10.77
N PHE A 52 8.51 5.01 -11.57
CA PHE A 52 7.91 6.26 -11.14
C PHE A 52 6.51 5.98 -10.62
N THR A 53 6.09 6.72 -9.61
CA THR A 53 4.76 6.56 -9.07
C THR A 53 4.14 7.92 -8.87
N VAL A 54 2.96 8.12 -9.43
CA VAL A 54 2.18 9.31 -9.14
C VAL A 54 1.06 8.95 -8.18
N THR A 55 1.23 9.31 -6.92
CA THR A 55 0.18 9.12 -5.96
C THR A 55 -0.74 10.32 -6.03
N GLU A 56 -1.82 10.18 -6.78
CA GLU A 56 -2.74 11.28 -7.00
C GLU A 56 -3.73 11.34 -5.85
N GLY A 57 -3.73 12.47 -5.17
CA GLY A 57 -4.54 12.61 -3.99
C GLY A 57 -3.76 13.25 -2.87
N SER A 58 -4.10 14.51 -2.59
CA SER A 58 -3.41 15.29 -1.57
C SER A 58 -3.32 14.53 -0.24
N HIS A 59 -2.11 14.41 0.27
CA HIS A 59 -1.88 13.75 1.54
C HIS A 59 -2.24 14.69 2.68
N HIS A 60 -3.32 14.40 3.37
CA HIS A 60 -3.72 15.22 4.50
C HIS A 60 -3.11 14.67 5.77
N HIS A 61 -2.04 15.31 6.22
CA HIS A 61 -1.30 14.81 7.37
C HIS A 61 -1.84 15.37 8.67
N HIS A 62 -2.55 14.53 9.40
CA HIS A 62 -3.05 14.90 10.72
C HIS A 62 -3.04 13.68 11.62
N HIS A 63 -2.07 13.65 12.53
CA HIS A 63 -1.86 12.52 13.45
C HIS A 63 -1.28 11.31 12.70
N HIS A 64 -1.79 11.04 11.51
CA HIS A 64 -1.31 9.94 10.69
C HIS A 64 -0.69 10.48 9.41
N MET A 65 0.57 10.12 9.16
CA MET A 65 1.28 10.57 7.96
C MET A 65 2.58 9.79 7.80
N ASP A 66 3.33 10.12 6.73
CA ASP A 66 4.63 9.51 6.45
C ASP A 66 4.49 8.06 6.02
N VAL A 67 5.28 7.67 5.02
CA VAL A 67 5.21 6.30 4.50
C VAL A 67 5.71 5.29 5.52
N GLU A 68 4.78 4.56 6.10
CA GLU A 68 5.09 3.56 7.11
C GLU A 68 5.66 2.31 6.46
N GLY A 69 5.32 2.11 5.19
CA GLY A 69 5.83 0.96 4.46
C GLY A 69 4.97 0.62 3.25
N MET A 70 3.66 0.46 3.48
CA MET A 70 2.75 0.00 2.44
C MET A 70 3.29 -1.24 1.76
N THR A 71 3.57 -2.24 2.58
CA THR A 71 4.20 -3.47 2.14
C THR A 71 3.33 -4.18 1.11
N SER A 72 3.75 -4.11 -0.14
CA SER A 72 3.03 -4.73 -1.22
C SER A 72 3.46 -6.17 -1.40
N LEU A 73 2.54 -6.99 -1.87
CA LEU A 73 2.82 -8.39 -2.15
C LEU A 73 2.67 -8.66 -3.63
N LYS A 74 3.55 -9.49 -4.16
CA LYS A 74 3.43 -9.90 -5.53
C LYS A 74 2.82 -11.28 -5.59
N VAL A 75 1.62 -11.35 -6.14
CA VAL A 75 0.97 -12.61 -6.41
C VAL A 75 0.99 -12.83 -7.92
N ASP A 76 1.55 -13.93 -8.36
CA ASP A 76 1.79 -14.10 -9.79
C ASP A 76 1.01 -15.28 -10.35
N ASN A 77 0.94 -15.33 -11.68
CA ASN A 77 0.29 -16.42 -12.41
C ASN A 77 -1.21 -16.47 -12.13
N LEU A 78 -1.87 -15.32 -12.12
CA LEU A 78 -3.30 -15.29 -11.87
C LEU A 78 -4.08 -15.74 -13.09
N THR A 79 -5.36 -16.02 -12.87
CA THR A 79 -6.20 -16.64 -13.87
C THR A 79 -6.98 -15.61 -14.68
N TYR A 80 -6.62 -14.32 -14.53
CA TYR A 80 -7.23 -13.21 -15.26
C TYR A 80 -8.66 -12.91 -14.76
N ARG A 81 -9.39 -13.96 -14.42
CA ARG A 81 -10.74 -13.83 -13.90
C ARG A 81 -10.72 -13.26 -12.48
N THR A 82 -9.54 -13.28 -11.86
CA THR A 82 -9.36 -12.71 -10.54
C THR A 82 -9.51 -11.18 -10.61
N SER A 83 -10.54 -10.65 -9.98
CA SER A 83 -10.84 -9.22 -10.05
C SER A 83 -10.21 -8.46 -8.88
N PRO A 84 -9.91 -7.16 -9.06
CA PRO A 84 -9.23 -6.32 -8.04
C PRO A 84 -10.06 -6.07 -6.77
N ASP A 85 -11.14 -6.79 -6.59
CA ASP A 85 -11.84 -6.80 -5.31
C ASP A 85 -11.70 -8.18 -4.67
N THR A 86 -11.55 -9.17 -5.54
CA THR A 86 -11.30 -10.54 -5.14
C THR A 86 -10.13 -10.64 -4.15
N LEU A 87 -8.97 -10.15 -4.56
CA LEU A 87 -7.77 -10.26 -3.73
C LEU A 87 -7.91 -9.44 -2.45
N ARG A 88 -8.64 -8.34 -2.53
CA ARG A 88 -8.91 -7.53 -1.34
C ARG A 88 -9.64 -8.37 -0.31
N ARG A 89 -10.73 -8.97 -0.75
CA ARG A 89 -11.60 -9.78 0.09
C ARG A 89 -10.84 -10.94 0.76
N VAL A 90 -10.00 -11.64 0.00
CA VAL A 90 -9.28 -12.78 0.53
C VAL A 90 -8.12 -12.35 1.44
N PHE A 91 -7.29 -11.45 0.93
CA PHE A 91 -6.07 -11.06 1.64
C PHE A 91 -6.35 -10.29 2.93
N GLU A 92 -7.42 -9.50 2.94
CA GLU A 92 -7.80 -8.70 4.12
C GLU A 92 -8.05 -9.60 5.34
N LYS A 93 -8.29 -10.89 5.10
CA LYS A 93 -8.50 -11.85 6.16
C LYS A 93 -7.26 -11.95 7.04
N TYR A 94 -6.10 -11.88 6.39
CA TYR A 94 -4.82 -12.06 7.06
C TYR A 94 -4.32 -10.76 7.69
N GLY A 95 -4.59 -9.65 7.03
CA GLY A 95 -4.17 -8.36 7.55
C GLY A 95 -4.92 -7.23 6.89
N ARG A 96 -4.64 -5.99 7.28
CA ARG A 96 -5.34 -4.86 6.70
C ARG A 96 -4.73 -4.48 5.36
N VAL A 97 -5.35 -4.95 4.29
CA VAL A 97 -4.95 -4.59 2.94
C VAL A 97 -5.67 -3.31 2.52
N GLY A 98 -4.91 -2.36 1.98
CA GLY A 98 -5.49 -1.09 1.60
C GLY A 98 -6.06 -1.11 0.21
N ASP A 99 -5.32 -1.69 -0.73
CA ASP A 99 -5.74 -1.72 -2.12
C ASP A 99 -4.96 -2.79 -2.87
N VAL A 100 -5.59 -3.43 -3.84
CA VAL A 100 -4.92 -4.43 -4.65
C VAL A 100 -5.00 -4.06 -6.12
N TYR A 101 -3.95 -4.38 -6.86
CA TYR A 101 -3.89 -4.07 -8.28
C TYR A 101 -3.74 -5.36 -9.06
N ILE A 102 -4.76 -5.72 -9.82
CA ILE A 102 -4.74 -6.93 -10.61
C ILE A 102 -4.79 -6.60 -12.09
N PRO A 103 -3.62 -6.49 -12.73
CA PRO A 103 -3.52 -6.20 -14.15
C PRO A 103 -3.73 -7.44 -15.02
N ARG A 104 -4.51 -7.27 -16.06
CA ARG A 104 -4.77 -8.32 -17.03
C ARG A 104 -4.55 -7.76 -18.43
N ASP A 105 -5.12 -6.58 -18.65
CA ASP A 105 -4.86 -5.79 -19.85
C ASP A 105 -5.18 -6.56 -21.13
N ARG A 106 -4.54 -6.17 -22.21
CA ARG A 106 -4.81 -6.76 -23.52
C ARG A 106 -3.64 -6.46 -24.46
N TYR A 107 -3.88 -6.66 -25.74
CA TYR A 107 -2.91 -6.31 -26.79
C TYR A 107 -1.69 -7.22 -26.73
N THR A 108 -0.64 -6.82 -27.43
CA THR A 108 0.52 -7.68 -27.62
C THR A 108 1.67 -7.34 -26.67
N LYS A 109 1.78 -6.08 -26.27
CA LYS A 109 2.89 -5.66 -25.42
C LYS A 109 2.71 -6.14 -23.98
N GLU A 110 1.75 -5.57 -23.27
CA GLU A 110 1.57 -5.88 -21.86
C GLU A 110 0.25 -6.59 -21.62
N SER A 111 0.32 -7.90 -21.43
CA SER A 111 -0.84 -8.69 -21.09
C SER A 111 -0.40 -10.00 -20.45
N ARG A 112 -0.39 -10.04 -19.13
CA ARG A 112 -0.02 -11.25 -18.42
C ARG A 112 -0.77 -11.32 -17.10
N GLY A 113 -0.81 -12.52 -16.52
CA GLY A 113 -1.58 -12.73 -15.31
C GLY A 113 -0.74 -12.63 -14.06
N PHE A 114 -0.88 -11.51 -13.36
CA PHE A 114 -0.24 -11.31 -12.07
C PHE A 114 -0.99 -10.21 -11.32
N ALA A 115 -0.64 -9.98 -10.06
CA ALA A 115 -1.30 -8.95 -9.29
C ALA A 115 -0.47 -8.53 -8.09
N PHE A 116 -0.87 -7.43 -7.48
CA PHE A 116 -0.25 -6.93 -6.26
C PHE A 116 -1.29 -6.62 -5.22
N VAL A 117 -0.94 -6.85 -3.98
CA VAL A 117 -1.80 -6.51 -2.88
C VAL A 117 -1.03 -5.66 -1.88
N ARG A 118 -1.58 -4.50 -1.53
CA ARG A 118 -0.84 -3.54 -0.72
C ARG A 118 -1.40 -3.48 0.69
N PHE A 119 -0.64 -3.98 1.65
CA PHE A 119 -1.04 -3.96 3.04
C PHE A 119 -0.45 -2.74 3.74
N HIS A 120 -0.93 -2.48 4.94
CA HIS A 120 -0.44 -1.35 5.73
C HIS A 120 1.03 -1.53 6.09
N ASP A 121 1.36 -2.70 6.62
CA ASP A 121 2.70 -2.97 7.11
C ASP A 121 3.10 -4.40 6.77
N LYS A 122 4.39 -4.71 6.96
CA LYS A 122 4.88 -6.05 6.75
C LYS A 122 4.20 -7.04 7.69
N ARG A 123 3.76 -6.54 8.84
CA ARG A 123 3.05 -7.36 9.82
C ARG A 123 1.81 -8.01 9.20
N ASP A 124 1.10 -7.24 8.39
CA ASP A 124 -0.11 -7.72 7.73
C ASP A 124 0.27 -8.54 6.50
N ALA A 125 1.36 -8.14 5.87
CA ALA A 125 1.80 -8.73 4.61
C ALA A 125 2.35 -10.13 4.81
N GLU A 126 2.99 -10.35 5.96
CA GLU A 126 3.60 -11.64 6.27
C GLU A 126 2.57 -12.74 6.28
N ASP A 127 1.53 -12.56 7.08
CA ASP A 127 0.50 -13.58 7.24
C ASP A 127 -0.20 -13.83 5.91
N ALA A 128 -0.21 -12.81 5.06
CA ALA A 128 -0.86 -12.93 3.75
C ALA A 128 0.04 -13.65 2.75
N MET A 129 1.27 -13.18 2.59
CA MET A 129 2.18 -13.73 1.60
C MET A 129 2.57 -15.16 1.94
N ASP A 130 2.60 -15.47 3.23
CA ASP A 130 2.92 -16.82 3.67
C ASP A 130 1.77 -17.75 3.37
N ALA A 131 0.57 -17.28 3.66
CA ALA A 131 -0.62 -18.10 3.53
C ALA A 131 -1.01 -18.32 2.07
N MET A 132 -1.08 -17.23 1.31
CA MET A 132 -1.61 -17.27 -0.05
C MET A 132 -0.59 -17.80 -1.04
N ASP A 133 0.66 -17.91 -0.61
CA ASP A 133 1.67 -18.54 -1.44
C ASP A 133 1.41 -20.04 -1.47
N GLY A 134 0.71 -20.48 -2.50
CA GLY A 134 0.25 -21.85 -2.55
C GLY A 134 -1.22 -21.95 -2.16
N ALA A 135 -1.94 -20.85 -2.35
CA ALA A 135 -3.36 -20.78 -2.01
C ALA A 135 -4.20 -20.54 -3.24
N VAL A 136 -5.26 -21.31 -3.39
CA VAL A 136 -6.13 -21.16 -4.56
C VAL A 136 -7.20 -20.11 -4.31
N LEU A 137 -7.15 -19.01 -5.07
CA LEU A 137 -8.16 -17.96 -4.93
C LEU A 137 -9.39 -18.29 -5.78
N ASP A 138 -9.20 -19.19 -6.75
CA ASP A 138 -10.26 -19.55 -7.70
C ASP A 138 -9.93 -20.89 -8.34
N GLY A 139 -8.96 -20.86 -9.24
CA GLY A 139 -8.50 -22.07 -9.89
C GLY A 139 -6.99 -22.09 -9.99
N ARG A 140 -6.37 -21.30 -9.15
CA ARG A 140 -4.93 -21.14 -9.12
C ARG A 140 -4.45 -20.91 -7.70
N GLU A 141 -3.46 -21.64 -7.27
CA GLU A 141 -2.74 -21.27 -6.08
C GLU A 141 -1.80 -20.12 -6.42
N LEU A 142 -1.98 -19.00 -5.76
CA LEU A 142 -1.19 -17.82 -6.05
C LEU A 142 0.26 -18.02 -5.61
N ARG A 143 1.16 -17.30 -6.26
CA ARG A 143 2.54 -17.25 -5.83
C ARG A 143 2.76 -15.89 -5.19
N VAL A 144 2.78 -15.84 -3.87
CA VAL A 144 2.79 -14.58 -3.15
C VAL A 144 4.11 -14.35 -2.46
N GLN A 145 4.84 -13.34 -2.92
CA GLN A 145 6.12 -12.98 -2.34
C GLN A 145 6.16 -11.50 -2.04
N MET A 146 7.10 -11.08 -1.19
CA MET A 146 7.26 -9.67 -0.86
C MET A 146 7.52 -8.83 -2.10
N ALA A 147 6.71 -7.82 -2.30
CA ALA A 147 6.87 -6.90 -3.42
C ALA A 147 7.20 -5.51 -2.91
N ARG A 148 7.61 -5.45 -1.64
CA ARG A 148 8.05 -4.20 -1.03
C ARG A 148 9.20 -3.62 -1.85
N TYR A 149 8.98 -2.42 -2.37
CA TYR A 149 9.88 -1.81 -3.35
C TYR A 149 11.28 -1.57 -2.80
N GLY A 150 11.41 -1.61 -1.48
CA GLY A 150 12.72 -1.49 -0.87
C GLY A 150 13.64 -2.62 -1.30
N ARG A 151 13.08 -3.82 -1.40
CA ARG A 151 13.81 -4.98 -1.88
C ARG A 151 12.86 -6.13 -2.17
N PRO A 152 12.44 -6.25 -3.44
CA PRO A 152 11.63 -7.36 -3.90
C PRO A 152 12.47 -8.60 -4.20
N PRO A 153 12.26 -9.69 -3.44
CA PRO A 153 12.99 -10.95 -3.67
C PRO A 153 12.88 -11.42 -5.12
N ASP A 154 11.65 -11.65 -5.57
CA ASP A 154 11.35 -12.08 -6.93
C ASP A 154 12.19 -13.29 -7.31
N SER A 155 11.67 -14.46 -6.97
CA SER A 155 12.45 -15.69 -6.97
C SER A 155 12.67 -16.26 -8.37
N HIS A 156 11.94 -15.77 -9.36
CA HIS A 156 12.08 -16.31 -10.72
C HIS A 156 13.34 -15.77 -11.39
N HIS A 157 14.06 -14.90 -10.71
CA HIS A 157 15.36 -14.44 -11.19
C HIS A 157 16.42 -15.47 -10.83
N SER A 158 16.90 -16.19 -11.82
CA SER A 158 17.89 -17.24 -11.60
C SER A 158 18.89 -17.28 -12.74
#